data_7UK9
#
_entry.id   7UK9
#
_cell.length_a   257.920
_cell.length_b   144.620
_cell.length_c   105.130
_cell.angle_alpha   90.000
_cell.angle_beta   90.000
_cell.angle_gamma   90.000
#
_symmetry.space_group_name_H-M   'P 21 21 2'
#
loop_
_entity.id
_entity.type
_entity.pdbx_description
1 polymer 'Integrin alpha-IIb heavy chain'
2 polymer 'Isoform Beta-3C of Integrin beta-3'
3 polymer '10E5 Fab heavy chain'
4 polymer '10E5 Fab light chain'
5 branched alpha-D-mannopyranose-(1-3)-[alpha-D-mannopyranose-(1-6)]beta-D-mannopyranose-(1-4)-2-acetamido-2-deoxy-beta-D-glucopyranose-(1-4)-2-acetamido-2-deoxy-beta-D-glucopyranose
6 branched 2-acetamido-2-deoxy-beta-D-glucopyranose-(1-4)-2-acetamido-2-deoxy-beta-D-glucopyranose
7 branched alpha-D-mannopyranose-(1-3)-beta-D-mannopyranose-(1-4)-2-acetamido-2-deoxy-beta-D-glucopyranose-(1-4)-2-acetamido-2-deoxy-beta-D-glucopyranose
8 non-polymer 'SULFATE ION'
9 non-polymer 'CALCIUM ION'
10 non-polymer 'MANGANESE (II) ION'
11 non-polymer 2-acetamido-2-deoxy-beta-D-glucopyranose
12 non-polymer Lamifiban
13 non-polymer 'CHLORIDE ION'
14 water water
#
loop_
_entity_poly.entity_id
_entity_poly.type
_entity_poly.pdbx_seq_one_letter_code
_entity_poly.pdbx_strand_id
1 'polypeptide(L)'
;LNLDPVQLTFYAGPNGSQFGFSLDFHKDSHGRVAIVVGAPRTLGPSQEETGGVFLCPWRAEGGQCPSLLFDLRDETRNVG
SQTLQTFKARQGLGASVVSWSDVIVACAPWQHWNVLEKTEEAEKTPVGSCFLAQPESGRRAEYSPCRGNTLSRIYVENDF
SWDKRYCEAGFSSVVTQAGELVLGAPGGYYFLGLLAQAPVADIFSSYRPGILLWHVSSQSLSFDSSNPEYFDGYWGYSVA
VGEFDGDLNTTEYVVGAPTWSWTLGAVEILDSYYQRLHRLRGEQMASYFGHSVAVTDVNGDGRHDLLVGAPLYMESRADR
KLAEVGRVYLFLQPRGPHALGAPSLLLTGTQLYGRFGSAIAPLGDLDRDGYNDIAVAAPYGGPSGRGQVLVFLGQSEGLR
SRPSQVLDSPFPTGSAFGFSLRGAVDIDDNGYPDLIVGAYGANQVAVYRAQPVVKAS
;
A,C
2 'polypeptide(L)'
;GPNICTTRGVSSCQQCLAVSPMCAWCSDEALPLGSPRCDLKENLLKDNCAPESIEFPVSEARVLEDRPLSDKGSGDSSQV
TQVSPQRIALRLRPDDSKNFSIQVRQVEDYPVDIYYLMDLSYSMKDDLWSIQNLGTKLATQMRKLTSNLRIGFGAFVDKP
VSPYMYISPPEALENPCYDMKTTCLPMFGYKHVLTLTDQVTRFNEEVKKQSVSRNRDAPEGGFDAIMQATVCDEKIGWRN
DASHLLVFTTDAKTHIALDGRLAGIVQPNDGQCHVGSDNHYSASTTMDYPSLGLMTEKLSQKNINLIFAVTENVVNLYQN
YSELIPGTTVGVLSMDSSNVLQLIVDAYGKIRSKVELEVRDLPEELSLSFNATCLNNEVIPGLKSCMGLKIGDTVSFSIE
AKVRGCPQEKEKSFTIKPVGFKDSLIVQVTFDCDCACQAQAEPNSHRCNNGNGTFECGVCRCGPGWLGSQCE
;
B,D
3 'polypeptide(L)'
;EVQLQQSGAELVKPGASVKLSCTASGFNIKDTYVHWVKQRPEQGLEWIGRIDPANGYTKYDPKFQGKATITADTSSNTAY
LQLSSLTSEDTAVYYCVRPLYDYYAMDYWGQGTSVTVSSAKTTAPSVYPLAPVCGDTTGSSVTLGCLVKGYFPEPVTLTW
NSGSLSSGVHTFPAVLQSDLYTLSSSVTVTSSTWPSQSITCNVAHPASSTKVDKKIEPRGP
;
E,H
4 'polypeptide(L)'
;DILMTQSPSSMSVSLGDTVSITCHASQGISSNIGWLQQKPGKSFMGLIYYGTNLVDGVPSRFSGSGSGADYSLTISSLDS
EDFADYYCVQYAQLPYTFGGGTKLEIKRADAAPTVSIFPPSSEQLTSGGASVVCFLNNFYPKDINVKWKIDGSERQNGVL
NSWTDQDSKDSTYSMSSTLTLTKDEYERHNSYTCEATHKTSTSPIVKSFNRNEC
;
F,L
#
# COMPACT_ATOMS: atom_id res chain seq x y z
N LEU A 1 0.24 -40.58 -26.08
CA LEU A 1 -0.51 -41.26 -27.13
C LEU A 1 0.01 -42.68 -27.35
N ASN A 2 1.32 -42.80 -27.54
CA ASN A 2 1.94 -44.05 -27.96
C ASN A 2 2.94 -44.58 -26.94
N LEU A 3 2.63 -44.42 -25.66
CA LEU A 3 3.33 -45.16 -24.63
C LEU A 3 2.67 -46.53 -24.49
N ASP A 4 3.50 -47.56 -24.33
CA ASP A 4 3.00 -48.93 -24.30
C ASP A 4 2.54 -49.28 -22.90
N PRO A 5 1.24 -49.45 -22.66
CA PRO A 5 0.75 -49.78 -21.31
C PRO A 5 0.61 -51.27 -21.03
N VAL A 6 1.06 -52.13 -21.93
CA VAL A 6 0.88 -53.57 -21.79
C VAL A 6 2.12 -54.23 -21.22
N GLN A 7 3.28 -53.97 -21.81
CA GLN A 7 4.53 -54.60 -21.40
C GLN A 7 5.38 -53.56 -20.68
N LEU A 8 5.11 -53.39 -19.39
CA LEU A 8 5.88 -52.46 -18.58
C LEU A 8 7.16 -53.13 -18.09
N THR A 9 8.04 -52.32 -17.51
CA THR A 9 9.26 -52.78 -16.87
C THR A 9 9.28 -52.24 -15.45
N PHE A 10 9.47 -53.13 -14.48
CA PHE A 10 9.41 -52.78 -13.07
C PHE A 10 10.76 -53.01 -12.42
N TYR A 11 11.28 -51.98 -11.76
CA TYR A 11 12.41 -52.09 -10.86
C TYR A 11 11.91 -51.90 -9.43
N ALA A 12 12.58 -52.54 -8.47
CA ALA A 12 12.10 -52.56 -7.10
C ALA A 12 13.26 -52.49 -6.13
N GLY A 13 13.06 -51.78 -5.01
CA GLY A 13 14.04 -51.69 -3.97
C GLY A 13 13.61 -52.40 -2.70
N PRO A 14 14.22 -52.06 -1.57
CA PRO A 14 13.84 -52.70 -0.31
C PRO A 14 12.49 -52.21 0.19
N ASN A 15 11.83 -53.07 0.95
CA ASN A 15 10.54 -52.71 1.54
C ASN A 15 10.71 -51.53 2.49
N GLY A 16 9.81 -50.55 2.36
CA GLY A 16 9.83 -49.39 3.23
C GLY A 16 10.96 -48.43 2.98
N SER A 17 11.73 -48.62 1.92
CA SER A 17 12.82 -47.71 1.62
C SER A 17 12.38 -46.46 0.87
N GLN A 18 11.11 -46.40 0.45
CA GLN A 18 10.61 -45.31 -0.38
C GLN A 18 11.40 -45.19 -1.69
N PHE A 19 11.82 -46.34 -2.21
CA PHE A 19 12.43 -46.44 -3.52
C PHE A 19 11.50 -45.86 -4.58
N GLY A 20 11.99 -44.88 -5.33
CA GLY A 20 11.18 -44.20 -6.32
C GLY A 20 10.67 -42.83 -5.92
N PHE A 21 11.09 -42.32 -4.77
CA PHE A 21 10.73 -40.96 -4.38
C PHE A 21 11.22 -39.94 -5.41
N SER A 22 12.43 -40.14 -5.91
CA SER A 22 12.98 -39.32 -6.98
C SER A 22 13.68 -40.23 -7.97
N LEU A 23 13.80 -39.77 -9.21
CA LEU A 23 14.49 -40.54 -10.24
C LEU A 23 14.92 -39.59 -11.37
N ASP A 24 15.79 -40.11 -12.23
CA ASP A 24 16.26 -39.40 -13.41
C ASP A 24 16.99 -40.39 -14.30
N PHE A 25 17.15 -40.00 -15.57
CA PHE A 25 17.97 -40.78 -16.49
C PHE A 25 19.44 -40.44 -16.30
N HIS A 26 20.30 -41.40 -16.63
CA HIS A 26 21.74 -41.20 -16.51
C HIS A 26 22.43 -41.87 -17.68
N LYS A 27 23.29 -41.12 -18.36
CA LYS A 27 24.10 -41.65 -19.47
C LYS A 27 25.55 -41.71 -19.01
N ASP A 28 26.21 -42.83 -19.28
CA ASP A 28 27.63 -42.93 -18.96
C ASP A 28 28.46 -42.25 -20.06
N SER A 29 29.78 -42.30 -19.90
CA SER A 29 30.68 -41.68 -20.87
C SER A 29 30.45 -42.21 -22.28
N HIS A 30 29.98 -43.44 -22.41
CA HIS A 30 29.71 -44.04 -23.71
C HIS A 30 28.25 -43.88 -24.14
N GLY A 31 27.46 -43.10 -23.41
CA GLY A 31 26.11 -42.80 -23.81
C GLY A 31 25.07 -43.86 -23.51
N ARG A 32 25.38 -44.81 -22.64
CA ARG A 32 24.46 -45.88 -22.30
C ARG A 32 23.55 -45.41 -21.17
N VAL A 33 22.24 -45.41 -21.44
CA VAL A 33 21.26 -44.83 -20.52
C VAL A 33 21.00 -45.79 -19.37
N ALA A 34 21.06 -45.28 -18.15
CA ALA A 34 20.64 -45.96 -16.93
C ALA A 34 19.63 -45.09 -16.20
N ILE A 35 19.01 -45.67 -15.17
CA ILE A 35 18.06 -44.97 -14.31
C ILE A 35 18.69 -44.85 -12.93
N VAL A 36 18.70 -43.63 -12.40
CA VAL A 36 19.17 -43.37 -11.04
C VAL A 36 17.94 -43.13 -10.17
N VAL A 37 17.80 -43.91 -9.11
CA VAL A 37 16.62 -43.88 -8.25
C VAL A 37 17.07 -43.59 -6.83
N GLY A 38 16.46 -42.56 -6.23
CA GLY A 38 16.69 -42.28 -4.82
C GLY A 38 15.69 -43.00 -3.95
N ALA A 39 16.17 -43.44 -2.78
CA ALA A 39 15.33 -44.15 -1.81
C ALA A 39 15.58 -43.56 -0.43
N PRO A 40 14.83 -42.51 -0.05
CA PRO A 40 15.23 -41.68 1.08
C PRO A 40 15.11 -42.32 2.45
N ARG A 41 14.60 -43.54 2.56
CA ARG A 41 14.50 -44.20 3.86
C ARG A 41 15.19 -45.56 3.87
N THR A 42 16.15 -45.77 2.98
CA THR A 42 16.94 -47.00 3.01
C THR A 42 17.73 -47.06 4.33
N LEU A 43 17.87 -48.26 4.87
CA LEU A 43 18.55 -48.40 6.15
C LEU A 43 20.06 -48.21 6.00
N GLY A 44 20.66 -47.47 6.93
CA GLY A 44 22.09 -47.27 6.96
C GLY A 44 22.80 -48.38 7.70
N PRO A 45 23.97 -48.06 8.27
CA PRO A 45 24.76 -49.10 8.97
C PRO A 45 24.18 -49.47 10.34
N SER A 46 23.90 -48.47 11.17
CA SER A 46 23.34 -48.67 12.50
C SER A 46 21.88 -49.10 12.49
N GLN A 47 21.39 -49.68 11.39
CA GLN A 47 19.98 -50.04 11.20
C GLN A 47 19.02 -48.86 11.39
N GLU A 48 19.53 -47.65 11.20
CA GLU A 48 18.70 -46.45 11.21
C GLU A 48 18.51 -45.95 9.79
N GLU A 49 17.34 -45.41 9.50
CA GLU A 49 17.08 -44.86 8.19
C GLU A 49 18.04 -43.71 7.89
N THR A 50 18.69 -43.78 6.73
CA THR A 50 19.51 -42.68 6.22
C THR A 50 19.23 -42.36 4.76
N GLY A 51 18.58 -43.22 4.01
CA GLY A 51 18.41 -43.01 2.59
C GLY A 51 19.52 -43.66 1.78
N GLY A 52 19.28 -43.75 0.47
CA GLY A 52 20.26 -44.35 -0.41
C GLY A 52 19.87 -44.16 -1.85
N VAL A 53 20.85 -44.38 -2.73
CA VAL A 53 20.71 -44.14 -4.16
C VAL A 53 21.01 -45.43 -4.90
N PHE A 54 20.22 -45.71 -5.92
CA PHE A 54 20.39 -46.90 -6.74
C PHE A 54 20.62 -46.49 -8.19
N LEU A 55 21.49 -47.22 -8.88
CA LEU A 55 21.85 -46.96 -10.27
C LEU A 55 21.47 -48.19 -11.08
N CYS A 56 20.28 -48.15 -11.69
CA CYS A 56 19.70 -49.30 -12.36
C CYS A 56 20.16 -49.37 -13.82
N PRO A 57 20.81 -50.44 -14.26
CA PRO A 57 21.04 -50.63 -15.69
C PRO A 57 19.75 -50.97 -16.40
N TRP A 58 19.68 -50.61 -17.68
CA TRP A 58 18.46 -50.86 -18.44
C TRP A 58 18.35 -52.33 -18.81
N ARG A 59 17.28 -52.97 -18.37
CA ARG A 59 16.95 -54.34 -18.76
C ARG A 59 15.45 -54.42 -18.93
N ALA A 60 14.99 -54.95 -20.08
CA ALA A 60 13.56 -54.96 -20.36
C ALA A 60 12.75 -55.70 -19.29
N GLU A 61 13.37 -56.66 -18.61
CA GLU A 61 12.69 -57.39 -17.56
C GLU A 61 12.79 -56.72 -16.19
N GLY A 62 13.63 -55.69 -16.05
CA GLY A 62 13.77 -55.00 -14.78
C GLY A 62 14.55 -55.80 -13.75
N GLY A 63 14.13 -55.67 -12.49
CA GLY A 63 14.72 -56.42 -11.40
C GLY A 63 15.25 -55.50 -10.30
N GLN A 64 16.32 -55.97 -9.65
CA GLN A 64 16.96 -55.23 -8.58
C GLN A 64 18.11 -54.40 -9.13
N CYS A 65 18.51 -53.39 -8.36
CA CYS A 65 19.56 -52.50 -8.81
C CYS A 65 20.72 -52.49 -7.82
N PRO A 66 21.94 -52.32 -8.32
CA PRO A 66 23.07 -52.11 -7.39
C PRO A 66 22.98 -50.73 -6.76
N SER A 67 23.66 -50.60 -5.63
CA SER A 67 23.64 -49.35 -4.89
C SER A 67 24.75 -48.42 -5.38
N LEU A 68 24.45 -47.12 -5.43
CA LEU A 68 25.48 -46.11 -5.61
C LEU A 68 25.90 -45.66 -4.22
N LEU A 69 27.03 -46.18 -3.75
CA LEU A 69 27.39 -46.09 -2.33
C LEU A 69 27.90 -44.69 -1.98
N PHE A 70 27.38 -44.15 -0.88
CA PHE A 70 27.87 -42.91 -0.29
C PHE A 70 28.19 -43.16 1.18
N ASP A 71 28.96 -42.26 1.77
CA ASP A 71 29.35 -42.39 3.17
C ASP A 71 28.18 -41.99 4.06
N LEU A 72 27.82 -42.88 4.98
CA LEU A 72 26.69 -42.65 5.87
C LEU A 72 27.12 -42.47 7.33
N ARG A 73 28.41 -42.28 7.58
CA ARG A 73 28.91 -42.16 8.94
C ARG A 73 28.82 -40.70 9.40
N ASP A 74 28.36 -40.50 10.64
CA ASP A 74 28.43 -39.18 11.24
C ASP A 74 29.87 -38.72 11.33
N GLU A 75 30.08 -37.42 11.22
CA GLU A 75 31.41 -36.84 11.15
C GLU A 75 31.59 -35.81 12.26
N THR A 76 32.81 -35.73 12.76
CA THR A 76 33.16 -34.77 13.80
C THR A 76 34.54 -34.20 13.49
N ARG A 77 34.67 -32.88 13.58
CA ARG A 77 35.96 -32.22 13.44
C ARG A 77 36.12 -31.22 14.58
N ASN A 78 37.23 -31.32 15.30
CA ASN A 78 37.59 -30.38 16.35
C ASN A 78 38.66 -29.46 15.79
N VAL A 79 38.26 -28.24 15.42
CA VAL A 79 39.15 -27.29 14.75
C VAL A 79 38.74 -25.88 15.18
N GLY A 80 39.73 -25.00 15.25
CA GLY A 80 39.48 -23.61 15.59
C GLY A 80 38.76 -23.41 16.91
N SER A 81 39.06 -24.25 17.90
CA SER A 81 38.43 -24.19 19.21
C SER A 81 36.91 -24.31 19.12
N GLN A 82 36.44 -25.02 18.09
CA GLN A 82 35.04 -25.38 17.91
C GLN A 82 34.96 -26.87 17.63
N THR A 83 33.73 -27.38 17.53
CA THR A 83 33.48 -28.77 17.18
C THR A 83 32.40 -28.81 16.12
N LEU A 84 32.75 -29.33 14.93
CA LEU A 84 31.80 -29.46 13.84
C LEU A 84 31.19 -30.85 13.87
N GLN A 85 29.89 -30.93 13.53
CA GLN A 85 29.13 -32.16 13.65
C GLN A 85 28.16 -32.28 12.49
N THR A 86 28.13 -33.46 11.86
CA THR A 86 27.13 -33.79 10.86
C THR A 86 26.37 -35.03 11.32
N PHE A 87 25.05 -34.97 11.24
CA PHE A 87 24.17 -36.05 11.68
C PHE A 87 23.39 -36.55 10.47
N LYS A 88 23.70 -37.77 10.03
CA LYS A 88 23.08 -38.34 8.84
C LYS A 88 21.89 -39.24 9.15
N ALA A 89 21.48 -39.32 10.42
CA ALA A 89 20.30 -40.11 10.78
C ALA A 89 19.05 -39.43 10.26
N ARG A 90 18.25 -40.18 9.49
CA ARG A 90 17.02 -39.67 8.88
C ARG A 90 17.29 -38.43 8.03
N GLN A 91 18.46 -38.38 7.38
CA GLN A 91 18.80 -37.26 6.53
C GLN A 91 18.02 -37.25 5.23
N GLY A 92 17.53 -38.42 4.79
CA GLY A 92 16.75 -38.49 3.57
C GLY A 92 17.56 -38.50 2.29
N LEU A 93 18.77 -39.08 2.32
CA LEU A 93 19.59 -39.17 1.10
C LEU A 93 18.82 -39.88 0.01
N GLY A 94 18.61 -39.18 -1.10
CA GLY A 94 17.80 -39.69 -2.17
C GLY A 94 16.41 -39.10 -2.25
N ALA A 95 16.14 -38.00 -1.53
CA ALA A 95 14.88 -37.28 -1.66
C ALA A 95 14.85 -36.38 -2.90
N SER A 96 15.96 -36.28 -3.62
CA SER A 96 16.01 -35.69 -4.95
C SER A 96 17.29 -36.16 -5.61
N VAL A 97 17.19 -36.59 -6.86
CA VAL A 97 18.36 -36.99 -7.64
C VAL A 97 18.28 -36.30 -9.00
N VAL A 98 19.45 -36.04 -9.57
CA VAL A 98 19.54 -35.35 -10.85
C VAL A 98 20.86 -35.77 -11.49
N SER A 99 20.86 -35.86 -12.82
CA SER A 99 22.01 -36.31 -13.57
C SER A 99 22.43 -35.24 -14.57
N TRP A 100 23.75 -35.08 -14.71
CA TRP A 100 24.30 -34.19 -15.71
C TRP A 100 25.64 -34.76 -16.16
N SER A 101 25.77 -34.99 -17.45
CA SER A 101 26.96 -35.61 -18.04
C SER A 101 27.11 -37.00 -17.39
N ASP A 102 28.31 -37.41 -16.99
CA ASP A 102 28.52 -38.68 -16.29
C ASP A 102 28.61 -38.47 -14.77
N VAL A 103 27.83 -37.53 -14.24
CA VAL A 103 27.84 -37.19 -12.83
C VAL A 103 26.42 -37.32 -12.29
N ILE A 104 26.30 -37.82 -11.07
CA ILE A 104 25.02 -37.98 -10.39
C ILE A 104 25.04 -37.13 -9.12
N VAL A 105 23.96 -36.38 -8.89
CA VAL A 105 23.81 -35.56 -7.70
C VAL A 105 22.64 -36.11 -6.91
N ALA A 106 22.93 -36.65 -5.74
CA ALA A 106 21.91 -37.11 -4.79
C ALA A 106 21.98 -36.23 -3.55
N CYS A 107 20.82 -35.82 -3.06
CA CYS A 107 20.77 -34.86 -1.98
C CYS A 107 19.98 -35.39 -0.78
N ALA A 108 20.44 -35.02 0.42
CA ALA A 108 19.83 -35.40 1.69
C ALA A 108 19.31 -34.13 2.37
N PRO A 109 18.04 -33.77 2.14
CA PRO A 109 17.58 -32.44 2.57
C PRO A 109 17.55 -32.26 4.08
N TRP A 110 17.46 -33.33 4.86
CA TRP A 110 17.29 -33.22 6.30
C TRP A 110 18.51 -33.69 7.08
N GLN A 111 19.68 -33.70 6.45
CA GLN A 111 20.92 -33.91 7.20
C GLN A 111 21.12 -32.76 8.18
N HIS A 112 21.36 -33.10 9.44
CA HIS A 112 21.48 -32.09 10.47
C HIS A 112 22.95 -31.75 10.73
N TRP A 113 23.14 -30.60 11.37
CA TRP A 113 24.45 -29.98 11.48
C TRP A 113 24.48 -29.14 12.74
N ASN A 114 25.61 -29.19 13.46
CA ASN A 114 25.75 -28.44 14.70
C ASN A 114 27.22 -28.12 14.92
N VAL A 115 27.45 -26.97 15.56
CA VAL A 115 28.78 -26.51 15.91
C VAL A 115 28.80 -26.21 17.40
N LEU A 116 29.75 -26.82 18.12
CA LEU A 116 29.88 -26.66 19.56
C LEU A 116 31.10 -25.81 19.89
N GLU A 117 30.90 -24.78 20.70
CA GLU A 117 31.99 -23.93 21.21
C GLU A 117 31.78 -23.82 22.71
N LYS A 118 32.45 -24.69 23.46
CA LYS A 118 32.33 -24.77 24.92
C LYS A 118 30.89 -25.06 25.33
N THR A 119 30.21 -24.06 25.88
CA THR A 119 28.85 -24.20 26.37
C THR A 119 27.81 -23.57 25.45
N GLU A 120 28.24 -23.08 24.29
CA GLU A 120 27.34 -22.54 23.28
C GLU A 120 27.27 -23.51 22.10
N GLU A 121 26.37 -23.21 21.17
CA GLU A 121 26.18 -24.07 20.02
C GLU A 121 25.55 -23.26 18.89
N ALA A 122 25.67 -23.80 17.68
CA ALA A 122 24.96 -23.24 16.54
C ALA A 122 23.48 -23.60 16.54
N GLU A 123 23.10 -24.65 17.30
CA GLU A 123 21.83 -25.37 17.25
C GLU A 123 21.88 -26.45 16.19
N LYS A 124 21.39 -27.63 16.54
CA LYS A 124 21.34 -28.77 15.61
C LYS A 124 20.18 -28.55 14.66
N THR A 125 20.48 -28.26 13.39
CA THR A 125 19.45 -27.84 12.45
C THR A 125 19.64 -28.54 11.11
N PRO A 126 18.57 -28.71 10.34
CA PRO A 126 18.70 -29.39 9.04
C PRO A 126 19.18 -28.47 7.93
N VAL A 127 20.49 -28.34 7.77
CA VAL A 127 21.03 -27.53 6.68
C VAL A 127 20.89 -28.22 5.33
N GLY A 128 20.77 -29.54 5.31
CA GLY A 128 20.82 -30.28 4.06
C GLY A 128 22.22 -30.43 3.52
N SER A 129 22.40 -31.44 2.68
CA SER A 129 23.67 -31.66 1.99
C SER A 129 23.38 -32.44 0.72
N CYS A 130 24.26 -32.28 -0.26
CA CYS A 130 24.17 -33.05 -1.49
C CYS A 130 25.45 -33.85 -1.68
N PHE A 131 25.31 -35.00 -2.33
CA PHE A 131 26.42 -35.91 -2.57
C PHE A 131 26.56 -36.10 -4.07
N LEU A 132 27.79 -35.91 -4.57
CA LEU A 132 28.07 -36.03 -5.99
C LEU A 132 28.95 -37.24 -6.24
N ALA A 133 28.60 -38.01 -7.26
CA ALA A 133 29.32 -39.21 -7.62
C ALA A 133 29.57 -39.25 -9.12
N GLN A 134 30.77 -39.69 -9.50
CA GLN A 134 31.10 -40.03 -10.88
C GLN A 134 31.26 -41.54 -10.92
N PRO A 135 30.19 -42.29 -11.17
CA PRO A 135 30.24 -43.75 -10.96
C PRO A 135 31.36 -44.45 -11.70
N GLU A 136 31.64 -44.05 -12.95
CA GLU A 136 32.64 -44.74 -13.75
C GLU A 136 34.03 -44.64 -13.16
N SER A 137 34.32 -43.52 -12.48
CA SER A 137 35.64 -43.30 -11.92
C SER A 137 35.72 -43.60 -10.42
N GLY A 138 34.60 -43.56 -9.71
CA GLY A 138 34.62 -43.68 -8.27
C GLY A 138 34.73 -42.37 -7.52
N ARG A 139 34.97 -41.27 -8.22
CA ARG A 139 35.09 -39.97 -7.57
C ARG A 139 33.84 -39.63 -6.77
N ARG A 140 34.04 -38.94 -5.66
CA ARG A 140 32.98 -38.54 -4.76
C ARG A 140 33.25 -37.13 -4.26
N ALA A 141 32.19 -36.41 -3.94
CA ALA A 141 32.31 -35.05 -3.43
C ALA A 141 31.00 -34.67 -2.76
N GLU A 142 31.08 -33.69 -1.87
CA GLU A 142 29.92 -33.18 -1.16
C GLU A 142 29.76 -31.69 -1.46
N TYR A 143 28.58 -31.18 -1.13
CA TYR A 143 28.32 -29.74 -1.25
C TYR A 143 27.23 -29.40 -0.25
N SER A 144 27.53 -28.51 0.69
CA SER A 144 26.62 -28.17 1.78
C SER A 144 26.73 -26.67 2.04
N PRO A 145 26.11 -25.84 1.18
CA PRO A 145 26.40 -24.40 1.21
C PRO A 145 25.82 -23.67 2.40
N CYS A 146 24.95 -24.29 3.17
CA CYS A 146 24.29 -23.59 4.27
C CYS A 146 24.92 -23.88 5.63
N ARG A 147 25.87 -24.83 5.68
CA ARG A 147 26.65 -25.03 6.89
C ARG A 147 27.33 -23.73 7.30
N GLY A 148 27.25 -23.41 8.59
CA GLY A 148 27.93 -22.26 9.15
C GLY A 148 28.59 -22.63 10.47
N ASN A 149 29.34 -21.68 11.01
CA ASN A 149 29.96 -21.85 12.33
C ASN A 149 29.62 -20.68 13.24
N THR A 150 28.48 -20.04 13.02
CA THR A 150 28.02 -18.95 13.86
C THR A 150 27.22 -19.49 15.04
N LEU A 151 27.51 -18.97 16.23
CA LEU A 151 26.86 -19.48 17.43
C LEU A 151 25.47 -18.86 17.61
N SER A 152 24.62 -19.61 18.31
CA SER A 152 23.19 -19.29 18.37
C SER A 152 22.92 -17.88 18.89
N ARG A 153 23.76 -17.40 19.81
CA ARG A 153 23.53 -16.09 20.40
C ARG A 153 23.65 -14.98 19.35
N ILE A 154 24.55 -15.13 18.39
CA ILE A 154 24.78 -14.08 17.41
C ILE A 154 23.54 -13.86 16.56
N TYR A 155 22.89 -14.95 16.14
CA TYR A 155 21.67 -14.83 15.35
C TYR A 155 20.61 -14.03 16.09
N VAL A 156 20.44 -14.30 17.39
CA VAL A 156 19.46 -13.57 18.20
C VAL A 156 19.81 -12.09 18.24
N GLU A 157 21.09 -11.77 18.46
CA GLU A 157 21.52 -10.37 18.52
C GLU A 157 21.31 -9.64 17.20
N ASN A 158 21.25 -10.35 16.08
CA ASN A 158 21.06 -9.74 14.76
C ASN A 158 19.68 -10.04 14.18
N ASP A 159 18.73 -10.47 15.00
CA ASP A 159 17.33 -10.63 14.62
C ASP A 159 17.16 -11.66 13.49
N PHE A 160 18.01 -12.69 13.48
CA PHE A 160 17.84 -13.86 12.62
C PHE A 160 17.91 -13.52 11.13
N SER A 161 18.61 -12.45 10.79
CA SER A 161 18.89 -12.18 9.39
C SER A 161 19.99 -13.10 8.89
N TRP A 162 19.90 -13.48 7.62
CA TRP A 162 20.90 -14.34 6.97
C TRP A 162 21.11 -15.63 7.75
N ASP A 163 20.00 -16.25 8.14
CA ASP A 163 20.00 -17.47 8.94
C ASP A 163 19.78 -18.64 8.00
N LYS A 164 20.86 -19.35 7.68
CA LYS A 164 20.80 -20.47 6.75
C LYS A 164 20.79 -21.82 7.48
N ARG A 165 20.34 -21.84 8.74
CA ARG A 165 20.52 -23.05 9.54
C ARG A 165 19.53 -24.14 9.16
N TYR A 166 18.37 -23.77 8.63
CA TYR A 166 17.33 -24.72 8.29
C TYR A 166 17.06 -24.77 6.79
N CYS A 167 18.09 -24.46 5.99
CA CYS A 167 17.99 -24.48 4.53
C CYS A 167 17.25 -25.69 3.98
N GLU A 168 17.71 -26.88 4.38
CA GLU A 168 17.33 -28.11 3.72
C GLU A 168 17.75 -28.09 2.25
N ALA A 169 18.98 -27.65 2.01
CA ALA A 169 19.53 -27.62 0.65
C ALA A 169 19.43 -29.01 0.02
N GLY A 170 19.06 -29.04 -1.26
CA GLY A 170 18.84 -30.29 -1.96
C GLY A 170 17.40 -30.75 -2.00
N PHE A 171 16.49 -30.05 -1.30
CA PHE A 171 15.06 -30.29 -1.40
C PHE A 171 14.63 -30.46 -2.86
N SER A 172 14.98 -29.48 -3.69
CA SER A 172 14.83 -29.57 -5.13
C SER A 172 16.16 -29.22 -5.78
N SER A 173 16.40 -29.78 -6.96
CA SER A 173 17.69 -29.58 -7.61
C SER A 173 17.53 -29.57 -9.11
N VAL A 174 18.54 -29.03 -9.79
CA VAL A 174 18.58 -28.94 -11.24
C VAL A 174 20.00 -28.61 -11.63
N VAL A 175 20.37 -28.91 -12.88
CA VAL A 175 21.70 -28.60 -13.39
C VAL A 175 21.56 -27.97 -14.77
N THR A 176 22.09 -26.76 -14.91
CA THR A 176 22.12 -26.11 -16.22
C THR A 176 23.00 -26.91 -17.16
N GLN A 177 22.73 -26.76 -18.47
N GLN A 177 22.72 -26.77 -18.47
CA GLN A 177 23.51 -27.51 -19.47
CA GLN A 177 23.50 -27.48 -19.48
C GLN A 177 24.99 -27.14 -19.40
C GLN A 177 24.99 -27.16 -19.38
N ALA A 178 25.32 -25.93 -18.95
CA ALA A 178 26.72 -25.54 -18.79
C ALA A 178 27.38 -26.26 -17.62
N GLY A 179 26.60 -26.91 -16.76
CA GLY A 179 27.12 -27.64 -15.63
C GLY A 179 27.09 -26.94 -14.29
N GLU A 180 26.16 -26.01 -14.07
CA GLU A 180 26.01 -25.34 -12.79
C GLU A 180 24.90 -26.03 -12.01
N LEU A 181 25.24 -26.52 -10.82
CA LEU A 181 24.24 -27.12 -9.94
C LEU A 181 23.48 -26.01 -9.22
N VAL A 182 22.15 -26.09 -9.26
CA VAL A 182 21.28 -25.14 -8.58
C VAL A 182 20.44 -25.91 -7.57
N LEU A 183 20.59 -25.58 -6.30
CA LEU A 183 19.90 -26.27 -5.22
C LEU A 183 18.80 -25.36 -4.67
N GLY A 184 17.62 -25.93 -4.47
CA GLY A 184 16.56 -25.25 -3.76
C GLY A 184 16.68 -25.53 -2.26
N ALA A 185 16.49 -24.48 -1.46
CA ALA A 185 16.55 -24.58 -0.01
C ALA A 185 15.35 -23.85 0.57
N PRO A 186 14.20 -24.53 0.72
CA PRO A 186 12.97 -23.83 1.11
C PRO A 186 13.02 -23.25 2.50
N GLY A 187 13.89 -23.75 3.37
CA GLY A 187 13.94 -23.25 4.73
C GLY A 187 14.99 -22.20 4.98
N GLY A 188 15.72 -21.76 3.95
CA GLY A 188 16.77 -20.78 4.16
C GLY A 188 16.21 -19.42 4.56
N TYR A 189 17.04 -18.67 5.28
CA TYR A 189 16.70 -17.32 5.75
C TYR A 189 15.41 -17.34 6.57
N TYR A 190 15.33 -18.30 7.49
CA TYR A 190 14.18 -18.49 8.37
C TYR A 190 12.90 -18.70 7.57
N PHE A 191 12.94 -19.75 6.74
CA PHE A 191 11.78 -20.28 6.01
C PHE A 191 11.24 -19.33 4.95
N LEU A 192 12.03 -18.32 4.57
CA LEU A 192 11.72 -17.60 3.34
C LEU A 192 12.07 -18.45 2.13
N GLY A 193 13.25 -19.07 2.15
CA GLY A 193 13.72 -19.93 1.07
C GLY A 193 14.84 -19.25 0.31
N LEU A 194 15.84 -20.03 -0.10
CA LEU A 194 16.96 -19.49 -0.85
C LEU A 194 17.37 -20.50 -1.94
N LEU A 195 18.24 -20.03 -2.83
CA LEU A 195 18.83 -20.85 -3.87
C LEU A 195 20.34 -20.79 -3.75
N ALA A 196 21.00 -21.89 -4.08
CA ALA A 196 22.46 -21.97 -4.06
C ALA A 196 22.94 -22.56 -5.39
N GLN A 197 23.91 -21.90 -6.02
CA GLN A 197 24.43 -22.33 -7.31
C GLN A 197 25.95 -22.42 -7.23
N ALA A 198 26.50 -23.43 -7.89
CA ALA A 198 27.94 -23.62 -8.01
C ALA A 198 28.22 -24.58 -9.15
N PRO A 199 29.32 -24.39 -9.87
CA PRO A 199 29.66 -25.34 -10.94
C PRO A 199 30.06 -26.68 -10.37
N VAL A 200 29.61 -27.75 -11.05
CA VAL A 200 29.93 -29.10 -10.61
C VAL A 200 31.43 -29.32 -10.55
N ALA A 201 32.16 -28.77 -11.53
CA ALA A 201 33.59 -28.96 -11.56
C ALA A 201 34.28 -28.31 -10.37
N ASP A 202 33.76 -27.16 -9.92
CA ASP A 202 34.34 -26.50 -8.75
C ASP A 202 33.93 -27.17 -7.45
N ILE A 203 32.77 -27.82 -7.41
CA ILE A 203 32.39 -28.63 -6.26
C ILE A 203 33.40 -29.75 -6.06
N PHE A 204 33.84 -30.38 -7.16
CA PHE A 204 34.73 -31.52 -7.07
C PHE A 204 36.15 -31.10 -6.71
N SER A 205 36.65 -30.02 -7.31
CA SER A 205 38.04 -29.62 -7.10
C SER A 205 38.26 -28.88 -5.78
N SER A 206 37.20 -28.33 -5.18
CA SER A 206 37.31 -27.60 -3.92
C SER A 206 36.95 -28.45 -2.70
N TYR A 207 36.58 -29.71 -2.90
CA TYR A 207 36.15 -30.58 -1.81
C TYR A 207 37.28 -31.49 -1.37
N ARG A 208 37.51 -31.56 -0.07
CA ARG A 208 38.35 -32.58 0.54
C ARG A 208 37.59 -33.19 1.70
N PRO A 209 37.70 -34.50 1.92
CA PRO A 209 36.88 -35.14 2.96
C PRO A 209 37.37 -34.78 4.35
N GLY A 210 36.42 -34.63 5.27
CA GLY A 210 36.76 -34.33 6.64
C GLY A 210 36.93 -32.86 6.96
N ILE A 211 36.86 -31.99 5.96
CA ILE A 211 36.98 -30.55 6.21
C ILE A 211 35.69 -30.01 6.82
N LEU A 212 34.54 -30.48 6.32
CA LEU A 212 33.21 -30.17 6.84
C LEU A 212 32.79 -28.73 6.58
N LEU A 213 33.70 -27.78 6.75
CA LEU A 213 33.43 -26.37 6.44
C LEU A 213 34.50 -25.89 5.46
N TRP A 214 34.16 -25.88 4.18
CA TRP A 214 35.08 -25.43 3.14
C TRP A 214 34.35 -24.46 2.21
N HIS A 215 35.12 -23.57 1.60
CA HIS A 215 34.58 -22.60 0.68
C HIS A 215 34.51 -23.16 -0.73
N VAL A 216 33.54 -22.67 -1.50
CA VAL A 216 33.45 -22.93 -2.94
C VAL A 216 33.30 -21.56 -3.59
N SER A 217 34.42 -20.98 -4.03
CA SER A 217 34.46 -19.56 -4.33
C SER A 217 33.48 -19.18 -5.44
N SER A 218 33.34 -20.04 -6.45
CA SER A 218 32.45 -19.77 -7.56
C SER A 218 30.98 -19.98 -7.21
N GLN A 219 30.65 -20.26 -5.95
CA GLN A 219 29.26 -20.47 -5.59
C GLN A 219 28.55 -19.13 -5.44
N SER A 220 27.22 -19.19 -5.54
CA SER A 220 26.40 -17.98 -5.55
C SER A 220 25.07 -18.29 -4.89
N LEU A 221 24.78 -17.62 -3.79
CA LEU A 221 23.53 -17.79 -3.08
C LEU A 221 22.61 -16.59 -3.31
N SER A 222 21.32 -16.81 -3.09
CA SER A 222 20.32 -15.75 -3.20
C SER A 222 20.33 -14.94 -1.91
N PHE A 223 19.38 -14.01 -1.79
CA PHE A 223 19.46 -12.97 -0.77
C PHE A 223 18.27 -13.02 0.18
N ASP A 224 18.53 -12.63 1.42
CA ASP A 224 17.49 -12.48 2.41
C ASP A 224 16.57 -11.31 2.03
N SER A 225 15.43 -11.22 2.70
CA SER A 225 14.47 -10.18 2.40
C SER A 225 13.72 -9.79 3.66
N SER A 226 13.31 -8.53 3.72
CA SER A 226 12.45 -8.03 4.79
C SER A 226 10.99 -7.97 4.37
N ASN A 227 10.68 -8.31 3.13
CA ASN A 227 9.31 -8.23 2.64
C ASN A 227 8.47 -9.34 3.26
N PRO A 228 7.40 -9.01 3.98
CA PRO A 228 6.56 -10.07 4.58
C PRO A 228 5.95 -11.02 3.57
N GLU A 229 5.83 -10.63 2.30
CA GLU A 229 5.22 -11.51 1.32
C GLU A 229 6.02 -12.79 1.13
N TYR A 230 7.31 -12.75 1.44
CA TYR A 230 8.17 -13.91 1.27
C TYR A 230 8.27 -14.77 2.52
N PHE A 231 7.71 -14.33 3.64
CA PHE A 231 7.84 -15.08 4.88
C PHE A 231 7.08 -16.40 4.78
N ASP A 232 7.74 -17.49 5.17
CA ASP A 232 7.15 -18.83 5.11
C ASP A 232 6.66 -19.16 3.71
N GLY A 233 7.37 -18.67 2.69
CA GLY A 233 6.98 -18.90 1.32
C GLY A 233 7.59 -20.15 0.72
N TYR A 234 8.66 -20.64 1.35
CA TYR A 234 9.37 -21.84 0.89
C TYR A 234 9.83 -21.68 -0.56
N TRP A 235 10.46 -20.53 -0.82
CA TRP A 235 11.10 -20.21 -2.09
C TRP A 235 12.18 -21.24 -2.39
N GLY A 236 11.91 -22.14 -3.33
CA GLY A 236 12.86 -23.19 -3.65
C GLY A 236 12.29 -24.59 -3.45
N TYR A 237 10.98 -24.66 -3.20
CA TYR A 237 10.31 -25.95 -3.09
C TYR A 237 10.47 -26.74 -4.39
N SER A 238 10.49 -26.04 -5.52
CA SER A 238 10.74 -26.63 -6.82
C SER A 238 11.56 -25.65 -7.64
N VAL A 239 12.45 -26.17 -8.47
CA VAL A 239 13.35 -25.35 -9.28
CA VAL A 239 13.36 -25.35 -9.27
C VAL A 239 13.45 -25.92 -10.67
N ALA A 240 13.73 -25.06 -11.64
CA ALA A 240 13.92 -25.43 -13.04
C ALA A 240 14.71 -24.32 -13.71
N VAL A 241 15.24 -24.63 -14.90
CA VAL A 241 16.01 -23.68 -15.69
C VAL A 241 15.43 -23.61 -17.10
N GLY A 242 15.75 -22.51 -17.78
CA GLY A 242 15.26 -22.30 -19.13
C GLY A 242 15.80 -21.01 -19.70
N GLU A 243 15.26 -20.64 -20.86
CA GLU A 243 15.67 -19.44 -21.59
C GLU A 243 14.44 -18.54 -21.73
N PHE A 244 14.45 -17.39 -21.06
CA PHE A 244 13.27 -16.55 -20.92
C PHE A 244 13.55 -15.07 -21.14
N ASP A 245 14.77 -14.68 -21.49
CA ASP A 245 15.09 -13.27 -21.68
C ASP A 245 15.62 -12.96 -23.07
N GLY A 246 15.68 -13.92 -23.99
CA GLY A 246 16.17 -13.69 -25.32
C GLY A 246 17.67 -13.88 -25.49
N ASP A 247 18.45 -13.54 -24.48
CA ASP A 247 19.90 -13.70 -24.55
C ASP A 247 20.26 -15.16 -24.30
N LEU A 248 20.85 -15.81 -25.30
CA LEU A 248 21.18 -17.23 -25.21
C LEU A 248 22.41 -17.50 -24.34
N ASN A 249 23.26 -16.50 -24.12
CA ASN A 249 24.42 -16.67 -23.26
C ASN A 249 24.07 -16.66 -21.78
N THR A 250 22.87 -16.23 -21.41
CA THR A 250 22.42 -16.24 -20.04
C THR A 250 21.41 -17.37 -19.84
N THR A 251 21.51 -18.05 -18.72
CA THR A 251 20.52 -19.03 -18.30
C THR A 251 19.66 -18.42 -17.20
N GLU A 252 18.35 -18.69 -17.26
CA GLU A 252 17.41 -18.16 -16.30
C GLU A 252 16.91 -19.25 -15.38
N TYR A 253 16.50 -18.85 -14.17
CA TYR A 253 16.05 -19.77 -13.14
C TYR A 253 14.56 -19.60 -12.91
N VAL A 254 13.86 -20.72 -12.77
CA VAL A 254 12.45 -20.75 -12.44
C VAL A 254 12.30 -21.36 -11.06
N VAL A 255 11.63 -20.64 -10.15
CA VAL A 255 11.60 -20.98 -8.73
C VAL A 255 10.15 -21.04 -8.27
N GLY A 256 9.76 -22.16 -7.66
CA GLY A 256 8.45 -22.28 -7.07
C GLY A 256 8.48 -21.88 -5.60
N ALA A 257 7.43 -21.16 -5.18
CA ALA A 257 7.27 -20.74 -3.80
C ALA A 257 5.81 -20.93 -3.43
N PRO A 258 5.43 -22.16 -3.05
CA PRO A 258 4.00 -22.51 -2.99
C PRO A 258 3.24 -21.92 -1.82
N THR A 259 3.89 -21.20 -0.90
CA THR A 259 3.16 -20.51 0.16
C THR A 259 3.53 -19.04 0.20
N TRP A 260 3.83 -18.46 -0.96
CA TRP A 260 4.21 -17.06 -1.03
C TRP A 260 2.99 -16.16 -0.84
N SER A 261 3.19 -15.07 -0.10
CA SER A 261 2.15 -14.10 0.21
C SER A 261 0.94 -14.76 0.89
N TRP A 262 1.21 -15.30 2.07
CA TRP A 262 0.18 -15.89 2.93
C TRP A 262 -0.57 -17.00 2.21
N THR A 263 0.21 -17.96 1.68
CA THR A 263 -0.27 -19.16 1.00
C THR A 263 -0.98 -18.87 -0.32
N LEU A 264 -0.74 -17.70 -0.92
CA LEU A 264 -1.23 -17.49 -2.29
C LEU A 264 -0.45 -18.33 -3.28
N GLY A 265 0.85 -18.50 -3.06
CA GLY A 265 1.70 -19.26 -3.94
C GLY A 265 2.21 -18.39 -5.06
N ALA A 266 3.43 -18.68 -5.54
CA ALA A 266 4.01 -17.88 -6.61
C ALA A 266 5.11 -18.68 -7.30
N VAL A 267 5.38 -18.31 -8.55
CA VAL A 267 6.54 -18.79 -9.29
C VAL A 267 7.24 -17.56 -9.85
N GLU A 268 8.57 -17.53 -9.75
CA GLU A 268 9.36 -16.41 -10.22
C GLU A 268 10.40 -16.88 -11.23
N ILE A 269 10.66 -16.03 -12.22
CA ILE A 269 11.70 -16.25 -13.21
C ILE A 269 12.79 -15.21 -12.97
N LEU A 270 14.02 -15.69 -12.80
CA LEU A 270 15.14 -14.83 -12.42
C LEU A 270 16.28 -15.00 -13.41
N ASP A 271 17.18 -14.03 -13.41
CA ASP A 271 18.45 -14.21 -14.09
C ASP A 271 19.38 -15.01 -13.19
N SER A 272 20.60 -15.28 -13.67
CA SER A 272 21.53 -16.06 -12.86
C SER A 272 22.06 -15.30 -11.66
N TYR A 273 21.85 -13.97 -11.61
CA TYR A 273 22.19 -13.19 -10.42
C TYR A 273 21.00 -13.05 -9.47
N TYR A 274 19.96 -13.86 -9.66
CA TYR A 274 18.77 -13.91 -8.81
C TYR A 274 17.99 -12.61 -8.83
N GLN A 275 18.16 -11.78 -9.86
CA GLN A 275 17.32 -10.61 -10.03
C GLN A 275 16.05 -11.02 -10.77
N ARG A 276 14.92 -10.48 -10.33
CA ARG A 276 13.62 -11.01 -10.71
C ARG A 276 13.16 -10.42 -12.05
N LEU A 277 12.74 -11.31 -12.95
CA LEU A 277 12.24 -10.93 -14.27
C LEU A 277 10.71 -10.98 -14.35
N HIS A 278 10.10 -12.08 -13.95
CA HIS A 278 8.65 -12.12 -13.86
CA HIS A 278 8.66 -12.24 -13.92
C HIS A 278 8.24 -12.91 -12.62
N ARG A 279 6.97 -12.73 -12.24
CA ARG A 279 6.40 -13.40 -11.08
C ARG A 279 4.98 -13.83 -11.44
N LEU A 280 4.71 -15.14 -11.36
CA LEU A 280 3.38 -15.68 -11.59
C LEU A 280 2.73 -15.90 -10.23
N ARG A 281 1.68 -15.13 -9.95
CA ARG A 281 0.98 -15.27 -8.67
C ARG A 281 -0.02 -16.41 -8.74
N GLY A 282 -0.21 -17.06 -7.59
CA GLY A 282 -1.19 -18.13 -7.50
C GLY A 282 -2.60 -17.61 -7.71
N GLU A 283 -3.51 -18.54 -7.96
CA GLU A 283 -4.90 -18.23 -8.23
C GLU A 283 -5.80 -18.43 -7.02
N GLN A 284 -5.47 -19.37 -6.14
CA GLN A 284 -6.32 -19.71 -5.00
C GLN A 284 -5.43 -20.03 -3.80
N MET A 285 -5.78 -19.49 -2.64
CA MET A 285 -4.98 -19.72 -1.44
C MET A 285 -5.04 -21.19 -1.05
N ALA A 286 -3.91 -21.70 -0.58
CA ALA A 286 -3.67 -23.09 -0.18
C ALA A 286 -3.67 -24.06 -1.35
N SER A 287 -3.82 -23.59 -2.59
CA SER A 287 -3.76 -24.49 -3.74
C SER A 287 -2.37 -25.04 -3.98
N TYR A 288 -1.35 -24.49 -3.31
CA TYR A 288 0.05 -24.87 -3.49
C TYR A 288 0.51 -24.68 -4.95
N PHE A 289 0.19 -23.51 -5.48
CA PHE A 289 0.67 -23.08 -6.79
C PHE A 289 2.18 -22.87 -6.74
N GLY A 290 2.91 -23.58 -7.59
CA GLY A 290 4.35 -23.60 -7.50
C GLY A 290 4.93 -24.87 -6.91
N HIS A 291 4.09 -25.82 -6.50
CA HIS A 291 4.57 -27.09 -5.99
C HIS A 291 5.49 -27.78 -6.99
N SER A 292 5.16 -27.71 -8.27
CA SER A 292 5.97 -28.30 -9.33
C SER A 292 5.98 -27.35 -10.52
N VAL A 293 7.16 -27.14 -11.10
CA VAL A 293 7.32 -26.30 -12.27
C VAL A 293 8.03 -27.11 -13.35
N ALA A 294 7.74 -26.77 -14.61
CA ALA A 294 8.32 -27.45 -15.75
C ALA A 294 8.57 -26.45 -16.87
N VAL A 295 9.69 -26.64 -17.58
CA VAL A 295 10.10 -25.76 -18.66
C VAL A 295 10.29 -26.60 -19.92
N THR A 296 9.52 -26.29 -20.96
CA THR A 296 9.66 -26.92 -22.27
C THR A 296 8.88 -26.09 -23.27
N ASP A 297 9.25 -26.20 -24.54
CA ASP A 297 8.59 -25.48 -25.62
C ASP A 297 7.54 -26.40 -26.24
N VAL A 298 6.26 -26.06 -26.07
CA VAL A 298 5.20 -27.00 -26.42
C VAL A 298 4.61 -26.65 -27.77
N ASN A 299 4.69 -25.38 -28.16
CA ASN A 299 4.09 -24.94 -29.40
C ASN A 299 5.11 -24.80 -30.53
N GLY A 300 6.36 -25.16 -30.29
CA GLY A 300 7.30 -25.31 -31.39
C GLY A 300 7.77 -24.02 -32.02
N ASP A 301 7.77 -22.91 -31.28
CA ASP A 301 8.37 -21.68 -31.77
C ASP A 301 9.77 -21.44 -31.20
N GLY A 302 10.40 -22.47 -30.63
CA GLY A 302 11.73 -22.32 -30.07
C GLY A 302 11.81 -21.55 -28.78
N ARG A 303 10.71 -20.97 -28.31
CA ARG A 303 10.68 -20.21 -27.07
C ARG A 303 10.15 -21.11 -25.96
N HIS A 304 10.98 -21.34 -24.94
CA HIS A 304 10.61 -22.16 -23.81
C HIS A 304 9.30 -21.67 -23.19
N ASP A 305 8.44 -22.61 -22.82
CA ASP A 305 7.19 -22.32 -22.15
C ASP A 305 7.23 -22.88 -20.73
N LEU A 306 6.39 -22.32 -19.86
CA LEU A 306 6.39 -22.65 -18.45
C LEU A 306 5.09 -23.32 -18.05
N LEU A 307 5.21 -24.37 -17.24
CA LEU A 307 4.07 -25.05 -16.64
C LEU A 307 4.22 -25.01 -15.12
N VAL A 308 3.10 -24.85 -14.44
CA VAL A 308 3.07 -24.75 -12.98
C VAL A 308 1.94 -25.62 -12.46
N GLY A 309 2.24 -26.44 -11.45
CA GLY A 309 1.26 -27.31 -10.84
C GLY A 309 0.73 -26.72 -9.54
N ALA A 310 -0.57 -26.86 -9.32
CA ALA A 310 -1.23 -26.47 -8.08
C ALA A 310 -2.11 -27.65 -7.67
N PRO A 311 -1.52 -28.68 -7.05
CA PRO A 311 -2.24 -29.95 -6.87
C PRO A 311 -3.40 -29.89 -5.90
N LEU A 312 -3.58 -28.79 -5.18
CA LEU A 312 -4.67 -28.67 -4.22
C LEU A 312 -5.69 -27.62 -4.66
N TYR A 313 -5.71 -27.26 -5.94
CA TYR A 313 -6.69 -26.30 -6.41
C TYR A 313 -8.09 -26.88 -6.28
N MET A 314 -9.02 -26.06 -5.79
CA MET A 314 -10.40 -26.47 -5.55
C MET A 314 -11.29 -25.90 -6.64
N GLU A 315 -11.75 -26.79 -7.53
CA GLU A 315 -12.60 -26.37 -8.64
C GLU A 315 -14.01 -26.05 -8.15
N SER A 316 -14.58 -24.97 -8.69
CA SER A 316 -15.92 -24.57 -8.32
CA SER A 316 -15.92 -24.57 -8.32
C SER A 316 -16.95 -25.45 -9.03
N ARG A 317 -17.91 -25.97 -8.27
CA ARG A 317 -18.94 -26.83 -8.81
C ARG A 317 -20.31 -26.30 -8.41
N ALA A 318 -21.36 -26.95 -8.92
CA ALA A 318 -22.72 -26.52 -8.66
C ALA A 318 -22.99 -26.43 -7.17
N ASP A 319 -23.94 -25.56 -6.83
CA ASP A 319 -24.39 -25.37 -5.44
C ASP A 319 -23.27 -24.77 -4.57
N ARG A 320 -22.48 -23.89 -5.18
CA ARG A 320 -21.44 -23.11 -4.50
C ARG A 320 -20.40 -23.99 -3.82
N LYS A 321 -20.21 -25.23 -4.27
CA LYS A 321 -19.32 -26.16 -3.61
C LYS A 321 -17.97 -26.23 -4.32
N LEU A 322 -16.94 -26.56 -3.56
CA LEU A 322 -15.57 -26.65 -4.05
C LEU A 322 -15.08 -28.10 -3.96
N ALA A 323 -14.21 -28.46 -4.90
CA ALA A 323 -13.70 -29.84 -4.98
C ALA A 323 -12.21 -29.78 -5.26
N GLU A 324 -11.41 -30.16 -4.27
CA GLU A 324 -9.97 -30.24 -4.47
C GLU A 324 -9.65 -31.31 -5.51
N VAL A 325 -9.06 -30.88 -6.62
CA VAL A 325 -8.74 -31.77 -7.73
C VAL A 325 -7.35 -31.51 -8.25
N GLY A 326 -6.86 -30.29 -8.09
CA GLY A 326 -5.57 -29.92 -8.67
C GLY A 326 -5.70 -29.33 -10.05
N ARG A 327 -4.80 -28.40 -10.37
CA ARG A 327 -4.83 -27.68 -11.63
C ARG A 327 -3.42 -27.42 -12.12
N VAL A 328 -3.26 -27.39 -13.45
CA VAL A 328 -1.99 -27.08 -14.10
C VAL A 328 -2.20 -25.86 -14.98
N TYR A 329 -1.21 -24.97 -15.00
CA TYR A 329 -1.26 -23.72 -15.75
C TYR A 329 -0.18 -23.72 -16.82
N LEU A 330 -0.54 -23.32 -18.04
CA LEU A 330 0.41 -23.20 -19.14
C LEU A 330 0.61 -21.73 -19.48
N PHE A 331 1.87 -21.30 -19.51
CA PHE A 331 2.24 -19.94 -19.89
C PHE A 331 3.16 -20.02 -21.11
N LEU A 332 2.76 -19.39 -22.21
CA LEU A 332 3.51 -19.41 -23.45
C LEU A 332 4.36 -18.16 -23.55
N GLN A 333 5.67 -18.35 -23.74
CA GLN A 333 6.58 -17.21 -23.81
C GLN A 333 6.33 -16.41 -25.07
N PRO A 334 6.07 -15.11 -24.97
CA PRO A 334 5.75 -14.32 -26.17
C PRO A 334 7.01 -13.96 -26.96
N ARG A 335 6.77 -13.47 -28.18
CA ARG A 335 7.85 -13.11 -29.08
C ARG A 335 8.58 -11.87 -28.56
N GLY A 336 9.91 -11.97 -28.48
CA GLY A 336 10.73 -10.87 -28.05
C GLY A 336 10.59 -10.54 -26.56
N PRO A 337 11.16 -9.40 -26.14
CA PRO A 337 11.12 -9.04 -24.72
C PRO A 337 9.75 -8.54 -24.27
N HIS A 338 8.95 -9.44 -23.71
CA HIS A 338 7.66 -9.09 -23.13
C HIS A 338 7.40 -10.00 -21.95
N ALA A 339 6.63 -9.49 -21.00
CA ALA A 339 6.28 -10.29 -19.83
C ALA A 339 5.40 -11.47 -20.21
N LEU A 340 5.56 -12.56 -19.46
CA LEU A 340 4.60 -13.66 -19.55
C LEU A 340 3.23 -13.16 -19.10
N GLY A 341 2.21 -13.55 -19.84
CA GLY A 341 0.88 -13.04 -19.68
C GLY A 341 0.01 -13.95 -18.85
N ALA A 342 -1.30 -13.81 -19.04
CA ALA A 342 -2.25 -14.73 -18.44
C ALA A 342 -2.03 -16.14 -18.97
N PRO A 343 -2.46 -17.17 -18.24
CA PRO A 343 -2.27 -18.54 -18.72
C PRO A 343 -2.93 -18.76 -20.06
N SER A 344 -2.24 -19.48 -20.95
CA SER A 344 -2.80 -19.85 -22.23
C SER A 344 -3.76 -21.02 -22.12
N LEU A 345 -3.66 -21.82 -21.07
CA LEU A 345 -4.51 -23.00 -20.92
C LEU A 345 -4.58 -23.36 -19.45
N LEU A 346 -5.75 -23.82 -19.02
CA LEU A 346 -5.92 -24.35 -17.67
C LEU A 346 -6.33 -25.82 -17.79
N LEU A 347 -5.61 -26.68 -17.10
CA LEU A 347 -5.95 -28.11 -17.01
C LEU A 347 -6.32 -28.42 -15.58
N THR A 348 -7.54 -28.90 -15.37
CA THR A 348 -8.08 -29.14 -14.04
C THR A 348 -8.37 -30.63 -13.87
N GLY A 349 -8.04 -31.16 -12.69
CA GLY A 349 -8.24 -32.56 -12.42
C GLY A 349 -9.69 -32.94 -12.28
N THR A 350 -9.93 -34.26 -12.30
CA THR A 350 -11.26 -34.84 -12.21
C THR A 350 -11.53 -35.47 -10.85
N GLN A 351 -10.60 -36.28 -10.37
CA GLN A 351 -10.83 -37.06 -9.16
C GLN A 351 -10.67 -36.21 -7.91
N LEU A 352 -11.58 -36.37 -6.96
CA LEU A 352 -11.46 -35.67 -5.69
C LEU A 352 -10.20 -36.11 -4.96
N TYR A 353 -9.46 -35.14 -4.42
CA TYR A 353 -8.20 -35.38 -3.72
C TYR A 353 -7.17 -36.06 -4.62
N GLY A 354 -7.33 -35.98 -5.94
CA GLY A 354 -6.44 -36.69 -6.83
C GLY A 354 -5.06 -36.07 -6.93
N ARG A 355 -4.95 -34.77 -6.64
CA ARG A 355 -3.67 -34.05 -6.68
C ARG A 355 -3.09 -34.01 -8.08
N PHE A 356 -3.96 -33.78 -9.07
CA PHE A 356 -3.54 -33.54 -10.43
C PHE A 356 -2.64 -32.32 -10.49
N GLY A 357 -1.42 -32.50 -10.99
CA GLY A 357 -0.44 -31.43 -11.02
C GLY A 357 0.69 -31.60 -10.04
N SER A 358 0.72 -32.71 -9.30
CA SER A 358 1.77 -32.92 -8.32
C SER A 358 3.14 -33.03 -8.99
N ALA A 359 3.18 -33.62 -10.18
CA ALA A 359 4.40 -33.72 -10.96
C ALA A 359 4.07 -33.41 -12.42
N ILE A 360 5.02 -32.76 -13.09
CA ILE A 360 4.86 -32.36 -14.49
C ILE A 360 6.17 -32.66 -15.21
N ALA A 361 6.16 -33.64 -16.10
CA ALA A 361 7.37 -34.09 -16.76
C ALA A 361 7.32 -33.80 -18.25
N PRO A 362 8.26 -33.02 -18.78
CA PRO A 362 8.38 -32.91 -20.24
C PRO A 362 8.76 -34.26 -20.84
N LEU A 363 8.11 -34.60 -21.95
CA LEU A 363 8.33 -35.88 -22.61
C LEU A 363 9.20 -35.76 -23.86
N GLY A 364 9.58 -34.55 -24.26
CA GLY A 364 10.10 -34.46 -25.61
C GLY A 364 8.93 -34.57 -26.57
N ASP A 365 9.21 -34.99 -27.80
CA ASP A 365 8.18 -35.25 -28.79
C ASP A 365 7.88 -36.74 -28.75
N LEU A 366 6.74 -37.10 -28.19
CA LEU A 366 6.39 -38.50 -27.98
C LEU A 366 5.86 -39.15 -29.25
N ASP A 367 5.02 -38.45 -30.01
CA ASP A 367 4.45 -38.98 -31.23
C ASP A 367 5.21 -38.54 -32.48
N ARG A 368 6.32 -37.84 -32.31
CA ARG A 368 7.22 -37.45 -33.41
C ARG A 368 6.50 -36.59 -34.46
N ASP A 369 5.63 -35.70 -34.00
CA ASP A 369 4.86 -34.84 -34.88
C ASP A 369 5.42 -33.42 -34.97
N GLY A 370 6.47 -33.10 -34.22
CA GLY A 370 7.08 -31.79 -34.27
C GLY A 370 6.79 -30.90 -33.09
N TYR A 371 5.90 -31.31 -32.19
CA TYR A 371 5.57 -30.53 -31.00
C TYR A 371 5.93 -31.34 -29.76
N ASN A 372 6.55 -30.67 -28.79
CA ASN A 372 6.88 -31.32 -27.53
C ASN A 372 5.63 -31.53 -26.68
N ASP A 373 5.64 -32.60 -25.90
CA ASP A 373 4.49 -33.02 -25.11
C ASP A 373 4.92 -33.18 -23.66
N ILE A 374 3.92 -33.33 -22.77
CA ILE A 374 4.18 -33.43 -21.35
C ILE A 374 3.36 -34.57 -20.76
N ALA A 375 3.70 -34.91 -19.51
CA ALA A 375 2.94 -35.85 -18.70
C ALA A 375 2.64 -35.20 -17.37
N VAL A 376 1.39 -35.31 -16.91
CA VAL A 376 0.97 -34.74 -15.64
C VAL A 376 0.51 -35.87 -14.74
N ALA A 377 0.97 -35.85 -13.50
CA ALA A 377 0.63 -36.89 -12.55
C ALA A 377 -0.56 -36.48 -11.69
N ALA A 378 -1.37 -37.47 -11.31
CA ALA A 378 -2.40 -37.33 -10.29
C ALA A 378 -2.25 -38.52 -9.36
N PRO A 379 -1.32 -38.43 -8.40
CA PRO A 379 -0.88 -39.66 -7.69
C PRO A 379 -1.96 -40.33 -6.89
N TYR A 380 -3.07 -39.64 -6.60
CA TYR A 380 -4.19 -40.27 -5.91
C TYR A 380 -5.46 -40.16 -6.73
N GLY A 381 -5.33 -39.95 -8.04
CA GLY A 381 -6.47 -39.87 -8.93
C GLY A 381 -6.78 -41.20 -9.59
N GLY A 382 -7.67 -41.14 -10.58
CA GLY A 382 -8.19 -42.33 -11.20
C GLY A 382 -9.46 -42.77 -10.51
N PRO A 383 -10.33 -43.50 -11.22
CA PRO A 383 -11.61 -43.89 -10.61
C PRO A 383 -11.43 -44.79 -9.39
N SER A 384 -10.29 -45.47 -9.28
CA SER A 384 -9.95 -46.28 -8.12
C SER A 384 -9.14 -45.52 -7.07
N GLY A 385 -8.72 -44.30 -7.37
CA GLY A 385 -7.87 -43.58 -6.43
C GLY A 385 -6.48 -44.13 -6.28
N ARG A 386 -6.05 -45.00 -7.21
CA ARG A 386 -4.75 -45.62 -7.12
C ARG A 386 -3.63 -44.80 -7.77
N GLY A 387 -3.98 -43.80 -8.57
CA GLY A 387 -2.98 -43.02 -9.27
C GLY A 387 -3.18 -43.01 -10.78
N GLN A 388 -2.81 -41.91 -11.43
CA GLN A 388 -2.97 -41.76 -12.86
C GLN A 388 -1.89 -40.84 -13.39
N VAL A 389 -1.45 -41.10 -14.61
CA VAL A 389 -0.56 -40.22 -15.35
C VAL A 389 -1.23 -39.88 -16.66
N LEU A 390 -1.37 -38.58 -16.93
CA LEU A 390 -2.06 -38.09 -18.11
C LEU A 390 -1.07 -37.44 -19.07
N VAL A 391 -1.15 -37.80 -20.34
CA VAL A 391 -0.28 -37.27 -21.38
C VAL A 391 -1.05 -36.24 -22.19
N PHE A 392 -0.45 -35.07 -22.38
CA PHE A 392 -1.03 -34.00 -23.18
C PHE A 392 -0.07 -33.65 -24.31
N LEU A 393 -0.60 -33.58 -25.53
CA LEU A 393 0.24 -33.42 -26.72
C LEU A 393 0.36 -31.95 -27.08
N GLY A 394 1.58 -31.54 -27.44
CA GLY A 394 1.78 -30.18 -27.90
C GLY A 394 1.10 -29.91 -29.22
N GLN A 395 0.88 -28.63 -29.49
CA GLN A 395 0.25 -28.20 -30.73
C GLN A 395 0.61 -26.76 -30.99
N SER A 396 0.28 -26.29 -32.20
CA SER A 396 0.69 -24.95 -32.63
C SER A 396 0.20 -23.87 -31.67
N GLU A 397 -0.96 -24.06 -31.06
CA GLU A 397 -1.57 -23.06 -30.20
C GLU A 397 -1.24 -23.26 -28.72
N GLY A 398 -0.47 -24.29 -28.38
CA GLY A 398 -0.12 -24.56 -27.00
C GLY A 398 -0.15 -26.04 -26.68
N LEU A 399 -1.10 -26.45 -25.86
CA LEU A 399 -1.32 -27.86 -25.56
C LEU A 399 -2.76 -28.23 -25.89
N ARG A 400 -2.97 -29.51 -26.19
CA ARG A 400 -4.33 -30.03 -26.28
C ARG A 400 -4.99 -29.99 -24.92
N SER A 401 -6.28 -29.66 -24.88
CA SER A 401 -6.98 -29.56 -23.60
C SER A 401 -7.40 -30.92 -23.06
N ARG A 402 -7.45 -31.95 -23.89
CA ARG A 402 -7.80 -33.28 -23.45
C ARG A 402 -6.60 -34.21 -23.57
N PRO A 403 -6.45 -35.16 -22.66
CA PRO A 403 -5.29 -36.06 -22.73
C PRO A 403 -5.39 -37.01 -23.91
N SER A 404 -4.23 -37.34 -24.47
CA SER A 404 -4.16 -38.33 -25.54
C SER A 404 -4.06 -39.75 -25.02
N GLN A 405 -3.58 -39.92 -23.78
CA GLN A 405 -3.36 -41.23 -23.20
C GLN A 405 -3.37 -41.09 -21.69
N VAL A 406 -3.82 -42.14 -21.01
CA VAL A 406 -3.88 -42.17 -19.55
C VAL A 406 -3.26 -43.48 -19.07
N LEU A 407 -2.28 -43.39 -18.18
CA LEU A 407 -1.64 -44.55 -17.60
C LEU A 407 -2.23 -44.77 -16.21
N ASP A 408 -2.92 -45.88 -16.02
CA ASP A 408 -3.43 -46.23 -14.70
C ASP A 408 -2.37 -46.97 -13.91
N SER A 409 -2.37 -46.75 -12.60
CA SER A 409 -1.33 -47.28 -11.74
C SER A 409 -1.36 -48.81 -11.75
N PRO A 410 -0.25 -49.48 -12.03
CA PRO A 410 -0.22 -50.95 -11.93
C PRO A 410 0.07 -51.45 -10.52
N PHE A 411 0.19 -50.56 -9.55
CA PHE A 411 0.52 -50.89 -8.17
C PHE A 411 -0.73 -50.84 -7.30
N PRO A 412 -0.65 -51.32 -6.04
CA PRO A 412 -1.83 -51.26 -5.17
C PRO A 412 -2.15 -49.87 -4.66
N THR A 413 -3.12 -49.80 -3.74
CA THR A 413 -3.53 -48.53 -3.16
C THR A 413 -2.42 -47.93 -2.31
N GLY A 414 -2.27 -46.62 -2.39
CA GLY A 414 -1.26 -45.93 -1.59
C GLY A 414 0.11 -45.88 -2.20
N SER A 415 0.26 -46.32 -3.45
CA SER A 415 1.59 -46.38 -4.05
C SER A 415 2.15 -44.99 -4.36
N ALA A 416 1.27 -44.00 -4.53
CA ALA A 416 1.67 -42.65 -4.92
C ALA A 416 2.29 -42.64 -6.32
N PHE A 417 1.83 -43.57 -7.15
CA PHE A 417 2.22 -43.68 -8.55
C PHE A 417 2.13 -42.32 -9.24
N GLY A 418 3.26 -41.86 -9.77
CA GLY A 418 3.34 -40.57 -10.42
C GLY A 418 3.95 -39.46 -9.59
N PHE A 419 4.20 -39.71 -8.30
CA PHE A 419 4.76 -38.68 -7.44
C PHE A 419 6.07 -38.13 -7.99
N SER A 420 6.84 -38.96 -8.69
CA SER A 420 8.03 -38.52 -9.40
C SER A 420 7.93 -38.97 -10.84
N LEU A 421 8.28 -38.07 -11.76
CA LEU A 421 8.21 -38.34 -13.19
C LEU A 421 9.50 -37.87 -13.86
N ARG A 422 9.80 -38.48 -15.00
CA ARG A 422 10.94 -38.07 -15.82
C ARG A 422 10.79 -38.67 -17.21
N GLY A 423 10.86 -37.83 -18.23
CA GLY A 423 10.76 -38.28 -19.60
C GLY A 423 11.82 -37.68 -20.48
N ALA A 424 11.60 -37.70 -21.80
CA ALA A 424 12.42 -37.06 -22.82
C ALA A 424 13.78 -37.73 -23.00
N VAL A 425 13.93 -39.00 -22.64
CA VAL A 425 15.14 -39.77 -22.92
C VAL A 425 14.72 -41.11 -23.52
N ASP A 426 15.43 -41.55 -24.55
CA ASP A 426 15.19 -42.82 -25.21
C ASP A 426 16.12 -43.86 -24.60
N ILE A 427 15.55 -44.79 -23.83
CA ILE A 427 16.36 -45.70 -23.03
C ILE A 427 16.62 -47.02 -23.75
N ASP A 428 15.71 -47.44 -24.63
CA ASP A 428 15.87 -48.69 -25.36
C ASP A 428 16.42 -48.47 -26.77
N ASP A 429 16.70 -47.22 -27.14
CA ASP A 429 17.31 -46.87 -28.42
C ASP A 429 16.44 -47.34 -29.59
N ASN A 430 15.20 -46.87 -29.60
CA ASN A 430 14.26 -47.18 -30.67
C ASN A 430 13.80 -45.93 -31.42
N GLY A 431 14.34 -44.76 -31.08
CA GLY A 431 13.97 -43.54 -31.74
C GLY A 431 12.85 -42.76 -31.07
N TYR A 432 12.20 -43.33 -30.06
CA TYR A 432 11.11 -42.65 -29.38
C TYR A 432 11.45 -42.43 -27.91
N PRO A 433 11.16 -41.25 -27.37
CA PRO A 433 11.48 -40.98 -25.95
C PRO A 433 10.49 -41.65 -25.02
N ASP A 434 10.99 -42.03 -23.85
CA ASP A 434 10.28 -42.92 -22.94
C ASP A 434 10.01 -42.20 -21.61
N LEU A 435 9.27 -42.87 -20.73
CA LEU A 435 8.81 -42.29 -19.47
C LEU A 435 9.04 -43.26 -18.32
N ILE A 436 9.66 -42.76 -17.25
CA ILE A 436 9.82 -43.51 -16.01
C ILE A 436 8.94 -42.87 -14.95
N VAL A 437 8.21 -43.69 -14.20
CA VAL A 437 7.26 -43.23 -13.20
C VAL A 437 7.62 -43.88 -11.87
N GLY A 438 7.76 -43.06 -10.84
CA GLY A 438 8.04 -43.57 -9.51
C GLY A 438 6.78 -43.80 -8.71
N ALA A 439 6.83 -44.84 -7.86
CA ALA A 439 5.76 -45.15 -6.91
C ALA A 439 6.46 -45.50 -5.59
N TYR A 440 6.83 -44.46 -4.85
CA TYR A 440 7.61 -44.68 -3.63
C TYR A 440 6.80 -45.46 -2.58
N GLY A 441 5.48 -45.32 -2.57
CA GLY A 441 4.68 -46.05 -1.60
C GLY A 441 4.76 -47.55 -1.83
N ALA A 442 5.02 -47.96 -3.06
CA ALA A 442 5.20 -49.37 -3.40
C ALA A 442 6.66 -49.74 -3.58
N ASN A 443 7.58 -48.79 -3.40
CA ASN A 443 9.03 -49.03 -3.52
C ASN A 443 9.41 -49.54 -4.90
N GLN A 444 8.80 -48.97 -5.94
CA GLN A 444 9.01 -49.47 -7.29
C GLN A 444 9.01 -48.33 -8.30
N VAL A 445 9.66 -48.59 -9.43
CA VAL A 445 9.69 -47.70 -10.59
C VAL A 445 9.14 -48.47 -11.78
N ALA A 446 8.27 -47.82 -12.55
CA ALA A 446 7.70 -48.40 -13.77
C ALA A 446 8.23 -47.64 -14.97
N VAL A 447 8.69 -48.38 -15.98
CA VAL A 447 9.23 -47.82 -17.20
C VAL A 447 8.22 -48.03 -18.32
N TYR A 448 7.81 -46.95 -18.97
CA TYR A 448 6.91 -46.99 -20.11
C TYR A 448 7.70 -46.69 -21.37
N ARG A 449 7.77 -47.66 -22.28
CA ARG A 449 8.46 -47.50 -23.55
C ARG A 449 7.50 -46.95 -24.60
N ALA A 450 7.93 -45.91 -25.32
CA ALA A 450 7.15 -45.39 -26.43
C ALA A 450 7.38 -46.24 -27.67
N GLN A 451 6.31 -46.46 -28.43
CA GLN A 451 6.34 -47.30 -29.61
C GLN A 451 5.77 -46.52 -30.79
N PRO A 452 6.02 -46.97 -32.02
CA PRO A 452 5.47 -46.27 -33.18
C PRO A 452 3.96 -46.10 -33.08
N VAL A 453 3.49 -44.98 -33.61
CA VAL A 453 2.07 -44.62 -33.52
C VAL A 453 1.25 -45.63 -34.31
N VAL A 454 0.20 -46.14 -33.68
CA VAL A 454 -0.66 -47.14 -34.30
C VAL A 454 -1.48 -46.48 -35.42
N GLY B 1 -63.73 -29.89 -29.98
CA GLY B 1 -63.02 -30.18 -31.22
C GLY B 1 -61.82 -31.09 -31.02
N PRO B 2 -61.04 -31.29 -32.09
CA PRO B 2 -59.83 -32.12 -31.97
C PRO B 2 -58.71 -31.36 -31.26
N ASN B 3 -58.07 -32.03 -30.32
CA ASN B 3 -56.99 -31.47 -29.51
C ASN B 3 -55.73 -32.30 -29.70
N ILE B 4 -54.69 -31.98 -28.92
CA ILE B 4 -53.46 -32.76 -28.97
C ILE B 4 -53.68 -34.21 -28.55
N CYS B 5 -54.72 -34.49 -27.76
CA CYS B 5 -54.97 -35.86 -27.30
C CYS B 5 -55.46 -36.74 -28.45
N THR B 6 -56.33 -36.22 -29.32
CA THR B 6 -56.85 -36.99 -30.44
C THR B 6 -56.00 -36.86 -31.70
N THR B 7 -55.55 -35.64 -32.03
CA THR B 7 -54.76 -35.44 -33.25
C THR B 7 -53.41 -36.16 -33.22
N ARG B 8 -52.87 -36.44 -32.03
CA ARG B 8 -51.65 -37.24 -31.96
C ARG B 8 -51.88 -38.66 -32.45
N GLY B 9 -53.09 -39.20 -32.30
CA GLY B 9 -53.37 -40.54 -32.76
C GLY B 9 -52.63 -41.60 -31.97
N VAL B 10 -52.99 -41.76 -30.70
CA VAL B 10 -52.29 -42.69 -29.82
C VAL B 10 -52.78 -44.11 -30.08
N SER B 11 -52.06 -45.09 -29.55
CA SER B 11 -52.37 -46.49 -29.78
C SER B 11 -52.76 -47.25 -28.52
N SER B 12 -52.50 -46.71 -27.33
CA SER B 12 -52.80 -47.42 -26.08
C SER B 12 -53.09 -46.41 -24.98
N CYS B 13 -53.49 -46.94 -23.82
CA CYS B 13 -53.76 -46.08 -22.67
C CYS B 13 -52.48 -45.41 -22.19
N GLN B 14 -51.37 -46.15 -22.16
CA GLN B 14 -50.10 -45.60 -21.73
C GLN B 14 -49.65 -44.48 -22.66
N GLN B 15 -49.74 -44.71 -23.97
CA GLN B 15 -49.36 -43.67 -24.92
C GLN B 15 -50.27 -42.45 -24.82
N CYS B 16 -51.52 -42.65 -24.40
CA CYS B 16 -52.46 -41.55 -24.27
C CYS B 16 -52.01 -40.56 -23.20
N LEU B 17 -51.87 -41.04 -21.97
CA LEU B 17 -51.52 -40.17 -20.86
C LEU B 17 -50.19 -39.46 -21.08
N ALA B 18 -49.28 -40.09 -21.83
CA ALA B 18 -47.96 -39.51 -22.07
C ALA B 18 -47.98 -38.34 -23.02
N VAL B 19 -49.11 -38.09 -23.69
CA VAL B 19 -49.19 -36.95 -24.61
C VAL B 19 -49.17 -35.64 -23.85
N SER B 20 -50.00 -35.52 -22.82
CA SER B 20 -50.16 -34.27 -22.08
C SER B 20 -50.86 -34.59 -20.77
N PRO B 21 -50.59 -33.83 -19.72
CA PRO B 21 -51.27 -34.10 -18.44
C PRO B 21 -52.77 -33.88 -18.48
N MET B 22 -53.30 -33.23 -19.51
CA MET B 22 -54.73 -32.98 -19.61
C MET B 22 -55.49 -34.10 -20.33
N CYS B 23 -54.80 -35.10 -20.85
CA CYS B 23 -55.47 -36.16 -21.59
C CYS B 23 -56.01 -37.23 -20.65
N ALA B 24 -56.89 -38.07 -21.19
CA ALA B 24 -57.48 -39.17 -20.46
C ALA B 24 -57.87 -40.24 -21.47
N TRP B 25 -58.21 -41.43 -20.97
CA TRP B 25 -58.48 -42.59 -21.79
C TRP B 25 -59.79 -43.25 -21.39
N CYS B 26 -60.56 -43.70 -22.39
CA CYS B 26 -61.85 -44.36 -22.18
C CYS B 26 -61.70 -45.83 -22.53
N SER B 27 -61.77 -46.70 -21.52
CA SER B 27 -61.66 -48.14 -21.69
C SER B 27 -63.00 -48.82 -21.86
N ASP B 28 -63.97 -48.15 -22.48
CA ASP B 28 -65.33 -48.66 -22.61
C ASP B 28 -65.49 -49.38 -23.94
N GLU B 29 -66.15 -50.55 -23.89
CA GLU B 29 -66.44 -51.31 -25.11
C GLU B 29 -67.30 -50.50 -26.07
N ALA B 30 -68.47 -50.04 -25.59
CA ALA B 30 -69.46 -49.37 -26.43
C ALA B 30 -69.01 -47.93 -26.69
N LEU B 31 -68.00 -47.80 -27.55
CA LEU B 31 -67.52 -46.51 -28.01
C LEU B 31 -67.50 -46.54 -29.53
N PRO B 32 -68.04 -45.51 -30.19
CA PRO B 32 -68.11 -45.53 -31.66
C PRO B 32 -66.76 -45.76 -32.33
N LEU B 33 -66.78 -46.29 -33.55
CA LEU B 33 -65.53 -46.58 -34.25
C LEU B 33 -64.77 -45.31 -34.58
N GLY B 34 -65.46 -44.28 -35.05
CA GLY B 34 -64.78 -43.03 -35.37
C GLY B 34 -64.41 -42.22 -34.15
N SER B 35 -65.14 -42.39 -33.05
CA SER B 35 -64.87 -41.61 -31.85
C SER B 35 -63.54 -42.04 -31.24
N PRO B 36 -62.72 -41.08 -30.81
CA PRO B 36 -61.48 -41.43 -30.11
C PRO B 36 -61.71 -41.75 -28.64
N ARG B 37 -60.83 -42.59 -28.10
CA ARG B 37 -60.85 -42.92 -26.68
C ARG B 37 -59.84 -42.12 -25.87
N CYS B 38 -59.07 -41.25 -26.51
CA CYS B 38 -58.05 -40.43 -25.86
C CYS B 38 -58.43 -38.97 -26.09
N ASP B 39 -59.05 -38.37 -25.08
CA ASP B 39 -59.62 -37.03 -25.22
C ASP B 39 -59.51 -36.32 -23.88
N LEU B 40 -60.06 -35.10 -23.83
CA LEU B 40 -60.32 -34.47 -22.54
C LEU B 40 -61.37 -35.28 -21.78
N LYS B 41 -61.22 -35.34 -20.46
CA LYS B 41 -62.17 -36.07 -19.64
C LYS B 41 -63.59 -35.51 -19.79
N GLU B 42 -63.70 -34.22 -20.16
CA GLU B 42 -65.00 -33.65 -20.45
C GLU B 42 -65.57 -34.21 -21.74
N ASN B 43 -64.79 -34.18 -22.83
CA ASN B 43 -65.26 -34.65 -24.13
C ASN B 43 -65.60 -36.14 -24.12
N LEU B 44 -65.04 -36.90 -23.18
CA LEU B 44 -65.35 -38.32 -23.08
C LEU B 44 -66.70 -38.56 -22.41
N LEU B 45 -66.92 -37.92 -21.25
CA LEU B 45 -68.24 -37.97 -20.62
C LEU B 45 -69.31 -37.38 -21.54
N LYS B 46 -68.96 -36.34 -22.29
CA LYS B 46 -69.85 -35.79 -23.31
C LYS B 46 -70.24 -36.84 -24.35
N ASP B 47 -69.31 -37.74 -24.68
CA ASP B 47 -69.57 -38.83 -25.62
C ASP B 47 -70.01 -40.11 -24.90
N ASN B 48 -70.65 -39.97 -23.74
CA ASN B 48 -71.30 -41.09 -23.04
C ASN B 48 -70.31 -42.18 -22.63
N CYS B 49 -69.08 -41.81 -22.28
CA CYS B 49 -68.12 -42.80 -21.79
C CYS B 49 -68.48 -43.18 -20.36
N ALA B 50 -68.48 -44.48 -20.09
CA ALA B 50 -68.81 -44.97 -18.76
C ALA B 50 -67.82 -44.41 -17.75
N PRO B 51 -68.27 -43.65 -16.74
CA PRO B 51 -67.32 -42.97 -15.84
C PRO B 51 -66.27 -43.88 -15.21
N GLU B 52 -66.65 -45.09 -14.79
CA GLU B 52 -65.67 -46.00 -14.20
C GLU B 52 -64.57 -46.40 -15.18
N SER B 53 -64.82 -46.31 -16.49
CA SER B 53 -63.87 -46.67 -17.52
C SER B 53 -62.97 -45.52 -17.95
N ILE B 54 -62.94 -44.42 -17.18
CA ILE B 54 -62.16 -43.24 -17.54
C ILE B 54 -60.88 -43.24 -16.73
N GLU B 55 -59.76 -43.47 -17.39
CA GLU B 55 -58.44 -43.35 -16.78
C GLU B 55 -58.01 -41.88 -16.84
N PHE B 56 -57.93 -41.24 -15.68
CA PHE B 56 -57.47 -39.85 -15.61
C PHE B 56 -56.74 -39.64 -14.29
N PRO B 57 -55.41 -39.69 -14.30
CA PRO B 57 -54.65 -39.34 -13.10
C PRO B 57 -54.52 -37.83 -12.92
N VAL B 58 -54.50 -37.42 -11.66
CA VAL B 58 -54.33 -36.02 -11.27
C VAL B 58 -53.13 -35.95 -10.34
N SER B 59 -52.14 -35.14 -10.73
CA SER B 59 -50.94 -34.95 -9.91
C SER B 59 -51.33 -34.24 -8.62
N GLU B 60 -51.06 -34.90 -7.50
CA GLU B 60 -51.45 -34.39 -6.20
C GLU B 60 -50.22 -34.24 -5.30
N ALA B 61 -50.47 -33.96 -4.02
CA ALA B 61 -49.43 -33.77 -3.01
C ALA B 61 -50.06 -33.75 -1.63
N ARG B 62 -50.06 -34.88 -0.93
CA ARG B 62 -50.67 -34.99 0.39
C ARG B 62 -49.60 -35.26 1.45
N VAL B 63 -49.74 -34.58 2.58
CA VAL B 63 -48.77 -34.72 3.67
C VAL B 63 -48.99 -36.03 4.40
N LEU B 64 -47.92 -36.57 4.97
CA LEU B 64 -47.97 -37.77 5.78
C LEU B 64 -47.50 -37.56 7.21
N GLU B 65 -46.52 -36.68 7.43
CA GLU B 65 -46.11 -36.24 8.76
C GLU B 65 -46.17 -34.72 8.77
N ASP B 66 -46.88 -34.17 9.75
CA ASP B 66 -47.08 -32.73 9.83
C ASP B 66 -47.04 -32.29 11.30
N ARG B 67 -46.01 -32.75 12.02
CA ARG B 67 -45.76 -32.28 13.38
C ARG B 67 -45.64 -30.76 13.39
N PRO B 68 -46.11 -30.09 14.44
CA PRO B 68 -46.00 -28.64 14.48
C PRO B 68 -44.61 -28.20 14.92
N LEU B 69 -44.24 -27.01 14.49
CA LEU B 69 -42.95 -26.44 14.86
C LEU B 69 -42.89 -26.22 16.36
N SER B 70 -41.80 -26.67 16.98
CA SER B 70 -41.64 -26.50 18.41
C SER B 70 -41.42 -25.04 18.75
N ASP B 71 -41.78 -24.67 19.98
CA ASP B 71 -41.62 -23.29 20.44
C ASP B 71 -40.37 -23.09 21.28
N LYS B 72 -39.87 -24.15 21.91
CA LYS B 72 -38.62 -24.11 22.64
C LYS B 72 -37.86 -25.41 22.39
N GLY B 73 -36.61 -25.28 21.94
CA GLY B 73 -35.76 -26.44 21.73
C GLY B 73 -35.26 -27.06 23.00
N SER B 74 -35.52 -26.43 24.14
CA SER B 74 -35.19 -26.99 25.45
C SER B 74 -36.03 -28.24 25.72
N GLY B 75 -35.91 -28.78 26.93
CA GLY B 75 -36.76 -29.89 27.34
C GLY B 75 -36.48 -31.20 26.64
N ASP B 76 -37.35 -31.56 25.70
CA ASP B 76 -37.27 -32.86 25.05
C ASP B 76 -35.93 -33.05 24.34
N SER B 77 -35.54 -34.30 24.19
CA SER B 77 -34.34 -34.70 23.45
C SER B 77 -34.77 -35.34 22.14
N SER B 78 -34.41 -34.71 21.02
CA SER B 78 -34.69 -35.18 19.67
C SER B 78 -36.18 -35.30 19.37
N GLN B 79 -37.05 -34.81 20.25
CA GLN B 79 -38.46 -34.64 19.97
C GLN B 79 -38.78 -33.22 19.51
N VAL B 80 -37.75 -32.39 19.34
CA VAL B 80 -37.93 -31.05 18.80
C VAL B 80 -38.19 -31.15 17.30
N THR B 81 -39.08 -30.29 16.80
CA THR B 81 -39.40 -30.23 15.38
C THR B 81 -39.14 -28.83 14.87
N GLN B 82 -38.19 -28.69 13.96
CA GLN B 82 -37.85 -27.41 13.37
C GLN B 82 -38.17 -27.33 11.88
N VAL B 83 -38.61 -28.43 11.27
CA VAL B 83 -39.03 -28.45 9.87
C VAL B 83 -40.40 -29.08 9.79
N SER B 84 -41.33 -28.42 9.09
CA SER B 84 -42.68 -28.94 8.92
C SER B 84 -43.14 -28.59 7.51
N PRO B 85 -43.72 -29.56 6.77
CA PRO B 85 -43.93 -30.94 7.22
C PRO B 85 -42.65 -31.77 7.16
N GLN B 86 -42.61 -32.89 7.88
CA GLN B 86 -41.43 -33.73 7.90
C GLN B 86 -41.44 -34.77 6.79
N ARG B 87 -42.59 -35.01 6.16
CA ARG B 87 -42.72 -36.03 5.13
C ARG B 87 -44.00 -35.80 4.35
N ILE B 88 -43.94 -35.93 3.03
CA ILE B 88 -45.09 -35.79 2.15
C ILE B 88 -45.04 -36.87 1.09
N ALA B 89 -46.20 -37.10 0.46
CA ALA B 89 -46.33 -38.02 -0.66
C ALA B 89 -46.63 -37.21 -1.92
N LEU B 90 -45.82 -37.41 -2.96
CA LEU B 90 -45.96 -36.68 -4.21
C LEU B 90 -46.27 -37.65 -5.33
N ARG B 91 -47.23 -37.29 -6.17
CA ARG B 91 -47.64 -38.11 -7.31
C ARG B 91 -47.66 -37.24 -8.56
N LEU B 92 -46.96 -37.69 -9.61
CA LEU B 92 -46.80 -36.92 -10.82
C LEU B 92 -47.05 -37.79 -12.04
N ARG B 93 -47.84 -37.29 -12.98
CA ARG B 93 -47.99 -37.93 -14.27
C ARG B 93 -47.00 -37.33 -15.27
N PRO B 94 -46.73 -38.01 -16.38
CA PRO B 94 -45.64 -37.58 -17.27
C PRO B 94 -45.70 -36.10 -17.66
N ASP B 95 -44.54 -35.44 -17.59
CA ASP B 95 -44.34 -34.07 -18.06
C ASP B 95 -45.17 -33.04 -17.31
N ASP B 96 -45.67 -33.39 -16.12
CA ASP B 96 -46.49 -32.50 -15.31
C ASP B 96 -45.65 -31.96 -14.15
N SER B 97 -46.29 -31.22 -13.24
CA SER B 97 -45.60 -30.65 -12.10
C SER B 97 -46.62 -30.30 -11.03
N LYS B 98 -46.18 -30.36 -9.77
CA LYS B 98 -47.01 -30.05 -8.62
C LYS B 98 -46.17 -29.28 -7.61
N ASN B 99 -46.85 -28.43 -6.84
CA ASN B 99 -46.19 -27.55 -5.87
C ASN B 99 -46.54 -27.96 -4.44
N PHE B 100 -45.61 -27.65 -3.54
CA PHE B 100 -45.80 -27.87 -2.11
C PHE B 100 -44.96 -26.86 -1.33
N SER B 101 -45.09 -26.90 -0.01
CA SER B 101 -44.42 -25.96 0.87
C SER B 101 -43.59 -26.68 1.92
N ILE B 102 -42.65 -25.95 2.51
CA ILE B 102 -41.87 -26.41 3.65
C ILE B 102 -41.66 -25.22 4.59
N GLN B 103 -41.75 -25.47 5.89
CA GLN B 103 -41.54 -24.45 6.90
C GLN B 103 -40.29 -24.77 7.70
N VAL B 104 -39.44 -23.76 7.91
CA VAL B 104 -38.22 -23.88 8.69
C VAL B 104 -38.26 -22.85 9.80
N ARG B 105 -37.94 -23.28 11.02
CA ARG B 105 -37.88 -22.39 12.18
C ARG B 105 -36.54 -22.55 12.89
N GLN B 106 -35.93 -21.41 13.22
CA GLN B 106 -34.71 -21.39 14.05
C GLN B 106 -35.18 -21.44 15.49
N VAL B 107 -35.17 -22.63 16.08
CA VAL B 107 -35.89 -22.87 17.33
C VAL B 107 -35.21 -22.14 18.49
N GLU B 108 -36.03 -21.57 19.37
CA GLU B 108 -35.53 -20.90 20.56
C GLU B 108 -35.10 -21.92 21.62
N ASP B 109 -34.03 -21.57 22.34
CA ASP B 109 -33.53 -22.38 23.47
C ASP B 109 -33.04 -23.74 22.99
N TYR B 110 -32.30 -23.75 21.89
CA TYR B 110 -31.71 -24.99 21.40
C TYR B 110 -30.37 -25.23 22.10
N PRO B 111 -30.05 -26.48 22.43
CA PRO B 111 -28.76 -26.78 23.07
C PRO B 111 -27.59 -26.40 22.19
N VAL B 112 -26.45 -26.18 22.84
CA VAL B 112 -25.23 -25.71 22.18
C VAL B 112 -24.02 -26.40 22.79
N ASP B 113 -23.08 -26.81 21.93
CA ASP B 113 -21.77 -27.27 22.34
C ASP B 113 -20.72 -26.27 21.85
N ILE B 114 -19.77 -25.95 22.72
CA ILE B 114 -18.68 -25.03 22.37
C ILE B 114 -17.38 -25.70 22.79
N TYR B 115 -16.58 -26.10 21.80
CA TYR B 115 -15.25 -26.66 22.06
C TYR B 115 -14.21 -25.58 21.78
N TYR B 116 -13.48 -25.18 22.82
CA TYR B 116 -12.51 -24.10 22.71
C TYR B 116 -11.15 -24.68 22.37
N LEU B 117 -10.75 -24.53 21.12
CA LEU B 117 -9.48 -25.04 20.62
C LEU B 117 -8.48 -23.90 20.58
N MET B 118 -7.43 -23.99 21.40
CA MET B 118 -6.58 -22.84 21.69
C MET B 118 -5.15 -23.07 21.24
N ASP B 119 -4.59 -22.08 20.54
CA ASP B 119 -3.16 -22.00 20.31
C ASP B 119 -2.45 -21.78 21.64
N LEU B 120 -1.54 -22.69 21.99
CA LEU B 120 -0.72 -22.56 23.19
C LEU B 120 0.77 -22.52 22.85
N SER B 121 1.13 -21.80 21.80
CA SER B 121 2.52 -21.53 21.52
C SER B 121 2.97 -20.29 22.29
N TYR B 122 4.29 -20.12 22.41
CA TYR B 122 4.83 -19.09 23.29
C TYR B 122 4.34 -17.69 22.94
N SER B 123 3.88 -17.48 21.70
CA SER B 123 3.30 -16.19 21.33
C SER B 123 1.94 -15.96 21.97
N MET B 124 1.32 -16.99 22.53
CA MET B 124 0.02 -16.89 23.19
C MET B 124 0.13 -16.88 24.70
N LYS B 125 1.32 -16.59 25.24
CA LYS B 125 1.54 -16.71 26.68
C LYS B 125 0.63 -15.78 27.47
N ASP B 126 0.52 -14.53 27.02
CA ASP B 126 -0.31 -13.57 27.74
C ASP B 126 -1.79 -13.79 27.49
N ASP B 127 -2.15 -14.42 26.37
CA ASP B 127 -3.55 -14.69 26.09
C ASP B 127 -4.13 -15.66 27.11
N LEU B 128 -3.33 -16.61 27.57
CA LEU B 128 -3.84 -17.67 28.42
C LEU B 128 -4.30 -17.13 29.77
N TRP B 129 -3.79 -15.96 30.16
CA TRP B 129 -4.13 -15.37 31.44
C TRP B 129 -5.44 -14.59 31.41
N SER B 130 -6.01 -14.35 30.23
CA SER B 130 -7.24 -13.59 30.12
C SER B 130 -8.50 -14.46 30.06
N ILE B 131 -8.35 -15.77 30.00
CA ILE B 131 -9.49 -16.68 29.85
C ILE B 131 -9.61 -17.64 31.03
N GLN B 132 -8.96 -17.30 32.16
CA GLN B 132 -9.02 -18.17 33.33
C GLN B 132 -10.39 -18.14 34.00
N ASN B 133 -11.21 -17.14 33.70
CA ASN B 133 -12.59 -17.08 34.17
C ASN B 133 -13.58 -17.12 33.02
N LEU B 134 -13.14 -17.49 31.82
CA LEU B 134 -14.01 -17.48 30.65
C LEU B 134 -15.15 -18.48 30.80
N GLY B 135 -14.85 -19.70 31.26
CA GLY B 135 -15.86 -20.73 31.33
C GLY B 135 -17.08 -20.36 32.13
N THR B 136 -16.91 -19.55 33.18
CA THR B 136 -18.03 -19.09 33.99
C THR B 136 -18.70 -17.85 33.38
N LYS B 137 -17.90 -16.85 32.99
CA LYS B 137 -18.47 -15.67 32.34
C LYS B 137 -19.20 -16.04 31.05
N LEU B 138 -18.66 -17.01 30.31
CA LEU B 138 -19.34 -17.48 29.10
C LEU B 138 -20.63 -18.21 29.45
N ALA B 139 -20.61 -18.99 30.53
CA ALA B 139 -21.85 -19.63 30.99
C ALA B 139 -22.88 -18.58 31.40
N THR B 140 -22.43 -17.49 32.01
CA THR B 140 -23.34 -16.43 32.42
C THR B 140 -24.04 -15.81 31.21
N GLN B 141 -23.32 -15.64 30.10
CA GLN B 141 -23.88 -14.93 28.96
C GLN B 141 -24.71 -15.84 28.06
N MET B 142 -24.19 -17.02 27.74
CA MET B 142 -24.94 -17.95 26.90
C MET B 142 -26.24 -18.39 27.55
N ARG B 143 -26.35 -18.27 28.88
CA ARG B 143 -27.55 -18.68 29.60
C ARG B 143 -28.78 -17.90 29.16
N LYS B 144 -28.59 -16.77 28.50
CA LYS B 144 -29.70 -15.97 27.99
C LYS B 144 -30.22 -16.49 26.65
N LEU B 145 -29.57 -17.49 26.07
CA LEU B 145 -29.98 -18.02 24.77
C LEU B 145 -30.26 -19.52 24.78
N THR B 146 -29.74 -20.27 25.76
CA THR B 146 -29.94 -21.70 25.82
C THR B 146 -29.80 -22.16 27.26
N SER B 147 -30.49 -23.25 27.59
CA SER B 147 -30.38 -23.86 28.91
C SER B 147 -29.64 -25.19 28.87
N ASN B 148 -29.00 -25.51 27.75
CA ASN B 148 -28.22 -26.75 27.61
C ASN B 148 -26.88 -26.40 26.96
N LEU B 149 -26.00 -25.77 27.73
CA LEU B 149 -24.66 -25.44 27.27
C LEU B 149 -23.67 -26.49 27.77
N ARG B 150 -22.77 -26.91 26.88
CA ARG B 150 -21.64 -27.74 27.25
C ARG B 150 -20.39 -27.14 26.63
N ILE B 151 -19.31 -27.10 27.40
CA ILE B 151 -18.06 -26.51 26.94
C ILE B 151 -16.91 -27.49 27.16
N GLY B 152 -15.88 -27.36 26.33
CA GLY B 152 -14.70 -28.20 26.41
C GLY B 152 -13.49 -27.41 25.98
N PHE B 153 -12.32 -28.04 26.06
CA PHE B 153 -11.09 -27.33 25.80
C PHE B 153 -10.06 -28.24 25.15
N GLY B 154 -9.34 -27.71 24.17
CA GLY B 154 -8.23 -28.41 23.58
C GLY B 154 -7.13 -27.42 23.21
N ALA B 155 -5.92 -27.94 23.06
CA ALA B 155 -4.77 -27.09 22.79
C ALA B 155 -3.90 -27.71 21.71
N PHE B 156 -3.20 -26.84 20.98
CA PHE B 156 -2.28 -27.25 19.93
C PHE B 156 -1.09 -26.31 19.90
N VAL B 157 0.02 -26.81 19.36
CA VAL B 157 1.17 -25.96 19.04
C VAL B 157 1.54 -26.22 17.59
N ASP B 158 2.34 -27.27 17.36
CA ASP B 158 2.84 -27.61 16.04
C ASP B 158 3.33 -29.04 16.09
N LYS B 159 3.80 -29.55 14.95
CA LYS B 159 4.32 -30.90 14.89
C LYS B 159 5.63 -30.97 15.67
N PRO B 160 5.76 -31.85 16.67
CA PRO B 160 7.01 -31.95 17.44
C PRO B 160 8.08 -32.75 16.70
N VAL B 161 8.67 -32.10 15.70
CA VAL B 161 9.73 -32.70 14.90
C VAL B 161 10.57 -31.56 14.33
N SER B 162 11.87 -31.80 14.20
CA SER B 162 12.73 -30.83 13.54
C SER B 162 12.21 -30.58 12.13
N PRO B 163 12.20 -29.32 11.66
CA PRO B 163 12.77 -28.12 12.30
C PRO B 163 11.79 -27.27 13.11
N TYR B 164 10.51 -27.65 13.19
CA TYR B 164 9.58 -26.87 14.01
C TYR B 164 10.02 -26.86 15.47
N MET B 165 10.58 -27.97 15.92
CA MET B 165 10.93 -28.18 17.32
C MET B 165 12.43 -28.00 17.51
N TYR B 166 12.81 -27.18 18.48
CA TYR B 166 14.20 -27.13 18.89
C TYR B 166 14.63 -28.50 19.41
N ILE B 167 15.74 -29.01 18.89
CA ILE B 167 16.16 -30.37 19.23
C ILE B 167 17.55 -30.38 19.89
N SER B 168 18.04 -29.23 20.34
CA SER B 168 19.33 -29.17 21.01
C SER B 168 19.36 -27.93 21.87
N PRO B 169 20.03 -27.98 23.05
CA PRO B 169 20.68 -29.12 23.70
C PRO B 169 19.67 -30.17 24.17
N PRO B 170 20.11 -31.30 24.75
CA PRO B 170 19.14 -32.28 25.25
C PRO B 170 18.11 -31.68 26.20
N GLU B 171 18.51 -30.72 27.03
CA GLU B 171 17.57 -30.07 27.93
C GLU B 171 16.43 -29.41 27.17
N ALA B 172 16.73 -28.87 25.98
CA ALA B 172 15.73 -28.14 25.22
C ALA B 172 14.53 -29.00 24.84
N LEU B 173 14.67 -30.32 24.86
CA LEU B 173 13.53 -31.19 24.56
C LEU B 173 12.56 -31.25 25.73
N GLU B 174 13.08 -31.32 26.95
CA GLU B 174 12.21 -31.28 28.13
C GLU B 174 11.72 -29.87 28.42
N ASN B 175 12.51 -28.85 28.07
CA ASN B 175 12.14 -27.46 28.29
C ASN B 175 12.62 -26.64 27.10
N PRO B 176 11.74 -26.36 26.14
CA PRO B 176 12.16 -25.56 24.97
C PRO B 176 12.65 -24.18 25.33
N CYS B 177 12.09 -23.58 26.38
CA CYS B 177 12.47 -22.25 26.83
C CYS B 177 13.80 -22.24 27.58
N TYR B 178 14.56 -23.35 27.51
CA TYR B 178 15.84 -23.51 28.19
C TYR B 178 16.77 -22.31 28.00
N ASP B 179 17.10 -21.99 26.75
CA ASP B 179 18.09 -20.95 26.49
C ASP B 179 17.64 -19.57 26.95
N MET B 180 16.37 -19.40 27.35
CA MET B 180 15.93 -18.17 27.97
C MET B 180 16.07 -18.29 29.48
N LYS B 181 15.17 -17.66 30.24
CA LYS B 181 15.19 -17.73 31.70
C LYS B 181 13.85 -18.19 32.24
N THR B 182 13.18 -19.10 31.54
CA THR B 182 11.88 -19.61 31.96
C THR B 182 11.80 -21.10 31.68
N THR B 183 10.71 -21.70 32.12
CA THR B 183 10.36 -23.09 31.83
C THR B 183 9.04 -23.12 31.07
N CYS B 184 8.98 -23.95 30.04
CA CYS B 184 7.75 -24.23 29.33
C CYS B 184 7.62 -25.74 29.12
N LEU B 185 6.41 -26.15 28.76
CA LEU B 185 6.16 -27.56 28.50
C LEU B 185 6.99 -28.03 27.31
N PRO B 186 7.30 -29.32 27.25
CA PRO B 186 7.80 -29.88 25.98
C PRO B 186 6.77 -29.65 24.88
N MET B 187 7.24 -29.71 23.65
CA MET B 187 6.35 -29.47 22.53
C MET B 187 5.32 -30.60 22.42
N PHE B 188 4.14 -30.24 21.94
CA PHE B 188 3.08 -31.19 21.66
C PHE B 188 2.33 -30.74 20.43
N GLY B 189 1.80 -31.72 19.68
CA GLY B 189 1.00 -31.39 18.53
C GLY B 189 -0.38 -30.87 18.88
N TYR B 190 -1.26 -31.78 19.30
CA TYR B 190 -2.59 -31.44 19.77
C TYR B 190 -2.93 -32.35 20.94
N LYS B 191 -3.47 -31.77 22.00
CA LYS B 191 -3.91 -32.54 23.14
C LYS B 191 -5.34 -32.14 23.51
N HIS B 192 -6.19 -33.15 23.66
CA HIS B 192 -7.51 -32.97 24.21
C HIS B 192 -7.41 -32.81 25.72
N VAL B 193 -8.10 -31.80 26.25
CA VAL B 193 -8.02 -31.45 27.66
C VAL B 193 -9.34 -31.72 28.37
N LEU B 194 -10.43 -31.15 27.88
CA LEU B 194 -11.72 -31.23 28.56
C LEU B 194 -12.80 -31.63 27.57
N THR B 195 -13.39 -32.81 27.80
CA THR B 195 -14.57 -33.22 27.05
C THR B 195 -15.73 -32.27 27.33
N LEU B 196 -16.59 -32.08 26.33
CA LEU B 196 -17.74 -31.21 26.46
C LEU B 196 -18.58 -31.59 27.67
N THR B 197 -18.65 -30.67 28.64
CA THR B 197 -19.40 -30.86 29.87
C THR B 197 -20.19 -29.61 30.18
N ASP B 198 -21.25 -29.78 30.97
CA ASP B 198 -22.05 -28.65 31.43
C ASP B 198 -21.51 -28.03 32.72
N GLN B 199 -20.55 -28.68 33.38
CA GLN B 199 -19.94 -28.18 34.61
C GLN B 199 -18.86 -27.18 34.22
N VAL B 200 -19.25 -25.91 34.10
CA VAL B 200 -18.36 -24.90 33.53
C VAL B 200 -17.17 -24.59 34.41
N THR B 201 -17.22 -24.91 35.70
CA THR B 201 -16.05 -24.69 36.56
C THR B 201 -14.93 -25.67 36.25
N ARG B 202 -15.24 -26.78 35.57
CA ARG B 202 -14.18 -27.67 35.09
C ARG B 202 -13.35 -26.97 34.01
N PHE B 203 -13.99 -26.18 33.16
CA PHE B 203 -13.28 -25.36 32.19
C PHE B 203 -12.27 -24.44 32.88
N ASN B 204 -12.77 -23.56 33.77
CA ASN B 204 -11.92 -22.64 34.51
C ASN B 204 -10.70 -23.34 35.11
N GLU B 205 -10.93 -24.46 35.79
CA GLU B 205 -9.86 -25.12 36.52
C GLU B 205 -8.89 -25.85 35.60
N GLU B 206 -9.38 -26.45 34.52
CA GLU B 206 -8.46 -27.03 33.55
C GLU B 206 -7.65 -25.96 32.85
N VAL B 207 -8.26 -24.80 32.58
CA VAL B 207 -7.54 -23.69 31.96
C VAL B 207 -6.45 -23.19 32.89
N LYS B 208 -6.78 -23.02 34.17
CA LYS B 208 -5.82 -22.50 35.15
C LYS B 208 -4.61 -23.41 35.30
N LYS B 209 -4.70 -24.66 34.86
CA LYS B 209 -3.58 -25.59 34.90
C LYS B 209 -2.80 -25.66 33.60
N GLN B 210 -3.26 -24.99 32.54
CA GLN B 210 -2.59 -25.06 31.25
C GLN B 210 -1.44 -24.06 31.19
N SER B 211 -0.44 -24.39 30.38
CA SER B 211 0.69 -23.50 30.13
C SER B 211 1.20 -23.73 28.71
N VAL B 212 2.06 -22.82 28.26
CA VAL B 212 2.44 -22.75 26.85
C VAL B 212 3.69 -23.59 26.60
N SER B 213 3.92 -23.90 25.32
CA SER B 213 5.17 -24.47 24.87
C SER B 213 5.84 -23.51 23.89
N ARG B 214 6.81 -23.98 23.12
CA ARG B 214 7.57 -23.10 22.25
C ARG B 214 8.10 -23.89 21.06
N ASN B 215 7.91 -23.36 19.86
CA ASN B 215 8.47 -23.94 18.65
C ASN B 215 9.15 -22.85 17.83
N ARG B 216 9.71 -23.22 16.68
CA ARG B 216 10.65 -22.36 15.98
C ARG B 216 9.98 -21.47 14.92
N ASP B 217 9.04 -22.02 14.15
CA ASP B 217 8.49 -21.31 13.00
C ASP B 217 7.13 -20.70 13.31
N ALA B 218 6.95 -19.46 12.88
CA ALA B 218 5.77 -18.66 13.24
C ALA B 218 4.44 -19.32 12.94
N PRO B 219 4.21 -19.95 11.78
CA PRO B 219 2.93 -20.64 11.59
C PRO B 219 2.85 -21.88 12.47
N GLU B 220 1.64 -22.22 12.89
CA GLU B 220 1.42 -23.29 13.84
C GLU B 220 0.50 -24.35 13.26
N GLY B 221 0.51 -25.51 13.90
CA GLY B 221 -0.22 -26.67 13.39
C GLY B 221 -1.65 -26.75 13.86
N GLY B 222 -2.39 -25.65 13.72
CA GLY B 222 -3.76 -25.64 14.22
C GLY B 222 -4.69 -26.54 13.44
N PHE B 223 -4.47 -26.63 12.13
CA PHE B 223 -5.40 -27.39 11.28
C PHE B 223 -5.41 -28.86 11.65
N ASP B 224 -4.25 -29.40 12.03
CA ASP B 224 -4.19 -30.76 12.55
C ASP B 224 -5.19 -30.94 13.69
N ALA B 225 -5.27 -29.94 14.58
CA ALA B 225 -6.16 -30.02 15.72
C ALA B 225 -7.62 -29.90 15.32
N ILE B 226 -7.91 -29.04 14.34
CA ILE B 226 -9.28 -28.89 13.86
C ILE B 226 -9.80 -30.21 13.30
N MET B 227 -8.94 -30.93 12.58
CA MET B 227 -9.33 -32.24 12.04
C MET B 227 -9.68 -33.20 13.16
N GLN B 228 -8.78 -33.36 14.13
CA GLN B 228 -9.01 -34.33 15.20
C GLN B 228 -10.23 -33.95 16.04
N ALA B 229 -10.36 -32.67 16.35
CA ALA B 229 -11.50 -32.22 17.14
C ALA B 229 -12.82 -32.48 16.44
N THR B 230 -12.79 -32.71 15.12
CA THR B 230 -13.98 -32.95 14.34
C THR B 230 -14.31 -34.44 14.22
N VAL B 231 -13.33 -35.25 13.82
CA VAL B 231 -13.58 -36.66 13.52
C VAL B 231 -13.48 -37.54 14.74
N CYS B 232 -13.18 -36.99 15.91
CA CYS B 232 -13.17 -37.77 17.15
C CYS B 232 -14.41 -37.39 17.97
N ASP B 233 -15.56 -37.85 17.50
CA ASP B 233 -16.84 -37.52 18.15
C ASP B 233 -16.81 -37.91 19.62
N GLU B 234 -16.54 -39.18 19.88
CA GLU B 234 -16.76 -39.74 21.22
C GLU B 234 -15.86 -39.10 22.26
N LYS B 235 -14.67 -38.66 21.86
CA LYS B 235 -13.73 -38.09 22.82
C LYS B 235 -14.05 -36.62 23.11
N ILE B 236 -14.34 -35.84 22.08
CA ILE B 236 -14.73 -34.45 22.29
C ILE B 236 -16.11 -34.38 22.92
N GLY B 237 -17.00 -35.28 22.52
CA GLY B 237 -18.30 -35.38 23.15
C GLY B 237 -19.38 -34.52 22.58
N TRP B 238 -19.36 -34.26 21.27
CA TRP B 238 -20.47 -33.56 20.64
C TRP B 238 -21.76 -34.35 20.82
N ARG B 239 -22.86 -33.61 20.97
CA ARG B 239 -24.17 -34.22 21.15
C ARG B 239 -24.89 -34.29 19.80
N ASN B 240 -25.80 -35.25 19.68
CA ASN B 240 -26.48 -35.47 18.40
C ASN B 240 -27.40 -34.31 18.05
N ASP B 241 -28.13 -33.77 19.01
CA ASP B 241 -29.12 -32.73 18.78
C ASP B 241 -28.68 -31.45 19.48
N ALA B 242 -27.68 -30.78 18.91
CA ALA B 242 -27.21 -29.52 19.45
C ALA B 242 -26.39 -28.80 18.38
N SER B 243 -26.27 -27.48 18.54
CA SER B 243 -25.39 -26.71 17.68
C SER B 243 -23.95 -26.90 18.13
N HIS B 244 -23.08 -27.27 17.19
CA HIS B 244 -21.69 -27.55 17.48
C HIS B 244 -20.85 -26.34 17.07
N LEU B 245 -20.17 -25.73 18.03
CA LEU B 245 -19.31 -24.59 17.78
C LEU B 245 -17.86 -24.97 18.08
N LEU B 246 -16.97 -24.68 17.13
CA LEU B 246 -15.55 -25.00 17.26
C LEU B 246 -14.78 -23.68 17.20
N VAL B 247 -14.39 -23.17 18.36
CA VAL B 247 -13.71 -21.88 18.47
C VAL B 247 -12.21 -22.09 18.29
N PHE B 248 -11.65 -21.49 17.26
CA PHE B 248 -10.24 -21.61 16.91
C PHE B 248 -9.58 -20.26 17.14
N THR B 249 -8.67 -20.19 18.12
CA THR B 249 -7.98 -18.96 18.46
C THR B 249 -6.50 -19.09 18.17
N THR B 250 -5.94 -18.10 17.48
CA THR B 250 -4.51 -18.06 17.22
C THR B 250 -4.12 -16.62 16.86
N ASP B 251 -2.81 -16.36 16.86
CA ASP B 251 -2.28 -15.04 16.54
C ASP B 251 -1.27 -15.08 15.40
N ALA B 252 -1.37 -16.07 14.53
CA ALA B 252 -0.33 -16.29 13.52
C ALA B 252 -0.91 -17.06 12.36
N LYS B 253 -0.13 -17.14 11.28
CA LYS B 253 -0.44 -17.98 10.15
C LYS B 253 -0.59 -19.43 10.60
N THR B 254 -1.14 -20.26 9.72
CA THR B 254 -1.28 -21.67 10.00
C THR B 254 -0.58 -22.47 8.92
N HIS B 255 -0.14 -23.68 9.27
CA HIS B 255 0.35 -24.60 8.27
C HIS B 255 -0.81 -25.23 7.51
N ILE B 256 -0.57 -25.57 6.24
CA ILE B 256 -1.57 -26.18 5.39
C ILE B 256 -1.00 -27.47 4.81
N ALA B 257 -1.82 -28.17 4.02
CA ALA B 257 -1.39 -29.44 3.45
C ALA B 257 -0.18 -29.23 2.55
N LEU B 258 0.76 -30.18 2.63
CA LEU B 258 2.03 -30.29 1.89
C LEU B 258 3.14 -29.48 2.53
N ASP B 259 2.86 -28.71 3.59
CA ASP B 259 3.94 -28.12 4.38
C ASP B 259 4.77 -29.19 5.09
N GLY B 260 4.16 -30.33 5.42
CA GLY B 260 4.86 -31.32 6.22
C GLY B 260 6.10 -31.89 5.56
N ARG B 261 6.28 -31.64 4.26
CA ARG B 261 7.48 -32.14 3.58
C ARG B 261 8.74 -31.47 4.09
N LEU B 262 8.62 -30.31 4.76
CA LEU B 262 9.80 -29.72 5.39
C LEU B 262 10.21 -30.44 6.67
N ALA B 263 9.47 -31.46 7.10
CA ALA B 263 9.88 -32.31 8.20
C ALA B 263 10.05 -33.75 7.77
N GLY B 264 10.08 -34.02 6.47
CA GLY B 264 10.15 -35.37 5.95
C GLY B 264 8.82 -36.08 5.87
N ILE B 265 7.72 -35.42 6.22
CA ILE B 265 6.40 -36.04 6.25
C ILE B 265 5.75 -35.86 4.89
N VAL B 266 5.40 -36.98 4.24
CA VAL B 266 4.72 -36.93 2.95
C VAL B 266 3.38 -37.64 2.96
N GLN B 267 3.08 -38.47 3.96
CA GLN B 267 1.84 -39.24 3.97
C GLN B 267 0.64 -38.31 4.06
N PRO B 268 -0.32 -38.40 3.13
CA PRO B 268 -1.48 -37.51 3.20
C PRO B 268 -2.33 -37.76 4.44
N ASN B 269 -3.01 -36.71 4.90
CA ASN B 269 -3.91 -36.81 6.03
C ASN B 269 -5.08 -37.73 5.69
N ASP B 270 -5.34 -38.73 6.54
CA ASP B 270 -6.35 -39.73 6.25
C ASP B 270 -7.72 -39.40 6.82
N GLY B 271 -7.86 -38.30 7.57
CA GLY B 271 -9.18 -37.91 8.04
C GLY B 271 -9.77 -38.83 9.08
N GLN B 272 -8.96 -39.71 9.66
CA GLN B 272 -9.40 -40.61 10.70
C GLN B 272 -8.97 -40.08 12.06
N CYS B 273 -9.60 -40.60 13.11
CA CYS B 273 -9.26 -40.18 14.46
C CYS B 273 -8.01 -40.90 14.93
N HIS B 274 -7.08 -40.15 15.52
CA HIS B 274 -5.82 -40.71 16.01
C HIS B 274 -5.46 -40.15 17.39
N VAL B 275 -6.46 -39.89 18.22
CA VAL B 275 -6.25 -39.40 19.58
C VAL B 275 -6.56 -40.55 20.53
N GLY B 276 -5.53 -41.07 21.18
CA GLY B 276 -5.66 -42.26 21.99
C GLY B 276 -6.14 -41.97 23.40
N SER B 277 -5.90 -42.94 24.28
CA SER B 277 -6.29 -42.78 25.68
C SER B 277 -5.50 -41.68 26.36
N ASP B 278 -4.27 -41.42 25.90
CA ASP B 278 -3.44 -40.36 26.46
C ASP B 278 -3.83 -38.98 25.97
N ASN B 279 -4.87 -38.87 25.14
CA ASN B 279 -5.44 -37.60 24.69
C ASN B 279 -4.46 -36.75 23.89
N HIS B 280 -3.46 -37.37 23.27
CA HIS B 280 -2.55 -36.69 22.36
C HIS B 280 -2.71 -37.23 20.94
N TYR B 281 -2.49 -36.36 19.97
CA TYR B 281 -2.59 -36.74 18.56
C TYR B 281 -1.33 -37.49 18.15
N SER B 282 -1.47 -38.79 17.89
CA SER B 282 -0.33 -39.67 17.73
C SER B 282 0.27 -39.66 16.32
N ALA B 283 -0.47 -39.22 15.31
CA ALA B 283 0.04 -39.16 13.95
C ALA B 283 0.68 -37.81 13.64
N SER B 284 0.85 -36.96 14.65
CA SER B 284 1.35 -35.61 14.43
C SER B 284 2.70 -35.61 13.73
N THR B 285 3.54 -36.59 14.02
CA THR B 285 4.89 -36.65 13.46
C THR B 285 5.00 -37.62 12.29
N THR B 286 3.88 -38.18 11.82
CA THR B 286 3.93 -39.15 10.72
C THR B 286 2.87 -38.88 9.65
N MET B 287 2.12 -37.78 9.74
CA MET B 287 1.01 -37.56 8.84
C MET B 287 0.88 -36.06 8.55
N ASP B 288 0.71 -35.73 7.27
CA ASP B 288 0.70 -34.35 6.83
C ASP B 288 -0.50 -33.59 7.39
N TYR B 289 -0.39 -32.26 7.38
CA TYR B 289 -1.50 -31.40 7.74
C TYR B 289 -2.68 -31.66 6.80
N PRO B 290 -3.89 -31.34 7.22
CA PRO B 290 -5.05 -31.59 6.35
C PRO B 290 -5.25 -30.48 5.33
N SER B 291 -5.84 -30.85 4.21
CA SER B 291 -6.17 -29.88 3.17
C SER B 291 -7.48 -29.18 3.50
N LEU B 292 -7.66 -27.98 2.92
CA LEU B 292 -8.88 -27.22 3.17
C LEU B 292 -10.11 -28.00 2.72
N GLY B 293 -9.96 -28.86 1.72
CA GLY B 293 -11.07 -29.65 1.23
C GLY B 293 -11.40 -30.81 2.15
N LEU B 294 -10.38 -31.50 2.65
CA LEU B 294 -10.63 -32.58 3.60
C LEU B 294 -11.28 -32.05 4.87
N MET B 295 -10.85 -30.88 5.33
CA MET B 295 -11.46 -30.27 6.50
C MET B 295 -12.93 -29.97 6.26
N THR B 296 -13.25 -29.37 5.12
CA THR B 296 -14.63 -29.00 4.81
C THR B 296 -15.51 -30.23 4.78
N GLU B 297 -14.99 -31.35 4.28
CA GLU B 297 -15.76 -32.58 4.21
C GLU B 297 -16.16 -33.07 5.60
N LYS B 298 -15.23 -32.97 6.57
CA LYS B 298 -15.50 -33.52 7.89
C LYS B 298 -16.32 -32.56 8.75
N LEU B 299 -16.09 -31.25 8.63
CA LEU B 299 -16.92 -30.29 9.34
C LEU B 299 -18.38 -30.41 8.94
N SER B 300 -18.63 -30.54 7.64
CA SER B 300 -20.00 -30.67 7.15
C SER B 300 -20.60 -32.01 7.55
N GLN B 301 -19.77 -33.05 7.58
CA GLN B 301 -20.24 -34.39 7.94
C GLN B 301 -20.66 -34.47 9.40
N LYS B 302 -19.97 -33.73 10.28
CA LYS B 302 -20.27 -33.71 11.70
C LYS B 302 -21.10 -32.49 12.11
N ASN B 303 -21.52 -31.67 11.13
CA ASN B 303 -22.30 -30.46 11.40
C ASN B 303 -21.57 -29.52 12.36
N ILE B 304 -20.28 -29.32 12.12
CA ILE B 304 -19.46 -28.45 12.95
C ILE B 304 -19.42 -27.06 12.33
N ASN B 305 -19.58 -26.04 13.17
CA ASN B 305 -19.42 -24.65 12.74
C ASN B 305 -18.08 -24.15 13.25
N LEU B 306 -17.14 -23.92 12.32
CA LEU B 306 -15.83 -23.42 12.69
C LEU B 306 -15.87 -21.91 12.86
N ILE B 307 -15.24 -21.43 13.93
CA ILE B 307 -15.19 -20.00 14.25
C ILE B 307 -13.73 -19.59 14.34
N PHE B 308 -13.31 -18.68 13.46
CA PHE B 308 -11.94 -18.17 13.45
C PHE B 308 -11.87 -16.93 14.33
N ALA B 309 -11.44 -17.11 15.58
CA ALA B 309 -11.23 -16.01 16.51
C ALA B 309 -9.73 -15.71 16.51
N VAL B 310 -9.30 -14.83 15.63
CA VAL B 310 -7.89 -14.53 15.44
C VAL B 310 -7.67 -13.03 15.62
N THR B 311 -6.40 -12.66 15.70
CA THR B 311 -6.00 -11.29 15.97
C THR B 311 -5.89 -10.48 14.67
N GLU B 312 -5.88 -9.16 14.84
CA GLU B 312 -5.99 -8.24 13.70
C GLU B 312 -4.95 -8.53 12.63
N ASN B 313 -3.73 -8.85 13.04
CA ASN B 313 -2.65 -9.05 12.08
C ASN B 313 -2.91 -10.20 11.12
N VAL B 314 -3.91 -11.05 11.37
CA VAL B 314 -4.15 -12.20 10.51
C VAL B 314 -5.64 -12.38 10.22
N VAL B 315 -6.43 -11.32 10.39
N VAL B 315 -6.43 -11.32 10.43
CA VAL B 315 -7.86 -11.44 10.14
CA VAL B 315 -7.86 -11.40 10.14
C VAL B 315 -8.13 -11.61 8.65
C VAL B 315 -8.09 -11.64 8.65
N ASN B 316 -7.39 -10.88 7.80
CA ASN B 316 -7.59 -11.01 6.36
C ASN B 316 -7.25 -12.40 5.87
N LEU B 317 -6.19 -12.98 6.41
CA LEU B 317 -5.82 -14.35 6.08
C LEU B 317 -6.98 -15.31 6.35
N TYR B 318 -7.47 -15.31 7.60
CA TYR B 318 -8.51 -16.25 7.96
C TYR B 318 -9.87 -15.87 7.39
N GLN B 319 -10.11 -14.59 7.09
CA GLN B 319 -11.31 -14.24 6.35
CA GLN B 319 -11.31 -14.23 6.34
C GLN B 319 -11.30 -14.87 4.96
N ASN B 320 -10.12 -15.00 4.36
CA ASN B 320 -10.00 -15.58 3.03
C ASN B 320 -10.14 -17.09 3.06
N TYR B 321 -9.59 -17.75 4.08
CA TYR B 321 -9.86 -19.17 4.28
C TYR B 321 -11.34 -19.40 4.53
N SER B 322 -11.97 -18.50 5.29
CA SER B 322 -13.39 -18.62 5.60
C SER B 322 -14.24 -18.67 4.35
N GLU B 323 -13.82 -18.00 3.29
CA GLU B 323 -14.54 -18.05 2.03
C GLU B 323 -14.30 -19.37 1.28
N LEU B 324 -13.22 -20.08 1.57
CA LEU B 324 -12.96 -21.39 0.99
C LEU B 324 -13.56 -22.52 1.81
N ILE B 325 -14.00 -22.26 3.04
CA ILE B 325 -14.67 -23.24 3.87
C ILE B 325 -16.06 -22.72 4.22
N PRO B 326 -17.06 -22.91 3.35
CA PRO B 326 -18.36 -22.26 3.56
C PRO B 326 -18.99 -22.63 4.89
N GLY B 327 -19.67 -21.65 5.49
CA GLY B 327 -20.24 -21.79 6.81
C GLY B 327 -19.34 -21.33 7.94
N THR B 328 -18.11 -20.92 7.64
CA THR B 328 -17.17 -20.49 8.66
C THR B 328 -17.38 -19.02 9.00
N THR B 329 -17.19 -18.69 10.28
CA THR B 329 -17.30 -17.33 10.79
C THR B 329 -15.93 -16.87 11.29
N VAL B 330 -15.67 -15.58 11.17
CA VAL B 330 -14.44 -14.97 11.64
C VAL B 330 -14.78 -13.88 12.65
N GLY B 331 -13.96 -13.76 13.68
CA GLY B 331 -14.07 -12.64 14.61
C GLY B 331 -12.69 -12.13 14.94
N VAL B 332 -12.64 -10.86 15.32
CA VAL B 332 -11.36 -10.21 15.63
C VAL B 332 -11.08 -10.39 17.11
N LEU B 333 -9.93 -10.98 17.41
CA LEU B 333 -9.50 -11.24 18.78
C LEU B 333 -8.43 -10.24 19.18
N SER B 334 -8.58 -9.65 20.37
CA SER B 334 -7.55 -8.75 20.88
C SER B 334 -6.27 -9.53 21.15
N MET B 335 -5.18 -8.80 21.37
CA MET B 335 -3.87 -9.42 21.54
C MET B 335 -3.79 -10.32 22.76
N ASP B 336 -4.75 -10.24 23.67
CA ASP B 336 -4.74 -11.03 24.89
C ASP B 336 -5.96 -11.95 25.00
N SER B 337 -6.80 -12.01 23.97
CA SER B 337 -8.03 -12.81 23.99
C SER B 337 -9.02 -12.27 25.02
N SER B 338 -8.94 -10.97 25.30
CA SER B 338 -9.81 -10.39 26.32
C SER B 338 -11.26 -10.31 25.83
N ASN B 339 -11.47 -10.15 24.53
CA ASN B 339 -12.81 -10.02 23.97
C ASN B 339 -13.36 -11.32 23.42
N VAL B 340 -12.76 -12.46 23.77
CA VAL B 340 -13.19 -13.74 23.21
C VAL B 340 -14.60 -14.10 23.64
N LEU B 341 -15.06 -13.54 24.77
CA LEU B 341 -16.41 -13.84 25.25
C LEU B 341 -17.47 -13.26 24.31
N GLN B 342 -17.41 -11.95 24.09
CA GLN B 342 -18.38 -11.31 23.20
C GLN B 342 -18.25 -11.83 21.78
N LEU B 343 -17.04 -12.21 21.36
CA LEU B 343 -16.83 -12.72 20.01
C LEU B 343 -17.65 -13.98 19.77
N ILE B 344 -17.62 -14.91 20.72
CA ILE B 344 -18.32 -16.18 20.56
C ILE B 344 -19.83 -15.96 20.45
N VAL B 345 -20.36 -15.02 21.24
CA VAL B 345 -21.80 -14.81 21.26
C VAL B 345 -22.28 -14.19 19.94
N ASP B 346 -21.49 -13.28 19.38
CA ASP B 346 -21.87 -12.68 18.10
C ASP B 346 -21.76 -13.69 16.96
N ALA B 347 -20.78 -14.59 17.03
CA ALA B 347 -20.67 -15.64 16.02
C ALA B 347 -21.88 -16.56 16.07
N TYR B 348 -22.32 -16.95 17.27
CA TYR B 348 -23.48 -17.81 17.40
C TYR B 348 -24.73 -17.13 16.83
N GLY B 349 -24.83 -15.81 16.96
CA GLY B 349 -25.93 -15.10 16.33
C GLY B 349 -25.81 -15.09 14.82
N LYS B 350 -24.59 -14.80 14.32
CA LYS B 350 -24.36 -14.82 12.88
C LYS B 350 -24.54 -16.21 12.30
N ILE B 351 -24.36 -17.25 13.12
CA ILE B 351 -24.51 -18.62 12.63
C ILE B 351 -25.98 -18.95 12.40
N ARG B 352 -26.81 -18.71 13.40
CA ARG B 352 -28.23 -19.04 13.32
C ARG B 352 -29.06 -17.92 12.70
N SER B 353 -28.42 -17.02 11.95
CA SER B 353 -29.11 -15.96 11.24
C SER B 353 -29.50 -16.34 9.82
N LYS B 354 -29.17 -17.56 9.38
CA LYS B 354 -29.39 -17.97 8.01
C LYS B 354 -30.10 -19.32 7.96
N VAL B 355 -30.97 -19.48 6.96
CA VAL B 355 -31.61 -20.74 6.63
C VAL B 355 -31.41 -20.97 5.14
N GLU B 356 -30.66 -22.00 4.79
CA GLU B 356 -30.37 -22.33 3.40
C GLU B 356 -30.78 -23.77 3.13
N LEU B 357 -31.62 -23.97 2.11
CA LEU B 357 -32.14 -25.29 1.81
C LEU B 357 -31.13 -26.11 1.00
N GLU B 358 -31.32 -27.42 1.04
CA GLU B 358 -30.43 -28.36 0.37
C GLU B 358 -31.24 -29.59 -0.04
N VAL B 359 -30.89 -30.14 -1.19
CA VAL B 359 -31.63 -31.26 -1.78
C VAL B 359 -30.67 -32.44 -1.92
N ARG B 360 -31.02 -33.56 -1.30
CA ARG B 360 -30.22 -34.78 -1.34
C ARG B 360 -30.96 -35.86 -2.12
N ASP B 361 -30.25 -36.53 -3.02
CA ASP B 361 -30.76 -37.71 -3.74
C ASP B 361 -31.92 -37.37 -4.66
N LEU B 362 -31.88 -36.20 -5.29
CA LEU B 362 -32.93 -35.82 -6.23
C LEU B 362 -32.76 -36.59 -7.53
N PRO B 363 -33.78 -37.31 -8.00
CA PRO B 363 -33.67 -38.01 -9.27
C PRO B 363 -33.32 -37.06 -10.41
N GLU B 364 -32.64 -37.60 -11.42
CA GLU B 364 -32.19 -36.79 -12.55
C GLU B 364 -33.36 -36.22 -13.35
N GLU B 365 -34.45 -36.97 -13.49
CA GLU B 365 -35.60 -36.49 -14.25
C GLU B 365 -36.44 -35.45 -13.51
N LEU B 366 -36.20 -35.25 -12.22
CA LEU B 366 -36.92 -34.25 -11.43
C LEU B 366 -36.11 -32.95 -11.36
N SER B 367 -36.78 -31.83 -11.60
CA SER B 367 -36.19 -30.50 -11.44
C SER B 367 -37.03 -29.69 -10.48
N LEU B 368 -36.38 -28.90 -9.64
CA LEU B 368 -37.05 -28.16 -8.59
C LEU B 368 -36.85 -26.67 -8.76
N SER B 369 -37.75 -25.90 -8.15
CA SER B 369 -37.70 -24.44 -8.15
C SER B 369 -38.31 -23.94 -6.85
N PHE B 370 -37.77 -22.84 -6.33
CA PHE B 370 -38.05 -22.40 -4.97
C PHE B 370 -38.47 -20.94 -4.94
N ASN B 371 -39.36 -20.60 -4.01
CA ASN B 371 -39.77 -19.24 -3.73
C ASN B 371 -39.65 -19.00 -2.24
N ALA B 372 -38.68 -18.17 -1.85
CA ALA B 372 -38.40 -17.90 -0.45
C ALA B 372 -39.30 -16.79 0.07
N THR B 373 -39.68 -16.91 1.34
CA THR B 373 -40.44 -15.89 2.06
C THR B 373 -39.68 -15.55 3.33
N CYS B 374 -38.67 -14.70 3.20
CA CYS B 374 -37.97 -14.18 4.36
C CYS B 374 -38.59 -12.87 4.79
N LEU B 375 -38.31 -12.47 6.03
CA LEU B 375 -38.80 -11.22 6.61
C LEU B 375 -40.34 -11.25 6.60
N ASN B 376 -40.97 -10.07 6.47
CA ASN B 376 -42.41 -9.94 6.66
C ASN B 376 -43.14 -10.34 5.38
N ASN B 377 -43.37 -11.65 5.26
CA ASN B 377 -44.21 -12.24 4.21
C ASN B 377 -43.79 -11.81 2.81
N GLU B 378 -42.56 -11.33 2.66
CA GLU B 378 -42.07 -10.87 1.37
C GLU B 378 -41.60 -12.08 0.56
N VAL B 379 -42.19 -12.26 -0.62
CA VAL B 379 -41.87 -13.40 -1.47
C VAL B 379 -40.65 -13.05 -2.32
N ILE B 380 -39.70 -13.98 -2.39
CA ILE B 380 -38.46 -13.78 -3.13
C ILE B 380 -38.29 -14.95 -4.10
N PRO B 381 -38.75 -14.82 -5.35
CA PRO B 381 -38.74 -15.98 -6.25
C PRO B 381 -37.33 -16.41 -6.63
N GLY B 382 -37.19 -17.70 -6.94
CA GLY B 382 -35.90 -18.23 -7.35
C GLY B 382 -34.84 -18.24 -6.28
N LEU B 383 -35.23 -18.16 -5.01
CA LEU B 383 -34.29 -18.15 -3.89
C LEU B 383 -34.63 -19.25 -2.92
N LYS B 384 -33.61 -19.95 -2.43
CA LYS B 384 -33.78 -21.07 -1.51
C LYS B 384 -33.03 -20.84 -0.20
N SER B 385 -32.75 -19.59 0.15
CA SER B 385 -31.99 -19.27 1.35
C SER B 385 -32.48 -17.96 1.96
N CYS B 386 -32.47 -17.91 3.28
CA CYS B 386 -32.83 -16.70 4.01
C CYS B 386 -31.65 -16.22 4.85
N MET B 387 -31.62 -14.91 5.07
CA MET B 387 -30.54 -14.27 5.81
C MET B 387 -31.12 -13.14 6.65
N GLY B 388 -30.36 -12.75 7.67
CA GLY B 388 -30.78 -11.69 8.57
C GLY B 388 -31.79 -12.11 9.62
N LEU B 389 -31.80 -13.39 10.00
CA LEU B 389 -32.80 -13.92 10.92
C LEU B 389 -32.32 -13.83 12.37
N LYS B 390 -33.26 -14.02 13.29
CA LYS B 390 -32.97 -14.06 14.71
C LYS B 390 -33.60 -15.32 15.30
N ILE B 391 -33.00 -15.78 16.40
CA ILE B 391 -33.50 -16.95 17.12
C ILE B 391 -34.99 -16.79 17.38
N GLY B 392 -35.78 -17.74 16.88
CA GLY B 392 -37.22 -17.71 17.04
C GLY B 392 -37.98 -17.36 15.77
N ASP B 393 -37.32 -16.76 14.79
CA ASP B 393 -37.97 -16.46 13.52
C ASP B 393 -38.34 -17.74 12.78
N THR B 394 -39.22 -17.60 11.79
CA THR B 394 -39.67 -18.71 10.99
C THR B 394 -39.86 -18.26 9.55
N VAL B 395 -39.39 -19.06 8.60
CA VAL B 395 -39.54 -18.77 7.18
C VAL B 395 -40.18 -19.98 6.51
N SER B 396 -40.59 -19.78 5.26
CA SER B 396 -41.19 -20.86 4.49
C SER B 396 -40.81 -20.69 3.03
N PHE B 397 -40.74 -21.81 2.31
CA PHE B 397 -40.40 -21.82 0.89
C PHE B 397 -41.49 -22.56 0.14
N SER B 398 -41.82 -22.08 -1.06
CA SER B 398 -42.76 -22.75 -1.94
C SER B 398 -41.98 -23.46 -3.05
N ILE B 399 -42.20 -24.77 -3.18
CA ILE B 399 -41.42 -25.63 -4.05
C ILE B 399 -42.32 -26.16 -5.17
N GLU B 400 -41.73 -26.35 -6.35
CA GLU B 400 -42.41 -26.94 -7.50
C GLU B 400 -41.49 -27.98 -8.14
N ALA B 401 -42.03 -29.17 -8.36
CA ALA B 401 -41.30 -30.30 -8.91
C ALA B 401 -41.83 -30.62 -10.32
N LYS B 402 -40.97 -30.48 -11.32
CA LYS B 402 -41.34 -30.74 -12.71
C LYS B 402 -40.61 -31.98 -13.19
N VAL B 403 -41.35 -32.98 -13.67
CA VAL B 403 -40.80 -34.25 -14.13
C VAL B 403 -40.75 -34.25 -15.65
N ARG B 404 -39.66 -34.75 -16.21
CA ARG B 404 -39.45 -34.80 -17.65
C ARG B 404 -39.71 -36.23 -18.12
N GLY B 405 -40.72 -36.39 -18.97
CA GLY B 405 -41.08 -37.73 -19.41
C GLY B 405 -41.52 -38.59 -18.24
N CYS B 406 -41.34 -39.90 -18.40
CA CYS B 406 -41.64 -40.87 -17.35
C CYS B 406 -40.41 -41.75 -17.16
N PRO B 407 -39.93 -41.91 -15.92
CA PRO B 407 -38.75 -42.73 -15.69
C PRO B 407 -39.10 -44.22 -15.61
N GLN B 408 -38.06 -45.04 -15.75
CA GLN B 408 -38.23 -46.48 -15.61
C GLN B 408 -38.73 -46.83 -14.21
N GLU B 409 -37.94 -46.50 -13.19
CA GLU B 409 -38.37 -46.73 -11.81
C GLU B 409 -39.57 -45.84 -11.48
N LYS B 410 -40.61 -46.45 -10.93
CA LYS B 410 -41.86 -45.73 -10.69
C LYS B 410 -41.97 -45.16 -9.28
N GLU B 411 -41.00 -45.42 -8.40
CA GLU B 411 -41.02 -44.87 -7.05
C GLU B 411 -39.61 -44.48 -6.62
N LYS B 412 -39.46 -43.22 -6.22
CA LYS B 412 -38.21 -42.67 -5.72
C LYS B 412 -38.54 -41.70 -4.60
N SER B 413 -37.54 -41.38 -3.78
CA SER B 413 -37.70 -40.41 -2.71
C SER B 413 -36.42 -39.59 -2.57
N PHE B 414 -36.59 -38.32 -2.21
CA PHE B 414 -35.47 -37.42 -1.98
C PHE B 414 -35.75 -36.61 -0.72
N THR B 415 -34.80 -35.74 -0.36
CA THR B 415 -34.83 -35.02 0.91
C THR B 415 -34.61 -33.54 0.68
N ILE B 416 -35.42 -32.72 1.38
CA ILE B 416 -35.19 -31.30 1.51
C ILE B 416 -34.77 -31.06 2.96
N LYS B 417 -33.55 -30.54 3.16
CA LYS B 417 -33.02 -30.34 4.49
C LYS B 417 -32.27 -29.01 4.56
N PRO B 418 -32.52 -28.20 5.58
CA PRO B 418 -31.70 -27.00 5.79
C PRO B 418 -30.29 -27.38 6.21
N VAL B 419 -29.34 -26.53 5.84
CA VAL B 419 -27.95 -26.81 6.16
C VAL B 419 -27.74 -26.81 7.66
N GLY B 420 -27.04 -27.82 8.17
CA GLY B 420 -26.76 -27.93 9.58
C GLY B 420 -27.91 -28.37 10.44
N PHE B 421 -29.12 -28.46 9.90
CA PHE B 421 -30.29 -28.81 10.69
C PHE B 421 -30.43 -30.32 10.84
N LYS B 422 -30.99 -30.74 11.98
CA LYS B 422 -31.26 -32.16 12.19
C LYS B 422 -32.43 -32.62 11.35
N ASP B 423 -33.58 -31.94 11.49
CA ASP B 423 -34.81 -32.35 10.81
C ASP B 423 -34.70 -32.11 9.31
N SER B 424 -35.62 -32.74 8.57
CA SER B 424 -35.61 -32.65 7.11
C SER B 424 -36.98 -33.06 6.58
N LEU B 425 -37.30 -32.59 5.39
CA LEU B 425 -38.54 -32.98 4.70
C LEU B 425 -38.24 -34.10 3.73
N ILE B 426 -38.89 -35.24 3.93
CA ILE B 426 -38.77 -36.40 3.04
C ILE B 426 -39.92 -36.35 2.05
N VAL B 427 -39.60 -36.46 0.76
CA VAL B 427 -40.59 -36.38 -0.32
C VAL B 427 -40.59 -37.73 -1.04
N GLN B 428 -41.67 -38.49 -0.85
CA GLN B 428 -41.82 -39.78 -1.51
C GLN B 428 -42.58 -39.57 -2.81
N VAL B 429 -41.89 -39.74 -3.93
CA VAL B 429 -42.46 -39.50 -5.26
C VAL B 429 -42.95 -40.81 -5.84
N THR B 430 -44.08 -40.74 -6.55
CA THR B 430 -44.65 -41.89 -7.24
C THR B 430 -45.05 -41.46 -8.65
N PHE B 431 -44.46 -42.10 -9.66
CA PHE B 431 -44.68 -41.72 -11.05
C PHE B 431 -45.83 -42.53 -11.61
N ASP B 432 -46.99 -41.88 -11.76
CA ASP B 432 -48.22 -42.54 -12.21
C ASP B 432 -48.28 -42.46 -13.74
N CYS B 433 -47.55 -43.37 -14.38
CA CYS B 433 -47.48 -43.38 -15.84
C CYS B 433 -48.40 -44.42 -16.47
N ASP B 434 -48.77 -45.47 -15.73
CA ASP B 434 -49.56 -46.55 -16.28
C ASP B 434 -51.06 -46.30 -16.08
N CYS B 435 -51.86 -47.24 -16.55
CA CYS B 435 -53.30 -47.25 -16.34
C CYS B 435 -53.69 -48.49 -15.53
N ALA B 436 -54.72 -48.33 -14.70
CA ALA B 436 -55.19 -49.46 -13.90
C ALA B 436 -55.72 -50.59 -14.76
N CYS B 437 -56.33 -50.28 -15.91
CA CYS B 437 -56.80 -51.30 -16.84
C CYS B 437 -55.68 -52.18 -17.42
N GLN B 438 -54.41 -51.79 -17.25
CA GLN B 438 -53.31 -52.64 -17.73
C GLN B 438 -53.03 -53.81 -16.79
N ALA B 439 -53.32 -53.67 -15.51
CA ALA B 439 -53.19 -54.78 -14.58
C ALA B 439 -54.17 -55.90 -14.89
N GLN B 440 -55.23 -55.62 -15.66
CA GLN B 440 -56.19 -56.64 -16.06
C GLN B 440 -56.22 -56.80 -17.57
N ALA B 441 -55.08 -57.17 -18.15
CA ALA B 441 -54.96 -57.35 -19.59
C ALA B 441 -55.22 -58.81 -19.98
N GLU B 442 -55.59 -59.02 -21.23
CA GLU B 442 -55.87 -60.34 -21.76
C GLU B 442 -54.80 -60.73 -22.78
N PRO B 443 -53.76 -61.45 -22.37
CA PRO B 443 -52.75 -61.91 -23.33
C PRO B 443 -53.31 -62.96 -24.27
N ASN B 444 -52.91 -62.88 -25.54
CA ASN B 444 -53.34 -63.81 -26.58
C ASN B 444 -54.87 -63.84 -26.69
N SER B 445 -55.42 -62.69 -27.08
CA SER B 445 -56.87 -62.52 -27.14
C SER B 445 -57.44 -63.09 -28.43
N HIS B 446 -58.54 -63.83 -28.30
CA HIS B 446 -59.30 -64.25 -29.47
C HIS B 446 -59.74 -63.06 -30.31
N ARG B 447 -59.95 -61.89 -29.69
CA ARG B 447 -60.39 -60.71 -30.42
C ARG B 447 -59.28 -60.10 -31.25
N CYS B 448 -58.01 -60.35 -30.94
CA CYS B 448 -56.89 -59.60 -31.50
C CYS B 448 -56.12 -60.48 -32.50
N ASN B 449 -56.64 -60.56 -33.72
CA ASN B 449 -55.92 -61.16 -34.86
C ASN B 449 -55.57 -62.62 -34.59
N ASN B 450 -56.56 -63.38 -34.14
CA ASN B 450 -56.44 -64.83 -33.91
C ASN B 450 -55.35 -65.13 -32.88
N GLY B 451 -55.43 -64.46 -31.73
CA GLY B 451 -54.49 -64.64 -30.65
C GLY B 451 -53.11 -64.00 -30.86
N ASN B 452 -52.84 -63.45 -32.04
CA ASN B 452 -51.55 -62.81 -32.32
C ASN B 452 -51.33 -61.54 -31.50
N GLY B 453 -52.32 -61.12 -30.71
CA GLY B 453 -52.19 -59.91 -29.93
C GLY B 453 -52.79 -60.01 -28.55
N THR B 454 -52.80 -58.90 -27.83
CA THR B 454 -53.26 -58.84 -26.45
C THR B 454 -54.31 -57.75 -26.32
N PHE B 455 -55.31 -58.01 -25.48
CA PHE B 455 -56.44 -57.10 -25.27
C PHE B 455 -56.29 -56.43 -23.91
N GLU B 456 -56.09 -55.11 -23.93
CA GLU B 456 -56.03 -54.33 -22.70
C GLU B 456 -56.69 -52.97 -22.91
N CYS B 457 -57.46 -52.53 -21.92
CA CYS B 457 -58.07 -51.20 -21.91
C CYS B 457 -58.98 -50.97 -23.12
N GLY B 458 -59.50 -52.05 -23.68
CA GLY B 458 -60.46 -51.96 -24.75
C GLY B 458 -59.90 -51.92 -26.15
N VAL B 459 -58.59 -52.09 -26.32
CA VAL B 459 -57.94 -52.05 -27.62
C VAL B 459 -57.01 -53.25 -27.76
N CYS B 460 -56.57 -53.50 -28.99
CA CYS B 460 -55.77 -54.68 -29.32
C CYS B 460 -54.33 -54.27 -29.58
N ARG B 461 -53.41 -54.80 -28.78
CA ARG B 461 -51.99 -54.52 -28.93
C ARG B 461 -51.27 -55.76 -29.42
N CYS B 462 -50.27 -55.56 -30.29
CA CYS B 462 -49.45 -56.67 -30.74
C CYS B 462 -48.56 -57.15 -29.59
N GLY B 463 -48.61 -58.45 -29.33
CA GLY B 463 -48.02 -59.02 -28.13
C GLY B 463 -46.51 -59.10 -28.17
N PRO B 464 -45.94 -59.65 -27.10
CA PRO B 464 -44.48 -59.73 -26.98
C PRO B 464 -43.87 -60.57 -28.09
N GLY B 465 -42.85 -60.01 -28.75
CA GLY B 465 -42.22 -60.68 -29.87
C GLY B 465 -42.48 -59.97 -31.19
N TRP B 466 -43.68 -59.44 -31.36
CA TRP B 466 -44.03 -58.71 -32.58
C TRP B 466 -43.44 -57.30 -32.53
N LEU C 1 -2.03 59.60 -9.41
CA LEU C 1 -0.91 58.68 -9.22
C LEU C 1 -0.60 58.51 -7.74
N ASN C 2 -1.14 59.41 -6.93
CA ASN C 2 -0.82 59.48 -5.51
C ASN C 2 -2.06 59.23 -4.69
N LEU C 3 -2.04 58.14 -3.92
CA LEU C 3 -3.00 57.98 -2.84
C LEU C 3 -2.44 58.68 -1.60
N ASP C 4 -3.30 59.40 -0.90
CA ASP C 4 -2.87 60.19 0.25
C ASP C 4 -2.51 59.29 1.42
N PRO C 5 -1.25 59.25 1.86
CA PRO C 5 -0.86 58.45 3.04
C PRO C 5 -0.78 59.26 4.34
N VAL C 6 -1.16 60.52 4.35
CA VAL C 6 -1.09 61.35 5.55
C VAL C 6 -2.45 61.42 6.24
N GLN C 7 -3.49 61.78 5.50
N GLN C 7 -3.49 61.78 5.50
CA GLN C 7 -4.85 61.88 6.05
CA GLN C 7 -4.84 61.88 6.04
C GLN C 7 -5.61 60.64 5.61
C GLN C 7 -5.63 60.64 5.62
N LEU C 8 -5.55 59.60 6.45
CA LEU C 8 -6.30 58.38 6.20
C LEU C 8 -7.66 58.47 6.86
N THR C 9 -8.48 57.44 6.65
CA THR C 9 -9.77 57.30 7.31
C THR C 9 -9.86 55.88 7.86
N PHE C 10 -10.19 55.75 9.14
CA PHE C 10 -10.18 54.47 9.82
C PHE C 10 -11.58 54.14 10.33
N TYR C 11 -12.06 52.95 9.97
CA TYR C 11 -13.24 52.35 10.58
C TYR C 11 -12.79 51.19 11.46
N ALA C 12 -13.56 50.90 12.50
CA ALA C 12 -13.14 49.91 13.48
C ALA C 12 -14.33 49.08 13.94
N GLY C 13 -14.07 47.81 14.22
CA GLY C 13 -15.08 46.92 14.75
C GLY C 13 -14.69 46.39 16.12
N PRO C 14 -15.46 45.44 16.64
CA PRO C 14 -15.18 44.92 17.99
C PRO C 14 -13.86 44.17 18.05
N ASN C 15 -13.37 44.01 19.28
CA ASN C 15 -12.14 43.26 19.50
C ASN C 15 -12.35 41.79 19.16
N GLY C 16 -11.35 41.20 18.50
CA GLY C 16 -11.40 39.80 18.14
C GLY C 16 -12.42 39.44 17.08
N SER C 17 -13.08 40.42 16.46
CA SER C 17 -14.09 40.15 15.46
C SER C 17 -13.52 39.85 14.09
N GLN C 18 -12.25 40.15 13.87
CA GLN C 18 -11.63 40.10 12.54
C GLN C 18 -12.37 41.04 11.58
N PHE C 19 -12.86 42.15 12.11
CA PHE C 19 -13.45 43.22 11.29
C PHE C 19 -12.46 43.67 10.24
N GLY C 20 -12.83 43.54 8.97
CA GLY C 20 -11.94 43.84 7.88
C GLY C 20 -11.36 42.63 7.17
N PHE C 21 -11.77 41.41 7.55
CA PHE C 21 -11.37 40.21 6.83
C PHE C 21 -11.81 40.27 5.37
N SER C 22 -12.88 41.00 5.07
CA SER C 22 -13.37 41.18 3.73
C SER C 22 -14.17 42.47 3.67
N LEU C 23 -14.23 43.07 2.48
CA LEU C 23 -14.91 44.35 2.32
C LEU C 23 -15.23 44.58 0.84
N ASP C 24 -16.14 45.53 0.61
CA ASP C 24 -16.48 45.94 -0.75
C ASP C 24 -17.24 47.25 -0.68
N PHE C 25 -17.27 47.96 -1.81
CA PHE C 25 -18.06 49.18 -1.93
C PHE C 25 -19.52 48.83 -2.14
N HIS C 26 -20.40 49.72 -1.66
CA HIS C 26 -21.84 49.53 -1.80
C HIS C 26 -22.48 50.84 -2.24
N LYS C 27 -23.01 50.86 -3.46
CA LYS C 27 -23.89 51.93 -3.90
C LYS C 27 -25.33 51.52 -3.58
N ASP C 28 -26.05 52.40 -2.86
CA ASP C 28 -27.46 52.14 -2.62
C ASP C 28 -28.27 52.47 -3.87
N SER C 29 -29.58 52.68 -3.73
CA SER C 29 -30.42 52.99 -4.88
C SER C 29 -30.27 54.43 -5.36
N HIS C 30 -29.58 55.29 -4.61
CA HIS C 30 -29.36 56.68 -5.00
C HIS C 30 -27.91 56.95 -5.40
N GLY C 31 -27.06 55.92 -5.49
CA GLY C 31 -25.69 56.06 -5.91
C GLY C 31 -24.69 56.32 -4.80
N ARG C 32 -25.16 56.70 -3.60
CA ARG C 32 -24.26 57.00 -2.50
C ARG C 32 -23.39 55.79 -2.17
N VAL C 33 -22.08 56.02 -2.07
CA VAL C 33 -21.12 54.96 -1.84
C VAL C 33 -20.91 54.77 -0.35
N ALA C 34 -20.99 53.53 0.11
CA ALA C 34 -20.67 53.14 1.48
C ALA C 34 -19.71 51.96 1.41
N ILE C 35 -19.35 51.43 2.58
CA ILE C 35 -18.44 50.29 2.68
C ILE C 35 -19.10 49.22 3.53
N VAL C 36 -19.20 48.01 2.98
CA VAL C 36 -19.67 46.84 3.71
C VAL C 36 -18.46 46.04 4.14
N VAL C 37 -18.39 45.73 5.43
CA VAL C 37 -17.24 45.05 6.03
C VAL C 37 -17.70 43.74 6.65
N GLY C 38 -16.90 42.69 6.47
CA GLY C 38 -17.17 41.39 7.08
C GLY C 38 -16.31 41.17 8.31
N ALA C 39 -16.89 40.54 9.33
CA ALA C 39 -16.22 40.26 10.60
C ALA C 39 -16.54 38.85 11.03
N PRO C 40 -15.86 37.85 10.46
CA PRO C 40 -16.31 36.46 10.58
C PRO C 40 -16.10 35.83 11.96
N ARG C 41 -15.62 36.57 12.94
CA ARG C 41 -15.58 36.07 14.31
C ARG C 41 -16.34 36.97 15.28
N THR C 42 -17.33 37.71 14.78
CA THR C 42 -18.18 38.51 15.64
C THR C 42 -19.00 37.61 16.57
N LEU C 43 -19.15 38.04 17.82
CA LEU C 43 -19.96 37.28 18.76
C LEU C 43 -21.43 37.31 18.36
N GLY C 44 -22.08 36.16 18.47
CA GLY C 44 -23.50 36.06 18.22
C GLY C 44 -24.29 36.16 19.51
N PRO C 45 -25.62 36.04 19.41
CA PRO C 45 -26.46 36.15 20.60
C PRO C 45 -26.21 35.05 21.62
N SER C 46 -25.92 33.82 21.17
CA SER C 46 -25.52 32.72 22.05
C SER C 46 -24.17 32.97 22.73
N GLN C 47 -23.52 34.13 22.54
CA GLN C 47 -22.17 34.43 23.07
C GLN C 47 -21.10 33.52 22.48
N GLU C 48 -21.35 32.99 21.29
CA GLU C 48 -20.37 32.23 20.53
C GLU C 48 -20.12 32.90 19.18
N GLU C 49 -18.97 32.61 18.60
CA GLU C 49 -18.58 33.23 17.34
C GLU C 49 -19.51 32.76 16.22
N THR C 50 -20.15 33.73 15.56
CA THR C 50 -20.97 33.45 14.40
C THR C 50 -20.61 34.30 13.19
N GLY C 51 -19.80 35.35 13.34
CA GLY C 51 -19.55 36.27 12.27
C GLY C 51 -20.64 37.32 12.17
N GLY C 52 -20.33 38.38 11.45
CA GLY C 52 -21.29 39.45 11.28
C GLY C 52 -20.87 40.34 10.13
N VAL C 53 -21.76 41.27 9.78
CA VAL C 53 -21.54 42.20 8.68
C VAL C 53 -21.81 43.62 9.18
N PHE C 54 -21.11 44.57 8.57
CA PHE C 54 -21.23 45.98 8.93
C PHE C 54 -21.32 46.80 7.65
N LEU C 55 -22.25 47.77 7.63
CA LEU C 55 -22.44 48.67 6.50
C LEU C 55 -22.01 50.07 6.94
N CYS C 56 -20.79 50.44 6.56
CA CYS C 56 -20.18 51.68 7.02
C CYS C 56 -20.54 52.83 6.09
N PRO C 57 -21.26 53.85 6.55
CA PRO C 57 -21.49 55.02 5.69
C PRO C 57 -20.24 55.87 5.59
N TRP C 58 -20.06 56.50 4.43
CA TRP C 58 -18.83 57.25 4.18
C TRP C 58 -18.79 58.50 5.05
N ARG C 59 -17.81 58.54 5.96
CA ARG C 59 -17.51 59.73 6.75
C ARG C 59 -16.01 59.91 6.75
N ALA C 60 -15.56 61.14 6.49
CA ALA C 60 -14.13 61.37 6.31
C ALA C 60 -13.35 61.07 7.58
N GLU C 61 -14.01 61.15 8.74
CA GLU C 61 -13.36 60.84 10.00
C GLU C 61 -13.57 59.39 10.44
N GLY C 62 -14.32 58.60 9.68
CA GLY C 62 -14.51 57.20 10.01
C GLY C 62 -15.32 57.01 11.29
N GLY C 63 -15.02 55.92 11.98
CA GLY C 63 -15.60 55.63 13.26
C GLY C 63 -16.20 54.24 13.31
N GLN C 64 -17.26 54.10 14.11
CA GLN C 64 -17.97 52.85 14.27
C GLN C 64 -19.09 52.75 13.24
N CYS C 65 -19.53 51.51 13.00
CA CYS C 65 -20.50 51.26 11.95
C CYS C 65 -21.69 50.47 12.48
N PRO C 66 -22.87 50.68 11.90
CA PRO C 66 -24.01 49.85 12.26
C PRO C 66 -23.88 48.44 11.71
N SER C 67 -24.49 47.50 12.42
CA SER C 67 -24.45 46.11 12.00
C SER C 67 -25.55 45.84 10.98
N LEU C 68 -25.23 45.04 9.95
CA LEU C 68 -26.21 44.57 8.97
C LEU C 68 -26.72 43.22 9.44
N LEU C 69 -27.97 43.19 9.88
CA LEU C 69 -28.48 42.08 10.68
C LEU C 69 -28.88 40.90 9.81
N PHE C 70 -28.64 39.69 10.33
CA PHE C 70 -29.08 38.46 9.72
C PHE C 70 -29.59 37.52 10.80
N ASP C 71 -30.22 36.43 10.37
CA ASP C 71 -30.75 35.43 11.29
C ASP C 71 -29.64 34.47 11.69
N LEU C 72 -29.36 34.39 12.99
CA LEU C 72 -28.29 33.56 13.51
C LEU C 72 -28.79 32.39 14.35
N ARG C 73 -30.03 31.95 14.12
CA ARG C 73 -30.62 30.85 14.87
C ARG C 73 -30.32 29.51 14.20
N ASP C 74 -30.08 28.50 15.00
CA ASP C 74 -29.87 27.15 14.49
C ASP C 74 -31.22 26.51 14.20
N GLU C 75 -31.52 26.32 12.92
CA GLU C 75 -32.84 25.94 12.47
C GLU C 75 -33.00 24.43 12.38
N THR C 76 -34.22 23.96 12.60
CA THR C 76 -34.53 22.53 12.64
C THR C 76 -35.88 22.30 11.99
N ARG C 77 -35.93 21.39 11.03
CA ARG C 77 -37.16 21.02 10.34
C ARG C 77 -37.28 19.50 10.27
N ASN C 78 -38.41 18.99 10.74
CA ASN C 78 -38.76 17.58 10.58
C ASN C 78 -39.71 17.46 9.39
N VAL C 79 -39.26 16.77 8.35
CA VAL C 79 -40.00 16.67 7.11
C VAL C 79 -39.54 15.42 6.36
N GLY C 80 -40.46 14.83 5.59
CA GLY C 80 -40.19 13.64 4.80
C GLY C 80 -39.59 12.51 5.59
N SER C 81 -40.03 12.37 6.84
CA SER C 81 -39.47 11.40 7.79
C SER C 81 -37.96 11.60 7.95
N GLN C 82 -37.53 12.85 7.85
CA GLN C 82 -36.14 13.24 8.09
C GLN C 82 -36.10 14.45 9.00
N THR C 83 -34.94 14.69 9.59
CA THR C 83 -34.71 15.84 10.46
C THR C 83 -33.58 16.68 9.87
N LEU C 84 -33.90 17.90 9.48
CA LEU C 84 -32.94 18.81 8.87
C LEU C 84 -32.40 19.77 9.92
N GLN C 85 -31.09 20.01 9.87
CA GLN C 85 -30.42 20.82 10.89
C GLN C 85 -29.40 21.73 10.23
N THR C 86 -29.36 22.98 10.68
CA THR C 86 -28.29 23.91 10.36
C THR C 86 -27.61 24.30 11.67
N PHE C 87 -26.32 24.62 11.58
CA PHE C 87 -25.52 24.99 12.74
C PHE C 87 -24.68 26.20 12.36
N LYS C 88 -24.92 27.32 13.05
CA LYS C 88 -24.29 28.58 12.71
C LYS C 88 -23.17 28.98 13.67
N ALA C 89 -22.78 28.08 14.57
CA ALA C 89 -21.67 28.38 15.47
C ALA C 89 -20.35 28.27 14.73
N ARG C 90 -19.53 29.33 14.84
CA ARG C 90 -18.23 29.40 14.17
C ARG C 90 -18.36 29.22 12.67
N GLN C 91 -19.38 29.84 12.08
CA GLN C 91 -19.64 29.71 10.66
C GLN C 91 -18.88 30.72 9.81
N GLY C 92 -18.31 31.76 10.42
CA GLY C 92 -17.58 32.76 9.66
C GLY C 92 -18.44 33.59 8.73
N LEU C 93 -19.58 34.08 9.22
CA LEU C 93 -20.41 34.98 8.44
C LEU C 93 -19.65 36.27 8.19
N GLY C 94 -19.37 36.57 6.92
CA GLY C 94 -18.57 37.71 6.57
C GLY C 94 -17.14 37.39 6.19
N ALA C 95 -16.78 36.10 6.10
CA ALA C 95 -15.48 35.72 5.55
C ALA C 95 -15.37 36.04 4.07
N SER C 96 -16.45 36.50 3.45
CA SER C 96 -16.43 37.02 2.09
C SER C 96 -17.69 37.85 1.92
N VAL C 97 -17.55 39.05 1.35
CA VAL C 97 -18.69 39.91 1.05
C VAL C 97 -18.52 40.48 -0.33
N VAL C 98 -19.64 40.83 -0.96
CA VAL C 98 -19.64 41.44 -2.28
C VAL C 98 -20.94 42.21 -2.44
N SER C 99 -20.89 43.31 -3.16
CA SER C 99 -22.07 44.12 -3.45
C SER C 99 -22.34 44.13 -4.93
N TRP C 100 -23.63 44.20 -5.28
CA TRP C 100 -24.08 44.31 -6.65
C TRP C 100 -25.43 45.02 -6.63
N SER C 101 -25.54 46.11 -7.38
CA SER C 101 -26.71 47.00 -7.34
C SER C 101 -26.91 47.40 -5.88
N ASP C 102 -28.10 47.23 -5.30
CA ASP C 102 -28.34 47.50 -3.88
C ASP C 102 -28.53 46.20 -3.10
N VAL C 103 -27.77 45.17 -3.44
CA VAL C 103 -27.83 43.87 -2.77
C VAL C 103 -26.44 43.56 -2.21
N ILE C 104 -26.42 43.00 -1.00
CA ILE C 104 -25.20 42.58 -0.34
C ILE C 104 -25.24 41.05 -0.21
N VAL C 105 -24.08 40.42 -0.37
CA VAL C 105 -23.97 38.96 -0.31
C VAL C 105 -22.84 38.64 0.66
N ALA C 106 -23.18 38.40 1.92
CA ALA C 106 -22.22 37.98 2.93
C ALA C 106 -22.37 36.48 3.15
N CYS C 107 -21.25 35.77 3.10
CA CYS C 107 -21.26 34.32 3.12
C CYS C 107 -20.61 33.77 4.37
N ALA C 108 -21.10 32.61 4.82
CA ALA C 108 -20.56 31.87 5.95
C ALA C 108 -20.08 30.52 5.42
N PRO C 109 -18.82 30.39 5.04
CA PRO C 109 -18.36 29.15 4.40
C PRO C 109 -18.22 27.97 5.35
N TRP C 110 -18.30 28.18 6.66
CA TRP C 110 -18.15 27.08 7.61
C TRP C 110 -19.45 26.76 8.35
N GLN C 111 -20.58 27.19 7.80
CA GLN C 111 -21.87 26.81 8.36
C GLN C 111 -22.09 25.31 8.16
N HIS C 112 -22.48 24.63 9.23
CA HIS C 112 -22.58 23.18 9.22
C HIS C 112 -24.03 22.73 9.03
N TRP C 113 -24.17 21.51 8.52
CA TRP C 113 -25.45 20.97 8.09
C TRP C 113 -25.47 19.47 8.31
N ASN C 114 -26.65 18.94 8.64
CA ASN C 114 -26.79 17.51 8.88
C ASN C 114 -28.25 17.12 8.64
N VAL C 115 -28.43 15.87 8.22
CA VAL C 115 -29.77 15.32 7.97
C VAL C 115 -29.86 13.99 8.70
N LEU C 116 -30.88 13.84 9.54
CA LEU C 116 -31.04 12.65 10.36
C LEU C 116 -32.22 11.81 9.88
N GLU C 117 -32.07 10.50 10.03
CA GLU C 117 -33.12 9.53 9.68
C GLU C 117 -32.80 8.23 10.40
N LYS C 118 -33.68 7.82 11.33
CA LYS C 118 -33.55 6.60 12.11
C LYS C 118 -32.27 6.72 12.92
N THR C 119 -31.30 5.81 12.79
CA THR C 119 -29.95 5.92 13.35
C THR C 119 -28.92 6.35 12.31
N GLU C 120 -29.35 6.59 11.08
CA GLU C 120 -28.47 7.04 10.01
C GLU C 120 -28.45 8.57 9.94
N GLU C 121 -27.53 9.08 9.12
CA GLU C 121 -27.35 10.51 8.99
C GLU C 121 -26.57 10.80 7.70
N ALA C 122 -26.57 12.07 7.32
CA ALA C 122 -25.75 12.57 6.22
C ALA C 122 -24.37 13.02 6.66
N GLU C 123 -24.10 12.98 7.98
CA GLU C 123 -22.89 13.48 8.62
C GLU C 123 -22.92 14.99 8.72
N LYS C 124 -22.47 15.53 9.86
CA LYS C 124 -22.43 16.96 10.11
C LYS C 124 -21.21 17.55 9.43
N THR C 125 -21.42 18.29 8.34
CA THR C 125 -20.36 18.76 7.47
C THR C 125 -20.53 20.23 7.14
N PRO C 126 -19.45 20.93 6.76
CA PRO C 126 -19.58 22.35 6.42
C PRO C 126 -19.97 22.57 4.96
N VAL C 127 -21.27 22.66 4.69
CA VAL C 127 -21.72 22.89 3.32
C VAL C 127 -21.61 24.35 2.90
N GLY C 128 -21.54 25.28 3.86
CA GLY C 128 -21.52 26.69 3.55
C GLY C 128 -22.89 27.27 3.30
N SER C 129 -22.96 28.60 3.29
CA SER C 129 -24.21 29.32 3.09
C SER C 129 -23.90 30.79 2.90
N CYS C 130 -24.59 31.43 1.97
CA CYS C 130 -24.48 32.87 1.77
C CYS C 130 -25.80 33.53 2.17
N PHE C 131 -25.69 34.69 2.79
CA PHE C 131 -26.85 35.50 3.17
C PHE C 131 -26.93 36.69 2.23
N LEU C 132 -28.14 36.97 1.73
CA LEU C 132 -28.36 38.08 0.84
C LEU C 132 -29.27 39.12 1.49
N ALA C 133 -29.02 40.39 1.18
CA ALA C 133 -29.70 41.49 1.85
C ALA C 133 -29.85 42.66 0.90
N GLN C 134 -31.03 43.28 0.93
CA GLN C 134 -31.28 44.58 0.28
C GLN C 134 -31.50 45.59 1.39
N PRO C 135 -30.44 46.30 1.82
CA PRO C 135 -30.52 47.03 3.10
C PRO C 135 -31.65 48.04 3.20
N GLU C 136 -31.97 48.73 2.10
CA GLU C 136 -33.00 49.77 2.18
C GLU C 136 -34.39 49.17 2.37
N SER C 137 -34.67 48.06 1.69
CA SER C 137 -35.99 47.46 1.77
C SER C 137 -36.17 46.60 3.01
N GLY C 138 -35.07 46.06 3.53
CA GLY C 138 -35.12 45.12 4.64
C GLY C 138 -35.22 43.68 4.22
N ARG C 139 -35.35 43.39 2.92
CA ARG C 139 -35.53 42.02 2.48
C ARG C 139 -34.24 41.21 2.64
N ARG C 140 -34.42 39.93 2.95
CA ARG C 140 -33.31 39.00 3.16
C ARG C 140 -33.55 37.71 2.40
N ALA C 141 -32.47 37.02 2.07
CA ALA C 141 -32.55 35.71 1.43
C ALA C 141 -31.27 34.95 1.73
N GLU C 142 -31.32 33.63 1.57
CA GLU C 142 -30.17 32.76 1.77
C GLU C 142 -29.98 31.90 0.53
N TYR C 143 -28.81 31.27 0.45
CA TYR C 143 -28.50 30.41 -0.70
C TYR C 143 -27.42 29.42 -0.26
N SER C 144 -27.76 28.15 -0.25
CA SER C 144 -26.84 27.09 0.16
C SER C 144 -26.99 25.93 -0.81
N PRO C 145 -26.35 26.05 -1.99
CA PRO C 145 -26.58 25.07 -3.06
C PRO C 145 -25.96 23.71 -2.80
N CYS C 146 -25.25 23.50 -1.69
CA CYS C 146 -24.56 22.24 -1.44
C CYS C 146 -25.19 21.39 -0.36
N ARG C 147 -26.27 21.85 0.26
CA ARG C 147 -27.00 21.00 1.18
C ARG C 147 -27.59 19.81 0.44
N GLY C 148 -27.88 18.75 1.18
CA GLY C 148 -28.44 17.55 0.60
C GLY C 148 -29.13 16.72 1.67
N ASN C 149 -29.85 15.70 1.21
CA ASN C 149 -30.62 14.82 2.10
C ASN C 149 -30.21 13.36 1.95
N THR C 150 -29.04 13.10 1.37
CA THR C 150 -28.58 11.74 1.15
C THR C 150 -27.75 11.28 2.35
N LEU C 151 -27.92 10.00 2.71
CA LEU C 151 -27.35 9.46 3.93
C LEU C 151 -25.93 8.98 3.71
N SER C 152 -25.18 8.92 4.82
CA SER C 152 -23.77 8.53 4.80
C SER C 152 -23.54 7.24 4.02
N ARG C 153 -24.38 6.23 4.28
CA ARG C 153 -24.21 4.93 3.63
C ARG C 153 -24.20 5.04 2.11
N ILE C 154 -25.08 5.89 1.56
CA ILE C 154 -25.23 5.98 0.11
C ILE C 154 -23.94 6.46 -0.54
N TYR C 155 -23.28 7.45 0.06
CA TYR C 155 -22.05 7.98 -0.52
C TYR C 155 -20.96 6.93 -0.60
N VAL C 156 -20.92 6.01 0.36
CA VAL C 156 -19.88 4.98 0.37
C VAL C 156 -20.06 4.01 -0.79
N GLU C 157 -21.30 3.62 -1.06
CA GLU C 157 -21.56 2.65 -2.13
C GLU C 157 -21.17 3.21 -3.50
N ASN C 158 -21.17 4.54 -3.65
CA ASN C 158 -20.87 5.17 -4.93
C ASN C 158 -19.49 5.83 -4.94
N ASP C 159 -18.58 5.36 -4.09
CA ASP C 159 -17.18 5.79 -4.10
C ASP C 159 -17.04 7.31 -3.90
N PHE C 160 -17.95 7.89 -3.14
CA PHE C 160 -17.92 9.32 -2.80
C PHE C 160 -17.92 10.20 -4.05
N SER C 161 -18.69 9.79 -5.05
CA SER C 161 -18.92 10.65 -6.21
C SER C 161 -20.05 11.62 -5.91
N TRP C 162 -19.93 12.83 -6.45
CA TRP C 162 -20.93 13.88 -6.28
C TRP C 162 -21.24 14.12 -4.81
N ASP C 163 -20.18 14.25 -4.02
CA ASP C 163 -20.27 14.49 -2.58
C ASP C 163 -20.07 15.99 -2.36
N LYS C 164 -21.18 16.72 -2.29
CA LYS C 164 -21.16 18.15 -2.07
C LYS C 164 -21.27 18.51 -0.59
N ARG C 165 -20.87 17.60 0.30
CA ARG C 165 -21.11 17.80 1.73
C ARG C 165 -20.12 18.77 2.38
N TYR C 166 -18.93 18.94 1.81
CA TYR C 166 -17.89 19.77 2.42
C TYR C 166 -17.59 21.01 1.58
N CYS C 167 -18.59 21.48 0.82
CA CYS C 167 -18.38 22.53 -0.17
C CYS C 167 -17.68 23.74 0.44
N GLU C 168 -18.18 24.21 1.58
CA GLU C 168 -17.86 25.53 2.09
C GLU C 168 -18.19 26.59 1.05
N ALA C 169 -19.44 26.53 0.57
CA ALA C 169 -19.92 27.47 -0.43
C ALA C 169 -19.79 28.90 0.09
N GLY C 170 -19.36 29.81 -0.78
CA GLY C 170 -19.12 31.18 -0.39
C GLY C 170 -17.72 31.46 0.12
N PHE C 171 -16.84 30.46 0.14
CA PHE C 171 -15.42 30.69 0.43
C PHE C 171 -14.89 31.88 -0.36
N SER C 172 -15.20 31.92 -1.65
CA SER C 172 -15.00 33.08 -2.50
C SER C 172 -16.27 33.33 -3.30
N SER C 173 -16.49 34.58 -3.69
CA SER C 173 -17.71 34.96 -4.38
C SER C 173 -17.43 36.11 -5.35
N VAL C 174 -18.41 36.37 -6.21
CA VAL C 174 -18.31 37.36 -7.27
C VAL C 174 -19.67 37.45 -7.94
N VAL C 175 -20.02 38.61 -8.50
CA VAL C 175 -21.29 38.83 -9.17
C VAL C 175 -21.03 39.45 -10.53
N THR C 176 -21.52 38.81 -11.59
CA THR C 176 -21.40 39.37 -12.94
C THR C 176 -22.19 40.66 -13.03
N GLN C 177 -21.89 41.45 -14.08
N GLN C 177 -21.90 41.44 -14.08
CA GLN C 177 -22.65 42.67 -14.34
CA GLN C 177 -22.66 42.67 -14.31
C GLN C 177 -24.13 42.37 -14.53
C GLN C 177 -24.13 42.38 -14.55
N ALA C 178 -24.46 41.18 -15.04
CA ALA C 178 -25.85 40.82 -15.25
C ALA C 178 -26.59 40.57 -13.94
N GLY C 179 -25.88 40.12 -12.91
CA GLY C 179 -26.49 39.80 -11.64
C GLY C 179 -26.56 38.31 -11.39
N GLU C 180 -25.48 37.61 -11.74
CA GLU C 180 -25.34 36.17 -11.53
C GLU C 180 -24.36 35.95 -10.39
N LEU C 181 -24.85 35.47 -9.26
CA LEU C 181 -23.97 35.12 -8.16
C LEU C 181 -23.18 33.87 -8.51
N VAL C 182 -21.86 33.94 -8.37
CA VAL C 182 -20.98 32.79 -8.59
C VAL C 182 -20.21 32.54 -7.30
N LEU C 183 -20.41 31.36 -6.72
CA LEU C 183 -19.74 30.98 -5.49
C LEU C 183 -18.61 30.00 -5.77
N GLY C 184 -17.53 30.13 -5.01
CA GLY C 184 -16.46 29.15 -5.01
C GLY C 184 -16.63 28.23 -3.82
N ALA C 185 -16.50 26.92 -4.08
CA ALA C 185 -16.63 25.90 -3.04
C ALA C 185 -15.41 24.99 -3.13
N PRO C 186 -14.31 25.36 -2.45
CA PRO C 186 -13.08 24.58 -2.61
C PRO C 186 -13.15 23.18 -2.02
N GLY C 187 -14.07 22.90 -1.11
CA GLY C 187 -14.19 21.55 -0.61
C GLY C 187 -15.16 20.67 -1.37
N GLY C 188 -15.71 21.17 -2.47
CA GLY C 188 -16.72 20.43 -3.19
C GLY C 188 -16.19 19.15 -3.81
N TYR C 189 -17.08 18.16 -3.90
CA TYR C 189 -16.78 16.85 -4.48
C TYR C 189 -15.59 16.20 -3.79
N TYR C 190 -15.62 16.25 -2.45
CA TYR C 190 -14.55 15.71 -1.61
C TYR C 190 -13.22 16.40 -1.91
N PHE C 191 -13.24 17.72 -1.76
CA PHE C 191 -12.06 18.58 -1.79
C PHE C 191 -11.42 18.69 -3.18
N LEU C 192 -12.15 18.34 -4.24
CA LEU C 192 -11.71 18.75 -5.57
C LEU C 192 -12.02 20.22 -5.81
N GLY C 193 -13.21 20.67 -5.37
CA GLY C 193 -13.63 22.04 -5.58
C GLY C 193 -14.68 22.16 -6.67
N LEU C 194 -15.67 23.04 -6.46
CA LEU C 194 -16.71 23.25 -7.46
C LEU C 194 -17.13 24.70 -7.45
N LEU C 195 -17.96 25.06 -8.42
CA LEU C 195 -18.50 26.41 -8.55
C LEU C 195 -20.02 26.33 -8.65
N ALA C 196 -20.69 27.22 -7.92
CA ALA C 196 -22.15 27.29 -7.91
C ALA C 196 -22.58 28.66 -8.43
N GLN C 197 -23.50 28.64 -9.40
CA GLN C 197 -23.96 29.86 -10.06
C GLN C 197 -25.48 29.93 -9.98
N ALA C 198 -26.01 31.13 -9.73
CA ALA C 198 -27.44 31.34 -9.64
C ALA C 198 -27.80 32.82 -9.73
N PRO C 199 -28.85 33.18 -10.47
CA PRO C 199 -29.26 34.59 -10.53
C PRO C 199 -29.65 35.13 -9.17
N VAL C 200 -29.37 36.41 -8.96
CA VAL C 200 -29.71 37.05 -7.68
C VAL C 200 -31.22 37.07 -7.49
N ALA C 201 -31.95 37.58 -8.48
CA ALA C 201 -33.40 37.71 -8.36
C ALA C 201 -34.06 36.36 -8.12
N ASP C 202 -33.56 35.31 -8.78
CA ASP C 202 -34.12 33.97 -8.57
C ASP C 202 -33.87 33.47 -7.15
N ILE C 203 -32.77 33.89 -6.53
CA ILE C 203 -32.51 33.50 -5.15
C ILE C 203 -33.53 34.14 -4.22
N PHE C 204 -33.84 35.41 -4.43
CA PHE C 204 -34.84 36.08 -3.60
C PHE C 204 -36.23 35.51 -3.85
N SER C 205 -36.59 35.35 -5.13
CA SER C 205 -37.96 34.94 -5.44
C SER C 205 -38.25 33.51 -5.00
N SER C 206 -37.26 32.62 -5.05
CA SER C 206 -37.47 31.21 -4.77
C SER C 206 -37.08 30.82 -3.35
N TYR C 207 -36.89 31.79 -2.45
CA TYR C 207 -36.57 31.51 -1.06
C TYR C 207 -37.77 31.82 -0.18
N ARG C 208 -38.00 30.97 0.81
CA ARG C 208 -39.00 31.19 1.84
C ARG C 208 -38.40 30.71 3.15
N PRO C 209 -38.61 31.44 4.25
CA PRO C 209 -38.00 31.04 5.51
C PRO C 209 -38.58 29.73 6.03
N GLY C 210 -37.70 28.86 6.51
CA GLY C 210 -38.09 27.61 7.11
C GLY C 210 -38.12 26.39 6.21
N ILE C 211 -37.57 26.48 5.01
CA ILE C 211 -37.56 25.35 4.08
C ILE C 211 -36.24 24.59 4.12
N LEU C 212 -35.13 25.31 4.26
CA LEU C 212 -33.79 24.73 4.44
C LEU C 212 -33.30 23.99 3.18
N LEU C 213 -34.14 23.16 2.58
CA LEU C 213 -33.83 22.47 1.34
C LEU C 213 -34.85 22.88 0.29
N TRP C 214 -34.44 23.70 -0.68
CA TRP C 214 -35.33 24.15 -1.73
C TRP C 214 -34.56 24.20 -3.05
N HIS C 215 -35.30 24.15 -4.15
CA HIS C 215 -34.72 24.15 -5.47
C HIS C 215 -34.60 25.57 -6.02
N VAL C 216 -33.57 25.78 -6.83
CA VAL C 216 -33.44 26.94 -7.70
C VAL C 216 -33.11 26.37 -9.06
N SER C 217 -34.12 26.28 -9.94
CA SER C 217 -33.94 25.60 -11.21
C SER C 217 -32.96 26.33 -12.11
N SER C 218 -32.86 27.66 -11.97
CA SER C 218 -31.92 28.43 -12.77
C SER C 218 -30.47 28.28 -12.31
N GLN C 219 -30.21 27.52 -11.24
CA GLN C 219 -28.85 27.38 -10.75
C GLN C 219 -28.09 26.33 -11.56
N SER C 220 -26.77 26.37 -11.46
CA SER C 220 -25.92 25.55 -12.31
C SER C 220 -24.57 25.37 -11.63
N LEU C 221 -24.22 24.12 -11.32
CA LEU C 221 -22.98 23.80 -10.62
C LEU C 221 -21.97 23.18 -11.58
N SER C 222 -20.69 23.32 -11.24
CA SER C 222 -19.64 22.66 -12.02
C SER C 222 -19.66 21.16 -11.74
N PHE C 223 -18.75 20.42 -12.38
CA PHE C 223 -18.84 18.98 -12.46
C PHE C 223 -17.69 18.30 -11.72
N ASP C 224 -17.99 17.10 -11.21
CA ASP C 224 -16.98 16.25 -10.61
C ASP C 224 -16.02 15.74 -11.69
N SER C 225 -14.96 15.06 -11.25
CA SER C 225 -13.97 14.55 -12.17
C SER C 225 -13.24 13.39 -11.51
N SER C 226 -12.73 12.48 -12.35
CA SER C 226 -11.95 11.34 -11.89
C SER C 226 -10.46 11.53 -12.13
N ASN C 227 -10.05 12.72 -12.58
CA ASN C 227 -8.67 13.03 -12.91
C ASN C 227 -7.90 13.37 -11.64
N PRO C 228 -6.94 12.52 -11.25
CA PRO C 228 -6.23 12.76 -9.97
C PRO C 228 -5.50 14.09 -9.91
N GLU C 229 -5.25 14.74 -11.06
CA GLU C 229 -4.70 16.09 -11.04
C GLU C 229 -5.56 17.02 -10.21
N TYR C 230 -6.88 16.83 -10.25
CA TYR C 230 -7.82 17.71 -9.58
C TYR C 230 -8.06 17.35 -8.12
N PHE C 231 -7.50 16.23 -7.65
CA PHE C 231 -7.73 15.81 -6.27
C PHE C 231 -7.06 16.78 -5.30
N ASP C 232 -7.82 17.24 -4.31
CA ASP C 232 -7.31 18.09 -3.23
C ASP C 232 -6.74 19.41 -3.76
N GLY C 233 -7.43 19.99 -4.75
CA GLY C 233 -6.90 21.15 -5.44
C GLY C 233 -7.56 22.46 -5.05
N TYR C 234 -8.64 22.37 -4.27
CA TYR C 234 -9.36 23.53 -3.76
C TYR C 234 -9.77 24.46 -4.90
N TRP C 235 -10.21 23.85 -6.01
CA TRP C 235 -10.82 24.56 -7.14
C TRP C 235 -11.96 25.44 -6.66
N GLY C 236 -11.82 26.75 -6.76
CA GLY C 236 -12.77 27.67 -6.17
C GLY C 236 -12.27 28.40 -4.94
N TYR C 237 -11.01 28.22 -4.56
CA TYR C 237 -10.38 29.02 -3.52
C TYR C 237 -10.51 30.51 -3.81
N SER C 238 -10.43 30.90 -5.08
CA SER C 238 -10.61 32.28 -5.52
C SER C 238 -11.36 32.26 -6.84
N VAL C 239 -12.03 33.37 -7.16
CA VAL C 239 -12.90 33.40 -8.33
C VAL C 239 -13.07 34.85 -8.78
N ALA C 240 -13.23 35.04 -10.08
CA ALA C 240 -13.52 36.34 -10.67
C ALA C 240 -14.18 36.11 -12.02
N VAL C 241 -14.56 37.20 -12.69
CA VAL C 241 -15.21 37.15 -13.98
C VAL C 241 -14.50 38.12 -14.93
N GLY C 242 -14.77 37.97 -16.22
CA GLY C 242 -14.21 38.85 -17.23
C GLY C 242 -14.69 38.45 -18.60
N GLU C 243 -14.16 39.13 -19.61
CA GLU C 243 -14.44 38.84 -21.00
C GLU C 243 -13.16 38.34 -21.65
N PHE C 244 -13.15 37.07 -22.05
CA PHE C 244 -11.94 36.43 -22.54
C PHE C 244 -12.09 35.60 -23.80
N ASP C 245 -13.31 35.36 -24.29
CA ASP C 245 -13.52 34.56 -25.48
C ASP C 245 -13.76 35.39 -26.74
N GLY C 246 -14.30 36.59 -26.62
CA GLY C 246 -14.64 37.42 -27.76
C GLY C 246 -16.11 37.70 -27.93
N ASP C 247 -16.99 36.81 -27.46
CA ASP C 247 -18.43 37.01 -27.53
C ASP C 247 -18.88 37.78 -26.29
N LEU C 248 -19.33 39.02 -26.50
CA LEU C 248 -19.73 39.87 -25.39
C LEU C 248 -21.08 39.47 -24.79
N ASN C 249 -21.83 38.60 -25.47
CA ASN C 249 -23.04 38.05 -24.87
C ASN C 249 -22.69 37.13 -23.69
N THR C 250 -21.60 36.37 -23.82
CA THR C 250 -21.19 35.42 -22.79
C THR C 250 -20.32 36.10 -21.74
N THR C 251 -20.35 35.55 -20.54
CA THR C 251 -19.48 35.97 -19.44
C THR C 251 -18.62 34.78 -19.02
N GLU C 252 -17.32 34.99 -18.97
CA GLU C 252 -16.38 33.92 -18.64
C GLU C 252 -15.99 33.99 -17.16
N TYR C 253 -15.60 32.84 -16.64
CA TYR C 253 -15.27 32.68 -15.23
C TYR C 253 -13.79 32.38 -15.07
N VAL C 254 -13.17 32.97 -14.06
CA VAL C 254 -11.80 32.70 -13.67
C VAL C 254 -11.81 32.06 -12.29
N VAL C 255 -11.19 30.90 -12.17
CA VAL C 255 -11.15 30.14 -10.92
C VAL C 255 -9.71 29.79 -10.59
N GLY C 256 -9.37 29.84 -9.30
CA GLY C 256 -8.05 29.46 -8.83
C GLY C 256 -8.10 28.14 -8.08
N ALA C 257 -7.17 27.25 -8.41
CA ALA C 257 -7.00 25.97 -7.74
C ALA C 257 -5.58 25.91 -7.20
N PRO C 258 -5.34 26.46 -6.01
CA PRO C 258 -3.96 26.71 -5.58
C PRO C 258 -3.19 25.46 -5.17
N THR C 259 -3.84 24.30 -5.09
CA THR C 259 -3.12 23.06 -4.82
C THR C 259 -3.40 22.01 -5.91
N TRP C 260 -3.83 22.46 -7.09
CA TRP C 260 -4.08 21.56 -8.21
C TRP C 260 -2.82 20.79 -8.59
N SER C 261 -3.02 19.56 -9.07
CA SER C 261 -1.96 18.68 -9.54
C SER C 261 -0.80 18.61 -8.54
N TRP C 262 -1.12 18.14 -7.33
CA TRP C 262 -0.15 17.95 -6.26
C TRP C 262 0.57 19.26 -5.93
N THR C 263 -0.23 20.20 -5.43
CA THR C 263 0.20 21.50 -4.92
C THR C 263 0.96 22.34 -5.94
N LEU C 264 0.96 21.94 -7.22
CA LEU C 264 1.53 22.81 -8.24
C LEU C 264 0.72 24.08 -8.42
N GLY C 265 -0.58 24.01 -8.19
CA GLY C 265 -1.46 25.15 -8.38
C GLY C 265 -1.77 25.40 -9.83
N ALA C 266 -2.93 26.02 -10.06
CA ALA C 266 -3.34 26.38 -11.41
C ALA C 266 -4.53 27.33 -11.33
N VAL C 267 -4.74 28.05 -12.43
CA VAL C 267 -5.89 28.89 -12.64
C VAL C 267 -6.52 28.50 -13.97
N GLU C 268 -7.85 28.55 -14.04
CA GLU C 268 -8.57 28.16 -15.24
C GLU C 268 -9.60 29.20 -15.63
N ILE C 269 -9.71 29.46 -16.92
CA ILE C 269 -10.75 30.32 -17.48
C ILE C 269 -11.84 29.44 -18.06
N LEU C 270 -13.09 29.72 -17.72
CA LEU C 270 -14.21 28.89 -18.12
C LEU C 270 -15.26 29.74 -18.82
N ASP C 271 -16.03 29.09 -19.69
CA ASP C 271 -17.23 29.73 -20.22
C ASP C 271 -18.35 29.61 -19.19
N SER C 272 -19.53 30.10 -19.57
CA SER C 272 -20.66 30.12 -18.63
C SER C 272 -21.10 28.72 -18.22
N TYR C 273 -20.78 27.70 -19.02
CA TYR C 273 -21.20 26.33 -18.75
C TYR C 273 -20.06 25.49 -18.18
N TYR C 274 -19.05 26.12 -17.57
CA TYR C 274 -17.96 25.43 -16.88
C TYR C 274 -17.11 24.58 -17.82
N GLN C 275 -17.06 24.96 -19.09
CA GLN C 275 -16.15 24.32 -20.04
C GLN C 275 -14.82 25.07 -20.03
N ARG C 276 -13.74 24.34 -19.79
CA ARG C 276 -12.43 24.97 -19.69
C ARG C 276 -12.00 25.51 -21.05
N LEU C 277 -11.71 26.81 -21.11
CA LEU C 277 -11.15 27.42 -22.31
C LEU C 277 -9.64 27.42 -22.27
N HIS C 278 -9.04 27.84 -21.16
CA HIS C 278 -7.59 27.85 -21.01
C HIS C 278 -7.24 27.60 -19.56
N ARG C 279 -6.12 26.90 -19.35
CA ARG C 279 -5.59 26.62 -18.03
C ARG C 279 -4.18 27.21 -17.91
N LEU C 280 -3.85 27.71 -16.72
CA LEU C 280 -2.54 28.27 -16.43
C LEU C 280 -1.93 27.51 -15.27
N ARG C 281 -0.81 26.85 -15.52
CA ARG C 281 -0.19 26.00 -14.52
C ARG C 281 0.72 26.82 -13.61
N GLY C 282 0.78 26.42 -12.35
CA GLY C 282 1.68 27.07 -11.42
C GLY C 282 3.14 26.81 -11.76
N GLU C 283 4.01 27.62 -11.16
CA GLU C 283 5.43 27.58 -11.45
C GLU C 283 6.24 26.83 -10.40
N GLN C 284 5.81 26.85 -9.14
CA GLN C 284 6.57 26.25 -8.05
C GLN C 284 5.59 25.60 -7.07
N MET C 285 5.89 24.38 -6.65
CA MET C 285 4.99 23.66 -5.77
C MET C 285 4.93 24.34 -4.40
N ALA C 286 3.73 24.35 -3.82
CA ALA C 286 3.40 24.96 -2.53
C ALA C 286 3.47 26.48 -2.55
N SER C 287 3.68 27.09 -3.72
CA SER C 287 3.64 28.55 -3.81
C SER C 287 2.23 29.10 -3.73
N TYR C 288 1.21 28.24 -3.72
CA TYR C 288 -0.19 28.64 -3.69
C TYR C 288 -0.54 29.54 -4.87
N PHE C 289 -0.04 29.17 -6.04
CA PHE C 289 -0.42 29.82 -7.29
C PHE C 289 -1.92 29.67 -7.49
N GLY C 290 -2.62 30.80 -7.50
CA GLY C 290 -4.07 30.81 -7.56
C GLY C 290 -4.75 31.24 -6.28
N HIS C 291 -3.98 31.66 -5.28
CA HIS C 291 -4.57 32.15 -4.03
C HIS C 291 -5.50 33.33 -4.27
N SER C 292 -5.24 34.09 -5.34
CA SER C 292 -6.03 35.28 -5.63
C SER C 292 -5.89 35.59 -7.12
N VAL C 293 -7.00 35.96 -7.75
CA VAL C 293 -7.03 36.29 -9.17
C VAL C 293 -7.66 37.66 -9.35
N ALA C 294 -7.28 38.34 -10.43
CA ALA C 294 -7.75 39.69 -10.69
C ALA C 294 -7.89 39.89 -12.19
N VAL C 295 -8.96 40.56 -12.60
CA VAL C 295 -9.28 40.80 -14.00
C VAL C 295 -9.46 42.30 -14.20
N THR C 296 -8.60 42.88 -15.03
CA THR C 296 -8.69 44.29 -15.39
C THR C 296 -7.78 44.54 -16.59
N ASP C 297 -8.18 45.51 -17.43
CA ASP C 297 -7.42 45.85 -18.63
C ASP C 297 -6.35 46.87 -18.25
N VAL C 298 -5.11 46.41 -18.11
CA VAL C 298 -4.05 47.28 -17.62
C VAL C 298 -3.39 48.11 -18.73
N ASN C 299 -3.38 47.60 -19.97
CA ASN C 299 -2.65 48.25 -21.06
C ASN C 299 -3.58 48.94 -22.04
N GLY C 300 -4.84 49.13 -21.67
CA GLY C 300 -5.74 49.98 -22.45
C GLY C 300 -6.00 49.52 -23.87
N ASP C 301 -5.95 48.22 -24.12
CA ASP C 301 -6.34 47.69 -25.44
C ASP C 301 -7.77 47.18 -25.44
N GLY C 302 -8.55 47.45 -24.40
CA GLY C 302 -9.94 47.03 -24.36
C GLY C 302 -10.17 45.57 -24.03
N ARG C 303 -9.11 44.79 -23.85
CA ARG C 303 -9.22 43.36 -23.55
C ARG C 303 -8.76 43.12 -22.13
N HIS C 304 -9.62 42.48 -21.34
CA HIS C 304 -9.29 42.17 -19.95
C HIS C 304 -8.00 41.38 -19.85
N ASP C 305 -7.18 41.71 -18.86
CA ASP C 305 -5.95 41.00 -18.55
C ASP C 305 -6.13 40.24 -17.24
N LEU C 306 -5.23 39.29 -16.98
CA LEU C 306 -5.34 38.41 -15.83
C LEU C 306 -4.12 38.57 -14.92
N LEU C 307 -4.37 38.72 -13.62
CA LEU C 307 -3.34 38.78 -12.61
C LEU C 307 -3.54 37.64 -11.63
N VAL C 308 -2.47 36.91 -11.34
CA VAL C 308 -2.51 35.74 -10.48
C VAL C 308 -1.45 35.90 -9.40
N GLY C 309 -1.81 35.51 -8.18
CA GLY C 309 -0.92 35.63 -7.03
C GLY C 309 -0.50 34.28 -6.50
N ALA C 310 0.78 34.17 -6.15
CA ALA C 310 1.37 32.98 -5.52
C ALA C 310 2.15 33.46 -4.31
N PRO C 311 1.48 33.67 -3.17
CA PRO C 311 2.11 34.37 -2.04
C PRO C 311 3.20 33.58 -1.33
N LEU C 312 3.39 32.30 -1.65
CA LEU C 312 4.42 31.50 -1.00
C LEU C 312 5.55 31.12 -1.95
N TYR C 313 5.64 31.78 -3.10
CA TYR C 313 6.70 31.50 -4.06
C TYR C 313 8.07 31.80 -3.45
N MET C 314 8.94 30.80 -3.45
CA MET C 314 10.31 30.98 -2.97
C MET C 314 11.22 31.40 -4.12
N GLU C 315 12.07 32.38 -3.86
CA GLU C 315 12.86 33.04 -4.88
C GLU C 315 14.32 32.59 -4.81
N SER C 316 14.94 32.43 -5.98
CA SER C 316 16.32 31.97 -6.05
C SER C 316 17.26 33.06 -5.56
N ARG C 317 17.89 32.84 -4.43
CA ARG C 317 18.97 33.68 -3.93
C ARG C 317 20.31 33.04 -4.25
N ALA C 318 21.38 33.80 -4.04
CA ALA C 318 22.72 33.26 -4.25
C ALA C 318 22.99 32.12 -3.29
N ASP C 319 24.01 31.33 -3.61
CA ASP C 319 24.40 30.15 -2.84
C ASP C 319 23.32 29.07 -2.86
N ARG C 320 22.60 28.96 -4.00
CA ARG C 320 21.55 27.95 -4.19
C ARG C 320 20.52 28.01 -3.06
N LYS C 321 20.17 29.21 -2.64
CA LYS C 321 19.24 29.44 -1.54
C LYS C 321 17.87 29.84 -2.07
N LEU C 322 16.85 29.59 -1.25
CA LEU C 322 15.47 29.94 -1.54
C LEU C 322 14.92 30.84 -0.43
N ALA C 323 14.07 31.78 -0.83
CA ALA C 323 13.47 32.72 0.12
C ALA C 323 12.02 32.95 -0.26
N GLU C 324 11.11 32.55 0.63
CA GLU C 324 9.69 32.79 0.42
C GLU C 324 9.41 34.29 0.46
N VAL C 325 8.86 34.83 -0.63
CA VAL C 325 8.59 36.26 -0.75
C VAL C 325 7.22 36.50 -1.39
N GLY C 326 6.80 35.59 -2.26
CA GLY C 326 5.58 35.74 -3.02
C GLY C 326 5.85 36.33 -4.40
N ARG C 327 4.91 36.11 -5.31
CA ARG C 327 5.06 36.56 -6.68
C ARG C 327 3.69 36.75 -7.32
N VAL C 328 3.58 37.77 -8.17
CA VAL C 328 2.39 38.01 -8.99
C VAL C 328 2.76 37.81 -10.45
N TYR C 329 1.81 37.25 -11.20
CA TYR C 329 1.98 37.00 -12.63
C TYR C 329 0.98 37.83 -13.43
N LEU C 330 1.44 38.40 -14.54
CA LEU C 330 0.60 39.20 -15.42
C LEU C 330 0.43 38.49 -16.75
N PHE C 331 -0.82 38.25 -17.13
CA PHE C 331 -1.15 37.63 -18.41
C PHE C 331 -2.00 38.60 -19.21
N LEU C 332 -1.47 39.06 -20.33
CA LEU C 332 -2.19 39.95 -21.23
C LEU C 332 -2.97 39.14 -22.24
N GLN C 333 -4.19 39.57 -22.53
CA GLN C 333 -5.03 38.86 -23.50
C GLN C 333 -4.57 39.17 -24.92
N PRO C 334 -4.14 38.19 -25.69
CA PRO C 334 -3.64 38.46 -27.04
C PRO C 334 -4.76 38.81 -28.00
N ARG C 335 -4.36 39.35 -29.15
CA ARG C 335 -5.32 39.75 -30.17
C ARG C 335 -6.05 38.53 -30.73
N GLY C 336 -7.37 38.56 -30.65
CA GLY C 336 -8.20 37.51 -31.21
C GLY C 336 -8.46 36.37 -30.24
N PRO C 337 -8.69 35.18 -30.78
CA PRO C 337 -9.07 34.03 -29.96
C PRO C 337 -7.91 33.25 -29.37
N HIS C 338 -6.69 33.76 -29.45
CA HIS C 338 -5.51 33.00 -29.05
C HIS C 338 -5.51 32.75 -27.55
N ALA C 339 -4.89 31.63 -27.16
CA ALA C 339 -4.78 31.29 -25.75
C ALA C 339 -3.78 32.20 -25.06
N LEU C 340 -3.98 32.40 -23.75
CA LEU C 340 -3.07 33.21 -22.96
C LEU C 340 -1.72 32.51 -22.86
N GLY C 341 -0.68 33.14 -23.41
CA GLY C 341 0.65 32.56 -23.43
C GLY C 341 1.41 32.75 -22.13
N ALA C 342 2.72 32.90 -22.27
CA ALA C 342 3.60 33.07 -21.12
C ALA C 342 3.25 34.37 -20.39
N PRO C 343 3.68 34.50 -19.12
CA PRO C 343 3.43 35.75 -18.40
C PRO C 343 4.14 36.92 -19.05
N SER C 344 3.42 38.04 -19.15
CA SER C 344 3.99 39.26 -19.71
C SER C 344 4.93 39.95 -18.73
N LEU C 345 4.79 39.69 -17.43
CA LEU C 345 5.60 40.33 -16.40
C LEU C 345 5.52 39.50 -15.13
N LEU C 346 6.60 39.52 -14.36
CA LEU C 346 6.67 38.84 -13.07
C LEU C 346 7.03 39.86 -12.00
N LEU C 347 6.13 40.08 -11.05
CA LEU C 347 6.38 40.90 -9.89
C LEU C 347 6.70 40.00 -8.72
N THR C 348 7.87 40.19 -8.11
CA THR C 348 8.34 39.34 -7.01
C THR C 348 8.52 40.20 -5.78
N GLY C 349 7.97 39.74 -4.66
CA GLY C 349 8.17 40.43 -3.40
C GLY C 349 9.62 40.38 -2.96
N THR C 350 9.91 41.18 -1.94
CA THR C 350 11.27 41.27 -1.40
C THR C 350 11.37 40.90 0.07
N GLN C 351 10.36 41.18 0.88
CA GLN C 351 10.42 40.89 2.31
C GLN C 351 10.16 39.41 2.56
N LEU C 352 10.99 38.80 3.40
CA LEU C 352 10.83 37.38 3.71
C LEU C 352 9.53 37.15 4.46
N TYR C 353 8.84 36.06 4.11
CA TYR C 353 7.53 35.72 4.68
C TYR C 353 6.50 36.83 4.48
N GLY C 354 6.78 37.78 3.59
CA GLY C 354 5.88 38.91 3.42
C GLY C 354 4.58 38.56 2.73
N ARG C 355 4.58 37.49 1.93
CA ARG C 355 3.39 37.01 1.21
C ARG C 355 2.89 38.05 0.20
N PHE C 356 3.83 38.65 -0.52
CA PHE C 356 3.50 39.48 -1.67
C PHE C 356 2.61 38.70 -2.62
N GLY C 357 1.46 39.28 -2.96
CA GLY C 357 0.51 38.60 -3.81
C GLY C 357 -0.64 37.94 -3.08
N SER C 358 -0.81 38.19 -1.79
CA SER C 358 -1.95 37.62 -1.07
CA SER C 358 -1.96 37.61 -1.08
C SER C 358 -3.26 38.24 -1.52
N ALA C 359 -3.23 39.50 -1.98
CA ALA C 359 -4.39 40.18 -2.52
C ALA C 359 -3.95 41.00 -3.73
N ILE C 360 -4.84 41.11 -4.70
CA ILE C 360 -4.59 41.88 -5.92
C ILE C 360 -5.87 42.62 -6.26
N ALA C 361 -5.84 43.95 -6.21
CA ALA C 361 -7.03 44.75 -6.38
C ALA C 361 -6.91 45.69 -7.58
N PRO C 362 -7.81 45.63 -8.55
CA PRO C 362 -7.82 46.66 -9.60
C PRO C 362 -8.25 48.00 -9.01
N LEU C 363 -7.58 49.05 -9.45
CA LEU C 363 -7.84 50.40 -8.95
C LEU C 363 -8.59 51.26 -9.95
N GLY C 364 -8.94 50.73 -11.12
CA GLY C 364 -9.36 51.63 -12.16
C GLY C 364 -8.17 52.45 -12.61
N ASP C 365 -8.46 53.64 -13.16
CA ASP C 365 -7.42 54.56 -13.60
C ASP C 365 -7.18 55.56 -12.48
N LEU C 366 -6.07 55.40 -11.77
CA LEU C 366 -5.78 56.18 -10.57
C LEU C 366 -5.36 57.60 -10.92
N ASP C 367 -4.41 57.75 -11.85
CA ASP C 367 -3.89 59.05 -12.25
C ASP C 367 -4.59 59.62 -13.47
N ARG C 368 -5.60 58.95 -14.01
CA ARG C 368 -6.33 59.40 -15.20
C ARG C 368 -5.36 59.69 -16.35
N ASP C 369 -4.42 58.77 -16.56
CA ASP C 369 -3.52 58.85 -17.69
C ASP C 369 -3.93 57.96 -18.85
N GLY C 370 -4.99 57.17 -18.71
CA GLY C 370 -5.49 56.33 -19.80
C GLY C 370 -5.28 54.85 -19.62
N TYR C 371 -4.58 54.42 -18.57
CA TYR C 371 -4.29 53.01 -18.33
C TYR C 371 -4.72 52.64 -16.92
N ASN C 372 -5.41 51.52 -16.78
CA ASN C 372 -5.85 51.09 -15.46
C ASN C 372 -4.67 50.61 -14.63
N ASP C 373 -4.87 50.64 -13.30
CA ASP C 373 -3.81 50.38 -12.34
C ASP C 373 -4.27 49.35 -11.33
N ILE C 374 -3.31 48.75 -10.62
CA ILE C 374 -3.58 47.71 -9.64
C ILE C 374 -2.82 48.00 -8.35
N ALA C 375 -3.28 47.35 -7.29
CA ALA C 375 -2.60 47.34 -6.00
C ALA C 375 -2.39 45.90 -5.56
N VAL C 376 -1.19 45.61 -5.07
CA VAL C 376 -0.82 44.27 -4.62
C VAL C 376 -0.45 44.34 -3.14
N ALA C 377 -0.92 43.36 -2.37
CA ALA C 377 -0.74 43.35 -0.94
C ALA C 377 0.35 42.37 -0.51
N ALA C 378 1.07 42.74 0.54
CA ALA C 378 2.01 41.87 1.23
C ALA C 378 1.70 41.99 2.72
N PRO C 379 0.72 41.23 3.21
CA PRO C 379 0.21 41.48 4.57
C PRO C 379 1.24 41.33 5.67
N TYR C 380 2.43 40.81 5.36
CA TYR C 380 3.51 40.74 6.33
C TYR C 380 4.82 41.25 5.77
N GLY C 381 4.77 41.97 4.64
CA GLY C 381 5.95 42.58 4.06
C GLY C 381 6.23 43.94 4.66
N GLY C 382 7.00 44.73 3.92
CA GLY C 382 7.50 45.98 4.42
C GLY C 382 8.79 45.74 5.18
N PRO C 383 9.61 46.78 5.36
CA PRO C 383 10.89 46.58 6.07
C PRO C 383 10.71 46.16 7.52
N SER C 384 9.56 46.46 8.13
CA SER C 384 9.27 46.06 9.49
C SER C 384 8.37 44.84 9.57
N GLY C 385 7.89 44.34 8.43
CA GLY C 385 7.00 43.19 8.45
C GLY C 385 5.64 43.48 9.04
N ARG C 386 5.20 44.73 9.03
CA ARG C 386 3.90 45.09 9.58
C ARG C 386 2.80 45.14 8.53
N GLY C 387 3.13 44.93 7.26
CA GLY C 387 2.15 45.05 6.19
C GLY C 387 2.50 46.15 5.22
N GLN C 388 2.17 45.96 3.94
CA GLN C 388 2.53 46.91 2.91
C GLN C 388 1.70 46.67 1.67
N VAL C 389 1.25 47.76 1.03
CA VAL C 389 0.49 47.73 -0.21
C VAL C 389 1.28 48.48 -1.26
N LEU C 390 1.46 47.85 -2.43
CA LEU C 390 2.28 48.38 -3.51
C LEU C 390 1.38 48.69 -4.71
N VAL C 391 1.41 49.93 -5.17
CA VAL C 391 0.63 50.37 -6.32
C VAL C 391 1.49 50.27 -7.57
N PHE C 392 0.96 49.59 -8.59
CA PHE C 392 1.63 49.47 -9.89
C PHE C 392 0.75 50.11 -10.95
N LEU C 393 1.31 51.06 -11.69
CA LEU C 393 0.57 51.80 -12.70
C LEU C 393 0.61 51.09 -14.05
N GLY C 394 -0.47 51.24 -14.81
CA GLY C 394 -0.54 50.64 -16.12
C GLY C 394 0.23 51.42 -17.17
N GLN C 395 0.60 50.70 -18.23
CA GLN C 395 1.32 51.29 -19.35
C GLN C 395 0.93 50.54 -20.61
N SER C 396 1.42 51.01 -21.75
CA SER C 396 1.08 50.38 -23.03
C SER C 396 1.64 48.97 -23.14
N GLU C 397 2.80 48.72 -22.52
CA GLU C 397 3.41 47.40 -22.54
C GLU C 397 2.84 46.47 -21.48
N GLY C 398 2.08 47.00 -20.52
CA GLY C 398 1.52 46.20 -19.46
C GLY C 398 1.50 46.95 -18.13
N LEU C 399 2.39 46.58 -17.23
CA LEU C 399 2.54 47.28 -15.96
C LEU C 399 3.98 47.73 -15.79
N ARG C 400 4.16 48.75 -14.96
CA ARG C 400 5.50 49.15 -14.56
C ARG C 400 6.15 48.04 -13.76
N SER C 401 7.45 47.86 -13.96
CA SER C 401 8.17 46.83 -13.21
C SER C 401 8.34 47.21 -11.74
N ARG C 402 8.26 48.50 -11.42
CA ARG C 402 8.48 48.97 -10.06
C ARG C 402 7.29 49.78 -9.60
N PRO C 403 6.93 49.70 -8.32
CA PRO C 403 5.71 50.37 -7.85
C PRO C 403 5.85 51.88 -7.85
N SER C 404 4.76 52.56 -8.22
CA SER C 404 4.74 54.02 -8.17
C SER C 404 4.60 54.54 -6.76
N GLN C 405 3.99 53.76 -5.88
CA GLN C 405 3.70 54.20 -4.52
C GLN C 405 3.65 52.96 -3.62
N VAL C 406 3.94 53.17 -2.34
CA VAL C 406 3.93 52.10 -1.35
C VAL C 406 3.17 52.60 -0.13
N LEU C 407 2.18 51.83 0.31
CA LEU C 407 1.36 52.15 1.47
C LEU C 407 1.79 51.24 2.62
N ASP C 408 2.43 51.82 3.62
CA ASP C 408 2.88 51.05 4.78
C ASP C 408 1.80 51.03 5.85
N SER C 409 1.63 49.87 6.47
CA SER C 409 0.58 49.61 7.44
C SER C 409 0.64 50.63 8.57
N PRO C 410 -0.43 51.39 8.80
CA PRO C 410 -0.46 52.31 9.95
C PRO C 410 -0.77 51.63 11.27
N PHE C 411 -0.98 50.32 11.26
CA PHE C 411 -1.37 49.52 12.41
C PHE C 411 -0.15 48.83 13.02
N PRO C 412 -0.29 48.22 14.20
CA PRO C 412 0.84 47.51 14.81
C PRO C 412 1.09 46.18 14.11
N THR C 413 2.08 45.46 14.63
CA THR C 413 2.43 44.15 14.08
C THR C 413 1.28 43.18 14.26
N GLY C 414 1.07 42.33 13.26
CA GLY C 414 0.04 41.31 13.29
C GLY C 414 -1.27 41.70 12.64
N SER C 415 -1.43 42.97 12.25
CA SER C 415 -2.70 43.44 11.73
C SER C 415 -3.11 42.70 10.46
N ALA C 416 -2.13 42.15 9.73
CA ALA C 416 -2.34 41.54 8.42
C ALA C 416 -2.91 42.56 7.44
N PHE C 417 -2.55 43.82 7.64
CA PHE C 417 -2.88 44.91 6.73
C PHE C 417 -2.64 44.51 5.28
N GLY C 418 -3.68 44.66 4.46
CA GLY C 418 -3.60 44.27 3.07
C GLY C 418 -4.23 42.93 2.76
N PHE C 419 -4.51 42.11 3.77
CA PHE C 419 -5.11 40.80 3.52
C PHE C 419 -6.35 40.91 2.63
N SER C 420 -7.14 41.96 2.82
CA SER C 420 -8.22 42.26 1.90
C SER C 420 -7.99 43.63 1.29
N LEU C 421 -8.45 43.80 0.05
CA LEU C 421 -8.29 45.05 -0.69
C LEU C 421 -9.50 45.25 -1.58
N ARG C 422 -9.72 46.51 -1.97
CA ARG C 422 -10.79 46.86 -2.90
C ARG C 422 -10.65 48.31 -3.35
N GLY C 423 -10.64 48.54 -4.66
CA GLY C 423 -10.51 49.88 -5.18
C GLY C 423 -11.43 50.14 -6.36
N ALA C 424 -11.05 51.10 -7.21
CA ALA C 424 -11.74 51.47 -8.44
C ALA C 424 -13.12 52.09 -8.20
N VAL C 425 -13.34 52.73 -7.06
CA VAL C 425 -14.63 53.36 -6.75
C VAL C 425 -14.34 54.71 -6.08
N ASP C 426 -14.97 55.76 -6.60
CA ASP C 426 -14.82 57.11 -6.05
C ASP C 426 -15.78 57.27 -4.88
N ILE C 427 -15.27 57.10 -3.66
CA ILE C 427 -16.15 57.09 -2.50
C ILE C 427 -16.43 58.49 -1.99
N ASP C 428 -15.56 59.45 -2.26
CA ASP C 428 -15.76 60.83 -1.84
C ASP C 428 -16.19 61.74 -3.00
N ASP C 429 -16.42 61.18 -4.18
CA ASP C 429 -16.94 61.92 -5.34
C ASP C 429 -16.03 63.07 -5.75
N ASN C 430 -14.72 62.89 -5.58
CA ASN C 430 -13.76 63.86 -6.07
C ASN C 430 -13.29 63.55 -7.50
N GLY C 431 -13.95 62.61 -8.17
CA GLY C 431 -13.57 62.25 -9.52
C GLY C 431 -12.42 61.28 -9.63
N TYR C 432 -11.89 60.79 -8.52
CA TYR C 432 -10.73 59.90 -8.53
C TYR C 432 -11.03 58.62 -7.76
N PRO C 433 -10.60 57.47 -8.28
CA PRO C 433 -10.92 56.19 -7.64
C PRO C 433 -10.07 55.96 -6.39
N ASP C 434 -10.71 55.53 -5.30
CA ASP C 434 -10.07 55.40 -4.00
C ASP C 434 -9.85 53.94 -3.66
N LEU C 435 -9.18 53.70 -2.54
CA LEU C 435 -8.74 52.37 -2.13
C LEU C 435 -9.04 52.15 -0.65
N ILE C 436 -9.67 51.01 -0.35
CA ILE C 436 -9.91 50.58 1.03
C ILE C 436 -9.07 49.34 1.28
N VAL C 437 -8.48 49.27 2.48
CA VAL C 437 -7.60 48.18 2.87
C VAL C 437 -8.12 47.60 4.17
N GLY C 438 -8.12 46.27 4.28
CA GLY C 438 -8.58 45.59 5.48
C GLY C 438 -7.40 45.11 6.30
N ALA C 439 -7.57 45.17 7.63
CA ALA C 439 -6.56 44.70 8.59
C ALA C 439 -7.33 43.98 9.70
N TYR C 440 -7.73 42.74 9.40
CA TYR C 440 -8.56 41.99 10.35
C TYR C 440 -7.82 41.74 11.66
N GLY C 441 -6.49 41.72 11.64
CA GLY C 441 -5.75 41.54 12.88
C GLY C 441 -5.98 42.68 13.86
N ALA C 442 -6.15 43.89 13.33
CA ALA C 442 -6.42 45.05 14.15
C ALA C 442 -7.91 45.39 14.20
N ASN C 443 -8.77 44.60 13.55
CA ASN C 443 -10.21 44.84 13.53
C ASN C 443 -10.53 46.24 13.02
N GLN C 444 -9.80 46.67 11.99
CA GLN C 444 -9.94 48.00 11.46
C GLN C 444 -9.84 47.99 9.94
N VAL C 445 -10.34 49.06 9.33
CA VAL C 445 -10.31 49.25 7.89
C VAL C 445 -9.77 50.65 7.62
N ALA C 446 -8.80 50.75 6.71
CA ALA C 446 -8.19 52.02 6.35
C ALA C 446 -8.62 52.41 4.94
N VAL C 447 -8.99 53.67 4.76
CA VAL C 447 -9.50 54.18 3.48
C VAL C 447 -8.53 55.22 2.95
N TYR C 448 -8.01 54.99 1.75
CA TYR C 448 -7.06 55.89 1.10
C TYR C 448 -7.75 56.64 -0.03
N ARG C 449 -7.66 57.97 0.00
CA ARG C 449 -8.30 58.82 -1.00
C ARG C 449 -7.30 59.22 -2.07
N ALA C 450 -7.65 58.97 -3.32
CA ALA C 450 -6.84 59.44 -4.44
C ALA C 450 -6.95 60.94 -4.57
N GLN C 451 -5.81 61.61 -4.68
CA GLN C 451 -5.77 63.05 -4.77
C GLN C 451 -5.53 63.49 -6.20
N PRO C 452 -5.93 64.71 -6.57
CA PRO C 452 -5.83 65.13 -7.97
C PRO C 452 -4.39 65.16 -8.47
N VAL C 453 -4.28 65.16 -9.80
CA VAL C 453 -3.00 65.27 -10.49
C VAL C 453 -2.94 66.57 -11.27
N GLY D 1 63.98 49.22 -14.25
CA GLY D 1 63.92 50.67 -14.36
C GLY D 1 62.54 51.23 -14.11
N PRO D 2 61.80 51.48 -15.20
CA PRO D 2 60.43 51.99 -15.07
C PRO D 2 59.40 50.88 -14.87
N ASN D 3 58.31 51.24 -14.20
CA ASN D 3 57.19 50.36 -13.93
C ASN D 3 56.04 51.21 -13.39
N ILE D 4 54.92 50.56 -13.08
CA ILE D 4 53.76 51.28 -12.57
C ILE D 4 54.01 51.92 -11.21
N CYS D 5 55.00 51.43 -10.44
CA CYS D 5 55.26 52.00 -9.13
C CYS D 5 55.81 53.42 -9.24
N THR D 6 56.79 53.63 -10.10
CA THR D 6 57.43 54.94 -10.25
C THR D 6 56.56 55.92 -11.03
N THR D 7 55.96 55.46 -12.13
CA THR D 7 55.22 56.36 -13.01
C THR D 7 53.99 56.96 -12.33
N ARG D 8 53.44 56.26 -11.32
CA ARG D 8 52.22 56.72 -10.68
C ARG D 8 52.39 58.08 -10.02
N GLY D 9 53.61 58.39 -9.54
CA GLY D 9 53.85 59.65 -8.87
C GLY D 9 53.14 59.72 -7.54
N VAL D 10 53.48 58.81 -6.64
CA VAL D 10 52.78 58.69 -5.37
C VAL D 10 53.24 59.79 -4.41
N SER D 11 52.31 60.33 -3.65
CA SER D 11 52.61 61.36 -2.66
C SER D 11 52.98 60.78 -1.31
N SER D 12 52.61 59.53 -1.03
CA SER D 12 52.76 58.98 0.32
C SER D 12 53.08 57.50 0.26
N CYS D 13 53.67 57.00 1.34
CA CYS D 13 53.94 55.56 1.46
C CYS D 13 52.64 54.76 1.38
N GLN D 14 51.60 55.22 2.08
CA GLN D 14 50.31 54.53 2.04
C GLN D 14 49.76 54.49 0.62
N GLN D 15 49.97 55.55 -0.15
CA GLN D 15 49.58 55.55 -1.55
C GLN D 15 50.45 54.63 -2.39
N CYS D 16 51.73 54.47 -2.03
CA CYS D 16 52.63 53.65 -2.82
C CYS D 16 52.22 52.17 -2.76
N LEU D 17 51.93 51.67 -1.56
CA LEU D 17 51.52 50.27 -1.43
C LEU D 17 50.21 50.00 -2.13
N ALA D 18 49.32 50.99 -2.21
CA ALA D 18 48.02 50.83 -2.87
C ALA D 18 48.13 50.79 -4.39
N VAL D 19 49.32 51.04 -4.96
CA VAL D 19 49.48 50.97 -6.40
C VAL D 19 49.48 49.51 -6.86
N SER D 20 50.18 48.64 -6.14
CA SER D 20 50.32 47.24 -6.49
C SER D 20 50.97 46.48 -5.34
N PRO D 21 50.67 45.18 -5.16
CA PRO D 21 51.34 44.41 -4.10
C PRO D 21 52.80 44.20 -4.39
N MET D 22 53.21 44.68 -5.56
CA MET D 22 54.57 44.55 -6.07
C MET D 22 55.49 45.68 -5.64
N CYS D 23 54.93 46.85 -5.35
CA CYS D 23 55.74 48.04 -5.06
C CYS D 23 56.16 48.09 -3.60
N ALA D 24 57.25 48.82 -3.35
CA ALA D 24 57.77 49.04 -2.01
C ALA D 24 58.09 50.52 -1.84
N TRP D 25 58.47 50.89 -0.62
CA TRP D 25 58.73 52.28 -0.28
C TRP D 25 60.03 52.41 0.49
N CYS D 26 60.84 53.39 0.10
CA CYS D 26 62.05 53.78 0.80
C CYS D 26 61.75 55.07 1.57
N SER D 27 61.71 54.95 2.90
CA SER D 27 61.49 56.10 3.78
C SER D 27 62.79 56.84 4.12
N ASP D 28 63.92 56.39 3.57
CA ASP D 28 65.21 56.95 3.93
C ASP D 28 65.30 58.44 3.59
N GLU D 29 65.75 59.25 4.56
CA GLU D 29 65.88 60.68 4.36
C GLU D 29 67.11 61.05 3.54
N ALA D 30 68.17 60.24 3.60
CA ALA D 30 69.39 60.45 2.83
C ALA D 30 69.32 59.80 1.45
N LEU D 31 68.14 59.72 0.86
CA LEU D 31 68.00 59.20 -0.49
C LEU D 31 68.33 60.29 -1.51
N PRO D 32 68.99 59.94 -2.62
CA PRO D 32 69.20 60.91 -3.70
C PRO D 32 67.89 61.56 -4.11
N LEU D 33 67.96 62.85 -4.42
CA LEU D 33 66.77 63.58 -4.87
C LEU D 33 66.24 63.00 -6.17
N GLY D 34 67.12 62.84 -7.16
CA GLY D 34 66.77 62.14 -8.37
C GLY D 34 66.66 60.65 -8.12
N SER D 35 65.60 60.24 -7.43
CA SER D 35 65.39 58.85 -7.05
C SER D 35 63.96 58.66 -6.54
N PRO D 36 63.22 57.70 -7.08
CA PRO D 36 61.84 57.48 -6.64
C PRO D 36 61.80 56.69 -5.35
N ARG D 37 60.92 57.13 -4.44
CA ARG D 37 60.70 56.39 -3.20
C ARG D 37 59.79 55.19 -3.40
N CYS D 38 59.13 55.09 -4.55
CA CYS D 38 58.16 54.04 -4.83
C CYS D 38 58.64 53.21 -6.01
N ASP D 39 59.11 52.00 -5.74
CA ASP D 39 59.67 51.13 -6.76
C ASP D 39 59.71 49.71 -6.20
N LEU D 40 60.16 48.77 -7.04
CA LEU D 40 60.35 47.40 -6.58
C LEU D 40 61.48 47.35 -5.56
N LYS D 41 61.50 46.27 -4.77
CA LYS D 41 62.40 46.24 -3.62
C LYS D 41 63.86 46.22 -4.06
N GLU D 42 64.16 45.55 -5.17
CA GLU D 42 65.53 45.53 -5.67
C GLU D 42 66.00 46.92 -6.10
N ASN D 43 65.19 47.59 -6.93
CA ASN D 43 65.57 48.89 -7.46
C ASN D 43 65.82 49.92 -6.34
N LEU D 44 65.16 49.74 -5.19
CA LEU D 44 65.44 50.62 -4.05
C LEU D 44 66.79 50.29 -3.43
N LEU D 45 67.05 48.99 -3.19
CA LEU D 45 68.33 48.58 -2.62
C LEU D 45 69.50 48.89 -3.54
N LYS D 46 69.26 48.92 -4.86
CA LYS D 46 70.31 49.38 -5.77
C LYS D 46 70.77 50.79 -5.43
N ASP D 47 69.82 51.67 -5.08
CA ASP D 47 70.12 53.05 -4.72
C ASP D 47 70.50 53.20 -3.26
N ASN D 48 71.24 52.23 -2.71
CA ASN D 48 71.79 52.28 -1.36
C ASN D 48 70.72 52.56 -0.31
N CYS D 49 69.45 52.35 -0.62
CA CYS D 49 68.40 52.59 0.36
C CYS D 49 68.59 51.68 1.55
N ALA D 50 68.68 52.29 2.73
CA ALA D 50 68.91 51.59 3.98
C ALA D 50 67.96 50.41 4.10
N PRO D 51 68.46 49.18 4.09
CA PRO D 51 67.56 48.01 4.08
C PRO D 51 66.50 48.03 5.17
N GLU D 52 66.83 48.59 6.34
CA GLU D 52 65.83 48.67 7.41
C GLU D 52 64.76 49.71 7.11
N SER D 53 65.12 50.74 6.35
CA SER D 53 64.19 51.82 6.00
C SER D 53 63.25 51.44 4.85
N ILE D 54 63.10 50.15 4.55
CA ILE D 54 62.30 49.69 3.43
C ILE D 54 61.00 49.12 3.97
N GLU D 55 59.88 49.64 3.46
CA GLU D 55 58.55 49.16 3.80
C GLU D 55 58.03 48.33 2.64
N PHE D 56 57.74 47.05 2.89
CA PHE D 56 57.26 46.16 1.85
C PHE D 56 56.53 44.99 2.50
N PRO D 57 55.25 45.16 2.85
CA PRO D 57 54.52 44.07 3.52
C PRO D 57 54.28 42.90 2.58
N VAL D 58 54.21 41.71 3.17
CA VAL D 58 54.03 40.46 2.45
C VAL D 58 52.72 39.83 2.90
N SER D 59 51.84 39.54 1.93
CA SER D 59 50.63 38.79 2.23
C SER D 59 51.01 37.38 2.67
N GLU D 60 50.50 36.97 3.83
CA GLU D 60 50.91 35.70 4.40
C GLU D 60 49.75 35.06 5.13
N ALA D 61 49.69 33.73 5.07
CA ALA D 61 48.77 32.94 5.87
C ALA D 61 49.55 32.26 6.99
N ARG D 62 48.98 32.27 8.20
CA ARG D 62 49.64 31.70 9.36
C ARG D 62 48.61 30.93 10.19
N VAL D 63 49.00 29.76 10.68
CA VAL D 63 48.11 28.88 11.42
C VAL D 63 48.26 29.16 12.91
N LEU D 64 47.13 29.28 13.60
CA LEU D 64 47.10 29.52 15.04
C LEU D 64 46.71 28.27 15.81
N GLU D 65 45.53 27.73 15.55
CA GLU D 65 45.10 26.46 16.13
C GLU D 65 45.20 25.38 15.05
N ASP D 66 45.64 24.18 15.45
CA ASP D 66 45.84 23.12 14.49
C ASP D 66 45.74 21.75 15.17
N ARG D 67 44.60 21.47 15.80
CA ARG D 67 44.40 20.17 16.40
C ARG D 67 44.28 19.10 15.32
N PRO D 68 44.79 17.89 15.57
CA PRO D 68 44.68 16.83 14.57
C PRO D 68 43.25 16.33 14.45
N LEU D 69 42.89 15.90 13.24
CA LEU D 69 41.57 15.33 13.00
C LEU D 69 41.37 14.09 13.85
N SER D 70 40.27 14.04 14.59
CA SER D 70 39.99 12.92 15.47
C SER D 70 39.73 11.65 14.67
N ASP D 71 40.13 10.52 15.24
CA ASP D 71 39.92 9.23 14.59
C ASP D 71 38.54 8.68 14.90
N LYS D 72 38.18 8.65 16.17
CA LYS D 72 36.89 8.18 16.62
C LYS D 72 36.08 9.35 17.17
N GLY D 73 34.76 9.22 17.11
CA GLY D 73 33.86 10.22 17.62
C GLY D 73 33.24 9.93 18.96
N SER D 74 33.68 8.87 19.65
CA SER D 74 33.14 8.52 20.96
C SER D 74 33.81 9.37 22.04
N GLY D 75 33.62 8.98 23.30
CA GLY D 75 34.32 9.65 24.39
C GLY D 75 33.69 10.99 24.71
N ASP D 76 34.53 12.03 24.75
CA ASP D 76 34.07 13.38 25.02
C ASP D 76 33.80 14.11 23.71
N SER D 77 32.65 14.79 23.65
CA SER D 77 32.31 15.56 22.47
C SER D 77 33.16 16.83 22.34
N SER D 78 33.64 17.36 23.47
CA SER D 78 34.51 18.53 23.44
C SER D 78 35.88 18.23 22.82
N GLN D 79 36.24 16.94 22.70
CA GLN D 79 37.51 16.54 22.13
C GLN D 79 37.42 16.15 20.65
N VAL D 80 36.22 16.03 20.09
CA VAL D 80 36.07 15.60 18.70
C VAL D 80 36.47 16.76 17.78
N THR D 81 37.29 16.45 16.78
CA THR D 81 37.77 17.44 15.82
C THR D 81 37.46 16.95 14.41
N GLN D 82 36.65 17.73 13.70
CA GLN D 82 36.25 17.40 12.33
C GLN D 82 36.88 18.30 11.28
N VAL D 83 37.38 19.47 11.66
CA VAL D 83 37.95 20.44 10.73
C VAL D 83 39.38 20.74 11.16
N SER D 84 40.26 20.94 10.17
CA SER D 84 41.63 21.33 10.44
C SER D 84 42.18 22.11 9.24
N PRO D 85 42.83 23.26 9.46
CA PRO D 85 43.01 23.87 10.79
C PRO D 85 41.76 24.61 11.28
N GLN D 86 41.74 25.00 12.55
CA GLN D 86 40.57 25.62 13.16
C GLN D 86 40.66 27.14 13.22
N ARG D 87 41.86 27.71 13.18
CA ARG D 87 42.03 29.15 13.25
C ARG D 87 43.34 29.52 12.56
N ILE D 88 43.25 30.44 11.60
CA ILE D 88 44.42 30.94 10.89
C ILE D 88 44.36 32.46 10.87
N ALA D 89 45.53 33.08 10.70
CA ALA D 89 45.66 34.53 10.57
C ALA D 89 46.06 34.86 9.13
N LEU D 90 45.24 35.65 8.47
CA LEU D 90 45.43 35.97 7.05
C LEU D 90 45.78 37.44 6.91
N ARG D 91 46.95 37.73 6.34
CA ARG D 91 47.41 39.07 6.11
C ARG D 91 47.33 39.38 4.63
N LEU D 92 46.64 40.47 4.28
CA LEU D 92 46.52 40.90 2.89
C LEU D 92 46.81 42.40 2.83
N ARG D 93 47.69 42.78 1.92
CA ARG D 93 47.84 44.18 1.56
C ARG D 93 46.93 44.49 0.38
N PRO D 94 46.67 45.77 0.08
CA PRO D 94 45.61 46.09 -0.89
C PRO D 94 45.73 45.34 -2.20
N ASP D 95 44.60 44.84 -2.69
CA ASP D 95 44.45 44.21 -4.00
C ASP D 95 45.27 42.93 -4.16
N ASP D 96 45.91 42.45 -3.09
CA ASP D 96 46.66 41.21 -3.13
C ASP D 96 45.72 40.03 -2.87
N SER D 97 46.30 38.84 -2.79
CA SER D 97 45.52 37.65 -2.48
C SER D 97 46.47 36.55 -2.03
N LYS D 98 46.19 35.98 -0.87
CA LYS D 98 46.92 34.83 -0.35
C LYS D 98 45.98 33.63 -0.28
N ASN D 99 46.57 32.45 -0.13
CA ASN D 99 45.83 31.20 -0.14
C ASN D 99 46.16 30.36 1.09
N PHE D 100 45.23 29.48 1.42
CA PHE D 100 45.36 28.57 2.56
C PHE D 100 44.54 27.32 2.25
N SER D 101 44.45 26.41 3.22
CA SER D 101 43.80 25.13 2.98
C SER D 101 43.03 24.70 4.23
N ILE D 102 42.06 23.82 4.03
CA ILE D 102 41.21 23.31 5.09
C ILE D 102 40.99 21.82 4.85
N GLN D 103 40.93 21.05 5.94
CA GLN D 103 40.67 19.61 5.87
C GLN D 103 39.41 19.29 6.67
N VAL D 104 38.45 18.66 6.00
CA VAL D 104 37.20 18.22 6.61
C VAL D 104 37.18 16.70 6.63
N ARG D 105 36.59 16.12 7.68
CA ARG D 105 36.53 14.68 7.83
C ARG D 105 35.22 14.27 8.48
N GLN D 106 34.56 13.26 7.91
CA GLN D 106 33.40 12.62 8.51
C GLN D 106 33.91 11.65 9.56
N VAL D 107 33.94 12.12 10.81
CA VAL D 107 34.55 11.34 11.88
C VAL D 107 33.76 10.06 12.12
N GLU D 108 34.48 8.94 12.21
CA GLU D 108 33.87 7.65 12.45
C GLU D 108 33.39 7.55 13.90
N ASP D 109 32.26 6.85 14.08
CA ASP D 109 31.69 6.56 15.40
C ASP D 109 31.24 7.85 16.09
N TYR D 110 30.44 8.64 15.38
CA TYR D 110 29.87 9.88 15.90
C TYR D 110 28.50 9.60 16.51
N PRO D 111 28.16 10.21 17.65
CA PRO D 111 26.85 9.98 18.26
C PRO D 111 25.72 10.34 17.30
N VAL D 112 24.60 9.62 17.43
CA VAL D 112 23.48 9.71 16.50
C VAL D 112 22.19 9.80 17.28
N ASP D 113 21.32 10.73 16.87
CA ASP D 113 19.96 10.84 17.39
C ASP D 113 18.99 10.59 16.24
N ILE D 114 17.97 9.77 16.48
CA ILE D 114 16.96 9.45 15.48
C ILE D 114 15.59 9.55 16.13
N TYR D 115 14.75 10.42 15.60
CA TYR D 115 13.38 10.59 16.07
C TYR D 115 12.43 10.08 14.98
N TYR D 116 11.59 9.10 15.34
CA TYR D 116 10.67 8.48 14.39
C TYR D 116 9.34 9.21 14.45
N LEU D 117 9.03 9.97 13.40
CA LEU D 117 7.76 10.68 13.28
C LEU D 117 6.84 9.87 12.38
N MET D 118 5.76 9.34 12.95
CA MET D 118 4.96 8.31 12.29
C MET D 118 3.55 8.82 11.99
N ASP D 119 3.16 8.70 10.72
CA ASP D 119 1.76 8.88 10.34
C ASP D 119 0.91 7.82 11.02
N LEU D 120 -0.09 8.26 11.78
CA LEU D 120 -1.05 7.35 12.41
C LEU D 120 -2.47 7.65 11.97
N SER D 121 -2.65 8.06 10.72
CA SER D 121 -3.96 7.99 10.10
C SER D 121 -4.31 6.53 9.84
N TYR D 122 -5.56 6.30 9.40
CA TYR D 122 -6.04 4.93 9.29
C TYR D 122 -5.26 4.13 8.25
N SER D 123 -4.64 4.81 7.29
CA SER D 123 -3.91 4.11 6.24
C SER D 123 -2.76 3.29 6.81
N MET D 124 -2.22 3.69 7.97
CA MET D 124 -0.98 3.14 8.52
C MET D 124 -1.22 2.14 9.64
N LYS D 125 -2.36 1.44 9.62
CA LYS D 125 -2.68 0.49 10.69
C LYS D 125 -1.75 -0.72 10.63
N ASP D 126 -1.63 -1.33 9.45
CA ASP D 126 -0.75 -2.49 9.32
C ASP D 126 0.73 -2.10 9.41
N ASP D 127 1.06 -0.84 9.16
CA ASP D 127 2.44 -0.39 9.36
C ASP D 127 2.88 -0.61 10.79
N LEU D 128 1.99 -0.33 11.75
CA LEU D 128 2.36 -0.43 13.16
C LEU D 128 2.86 -1.82 13.52
N TRP D 129 2.26 -2.86 12.92
CA TRP D 129 2.68 -4.22 13.22
C TRP D 129 4.13 -4.46 12.80
N SER D 130 4.54 -3.90 11.67
CA SER D 130 5.89 -4.14 11.17
C SER D 130 6.97 -3.37 11.92
N ILE D 131 6.69 -2.69 13.03
CA ILE D 131 7.73 -1.94 13.74
C ILE D 131 7.59 -2.17 15.25
N GLN D 132 6.90 -3.23 15.64
CA GLN D 132 6.71 -3.50 17.06
C GLN D 132 8.04 -3.63 17.79
N ASN D 133 9.02 -4.28 17.18
CA ASN D 133 10.34 -4.45 17.77
C ASN D 133 11.40 -3.64 17.03
N LEU D 134 11.00 -2.48 16.51
CA LEU D 134 11.93 -1.66 15.73
C LEU D 134 13.08 -1.15 16.60
N GLY D 135 12.79 -0.81 17.85
CA GLY D 135 13.82 -0.21 18.70
C GLY D 135 15.05 -1.10 18.87
N THR D 136 14.83 -2.39 19.12
CA THR D 136 15.94 -3.31 19.27
C THR D 136 16.66 -3.51 17.93
N LYS D 137 15.91 -3.83 16.89
CA LYS D 137 16.53 -4.15 15.59
C LYS D 137 17.22 -2.92 15.00
N LEU D 138 16.65 -1.73 15.19
CA LEU D 138 17.31 -0.53 14.72
C LEU D 138 18.59 -0.27 15.50
N ALA D 139 18.57 -0.49 16.82
CA ALA D 139 19.80 -0.39 17.60
C ALA D 139 20.83 -1.41 17.18
N THR D 140 20.38 -2.59 16.71
CA THR D 140 21.31 -3.62 16.26
C THR D 140 22.19 -3.12 15.11
N GLN D 141 21.56 -2.54 14.09
CA GLN D 141 22.31 -2.17 12.89
C GLN D 141 23.13 -0.91 13.09
N MET D 142 22.60 0.06 13.85
CA MET D 142 23.33 1.29 14.09
C MET D 142 24.53 1.10 15.02
N ARG D 143 24.51 0.08 15.88
CA ARG D 143 25.68 -0.24 16.69
C ARG D 143 26.91 -0.55 15.84
N LYS D 144 26.71 -1.05 14.62
CA LYS D 144 27.80 -1.17 13.67
C LYS D 144 28.39 0.18 13.28
N LEU D 145 27.63 1.27 13.43
CA LEU D 145 28.09 2.61 13.05
C LEU D 145 28.45 3.48 14.24
N THR D 146 27.73 3.37 15.36
CA THR D 146 27.89 4.33 16.44
C THR D 146 27.76 3.64 17.80
N SER D 147 28.40 4.24 18.80
CA SER D 147 28.32 3.81 20.19
C SER D 147 27.32 4.61 21.01
N ASN D 148 27.12 5.90 20.68
CA ASN D 148 26.16 6.75 21.38
C ASN D 148 24.92 6.93 20.51
N LEU D 149 24.01 5.97 20.60
CA LEU D 149 22.74 6.05 19.91
C LEU D 149 21.63 6.46 20.87
N ARG D 150 20.70 7.28 20.37
CA ARG D 150 19.47 7.60 21.08
C ARG D 150 18.32 7.61 20.08
N ILE D 151 17.16 7.13 20.52
CA ILE D 151 15.97 7.09 19.66
C ILE D 151 14.76 7.53 20.46
N GLY D 152 13.77 8.07 19.74
CA GLY D 152 12.52 8.52 20.33
C GLY D 152 11.40 8.31 19.34
N PHE D 153 10.19 8.76 19.71
CA PHE D 153 9.02 8.47 18.91
C PHE D 153 7.99 9.58 19.03
N GLY D 154 7.30 9.86 17.92
CA GLY D 154 6.19 10.79 17.89
C GLY D 154 5.28 10.43 16.74
N ALA D 155 4.03 10.89 16.83
CA ALA D 155 3.01 10.51 15.85
C ALA D 155 2.10 11.68 15.54
N PHE D 156 1.50 11.63 14.35
CA PHE D 156 0.64 12.70 13.86
C PHE D 156 -0.52 12.11 13.07
N VAL D 157 -1.56 12.92 12.91
CA VAL D 157 -2.69 12.60 12.03
C VAL D 157 -3.01 13.82 11.18
N ASP D 158 -3.75 14.77 11.76
CA ASP D 158 -4.23 15.97 11.08
C ASP D 158 -4.88 16.85 12.15
N LYS D 159 -5.24 18.06 11.76
CA LYS D 159 -5.78 19.03 12.71
C LYS D 159 -7.12 18.57 13.26
N PRO D 160 -7.27 18.38 14.58
CA PRO D 160 -8.55 17.91 15.13
C PRO D 160 -9.65 18.95 15.06
N VAL D 161 -10.20 19.15 13.87
CA VAL D 161 -11.24 20.14 13.66
C VAL D 161 -11.98 19.76 12.38
N SER D 162 -13.25 20.16 12.28
CA SER D 162 -13.98 20.00 11.04
C SER D 162 -13.39 20.93 9.98
N PRO D 163 -13.30 20.49 8.71
CA PRO D 163 -13.79 19.22 8.18
C PRO D 163 -12.80 18.05 8.19
N TYR D 164 -11.58 18.25 8.71
CA TYR D 164 -10.63 17.14 8.76
C TYR D 164 -11.14 16.04 9.68
N MET D 165 -11.76 16.41 10.78
CA MET D 165 -12.21 15.48 11.81
C MET D 165 -13.68 15.16 11.62
N TYR D 166 -14.05 13.90 11.84
CA TYR D 166 -15.47 13.54 11.91
C TYR D 166 -16.06 14.07 13.21
N ILE D 167 -17.15 14.83 13.10
CA ILE D 167 -17.71 15.51 14.26
C ILE D 167 -19.15 15.07 14.54
N SER D 168 -19.57 13.91 14.03
CA SER D 168 -20.92 13.44 14.29
C SER D 168 -20.98 11.96 13.95
N PRO D 169 -21.71 11.14 14.73
CA PRO D 169 -22.44 11.49 15.96
C PRO D 169 -21.48 11.70 17.13
N PRO D 170 -21.99 12.08 18.31
CA PRO D 170 -21.10 12.22 19.48
C PRO D 170 -20.21 11.00 19.72
N GLU D 171 -20.65 9.82 19.29
CA GLU D 171 -19.82 8.63 19.39
C GLU D 171 -18.52 8.76 18.60
N ALA D 172 -18.56 9.52 17.49
CA ALA D 172 -17.40 9.57 16.60
C ALA D 172 -16.24 10.37 17.22
N LEU D 173 -16.54 11.38 18.02
CA LEU D 173 -15.48 12.17 18.65
C LEU D 173 -14.63 11.34 19.60
N GLU D 174 -15.18 10.25 20.13
CA GLU D 174 -14.41 9.33 20.96
C GLU D 174 -13.92 8.11 20.19
N ASN D 175 -14.55 7.78 19.07
CA ASN D 175 -14.19 6.60 18.28
C ASN D 175 -14.51 6.88 16.83
N PRO D 176 -13.58 7.49 16.09
CA PRO D 176 -13.85 7.82 14.68
C PRO D 176 -14.14 6.62 13.80
N CYS D 177 -13.99 5.41 14.35
CA CYS D 177 -14.24 4.17 13.63
C CYS D 177 -15.53 3.50 14.10
N TYR D 178 -16.53 4.32 14.43
CA TYR D 178 -17.79 3.81 14.98
C TYR D 178 -18.61 3.08 13.93
N ASP D 179 -18.73 3.66 12.73
CA ASP D 179 -19.59 3.09 11.70
C ASP D 179 -19.02 1.78 11.17
N MET D 180 -17.71 1.68 11.09
CA MET D 180 -17.05 0.40 10.86
C MET D 180 -17.09 -0.44 12.12
N LYS D 181 -17.08 -1.75 11.95
CA LYS D 181 -17.18 -2.66 13.09
C LYS D 181 -15.86 -2.73 13.87
N THR D 182 -15.32 -1.58 14.26
CA THR D 182 -14.02 -1.55 14.92
C THR D 182 -13.94 -0.33 15.83
N THR D 183 -12.74 -0.07 16.33
CA THR D 183 -12.48 1.01 17.28
C THR D 183 -11.09 1.57 17.03
N CYS D 184 -10.96 2.90 17.09
CA CYS D 184 -9.68 3.56 16.93
C CYS D 184 -9.58 4.71 17.94
N LEU D 185 -8.47 5.45 17.87
CA LEU D 185 -8.22 6.52 18.83
C LEU D 185 -8.95 7.79 18.45
N PRO D 186 -9.33 8.61 19.43
CA PRO D 186 -9.79 9.97 19.12
C PRO D 186 -8.70 10.72 18.37
N MET D 187 -9.12 11.59 17.46
CA MET D 187 -8.16 12.26 16.59
C MET D 187 -7.20 13.12 17.40
N PHE D 188 -5.98 13.24 16.90
CA PHE D 188 -4.99 14.13 17.51
C PHE D 188 -4.13 14.73 16.42
N GLY D 189 -3.65 15.94 16.65
CA GLY D 189 -2.77 16.60 15.70
C GLY D 189 -1.37 16.02 15.73
N TYR D 190 -0.62 16.34 16.78
CA TYR D 190 0.71 15.80 17.00
C TYR D 190 0.92 15.57 18.49
N LYS D 191 1.48 14.42 18.83
CA LYS D 191 1.77 14.08 20.22
C LYS D 191 3.18 13.51 20.31
N HIS D 192 3.93 13.98 21.30
CA HIS D 192 5.28 13.49 21.56
C HIS D 192 5.22 12.29 22.50
N VAL D 193 5.67 11.14 22.03
CA VAL D 193 5.55 9.90 22.79
C VAL D 193 6.79 9.69 23.66
N LEU D 194 7.93 9.48 23.01
CA LEU D 194 9.15 9.08 23.70
C LEU D 194 10.26 10.09 23.42
N THR D 195 10.79 10.68 24.48
CA THR D 195 11.98 11.52 24.36
C THR D 195 13.18 10.66 23.97
N LEU D 196 14.06 11.24 23.16
CA LEU D 196 15.27 10.56 22.73
C LEU D 196 16.04 10.01 23.93
N THR D 197 16.25 8.71 23.94
CA THR D 197 16.90 8.02 25.04
C THR D 197 17.77 6.90 24.50
N ASP D 198 18.71 6.45 25.34
CA ASP D 198 19.57 5.33 25.02
C ASP D 198 18.98 3.98 25.44
N GLN D 199 17.84 3.98 26.13
CA GLN D 199 17.21 2.73 26.56
C GLN D 199 16.23 2.30 25.48
N VAL D 200 16.75 1.57 24.49
CA VAL D 200 15.98 1.24 23.30
C VAL D 200 14.81 0.30 23.60
N THR D 201 14.81 -0.36 24.76
CA THR D 201 13.64 -1.17 25.12
C THR D 201 12.46 -0.28 25.49
N ARG D 202 12.72 0.94 25.95
CA ARG D 202 11.64 1.91 26.14
C ARG D 202 10.92 2.18 24.83
N PHE D 203 11.62 2.02 23.71
CA PHE D 203 11.01 2.26 22.40
C PHE D 203 9.99 1.18 22.06
N ASN D 204 10.41 -0.09 22.09
CA ASN D 204 9.50 -1.18 21.78
C ASN D 204 8.29 -1.19 22.70
N GLU D 205 8.47 -0.76 23.96
CA GLU D 205 7.35 -0.72 24.89
C GLU D 205 6.29 0.27 24.43
N GLU D 206 6.68 1.51 24.13
CA GLU D 206 5.70 2.53 23.79
C GLU D 206 5.03 2.26 22.45
N VAL D 207 5.75 1.66 21.51
CA VAL D 207 5.17 1.42 20.18
C VAL D 207 4.04 0.40 20.27
N LYS D 208 4.16 -0.59 21.16
CA LYS D 208 3.09 -1.56 21.35
C LYS D 208 1.83 -0.90 21.89
N LYS D 209 1.97 0.21 22.61
CA LYS D 209 0.84 0.95 23.15
C LYS D 209 0.19 1.88 22.14
N GLN D 210 0.73 2.00 20.93
CA GLN D 210 0.22 2.94 19.95
C GLN D 210 -0.86 2.31 19.08
N SER D 211 -1.84 3.12 18.70
CA SER D 211 -2.87 2.72 17.76
C SER D 211 -3.21 3.91 16.87
N VAL D 212 -3.87 3.62 15.74
CA VAL D 212 -4.13 4.65 14.74
C VAL D 212 -5.35 5.48 15.12
N SER D 213 -5.60 6.55 14.37
CA SER D 213 -6.87 7.24 14.41
C SER D 213 -7.38 7.28 12.98
N ARG D 214 -8.35 8.15 12.71
CA ARG D 214 -8.97 8.20 11.41
C ARG D 214 -9.48 9.61 11.16
N ASN D 215 -9.38 10.06 9.90
CA ASN D 215 -9.85 11.38 9.52
C ASN D 215 -10.39 11.31 8.09
N ARG D 216 -10.88 12.45 7.61
CA ARG D 216 -11.69 12.49 6.40
C ARG D 216 -10.89 12.72 5.13
N ASP D 217 -9.91 13.61 5.14
CA ASP D 217 -9.23 14.02 3.91
C ASP D 217 -7.87 13.35 3.78
N ALA D 218 -7.54 12.93 2.55
CA ALA D 218 -6.32 12.18 2.29
C ALA D 218 -5.06 12.92 2.69
N PRO D 219 -4.87 14.21 2.36
CA PRO D 219 -3.68 14.91 2.87
C PRO D 219 -3.71 14.97 4.39
N GLU D 220 -2.54 14.83 5.00
CA GLU D 220 -2.44 14.74 6.45
C GLU D 220 -1.60 15.90 6.99
N GLY D 221 -1.58 16.01 8.31
CA GLY D 221 -0.92 17.14 8.94
C GLY D 221 0.49 16.83 9.39
N GLY D 222 1.31 16.30 8.47
CA GLY D 222 2.64 15.88 8.85
C GLY D 222 3.61 17.02 9.05
N PHE D 223 3.42 18.11 8.31
CA PHE D 223 4.36 19.21 8.40
C PHE D 223 4.23 19.97 9.72
N ASP D 224 3.00 20.06 10.25
CA ASP D 224 2.82 20.59 11.59
C ASP D 224 3.68 19.85 12.60
N ALA D 225 3.82 18.54 12.44
CA ALA D 225 4.59 17.75 13.38
C ALA D 225 6.08 17.94 13.19
N ILE D 226 6.52 18.01 11.93
CA ILE D 226 7.94 18.25 11.66
C ILE D 226 8.40 19.55 12.30
N MET D 227 7.59 20.60 12.17
CA MET D 227 7.89 21.87 12.80
C MET D 227 8.06 21.72 14.31
N GLN D 228 7.15 20.98 14.94
CA GLN D 228 7.20 20.83 16.39
C GLN D 228 8.36 19.93 16.83
N ALA D 229 8.56 18.81 16.13
CA ALA D 229 9.71 17.96 16.45
C ALA D 229 11.03 18.69 16.21
N THR D 230 11.02 19.76 15.43
CA THR D 230 12.23 20.52 15.19
C THR D 230 12.50 21.51 16.32
N VAL D 231 11.51 22.33 16.66
CA VAL D 231 11.75 23.51 17.50
C VAL D 231 11.57 23.26 18.99
N CYS D 232 11.04 22.11 19.39
CA CYS D 232 10.90 21.80 20.81
C CYS D 232 12.12 20.99 21.24
N ASP D 233 13.21 21.72 21.50
CA ASP D 233 14.51 21.09 21.74
C ASP D 233 14.49 20.22 22.98
N GLU D 234 13.94 20.73 24.08
CA GLU D 234 14.01 19.99 25.34
C GLU D 234 13.17 18.72 25.29
N LYS D 235 11.94 18.81 24.80
CA LYS D 235 11.06 17.65 24.84
C LYS D 235 11.53 16.53 23.92
N ILE D 236 11.94 16.87 22.69
CA ILE D 236 12.50 15.85 21.81
C ILE D 236 13.83 15.35 22.35
N GLY D 237 14.61 16.26 22.94
CA GLY D 237 15.89 15.90 23.52
C GLY D 237 17.04 15.80 22.54
N TRP D 238 17.03 16.58 21.46
CA TRP D 238 18.15 16.62 20.54
C TRP D 238 19.43 16.95 21.30
N ARG D 239 20.54 16.34 20.87
CA ARG D 239 21.81 16.49 21.55
C ARG D 239 22.71 17.50 20.86
N ASN D 240 23.62 18.08 21.62
CA ASN D 240 24.51 19.13 21.11
C ASN D 240 25.41 18.60 20.00
N ASP D 241 26.16 17.54 20.29
CA ASP D 241 27.20 17.10 19.39
C ASP D 241 26.87 15.74 18.81
N ALA D 242 25.80 15.67 18.02
CA ALA D 242 25.35 14.42 17.42
C ALA D 242 24.65 14.72 16.11
N SER D 243 24.63 13.72 15.24
CA SER D 243 23.82 13.79 14.04
C SER D 243 22.34 13.71 14.42
N HIS D 244 21.51 14.47 13.71
CA HIS D 244 20.08 14.57 14.04
C HIS D 244 19.28 14.11 12.84
N LEU D 245 18.70 12.92 12.93
CA LEU D 245 17.87 12.37 11.88
C LEU D 245 16.41 12.43 12.31
N LEU D 246 15.54 12.87 11.41
CA LEU D 246 14.10 12.94 11.64
C LEU D 246 13.43 12.11 10.56
N VAL D 247 12.85 10.98 10.96
CA VAL D 247 12.26 10.04 10.01
C VAL D 247 10.77 10.34 9.88
N PHE D 248 10.35 10.67 8.66
CA PHE D 248 8.98 11.10 8.36
C PHE D 248 8.32 10.04 7.48
N THR D 249 7.45 9.22 8.08
CA THR D 249 6.77 8.16 7.36
C THR D 249 5.33 8.57 7.06
N THR D 250 4.93 8.42 5.80
CA THR D 250 3.56 8.69 5.38
C THR D 250 3.32 8.00 4.05
N ASP D 251 2.04 7.85 3.70
CA ASP D 251 1.65 7.23 2.44
C ASP D 251 0.67 8.09 1.66
N ALA D 252 0.64 9.39 1.91
CA ALA D 252 -0.34 10.26 1.28
C ALA D 252 0.25 11.66 1.11
N LYS D 253 -0.52 12.52 0.44
CA LYS D 253 -0.18 13.91 0.29
C LYS D 253 -0.05 14.59 1.66
N THR D 254 0.43 15.82 1.65
CA THR D 254 0.66 16.55 2.89
C THR D 254 0.05 17.95 2.80
N HIS D 255 -0.48 18.42 3.91
CA HIS D 255 -1.01 19.77 3.97
C HIS D 255 0.13 20.78 4.08
N ILE D 256 0.02 21.86 3.31
CA ILE D 256 1.02 22.91 3.30
C ILE D 256 0.39 24.19 3.86
N ALA D 257 1.22 25.22 4.02
CA ALA D 257 0.72 26.50 4.51
C ALA D 257 -0.37 27.04 3.58
N LEU D 258 -1.35 27.72 4.19
CA LEU D 258 -2.54 28.30 3.58
C LEU D 258 -3.62 27.24 3.32
N ASP D 259 -3.35 25.95 3.58
CA ASP D 259 -4.42 24.96 3.52
C ASP D 259 -5.39 25.10 4.69
N GLY D 260 -4.90 25.52 5.85
CA GLY D 260 -5.71 25.60 7.05
C GLY D 260 -6.89 26.55 6.97
N ARG D 261 -6.96 27.38 5.93
CA ARG D 261 -8.11 28.28 5.80
C ARG D 261 -9.41 27.52 5.60
N LEU D 262 -9.34 26.28 5.13
CA LEU D 262 -10.54 25.45 5.03
C LEU D 262 -11.07 25.01 6.39
N ALA D 263 -10.31 25.23 7.46
CA ALA D 263 -10.80 25.00 8.82
C ALA D 263 -11.03 26.30 9.58
N GLY D 264 -11.06 27.43 8.88
CA GLY D 264 -11.14 28.71 9.56
C GLY D 264 -9.82 29.22 10.12
N ILE D 265 -8.74 28.46 9.97
CA ILE D 265 -7.44 28.85 10.50
C ILE D 265 -6.76 29.81 9.52
N VAL D 266 -6.36 30.98 10.00
CA VAL D 266 -5.74 31.98 9.13
C VAL D 266 -4.45 32.53 9.75
N GLN D 267 -4.20 32.18 11.02
CA GLN D 267 -2.99 32.68 11.66
C GLN D 267 -1.77 31.92 11.14
N PRO D 268 -0.75 32.62 10.66
CA PRO D 268 0.43 31.93 10.12
C PRO D 268 1.20 31.18 11.19
N ASN D 269 1.90 30.13 10.76
CA ASN D 269 2.73 29.38 11.67
C ASN D 269 3.85 30.26 12.23
N ASP D 270 3.98 30.29 13.55
CA ASP D 270 4.97 31.15 14.19
C ASP D 270 6.33 30.48 14.38
N GLY D 271 6.45 29.19 14.08
CA GLY D 271 7.72 28.51 14.23
C GLY D 271 8.22 28.40 15.66
N GLN D 272 7.33 28.51 16.64
CA GLN D 272 7.68 28.35 18.04
C GLN D 272 7.16 27.01 18.55
N CYS D 273 7.56 26.66 19.78
CA CYS D 273 7.18 25.39 20.39
C CYS D 273 5.86 25.55 21.13
N HIS D 274 4.94 24.60 20.91
CA HIS D 274 3.62 24.62 21.55
C HIS D 274 3.25 23.21 21.99
N VAL D 275 4.15 22.54 22.71
CA VAL D 275 3.92 21.21 23.24
C VAL D 275 4.18 21.27 24.74
N GLY D 276 3.11 21.19 25.52
CA GLY D 276 3.19 21.30 26.97
C GLY D 276 3.21 19.96 27.66
N SER D 277 2.89 19.98 28.95
CA SER D 277 2.99 18.79 29.78
C SER D 277 2.18 17.63 29.21
N ASP D 278 1.06 17.92 28.55
CA ASP D 278 0.23 16.88 27.96
C ASP D 278 0.85 16.26 26.71
N ASN D 279 2.01 16.75 26.27
CA ASN D 279 2.74 16.18 25.12
C ASN D 279 1.92 16.22 23.83
N HIS D 280 0.99 17.16 23.72
CA HIS D 280 0.24 17.39 22.49
C HIS D 280 0.53 18.80 21.98
N TYR D 281 0.37 18.97 20.67
CA TYR D 281 0.59 20.25 20.01
C TYR D 281 -0.68 21.09 20.13
N SER D 282 -0.65 22.10 21.01
CA SER D 282 -1.87 22.77 21.41
C SER D 282 -2.36 23.77 20.37
N ALA D 283 -1.46 24.34 19.56
CA ALA D 283 -1.84 25.29 18.53
C ALA D 283 -2.42 24.63 17.28
N SER D 284 -2.72 23.33 17.35
CA SER D 284 -3.12 22.58 16.15
C SER D 284 -4.40 23.15 15.54
N THR D 285 -5.33 23.63 16.36
CA THR D 285 -6.61 24.14 15.89
C THR D 285 -6.67 25.65 15.89
N THR D 286 -5.52 26.33 15.98
CA THR D 286 -5.48 27.78 16.03
C THR D 286 -4.40 28.39 15.15
N MET D 287 -3.62 27.58 14.43
CA MET D 287 -2.42 28.06 13.76
C MET D 287 -2.19 27.22 12.50
N ASP D 288 -1.97 27.90 11.38
CA ASP D 288 -1.91 27.26 10.09
C ASP D 288 -0.66 26.38 9.96
N TYR D 289 -0.68 25.53 8.94
CA TYR D 289 0.46 24.67 8.67
C TYR D 289 1.67 25.52 8.30
N PRO D 290 2.88 25.05 8.61
CA PRO D 290 4.08 25.82 8.24
C PRO D 290 4.32 25.77 6.74
N SER D 291 5.11 26.72 6.27
CA SER D 291 5.50 26.77 4.88
C SER D 291 6.86 26.11 4.70
N LEU D 292 7.15 25.70 3.46
CA LEU D 292 8.43 25.10 3.15
C LEU D 292 9.59 26.01 3.58
N GLY D 293 9.45 27.32 3.35
CA GLY D 293 10.48 28.24 3.76
C GLY D 293 10.72 28.21 5.26
N LEU D 294 9.65 28.28 6.05
CA LEU D 294 9.81 28.26 7.49
C LEU D 294 10.40 26.93 7.96
N MET D 295 9.99 25.83 7.35
CA MET D 295 10.55 24.53 7.72
C MET D 295 12.05 24.48 7.44
N THR D 296 12.48 24.99 6.29
CA THR D 296 13.90 25.05 5.99
C THR D 296 14.64 25.91 7.02
N GLU D 297 14.01 26.99 7.48
CA GLU D 297 14.65 27.87 8.45
C GLU D 297 14.90 27.16 9.77
N LYS D 298 13.90 26.43 10.27
CA LYS D 298 14.03 25.82 11.58
C LYS D 298 14.84 24.53 11.54
N LEU D 299 14.72 23.77 10.44
CA LEU D 299 15.54 22.56 10.31
C LEU D 299 17.02 22.91 10.25
N SER D 300 17.35 24.05 9.63
CA SER D 300 18.74 24.48 9.51
C SER D 300 19.26 25.07 10.81
N GLN D 301 18.44 25.88 11.49
CA GLN D 301 18.84 26.46 12.77
C GLN D 301 19.13 25.39 13.81
N LYS D 302 18.36 24.30 13.79
CA LYS D 302 18.50 23.23 14.78
C LYS D 302 19.32 22.05 14.28
N ASN D 303 19.82 22.12 13.06
CA ASN D 303 20.66 21.07 12.47
C ASN D 303 19.94 19.72 12.48
N ILE D 304 18.83 19.67 11.74
CA ILE D 304 18.01 18.47 11.63
C ILE D 304 18.05 17.98 10.19
N ASN D 305 18.27 16.68 10.01
CA ASN D 305 18.21 16.04 8.70
C ASN D 305 16.85 15.38 8.56
N LEU D 306 16.00 15.95 7.71
CA LEU D 306 14.66 15.44 7.48
C LEU D 306 14.71 14.37 6.39
N ILE D 307 14.24 13.17 6.73
CA ILE D 307 14.20 12.05 5.79
C ILE D 307 12.74 11.75 5.49
N PHE D 308 12.32 12.07 4.27
CA PHE D 308 10.99 11.71 3.79
C PHE D 308 10.97 10.23 3.47
N ALA D 309 10.40 9.43 4.37
CA ALA D 309 10.22 8.00 4.12
C ALA D 309 8.78 7.80 3.66
N VAL D 310 8.57 7.85 2.35
CA VAL D 310 7.22 7.86 1.79
C VAL D 310 7.05 6.67 0.84
N THR D 311 5.79 6.35 0.57
CA THR D 311 5.47 5.22 -0.28
C THR D 311 5.54 5.60 -1.75
N GLU D 312 5.56 4.58 -2.61
CA GLU D 312 5.83 4.78 -4.03
C GLU D 312 4.86 5.77 -4.66
N ASN D 313 3.61 5.79 -4.19
CA ASN D 313 2.59 6.62 -4.81
C ASN D 313 2.80 8.11 -4.60
N VAL D 314 3.74 8.51 -3.74
CA VAL D 314 3.94 9.93 -3.46
C VAL D 314 5.43 10.27 -3.41
N VAL D 315 6.30 9.37 -3.85
CA VAL D 315 7.73 9.66 -3.82
C VAL D 315 8.04 10.87 -4.69
N ASN D 316 7.52 10.89 -5.92
CA ASN D 316 7.74 12.03 -6.81
C ASN D 316 7.33 13.34 -6.14
N LEU D 317 6.25 13.31 -5.37
CA LEU D 317 5.83 14.50 -4.63
C LEU D 317 6.91 14.92 -3.64
N TYR D 318 7.26 14.04 -2.71
CA TYR D 318 8.26 14.37 -1.70
C TYR D 318 9.66 14.44 -2.27
N GLN D 319 9.92 13.79 -3.42
CA GLN D 319 11.17 14.04 -4.12
C GLN D 319 11.26 15.48 -4.57
N ASN D 320 10.14 16.04 -5.02
CA ASN D 320 10.11 17.42 -5.50
C ASN D 320 10.12 18.43 -4.36
N TYR D 321 9.49 18.11 -3.22
CA TYR D 321 9.62 18.95 -2.05
C TYR D 321 11.06 18.95 -1.54
N SER D 322 11.73 17.80 -1.63
CA SER D 322 13.11 17.68 -1.16
C SER D 322 14.04 18.62 -1.90
N GLU D 323 13.72 18.92 -3.16
CA GLU D 323 14.51 19.88 -3.94
C GLU D 323 14.20 21.33 -3.58
N LEU D 324 13.12 21.57 -2.84
CA LEU D 324 12.85 22.91 -2.32
C LEU D 324 13.35 23.09 -0.88
N ILE D 325 13.64 21.98 -0.18
CA ILE D 325 14.22 22.01 1.15
C ILE D 325 15.58 21.33 1.10
N PRO D 326 16.63 22.02 0.66
CA PRO D 326 17.93 21.36 0.49
C PRO D 326 18.42 20.73 1.79
N GLY D 327 18.99 19.54 1.67
CA GLY D 327 19.45 18.78 2.81
C GLY D 327 18.56 17.61 3.19
N THR D 328 17.30 17.62 2.77
CA THR D 328 16.41 16.51 3.07
C THR D 328 16.64 15.36 2.09
N THR D 329 16.32 14.15 2.55
CA THR D 329 16.50 12.93 1.77
C THR D 329 15.16 12.23 1.61
N VAL D 330 15.02 11.47 0.51
CA VAL D 330 13.79 10.77 0.19
C VAL D 330 14.10 9.28 0.09
N GLY D 331 13.28 8.46 0.77
CA GLY D 331 13.41 7.02 0.68
C GLY D 331 12.07 6.39 0.36
N VAL D 332 12.11 5.32 -0.44
CA VAL D 332 10.90 4.62 -0.87
C VAL D 332 10.47 3.71 0.26
N LEU D 333 9.35 4.05 0.90
CA LEU D 333 8.79 3.23 1.97
C LEU D 333 7.80 2.24 1.39
N SER D 334 7.86 1.00 1.88
CA SER D 334 6.90 0.01 1.46
C SER D 334 5.52 0.34 2.04
N MET D 335 4.49 -0.35 1.54
CA MET D 335 3.13 -0.08 2.00
C MET D 335 2.91 -0.45 3.46
N ASP D 336 3.89 -1.09 4.10
CA ASP D 336 3.72 -1.53 5.49
C ASP D 336 4.92 -1.19 6.37
N SER D 337 5.79 -0.28 5.93
CA SER D 337 6.99 0.14 6.68
C SER D 337 7.91 -1.04 7.01
N SER D 338 7.82 -2.13 6.25
CA SER D 338 8.64 -3.30 6.53
C SER D 338 10.12 -3.04 6.25
N ASN D 339 10.42 -2.20 5.27
CA ASN D 339 11.80 -1.89 4.90
C ASN D 339 12.35 -0.66 5.61
N VAL D 340 11.63 -0.15 6.61
CA VAL D 340 11.94 1.18 7.15
C VAL D 340 13.34 1.21 7.74
N LEU D 341 13.80 0.10 8.31
CA LEU D 341 15.12 0.09 8.96
C LEU D 341 16.22 0.31 7.94
N GLN D 342 16.24 -0.51 6.88
CA GLN D 342 17.24 -0.33 5.84
C GLN D 342 17.06 0.98 5.09
N LEU D 343 15.88 1.59 5.18
CA LEU D 343 15.68 2.92 4.62
C LEU D 343 16.36 3.98 5.47
N ILE D 344 16.34 3.80 6.80
CA ILE D 344 17.02 4.74 7.69
C ILE D 344 18.52 4.65 7.49
N VAL D 345 19.08 3.44 7.53
CA VAL D 345 20.53 3.25 7.40
C VAL D 345 21.03 3.78 6.06
N ASP D 346 20.30 3.49 4.98
CA ASP D 346 20.71 3.97 3.66
C ASP D 346 20.67 5.49 3.59
N ALA D 347 19.74 6.12 4.32
CA ALA D 347 19.69 7.59 4.33
C ALA D 347 20.78 8.19 5.19
N TYR D 348 21.06 7.58 6.35
CA TYR D 348 22.15 8.06 7.19
C TYR D 348 23.49 8.04 6.47
N GLY D 349 23.70 7.07 5.57
CA GLY D 349 24.91 7.08 4.75
C GLY D 349 24.87 8.14 3.66
N LYS D 350 23.72 8.28 2.99
CA LYS D 350 23.59 9.31 1.97
C LYS D 350 23.72 10.70 2.56
N ILE D 351 23.35 10.86 3.84
CA ILE D 351 23.51 12.16 4.51
C ILE D 351 24.99 12.47 4.73
N ARG D 352 25.72 11.51 5.30
CA ARG D 352 27.14 11.69 5.59
C ARG D 352 28.04 11.37 4.40
N SER D 353 27.47 11.30 3.20
CA SER D 353 28.24 11.11 1.96
C SER D 353 28.69 12.43 1.35
N LYS D 354 28.29 13.56 1.92
CA LYS D 354 28.58 14.87 1.37
C LYS D 354 29.28 15.75 2.39
N VAL D 355 30.15 16.62 1.88
CA VAL D 355 30.75 17.70 2.64
C VAL D 355 30.66 18.96 1.78
N GLU D 356 29.97 19.98 2.30
CA GLU D 356 29.69 21.20 1.56
C GLU D 356 30.05 22.39 2.43
N LEU D 357 30.87 23.28 1.89
CA LEU D 357 31.37 24.43 2.64
C LEU D 357 30.41 25.61 2.53
N GLU D 358 30.21 26.29 3.64
CA GLU D 358 29.50 27.56 3.67
C GLU D 358 30.33 28.57 4.45
N VAL D 359 30.34 29.81 3.97
CA VAL D 359 31.10 30.89 4.57
C VAL D 359 30.13 31.81 5.28
N ARG D 360 30.52 32.26 6.47
CA ARG D 360 29.69 33.16 7.28
C ARG D 360 30.50 34.38 7.66
N ASP D 361 29.86 35.56 7.57
CA ASP D 361 30.45 36.84 7.94
C ASP D 361 31.59 37.23 7.00
N LEU D 362 31.49 36.88 5.73
CA LEU D 362 32.53 37.24 4.77
C LEU D 362 32.42 38.72 4.43
N PRO D 363 33.46 39.52 4.64
CA PRO D 363 33.37 40.95 4.36
C PRO D 363 33.14 41.23 2.89
N GLU D 364 32.61 42.44 2.63
CA GLU D 364 32.16 42.81 1.30
C GLU D 364 33.31 42.82 0.30
N GLU D 365 34.49 43.25 0.73
CA GLU D 365 35.62 43.41 -0.17
C GLU D 365 36.37 42.11 -0.43
N LEU D 366 36.16 41.08 0.39
CA LEU D 366 36.80 39.79 0.17
C LEU D 366 36.01 38.94 -0.82
N SER D 367 36.73 38.15 -1.60
CA SER D 367 36.15 37.13 -2.46
C SER D 367 37.00 35.87 -2.34
N LEU D 368 36.34 34.73 -2.30
CA LEU D 368 37.01 33.45 -2.10
C LEU D 368 36.81 32.54 -3.32
N SER D 369 37.71 31.58 -3.46
CA SER D 369 37.65 30.60 -4.54
C SER D 369 38.20 29.28 -4.00
N PHE D 370 37.53 28.19 -4.36
CA PHE D 370 37.77 26.87 -3.75
C PHE D 370 38.21 25.87 -4.81
N ASN D 371 39.16 25.00 -4.44
CA ASN D 371 39.56 23.86 -5.25
C ASN D 371 39.44 22.61 -4.40
N ALA D 372 38.44 21.78 -4.71
CA ALA D 372 38.17 20.59 -3.94
C ALA D 372 39.08 19.44 -4.38
N THR D 373 39.50 18.64 -3.40
CA THR D 373 40.23 17.39 -3.63
C THR D 373 39.44 16.31 -2.90
N CYS D 374 38.50 15.69 -3.63
CA CYS D 374 37.55 14.78 -3.00
C CYS D 374 38.05 13.35 -3.01
N LEU D 375 37.36 12.46 -3.72
CA LEU D 375 37.74 11.06 -3.78
C LEU D 375 39.13 10.90 -4.39
N ASN D 376 39.97 10.12 -3.71
CA ASN D 376 41.37 9.90 -4.10
C ASN D 376 42.05 11.26 -4.01
N ASN D 377 42.74 11.73 -5.05
CA ASN D 377 43.37 13.04 -5.12
C ASN D 377 42.93 13.79 -6.36
N GLU D 378 41.68 13.57 -6.79
CA GLU D 378 41.15 14.23 -7.98
C GLU D 378 40.77 15.65 -7.58
N VAL D 379 41.61 16.61 -7.99
CA VAL D 379 41.36 18.01 -7.69
C VAL D 379 40.29 18.54 -8.63
N ILE D 380 39.31 19.24 -8.06
CA ILE D 380 38.18 19.75 -8.83
C ILE D 380 38.13 21.27 -8.70
N PRO D 381 38.39 22.01 -9.79
CA PRO D 381 38.45 23.47 -9.69
C PRO D 381 37.08 24.12 -9.63
N GLY D 382 37.01 25.24 -8.92
CA GLY D 382 35.78 25.97 -8.72
C GLY D 382 34.66 25.19 -8.05
N LEU D 383 34.99 24.33 -7.09
CA LEU D 383 34.00 23.50 -6.41
C LEU D 383 34.31 23.50 -4.91
N LYS D 384 33.29 23.79 -4.11
CA LYS D 384 33.40 23.87 -2.66
C LYS D 384 32.61 22.76 -1.97
N SER D 385 32.40 21.64 -2.68
CA SER D 385 31.58 20.57 -2.17
C SER D 385 32.06 19.23 -2.73
N CYS D 386 31.93 18.18 -1.93
CA CYS D 386 32.26 16.83 -2.33
C CYS D 386 31.04 15.92 -2.22
N MET D 387 31.04 14.85 -3.02
CA MET D 387 29.99 13.85 -3.01
C MET D 387 30.61 12.47 -3.14
N GLY D 388 29.79 11.44 -2.87
CA GLY D 388 30.26 10.07 -2.98
C GLY D 388 31.19 9.62 -1.88
N LEU D 389 31.17 10.28 -0.74
CA LEU D 389 32.09 9.98 0.35
C LEU D 389 31.52 8.89 1.27
N LYS D 390 32.40 8.30 2.06
CA LYS D 390 32.03 7.27 3.01
C LYS D 390 32.51 7.68 4.40
N ILE D 391 31.82 7.18 5.43
CA ILE D 391 32.14 7.53 6.80
C ILE D 391 33.57 7.12 7.12
N GLY D 392 34.41 8.09 7.44
CA GLY D 392 35.82 7.87 7.68
C GLY D 392 36.74 8.55 6.68
N ASP D 393 36.27 8.86 5.48
CA ASP D 393 37.09 9.54 4.49
C ASP D 393 37.41 10.97 4.94
N THR D 394 38.39 11.57 4.27
CA THR D 394 38.81 12.94 4.53
C THR D 394 38.98 13.65 3.20
N VAL D 395 38.60 14.93 3.16
CA VAL D 395 38.75 15.75 1.97
C VAL D 395 39.41 17.06 2.37
N SER D 396 39.83 17.82 1.35
CA SER D 396 40.52 19.08 1.55
C SER D 396 40.10 20.06 0.46
N PHE D 397 40.23 21.35 0.77
CA PHE D 397 39.94 22.42 -0.17
C PHE D 397 41.08 23.43 -0.14
N SER D 398 41.49 23.89 -1.32
CA SER D 398 42.40 25.00 -1.43
C SER D 398 41.60 26.29 -1.61
N ILE D 399 41.84 27.26 -0.73
CA ILE D 399 41.08 28.50 -0.68
C ILE D 399 42.01 29.66 -0.95
N GLU D 400 41.53 30.63 -1.74
CA GLU D 400 42.29 31.83 -2.07
C GLU D 400 41.44 33.06 -1.79
N ALA D 401 41.96 33.98 -0.97
CA ALA D 401 41.24 35.15 -0.51
C ALA D 401 41.77 36.40 -1.21
N LYS D 402 40.93 37.00 -2.06
CA LYS D 402 41.30 38.16 -2.85
C LYS D 402 40.53 39.38 -2.36
N VAL D 403 41.22 40.29 -1.70
CA VAL D 403 40.62 41.54 -1.26
C VAL D 403 40.68 42.55 -2.40
N ARG D 404 39.63 43.33 -2.55
CA ARG D 404 39.58 44.42 -3.52
C ARG D 404 39.83 45.73 -2.77
N GLY D 405 40.99 46.34 -3.00
CA GLY D 405 41.31 47.59 -2.34
C GLY D 405 41.73 47.40 -0.90
N CYS D 406 41.42 48.40 -0.08
CA CYS D 406 41.72 48.38 1.36
C CYS D 406 40.51 48.86 2.15
N PRO D 407 39.92 48.03 2.99
CA PRO D 407 38.71 48.43 3.72
C PRO D 407 39.02 49.43 4.83
N GLN D 408 37.93 50.00 5.38
CA GLN D 408 38.07 51.00 6.43
C GLN D 408 38.55 50.38 7.74
N GLU D 409 37.95 49.25 8.13
CA GLU D 409 38.36 48.54 9.34
C GLU D 409 39.48 47.57 8.99
N LYS D 410 40.58 47.66 9.73
CA LYS D 410 41.79 46.92 9.38
C LYS D 410 41.79 45.48 9.86
N GLU D 411 40.85 45.08 10.71
CA GLU D 411 40.83 43.72 11.24
C GLU D 411 39.41 43.19 11.24
N LYS D 412 39.20 42.09 10.52
CA LYS D 412 37.92 41.40 10.48
C LYS D 412 38.18 39.91 10.58
N SER D 413 37.11 39.13 10.75
CA SER D 413 37.25 37.69 10.78
C SER D 413 35.95 37.05 10.28
N PHE D 414 36.08 35.96 9.54
CA PHE D 414 34.94 35.20 9.05
C PHE D 414 35.16 33.72 9.33
N THR D 415 34.09 32.93 9.16
CA THR D 415 34.08 31.53 9.51
C THR D 415 33.80 30.68 8.27
N ILE D 416 34.54 29.58 8.14
CA ILE D 416 34.30 28.56 7.12
C ILE D 416 33.90 27.29 7.85
N LYS D 417 32.61 26.94 7.75
CA LYS D 417 32.05 25.75 8.36
C LYS D 417 31.43 24.86 7.30
N PRO D 418 31.60 23.55 7.41
CA PRO D 418 30.84 22.63 6.56
C PRO D 418 29.41 22.51 7.05
N VAL D 419 28.49 22.36 6.09
CA VAL D 419 27.06 22.34 6.42
C VAL D 419 26.78 21.16 7.33
N GLY D 420 26.29 21.44 8.53
CA GLY D 420 25.90 20.43 9.48
C GLY D 420 26.94 20.06 10.50
N PHE D 421 28.17 20.55 10.36
CA PHE D 421 29.24 20.22 11.28
C PHE D 421 29.27 21.20 12.45
N LYS D 422 29.95 20.78 13.53
CA LYS D 422 30.12 21.63 14.71
C LYS D 422 31.40 22.45 14.64
N ASP D 423 32.50 21.80 14.27
CA ASP D 423 33.78 22.50 14.17
C ASP D 423 33.81 23.38 12.93
N SER D 424 34.68 24.39 12.97
CA SER D 424 34.77 25.37 11.88
C SER D 424 36.19 25.88 11.80
N LEU D 425 36.47 26.59 10.70
CA LEU D 425 37.71 27.33 10.52
C LEU D 425 37.39 28.82 10.64
N ILE D 426 37.95 29.46 11.66
CA ILE D 426 37.80 30.90 11.86
C ILE D 426 39.02 31.58 11.25
N VAL D 427 38.79 32.39 10.23
CA VAL D 427 39.85 33.10 9.53
C VAL D 427 39.93 34.51 10.09
N GLN D 428 41.05 34.84 10.72
CA GLN D 428 41.28 36.18 11.29
C GLN D 428 42.04 37.01 10.26
N VAL D 429 41.33 37.90 9.57
CA VAL D 429 41.92 38.73 8.53
C VAL D 429 42.50 40.00 9.14
N THR D 430 43.59 40.47 8.55
CA THR D 430 44.23 41.71 8.96
C THR D 430 44.77 42.37 7.71
N PHE D 431 44.33 43.60 7.44
CA PHE D 431 44.63 44.28 6.19
C PHE D 431 45.85 45.18 6.37
N ASP D 432 46.90 44.91 5.60
CA ASP D 432 48.16 45.63 5.69
C ASP D 432 48.13 46.81 4.71
N CYS D 433 47.45 47.87 5.14
CA CYS D 433 47.32 49.06 4.30
C CYS D 433 48.33 50.15 4.63
N ASP D 434 48.71 50.27 5.90
CA ASP D 434 49.55 51.36 6.36
C ASP D 434 50.99 50.90 6.48
N CYS D 435 51.91 51.86 6.32
CA CYS D 435 53.33 51.64 6.51
C CYS D 435 53.69 51.80 7.98
N ALA D 436 54.74 51.08 8.39
CA ALA D 436 55.17 51.13 9.78
C ALA D 436 55.76 52.49 10.16
N CYS D 437 56.36 53.19 9.19
CA CYS D 437 56.92 54.51 9.43
C CYS D 437 55.88 55.59 9.72
N GLN D 438 54.59 55.25 9.63
CA GLN D 438 53.54 56.22 9.94
C GLN D 438 53.36 56.43 11.44
N ALA D 439 53.84 55.50 12.28
CA ALA D 439 53.78 55.70 13.71
C ALA D 439 54.78 56.76 14.18
N GLN D 440 55.89 56.91 13.44
CA GLN D 440 56.88 57.95 13.72
C GLN D 440 56.57 59.26 13.00
N ALA D 441 55.34 59.44 12.54
CA ALA D 441 54.95 60.67 11.86
C ALA D 441 55.11 61.86 12.81
N GLU D 442 55.49 63.00 12.23
CA GLU D 442 55.78 64.19 13.01
C GLU D 442 54.76 65.27 12.70
N PRO D 443 53.72 65.44 13.53
CA PRO D 443 52.73 66.48 13.24
C PRO D 443 53.32 67.87 13.44
N ASN D 444 53.01 68.77 12.50
CA ASN D 444 53.48 70.15 12.54
C ASN D 444 55.01 70.22 12.57
N SER D 445 55.64 69.54 11.62
CA SER D 445 57.09 69.45 11.60
C SER D 445 57.70 70.74 11.05
N HIS D 446 58.83 71.13 11.63
CA HIS D 446 59.59 72.27 11.11
C HIS D 446 59.98 72.05 9.66
N ARG D 447 60.26 70.79 9.29
CA ARG D 447 60.83 70.45 8.00
C ARG D 447 59.86 70.66 6.84
N CYS D 448 58.56 70.79 7.13
CA CYS D 448 57.52 70.90 6.11
C CYS D 448 56.83 72.26 6.25
N ASN D 449 57.30 73.23 5.46
CA ASN D 449 56.66 74.55 5.36
C ASN D 449 56.72 75.31 6.68
N ASN D 450 57.86 75.19 7.37
CA ASN D 450 58.13 75.88 8.64
C ASN D 450 57.27 75.33 9.79
N GLY D 451 56.18 74.64 9.47
CA GLY D 451 55.34 74.05 10.49
C GLY D 451 53.89 73.88 10.07
N ASN D 452 53.66 73.65 8.77
CA ASN D 452 52.32 73.53 8.24
C ASN D 452 51.98 72.12 7.75
N GLY D 453 52.94 71.20 7.73
CA GLY D 453 52.70 69.86 7.22
C GLY D 453 53.20 68.80 8.19
N THR D 454 52.94 67.55 7.79
CA THR D 454 53.29 66.37 8.58
C THR D 454 54.43 65.63 7.90
N PHE D 455 55.43 65.25 8.68
CA PHE D 455 56.61 64.54 8.17
C PHE D 455 56.49 63.07 8.54
N GLU D 456 56.12 62.25 7.55
CA GLU D 456 56.03 60.81 7.72
C GLU D 456 56.75 60.13 6.56
N CYS D 457 57.52 59.09 6.89
CA CYS D 457 58.12 58.20 5.90
C CYS D 457 58.99 58.95 4.89
N GLY D 458 59.68 59.99 5.35
CA GLY D 458 60.64 60.69 4.52
C GLY D 458 60.08 61.73 3.57
N VAL D 459 58.81 62.09 3.70
CA VAL D 459 58.19 63.08 2.83
C VAL D 459 57.27 63.98 3.66
N CYS D 460 56.73 65.02 3.02
CA CYS D 460 55.87 66.01 3.66
C CYS D 460 54.45 65.91 3.11
N ARG D 461 53.51 65.52 3.96
CA ARG D 461 52.10 65.47 3.60
C ARG D 461 51.39 66.71 4.12
N CYS D 462 50.43 67.20 3.35
CA CYS D 462 49.60 68.31 3.82
C CYS D 462 48.75 67.85 5.00
N GLY D 463 48.78 68.62 6.09
CA GLY D 463 48.15 68.20 7.30
C GLY D 463 46.63 68.25 7.21
N PRO D 464 45.96 67.91 8.30
CA PRO D 464 44.49 67.91 8.30
C PRO D 464 43.94 69.32 8.27
N GLY D 465 42.87 69.50 7.49
CA GLY D 465 42.21 70.77 7.33
C GLY D 465 42.67 71.57 6.12
N TRP D 466 43.81 71.21 5.54
CA TRP D 466 44.31 71.86 4.34
C TRP D 466 43.81 71.13 3.10
N LEU D 467 43.31 71.87 2.13
CA LEU D 467 42.84 71.31 0.87
C LEU D 467 43.93 71.41 -0.19
N GLY D 468 44.01 70.40 -1.05
CA GLY D 468 45.04 70.35 -2.07
C GLY D 468 46.19 69.44 -1.69
N SER D 469 46.76 68.73 -2.67
CA SER D 469 47.90 67.87 -2.41
C SER D 469 49.17 68.67 -2.12
N GLN D 470 49.22 69.93 -2.53
CA GLN D 470 50.36 70.79 -2.29
C GLN D 470 49.98 72.05 -1.53
N CYS D 471 48.70 72.22 -1.20
CA CYS D 471 48.25 73.29 -0.32
C CYS D 471 48.56 74.65 -0.93
N GLU E 1 -41.02 26.54 -19.18
CA GLU E 1 -42.15 26.25 -18.29
C GLU E 1 -42.14 24.78 -17.87
N VAL E 2 -42.64 24.51 -16.67
CA VAL E 2 -42.75 23.15 -16.13
C VAL E 2 -44.06 22.54 -16.58
N GLN E 3 -44.01 21.28 -17.00
CA GLN E 3 -45.20 20.55 -17.42
C GLN E 3 -44.91 19.05 -17.50
N LEU E 4 -45.79 18.24 -16.93
CA LEU E 4 -45.63 16.79 -16.85
C LEU E 4 -46.63 16.14 -17.80
N GLN E 5 -46.12 15.50 -18.84
CA GLN E 5 -46.94 14.82 -19.83
C GLN E 5 -46.84 13.32 -19.60
N GLN E 6 -47.98 12.67 -19.39
CA GLN E 6 -48.04 11.25 -19.11
C GLN E 6 -48.57 10.50 -20.34
N SER E 7 -48.59 9.17 -20.24
CA SER E 7 -49.11 8.33 -21.31
C SER E 7 -50.63 8.48 -21.41
N GLY E 8 -51.20 7.84 -22.46
CA GLY E 8 -52.63 7.84 -22.66
C GLY E 8 -53.32 6.76 -21.85
N ALA E 9 -54.66 6.88 -21.79
CA ALA E 9 -55.47 5.95 -21.01
C ALA E 9 -55.17 4.51 -21.39
N GLU E 10 -55.14 3.63 -20.40
CA GLU E 10 -54.78 2.24 -20.58
C GLU E 10 -55.94 1.34 -20.21
N LEU E 11 -56.18 0.32 -21.04
CA LEU E 11 -57.17 -0.71 -20.76
C LEU E 11 -56.51 -2.07 -20.90
N VAL E 12 -56.64 -2.90 -19.87
CA VAL E 12 -55.94 -4.18 -19.79
C VAL E 12 -56.79 -5.15 -18.99
N LYS E 13 -56.56 -6.44 -19.20
CA LYS E 13 -57.34 -7.46 -18.51
C LYS E 13 -56.70 -7.79 -17.16
N PRO E 14 -57.47 -8.39 -16.25
CA PRO E 14 -56.91 -8.75 -14.94
C PRO E 14 -55.73 -9.71 -15.08
N GLY E 15 -54.84 -9.67 -14.09
CA GLY E 15 -53.62 -10.44 -14.11
C GLY E 15 -52.59 -10.03 -15.13
N ALA E 16 -52.82 -8.92 -15.87
CA ALA E 16 -51.84 -8.40 -16.81
C ALA E 16 -50.89 -7.43 -16.06
N SER E 17 -50.07 -6.69 -16.81
CA SER E 17 -49.08 -5.80 -16.18
C SER E 17 -48.82 -4.64 -17.14
N VAL E 18 -49.30 -3.45 -16.78
CA VAL E 18 -49.15 -2.25 -17.58
C VAL E 18 -48.03 -1.40 -16.97
N LYS E 19 -47.38 -0.60 -17.80
CA LYS E 19 -46.26 0.24 -17.38
C LYS E 19 -46.53 1.66 -17.85
N LEU E 20 -46.91 2.54 -16.92
CA LEU E 20 -47.25 3.92 -17.26
C LEU E 20 -45.98 4.76 -17.39
N SER E 21 -46.14 5.96 -17.94
CA SER E 21 -45.01 6.82 -18.29
C SER E 21 -45.38 8.27 -18.01
N CYS E 22 -44.36 9.06 -17.66
CA CYS E 22 -44.56 10.48 -17.38
C CYS E 22 -43.28 11.22 -17.80
N THR E 23 -43.35 11.91 -18.93
CA THR E 23 -42.19 12.56 -19.52
C THR E 23 -42.14 14.02 -19.10
N ALA E 24 -40.96 14.47 -18.67
CA ALA E 24 -40.79 15.85 -18.25
C ALA E 24 -40.67 16.77 -19.47
N SER E 25 -41.25 17.96 -19.35
CA SER E 25 -41.29 18.94 -20.44
C SER E 25 -40.84 20.29 -19.93
N GLY E 26 -39.74 20.81 -20.48
CA GLY E 26 -39.21 22.10 -20.07
C GLY E 26 -38.22 22.05 -18.93
N PHE E 27 -37.74 20.87 -18.54
CA PHE E 27 -36.78 20.73 -17.45
C PHE E 27 -36.26 19.29 -17.47
N ASN E 28 -35.09 19.10 -16.87
CA ASN E 28 -34.49 17.79 -16.79
C ASN E 28 -35.09 17.02 -15.62
N ILE E 29 -35.52 15.78 -15.87
CA ILE E 29 -36.18 15.00 -14.84
C ILE E 29 -35.23 14.67 -13.70
N LYS E 30 -33.93 14.79 -13.92
CA LYS E 30 -32.94 14.54 -12.89
C LYS E 30 -33.05 15.52 -11.72
N ASP E 31 -33.88 16.56 -11.85
CA ASP E 31 -33.80 17.69 -10.93
C ASP E 31 -34.35 17.35 -9.55
N THR E 32 -35.58 16.83 -9.49
CA THR E 32 -36.31 16.73 -8.23
C THR E 32 -36.78 15.31 -7.99
N TYR E 33 -37.45 15.13 -6.85
CA TYR E 33 -38.22 13.92 -6.59
C TYR E 33 -39.38 13.84 -7.56
N VAL E 34 -39.84 12.62 -7.83
CA VAL E 34 -41.02 12.36 -8.64
C VAL E 34 -41.90 11.38 -7.88
N HIS E 35 -43.13 11.78 -7.59
CA HIS E 35 -44.08 10.96 -6.86
C HIS E 35 -45.18 10.45 -7.80
N TRP E 36 -45.70 9.27 -7.49
CA TRP E 36 -46.86 8.70 -8.18
C TRP E 36 -48.02 8.68 -7.19
N VAL E 37 -49.19 9.12 -7.66
CA VAL E 37 -50.38 9.22 -6.81
C VAL E 37 -51.55 8.55 -7.53
N LYS E 38 -52.33 7.79 -6.77
CA LYS E 38 -53.51 7.08 -7.26
C LYS E 38 -54.77 7.79 -6.76
N GLN E 39 -55.80 7.80 -7.60
CA GLN E 39 -57.05 8.48 -7.27
C GLN E 39 -58.23 7.64 -7.70
N ARG E 40 -59.08 7.27 -6.73
CA ARG E 40 -60.34 6.59 -6.96
C ARG E 40 -61.48 7.48 -6.48
N PRO E 41 -62.69 7.31 -7.02
CA PRO E 41 -63.81 8.15 -6.54
C PRO E 41 -64.15 7.93 -5.08
N GLU E 42 -64.33 6.68 -4.66
CA GLU E 42 -64.79 6.40 -3.30
C GLU E 42 -63.64 6.53 -2.29
N GLN E 43 -62.55 5.78 -2.51
CA GLN E 43 -61.46 5.77 -1.55
C GLN E 43 -60.78 7.13 -1.44
N GLY E 44 -60.41 7.72 -2.58
CA GLY E 44 -59.80 9.02 -2.60
C GLY E 44 -58.39 8.99 -3.18
N LEU E 45 -57.53 9.85 -2.65
CA LEU E 45 -56.15 9.97 -3.13
C LEU E 45 -55.21 9.13 -2.28
N GLU E 46 -54.30 8.43 -2.96
CA GLU E 46 -53.35 7.54 -2.31
C GLU E 46 -51.96 7.75 -2.88
N TRP E 47 -51.00 8.01 -2.00
CA TRP E 47 -49.61 8.17 -2.40
C TRP E 47 -48.98 6.80 -2.61
N ILE E 48 -48.40 6.59 -3.79
CA ILE E 48 -47.81 5.31 -4.14
C ILE E 48 -46.35 5.25 -3.72
N GLY E 49 -45.56 6.23 -4.14
CA GLY E 49 -44.14 6.22 -3.87
C GLY E 49 -43.45 7.34 -4.60
N ARG E 50 -42.11 7.30 -4.57
CA ARG E 50 -41.32 8.34 -5.20
C ARG E 50 -40.02 7.74 -5.73
N ILE E 51 -39.31 8.53 -6.53
CA ILE E 51 -38.01 8.14 -7.06
C ILE E 51 -37.16 9.39 -7.23
N ASP E 52 -35.85 9.23 -7.04
CA ASP E 52 -34.88 10.28 -7.29
C ASP E 52 -34.15 9.95 -8.58
N PRO E 53 -34.54 10.53 -9.72
CA PRO E 53 -33.93 10.13 -11.01
C PRO E 53 -32.43 10.41 -11.08
N ALA E 54 -31.87 11.17 -10.15
CA ALA E 54 -30.44 11.44 -10.14
C ALA E 54 -29.60 10.24 -9.70
N ASN E 55 -30.24 9.15 -9.26
CA ASN E 55 -29.53 7.94 -8.90
C ASN E 55 -30.39 6.71 -9.14
N GLY E 56 -31.69 6.82 -8.85
CA GLY E 56 -32.64 5.74 -9.03
C GLY E 56 -33.27 5.22 -7.76
N TYR E 57 -32.88 5.71 -6.59
CA TYR E 57 -33.43 5.21 -5.33
C TYR E 57 -34.91 5.55 -5.19
N THR E 58 -35.65 4.66 -4.53
CA THR E 58 -37.10 4.70 -4.47
C THR E 58 -37.59 4.54 -3.04
N LYS E 59 -38.82 4.99 -2.82
CA LYS E 59 -39.50 4.89 -1.53
C LYS E 59 -40.97 4.59 -1.82
N TYR E 60 -41.50 3.51 -1.23
CA TYR E 60 -42.86 3.05 -1.52
C TYR E 60 -43.72 3.08 -0.26
N ASP E 61 -45.01 3.31 -0.47
CA ASP E 61 -46.01 3.01 0.55
C ASP E 61 -46.13 1.50 0.66
N PRO E 62 -45.96 0.91 1.85
CA PRO E 62 -45.92 -0.56 1.95
C PRO E 62 -47.18 -1.26 1.42
N LYS E 63 -48.28 -0.54 1.25
CA LYS E 63 -49.49 -1.15 0.68
C LYS E 63 -49.25 -1.62 -0.75
N PHE E 64 -48.56 -0.81 -1.55
CA PHE E 64 -48.34 -1.07 -2.97
C PHE E 64 -47.09 -1.90 -3.22
N GLN E 65 -46.57 -2.58 -2.19
CA GLN E 65 -45.40 -3.42 -2.37
C GLN E 65 -45.69 -4.59 -3.30
N GLY E 66 -44.71 -4.92 -4.14
CA GLY E 66 -44.91 -5.95 -5.15
C GLY E 66 -45.64 -5.43 -6.37
N LYS E 67 -46.81 -4.84 -6.15
CA LYS E 67 -47.62 -4.31 -7.24
C LYS E 67 -46.91 -3.18 -7.97
N ALA E 68 -46.71 -2.05 -7.30
CA ALA E 68 -46.15 -0.87 -7.95
C ALA E 68 -44.63 -0.94 -8.00
N THR E 69 -44.07 -0.50 -9.11
CA THR E 69 -42.62 -0.52 -9.33
C THR E 69 -42.22 0.74 -10.08
N ILE E 70 -41.53 1.66 -9.40
CA ILE E 70 -41.14 2.93 -10.00
C ILE E 70 -39.72 2.83 -10.53
N THR E 71 -39.52 3.34 -11.75
CA THR E 71 -38.22 3.39 -12.40
C THR E 71 -38.10 4.71 -13.15
N ALA E 72 -36.89 5.00 -13.64
CA ALA E 72 -36.67 6.25 -14.36
C ALA E 72 -35.42 6.15 -15.22
N ASP E 73 -35.51 6.60 -16.46
CA ASP E 73 -34.40 6.63 -17.41
C ASP E 73 -34.12 8.09 -17.76
N THR E 74 -32.94 8.57 -17.36
CA THR E 74 -32.60 9.98 -17.59
C THR E 74 -32.49 10.28 -19.09
N SER E 75 -32.07 9.30 -19.88
CA SER E 75 -31.89 9.53 -21.32
C SER E 75 -33.21 9.85 -22.00
N SER E 76 -34.25 9.04 -21.72
CA SER E 76 -35.61 9.36 -22.16
C SER E 76 -36.19 10.55 -21.40
N ASN E 77 -35.59 10.95 -20.27
CA ASN E 77 -36.13 12.01 -19.43
C ASN E 77 -37.55 11.70 -18.99
N THR E 78 -37.73 10.51 -18.43
CA THR E 78 -39.07 10.00 -18.13
C THR E 78 -39.01 9.03 -16.97
N ALA E 79 -39.97 9.16 -16.06
CA ALA E 79 -40.16 8.23 -14.95
C ALA E 79 -41.36 7.34 -15.23
N TYR E 80 -41.25 6.08 -14.81
CA TYR E 80 -42.27 5.08 -15.09
C TYR E 80 -42.86 4.53 -13.79
N LEU E 81 -44.09 4.04 -13.91
CA LEU E 81 -44.75 3.23 -12.88
C LEU E 81 -45.17 1.92 -13.51
N GLN E 82 -44.52 0.83 -13.09
CA GLN E 82 -44.84 -0.51 -13.56
C GLN E 82 -45.79 -1.16 -12.58
N LEU E 83 -47.05 -1.30 -12.99
CA LEU E 83 -48.04 -2.05 -12.22
C LEU E 83 -48.09 -3.47 -12.74
N SER E 84 -48.27 -4.42 -11.82
CA SER E 84 -48.21 -5.84 -12.17
C SER E 84 -49.30 -6.59 -11.40
N SER E 85 -49.84 -7.63 -12.04
CA SER E 85 -50.90 -8.47 -11.48
C SER E 85 -52.11 -7.61 -11.07
N LEU E 86 -52.77 -7.09 -12.10
CA LEU E 86 -53.83 -6.11 -11.90
C LEU E 86 -55.12 -6.79 -11.44
N THR E 87 -55.92 -6.01 -10.71
CA THR E 87 -57.24 -6.40 -10.25
C THR E 87 -58.23 -5.32 -10.67
N SER E 88 -59.50 -5.52 -10.30
CA SER E 88 -60.50 -4.49 -10.51
C SER E 88 -60.28 -3.30 -9.56
N GLU E 89 -59.67 -3.54 -8.40
CA GLU E 89 -59.35 -2.46 -7.47
C GLU E 89 -58.25 -1.54 -7.97
N ASP E 90 -57.37 -2.03 -8.85
CA ASP E 90 -56.34 -1.20 -9.46
C ASP E 90 -56.89 -0.24 -10.51
N THR E 91 -58.18 -0.28 -10.80
CA THR E 91 -58.80 0.59 -11.80
C THR E 91 -58.93 2.01 -11.23
N ALA E 92 -58.09 2.92 -11.69
CA ALA E 92 -58.06 4.27 -11.13
C ALA E 92 -57.25 5.18 -12.06
N VAL E 93 -57.15 6.44 -11.66
CA VAL E 93 -56.38 7.45 -12.37
C VAL E 93 -55.06 7.65 -11.64
N TYR E 94 -53.95 7.64 -12.37
CA TYR E 94 -52.61 7.72 -11.79
C TYR E 94 -51.92 8.98 -12.31
N TYR E 95 -51.34 9.75 -11.38
CA TYR E 95 -50.65 10.99 -11.69
C TYR E 95 -49.19 10.89 -11.28
N CYS E 96 -48.34 11.66 -11.97
CA CYS E 96 -46.99 11.93 -11.50
C CYS E 96 -46.93 13.35 -10.95
N VAL E 97 -46.13 13.52 -9.89
CA VAL E 97 -46.07 14.78 -9.15
C VAL E 97 -44.63 15.12 -8.86
N ARG E 98 -44.34 16.42 -8.84
CA ARG E 98 -43.04 16.95 -8.45
C ARG E 98 -43.23 18.25 -7.69
N PRO E 99 -42.30 18.61 -6.82
CA PRO E 99 -42.39 19.89 -6.11
C PRO E 99 -41.95 21.06 -6.98
N LEU E 100 -42.26 22.26 -6.51
CA LEU E 100 -41.79 23.49 -7.15
C LEU E 100 -40.49 23.93 -6.49
N TYR E 101 -40.57 24.38 -5.25
CA TYR E 101 -39.41 24.82 -4.48
C TYR E 101 -39.07 23.83 -3.38
N ASP E 102 -39.91 23.71 -2.36
CA ASP E 102 -39.71 22.80 -1.25
C ASP E 102 -39.40 21.40 -1.76
N TYR E 103 -38.27 20.85 -1.32
CA TYR E 103 -37.84 19.51 -1.77
C TYR E 103 -38.92 18.46 -1.59
N TYR E 104 -39.78 18.62 -0.58
CA TYR E 104 -40.70 17.57 -0.14
C TYR E 104 -42.16 17.87 -0.47
N ALA E 105 -42.43 18.82 -1.35
CA ALA E 105 -43.80 19.26 -1.61
C ALA E 105 -44.42 18.50 -2.78
N MET E 106 -45.72 18.72 -2.97
CA MET E 106 -46.50 18.11 -4.05
C MET E 106 -47.22 19.26 -4.76
N ASP E 107 -46.61 19.81 -5.80
CA ASP E 107 -47.13 21.06 -6.32
C ASP E 107 -47.45 21.03 -7.81
N TYR E 108 -46.63 20.36 -8.62
CA TYR E 108 -46.88 20.23 -10.06
C TYR E 108 -47.40 18.83 -10.35
N TRP E 109 -48.52 18.75 -11.06
CA TRP E 109 -49.20 17.49 -11.33
C TRP E 109 -49.39 17.29 -12.83
N GLY E 110 -49.06 16.10 -13.31
CA GLY E 110 -49.39 15.75 -14.67
C GLY E 110 -50.90 15.65 -14.86
N GLN E 111 -51.31 15.51 -16.12
CA GLN E 111 -52.73 15.49 -16.45
C GLN E 111 -53.42 14.19 -16.08
N GLY E 112 -52.67 13.12 -15.78
CA GLY E 112 -53.27 11.89 -15.29
C GLY E 112 -53.56 10.85 -16.34
N THR E 113 -53.34 9.58 -15.99
CA THR E 113 -53.59 8.46 -16.87
C THR E 113 -54.66 7.57 -16.24
N SER E 114 -55.71 7.27 -16.99
CA SER E 114 -56.77 6.37 -16.53
C SER E 114 -56.39 4.94 -16.88
N VAL E 115 -56.38 4.07 -15.88
CA VAL E 115 -56.07 2.65 -16.07
C VAL E 115 -57.31 1.85 -15.69
N THR E 116 -57.88 1.15 -16.65
CA THR E 116 -59.05 0.31 -16.44
C THR E 116 -58.67 -1.15 -16.58
N VAL E 117 -59.17 -1.98 -15.66
CA VAL E 117 -58.93 -3.41 -15.68
C VAL E 117 -60.29 -4.12 -15.77
N SER E 118 -60.44 -4.99 -16.75
CA SER E 118 -61.70 -5.68 -16.98
C SER E 118 -61.44 -6.81 -17.97
N SER E 119 -62.29 -7.83 -17.92
CA SER E 119 -62.18 -8.99 -18.79
C SER E 119 -63.00 -8.86 -20.06
N ALA E 120 -64.06 -8.06 -20.05
CA ALA E 120 -64.97 -8.02 -21.20
C ALA E 120 -64.26 -7.49 -22.44
N LYS E 121 -64.62 -8.05 -23.59
CA LYS E 121 -64.07 -7.62 -24.87
C LYS E 121 -64.91 -6.45 -25.40
N THR E 122 -64.66 -6.07 -26.65
CA THR E 122 -65.42 -4.97 -27.25
C THR E 122 -66.88 -5.37 -27.39
N THR E 123 -67.78 -4.44 -27.07
CA THR E 123 -69.20 -4.74 -27.03
C THR E 123 -69.99 -3.51 -27.45
N ALA E 124 -70.89 -3.68 -28.42
CA ALA E 124 -71.74 -2.60 -28.89
C ALA E 124 -72.94 -2.41 -27.96
N PRO E 125 -73.48 -1.20 -27.87
CA PRO E 125 -74.57 -0.93 -26.92
C PRO E 125 -75.95 -1.27 -27.48
N SER E 126 -76.89 -1.40 -26.55
CA SER E 126 -78.31 -1.51 -26.86
C SER E 126 -78.96 -0.14 -26.69
N VAL E 127 -80.14 0.01 -27.30
CA VAL E 127 -80.89 1.26 -27.25
C VAL E 127 -82.36 0.94 -27.08
N TYR E 128 -82.96 1.42 -25.99
CA TYR E 128 -84.36 1.20 -25.67
C TYR E 128 -85.06 2.54 -25.46
N PRO E 129 -86.16 2.80 -26.14
CA PRO E 129 -86.93 4.04 -25.91
C PRO E 129 -87.80 3.95 -24.66
N LEU E 130 -88.12 5.12 -24.12
CA LEU E 130 -88.85 5.24 -22.86
C LEU E 130 -89.86 6.37 -22.98
N ALA E 131 -91.14 6.02 -23.00
CA ALA E 131 -92.25 6.96 -23.11
C ALA E 131 -93.13 6.87 -21.87
N PRO E 132 -93.93 7.89 -21.59
CA PRO E 132 -94.72 7.89 -20.35
C PRO E 132 -95.74 6.76 -20.31
N VAL E 133 -96.19 6.45 -19.09
CA VAL E 133 -97.17 5.39 -18.88
C VAL E 133 -98.55 5.85 -19.37
N CYS E 134 -99.31 4.91 -19.94
CA CYS E 134 -100.70 5.14 -20.33
C CYS E 134 -101.53 5.70 -19.18
N SER E 140 -98.91 20.13 -19.48
CA SER E 140 -98.19 21.35 -19.81
C SER E 140 -96.75 21.05 -20.23
N SER E 141 -96.21 19.94 -19.77
CA SER E 141 -94.83 19.58 -20.04
C SER E 141 -94.68 18.07 -19.89
N VAL E 142 -93.71 17.51 -20.61
CA VAL E 142 -93.52 16.07 -20.69
C VAL E 142 -92.02 15.77 -20.73
N THR E 143 -91.63 14.68 -20.08
CA THR E 143 -90.26 14.19 -20.06
C THR E 143 -90.18 12.86 -20.81
N LEU E 144 -89.18 12.72 -21.66
CA LEU E 144 -88.92 11.49 -22.41
C LEU E 144 -87.71 10.76 -21.83
N GLY E 145 -87.28 9.69 -22.50
CA GLY E 145 -86.20 8.88 -21.99
C GLY E 145 -85.55 8.06 -23.10
N CYS E 146 -84.34 7.61 -22.82
CA CYS E 146 -83.54 6.94 -23.85
C CYS E 146 -82.40 6.18 -23.16
N LEU E 147 -82.68 4.91 -22.83
CA LEU E 147 -81.73 4.07 -22.11
C LEU E 147 -80.77 3.38 -23.07
N VAL E 148 -79.53 3.19 -22.62
CA VAL E 148 -78.48 2.56 -23.40
C VAL E 148 -77.72 1.61 -22.48
N LYS E 149 -77.66 0.33 -22.85
CA LYS E 149 -77.16 -0.71 -21.96
C LYS E 149 -76.20 -1.64 -22.70
N GLY E 150 -75.27 -2.23 -21.93
CA GLY E 150 -74.40 -3.29 -22.38
C GLY E 150 -73.41 -2.91 -23.45
N TYR E 151 -72.32 -2.23 -23.08
CA TYR E 151 -71.31 -1.83 -24.04
C TYR E 151 -69.97 -1.68 -23.33
N PHE E 152 -68.90 -1.81 -24.12
CA PHE E 152 -67.53 -1.76 -23.62
C PHE E 152 -66.63 -1.54 -24.81
N PRO E 153 -65.61 -0.67 -24.71
CA PRO E 153 -65.38 0.16 -23.53
C PRO E 153 -66.05 1.52 -23.59
N GLU E 154 -65.72 2.41 -22.64
CA GLU E 154 -66.17 3.79 -22.70
C GLU E 154 -65.41 4.53 -23.80
N PRO E 155 -65.96 5.66 -24.30
CA PRO E 155 -67.27 6.27 -24.00
C PRO E 155 -68.26 6.20 -25.18
N VAL E 156 -69.32 7.00 -25.09
CA VAL E 156 -70.40 7.01 -26.06
C VAL E 156 -70.85 8.45 -26.26
N THR E 157 -71.81 8.65 -27.19
CA THR E 157 -72.32 9.98 -27.51
C THR E 157 -73.82 9.88 -27.69
N LEU E 158 -74.57 10.56 -26.83
CA LEU E 158 -76.03 10.56 -26.88
C LEU E 158 -76.49 11.97 -27.22
N THR E 159 -77.11 12.11 -28.39
CA THR E 159 -77.74 13.34 -28.84
C THR E 159 -79.22 13.06 -29.10
N TRP E 160 -80.01 14.13 -29.21
CA TRP E 160 -81.43 14.05 -29.51
C TRP E 160 -81.68 14.70 -30.87
N ASN E 161 -82.18 13.90 -31.82
CA ASN E 161 -82.40 14.37 -33.19
C ASN E 161 -81.09 14.86 -33.82
N SER E 162 -80.02 14.12 -33.57
CA SER E 162 -78.72 14.31 -34.23
C SER E 162 -78.10 15.66 -33.86
N GLY E 163 -78.10 15.95 -32.56
CA GLY E 163 -77.53 17.19 -32.04
C GLY E 163 -78.42 18.40 -32.12
N SER E 164 -79.68 18.24 -32.54
CA SER E 164 -80.60 19.35 -32.70
C SER E 164 -80.81 20.11 -31.39
N LEU E 165 -81.44 19.45 -30.42
CA LEU E 165 -81.78 20.06 -29.14
C LEU E 165 -80.79 19.64 -28.07
N SER E 166 -80.38 20.60 -27.23
CA SER E 166 -79.46 20.30 -26.15
C SER E 166 -79.92 20.98 -24.87
N SER E 167 -80.53 22.15 -24.99
CA SER E 167 -81.02 22.90 -23.84
C SER E 167 -82.05 22.08 -23.09
N GLY E 168 -81.65 21.52 -21.95
CA GLY E 168 -82.53 20.68 -21.17
C GLY E 168 -82.38 19.21 -21.48
N VAL E 169 -81.14 18.73 -21.53
CA VAL E 169 -80.83 17.33 -21.82
C VAL E 169 -79.90 16.86 -20.71
N HIS E 170 -80.45 16.13 -19.73
CA HIS E 170 -79.70 15.62 -18.59
C HIS E 170 -79.16 14.25 -18.94
N THR E 171 -77.99 14.21 -19.59
CA THR E 171 -77.33 12.96 -19.93
C THR E 171 -76.46 12.53 -18.74
N PHE E 172 -76.78 11.38 -18.17
CA PHE E 172 -76.14 10.95 -16.94
C PHE E 172 -74.87 10.17 -17.23
N PRO E 173 -73.90 10.24 -16.32
CA PRO E 173 -72.65 9.49 -16.51
C PRO E 173 -72.88 7.98 -16.48
N ALA E 174 -72.18 7.27 -17.36
CA ALA E 174 -72.30 5.82 -17.45
C ALA E 174 -71.96 5.17 -16.12
N VAL E 175 -72.58 4.01 -15.86
CA VAL E 175 -72.36 3.24 -14.64
C VAL E 175 -71.98 1.82 -15.05
N LEU E 176 -71.03 1.24 -14.33
CA LEU E 176 -70.58 -0.13 -14.58
C LEU E 176 -71.64 -1.13 -14.13
N GLN E 177 -71.70 -2.27 -14.84
CA GLN E 177 -72.71 -3.29 -14.57
C GLN E 177 -72.12 -4.61 -15.08
N SER E 178 -71.33 -5.24 -14.22
CA SER E 178 -70.71 -6.54 -14.49
C SER E 178 -69.92 -6.52 -15.80
N ASP E 179 -68.88 -5.67 -15.81
CA ASP E 179 -67.95 -5.51 -16.94
C ASP E 179 -68.60 -4.90 -18.17
N LEU E 180 -69.77 -4.28 -18.02
CA LEU E 180 -70.43 -3.57 -19.11
C LEU E 180 -71.15 -2.36 -18.50
N TYR E 181 -71.39 -1.34 -19.31
CA TYR E 181 -71.87 -0.06 -18.83
C TYR E 181 -73.34 0.17 -19.18
N THR E 182 -73.97 1.05 -18.40
CA THR E 182 -75.38 1.41 -18.58
C THR E 182 -75.51 2.93 -18.43
N LEU E 183 -75.68 3.62 -19.55
CA LEU E 183 -75.86 5.07 -19.57
C LEU E 183 -77.31 5.42 -19.86
N SER E 184 -77.78 6.53 -19.29
CA SER E 184 -79.15 6.99 -19.46
C SER E 184 -79.17 8.52 -19.57
N SER E 185 -80.09 9.02 -20.39
CA SER E 185 -80.26 10.45 -20.58
C SER E 185 -81.75 10.75 -20.69
N SER E 186 -82.07 12.05 -20.63
CA SER E 186 -83.45 12.50 -20.66
C SER E 186 -83.52 13.85 -21.37
N VAL E 187 -84.74 14.33 -21.59
CA VAL E 187 -85.00 15.62 -22.24
C VAL E 187 -86.44 15.97 -21.96
N THR E 188 -86.74 17.27 -21.90
CA THR E 188 -88.06 17.77 -21.53
C THR E 188 -88.51 18.86 -22.48
N VAL E 189 -89.80 18.84 -22.81
CA VAL E 189 -90.44 19.83 -23.69
C VAL E 189 -91.86 20.02 -23.21
N THR E 190 -92.56 20.97 -23.81
CA THR E 190 -93.97 21.23 -23.50
C THR E 190 -94.86 20.17 -24.14
N SER E 191 -96.14 20.22 -23.79
CA SER E 191 -97.14 19.32 -24.38
C SER E 191 -97.39 19.63 -25.86
N SER E 192 -97.00 20.82 -26.34
CA SER E 192 -97.16 21.19 -27.74
C SER E 192 -95.95 20.84 -28.60
N THR E 193 -95.01 20.05 -28.07
CA THR E 193 -93.85 19.59 -28.82
C THR E 193 -93.90 18.11 -29.16
N TRP E 194 -94.55 17.29 -28.32
CA TRP E 194 -94.61 15.85 -28.47
C TRP E 194 -95.96 15.40 -27.92
N PRO E 195 -96.68 14.52 -28.63
CA PRO E 195 -96.31 13.94 -29.93
C PRO E 195 -96.79 14.74 -31.14
N SER E 196 -96.65 16.06 -31.10
CA SER E 196 -96.95 16.91 -32.26
C SER E 196 -95.81 16.91 -33.26
N GLN E 197 -94.61 16.52 -32.84
CA GLN E 197 -93.43 16.50 -33.69
C GLN E 197 -92.65 15.23 -33.43
N SER E 198 -92.12 14.64 -34.51
CA SER E 198 -91.34 13.42 -34.38
C SER E 198 -90.06 13.66 -33.60
N ILE E 199 -89.72 12.72 -32.73
CA ILE E 199 -88.55 12.84 -31.85
C ILE E 199 -87.87 11.48 -31.76
N THR E 200 -86.58 11.43 -32.12
CA THR E 200 -85.78 10.22 -32.08
C THR E 200 -84.49 10.50 -31.31
N CYS E 201 -84.15 9.60 -30.39
CA CYS E 201 -82.92 9.69 -29.61
C CYS E 201 -81.78 9.02 -30.35
N ASN E 202 -80.65 9.73 -30.49
CA ASN E 202 -79.52 9.28 -31.30
C ASN E 202 -78.33 8.93 -30.43
N VAL E 203 -77.65 7.83 -30.79
CA VAL E 203 -76.57 7.22 -30.01
C VAL E 203 -75.41 6.95 -30.96
N ALA E 204 -74.22 6.74 -30.38
CA ALA E 204 -73.03 6.43 -31.16
C ALA E 204 -71.96 5.84 -30.26
N HIS E 205 -71.41 4.71 -30.65
CA HIS E 205 -70.32 4.03 -29.91
C HIS E 205 -69.09 3.93 -30.80
N PRO E 206 -68.11 4.82 -30.65
CA PRO E 206 -66.94 4.77 -31.54
C PRO E 206 -66.15 3.47 -31.46
N ALA E 207 -66.18 2.78 -30.32
CA ALA E 207 -65.38 1.56 -30.17
C ALA E 207 -65.81 0.49 -31.16
N SER E 208 -67.11 0.21 -31.23
CA SER E 208 -67.67 -0.72 -32.20
C SER E 208 -68.11 -0.03 -33.49
N SER E 209 -67.93 1.29 -33.58
CA SER E 209 -68.17 2.05 -34.82
C SER E 209 -69.64 2.00 -35.26
N THR E 210 -70.56 2.13 -34.31
CA THR E 210 -71.99 2.02 -34.57
C THR E 210 -72.70 3.34 -34.25
N LYS E 211 -73.85 3.54 -34.90
CA LYS E 211 -74.60 4.80 -34.82
C LYS E 211 -76.10 4.53 -34.97
N VAL E 212 -76.67 3.70 -34.10
CA VAL E 212 -78.09 3.35 -34.16
C VAL E 212 -78.89 4.34 -33.31
N ASP E 213 -80.18 4.46 -33.59
CA ASP E 213 -81.05 5.34 -32.84
C ASP E 213 -82.46 4.77 -32.84
N LYS E 214 -83.26 5.18 -31.85
CA LYS E 214 -84.59 4.64 -31.62
C LYS E 214 -85.59 5.78 -31.44
N LYS E 215 -86.65 5.76 -32.26
CA LYS E 215 -87.68 6.80 -32.22
C LYS E 215 -88.66 6.57 -31.08
N ILE E 216 -88.89 7.61 -30.27
CA ILE E 216 -89.77 7.50 -29.12
C ILE E 216 -91.22 7.46 -29.59
N GLU E 217 -92.00 6.51 -29.07
CA GLU E 217 -93.39 6.29 -29.42
C GLU E 217 -94.29 6.49 -28.21
N PRO E 218 -95.43 7.16 -28.37
CA PRO E 218 -96.38 7.28 -27.25
C PRO E 218 -96.95 5.92 -26.87
N ARG E 219 -97.35 5.81 -25.61
CA ARG E 219 -97.96 4.58 -25.10
C ARG E 219 -99.48 4.74 -25.03
N ASP F 1 -49.42 5.49 9.61
CA ASP F 1 -49.68 6.61 8.70
C ASP F 1 -50.45 7.74 9.38
N ILE F 2 -50.11 8.97 9.03
CA ILE F 2 -50.81 10.13 9.56
C ILE F 2 -52.18 10.22 8.87
N LEU F 3 -53.23 10.47 9.66
CA LEU F 3 -54.58 10.59 9.14
C LEU F 3 -54.92 12.08 8.99
N MET F 4 -55.46 12.44 7.84
CA MET F 4 -55.87 13.81 7.55
C MET F 4 -57.38 13.88 7.49
N THR F 5 -57.96 14.78 8.29
CA THR F 5 -59.41 14.93 8.41
C THR F 5 -59.80 16.28 7.82
N GLN F 6 -60.34 16.27 6.62
CA GLN F 6 -60.77 17.49 5.95
C GLN F 6 -62.25 17.73 6.23
N SER F 7 -62.61 19.01 6.39
CA SER F 7 -63.98 19.38 6.72
C SER F 7 -64.26 20.77 6.15
N PRO F 8 -65.49 21.02 5.65
CA PRO F 8 -66.57 20.04 5.54
C PRO F 8 -66.44 19.16 4.29
N SER F 9 -67.20 18.07 4.22
CA SER F 9 -67.17 17.24 3.02
C SER F 9 -67.66 18.02 1.80
N SER F 10 -68.62 18.93 1.99
CA SER F 10 -69.07 19.81 0.92
C SER F 10 -69.79 21.00 1.54
N MET F 11 -69.79 22.12 0.83
CA MET F 11 -70.46 23.32 1.28
C MET F 11 -71.09 24.02 0.08
N SER F 12 -72.33 24.50 0.26
CA SER F 12 -73.01 25.27 -0.76
C SER F 12 -72.83 26.75 -0.46
N VAL F 13 -72.22 27.49 -1.38
CA VAL F 13 -71.92 28.90 -1.19
C VAL F 13 -72.16 29.66 -2.49
N SER F 14 -72.01 30.98 -2.45
CA SER F 14 -72.25 31.84 -3.60
C SER F 14 -70.97 32.59 -3.98
N LEU F 15 -71.06 33.37 -5.05
CA LEU F 15 -69.93 34.18 -5.50
C LEU F 15 -69.69 35.33 -4.53
N GLY F 16 -68.44 35.80 -4.49
CA GLY F 16 -68.07 36.89 -3.60
C GLY F 16 -68.06 36.55 -2.12
N ASP F 17 -68.39 35.32 -1.75
CA ASP F 17 -68.33 34.93 -0.34
C ASP F 17 -66.89 34.63 0.06
N THR F 18 -66.63 34.71 1.36
CA THR F 18 -65.34 34.33 1.95
C THR F 18 -65.54 33.05 2.74
N VAL F 19 -64.84 31.99 2.34
CA VAL F 19 -65.02 30.67 2.91
C VAL F 19 -63.67 30.14 3.38
N SER F 20 -63.73 29.10 4.21
CA SER F 20 -62.53 28.48 4.76
C SER F 20 -62.72 26.97 4.80
N ILE F 21 -61.63 26.24 4.56
CA ILE F 21 -61.61 24.78 4.64
C ILE F 21 -60.60 24.37 5.69
N THR F 22 -61.01 23.54 6.63
CA THR F 22 -60.14 23.04 7.68
C THR F 22 -59.54 21.69 7.30
N CYS F 23 -58.41 21.38 7.92
CA CYS F 23 -57.75 20.09 7.77
C CYS F 23 -57.06 19.78 9.07
N HIS F 24 -57.35 18.61 9.64
CA HIS F 24 -56.82 18.20 10.94
C HIS F 24 -55.98 16.94 10.76
N ALA F 25 -54.80 16.93 11.39
CA ALA F 25 -53.90 15.79 11.33
C ALA F 25 -53.89 15.07 12.67
N SER F 26 -53.67 13.75 12.61
CA SER F 26 -53.66 12.91 13.81
C SER F 26 -52.48 13.20 14.73
N GLN F 27 -51.65 14.18 14.39
CA GLN F 27 -50.53 14.63 15.21
C GLN F 27 -50.05 15.95 14.63
N GLY F 28 -49.13 16.59 15.35
CA GLY F 28 -48.50 17.77 14.80
C GLY F 28 -47.73 17.46 13.53
N ILE F 29 -47.84 18.34 12.54
CA ILE F 29 -47.10 18.21 11.29
C ILE F 29 -46.23 19.41 10.98
N SER F 30 -46.18 20.41 11.86
CA SER F 30 -45.23 21.53 11.75
C SER F 30 -45.29 22.21 10.38
N SER F 31 -46.51 22.53 9.97
CA SER F 31 -46.78 23.28 8.74
C SER F 31 -46.31 22.55 7.48
N ASN F 32 -46.05 21.24 7.57
CA ASN F 32 -45.63 20.46 6.42
C ASN F 32 -46.84 19.98 5.63
N ILE F 33 -47.65 20.93 5.21
CA ILE F 33 -48.94 20.66 4.57
C ILE F 33 -49.06 21.46 3.29
N GLY F 34 -49.73 20.86 2.30
CA GLY F 34 -49.99 21.53 1.04
C GLY F 34 -51.45 21.43 0.68
N TRP F 35 -51.88 22.35 -0.18
CA TRP F 35 -53.27 22.46 -0.62
C TRP F 35 -53.35 22.34 -2.13
N LEU F 36 -54.40 21.66 -2.60
CA LEU F 36 -54.55 21.33 -4.00
C LEU F 36 -55.94 21.70 -4.49
N GLN F 37 -56.04 21.95 -5.79
CA GLN F 37 -57.31 22.24 -6.44
C GLN F 37 -57.47 21.36 -7.66
N GLN F 38 -58.67 20.84 -7.85
CA GLN F 38 -59.01 20.02 -9.02
C GLN F 38 -60.27 20.61 -9.66
N LYS F 39 -60.08 21.43 -10.69
CA LYS F 39 -61.21 21.98 -11.43
C LYS F 39 -61.96 20.85 -12.13
N PRO F 40 -63.30 20.97 -12.28
CA PRO F 40 -64.11 19.85 -12.77
C PRO F 40 -63.61 19.24 -14.08
N GLY F 41 -63.28 17.95 -14.04
CA GLY F 41 -62.76 17.24 -15.19
C GLY F 41 -61.28 17.47 -15.49
N LYS F 42 -60.69 18.53 -14.96
CA LYS F 42 -59.31 18.86 -15.24
C LYS F 42 -58.40 18.26 -14.16
N SER F 43 -57.09 18.44 -14.33
CA SER F 43 -56.12 17.83 -13.43
C SER F 43 -55.97 18.65 -12.14
N PHE F 44 -54.86 18.46 -11.45
CA PHE F 44 -54.60 19.11 -10.17
C PHE F 44 -53.70 20.33 -10.34
N MET F 45 -53.95 21.33 -9.50
CA MET F 45 -53.11 22.52 -9.41
C MET F 45 -52.70 22.73 -7.97
N GLY F 46 -51.44 23.11 -7.77
CA GLY F 46 -50.97 23.45 -6.44
C GLY F 46 -51.42 24.83 -6.02
N LEU F 47 -51.83 24.95 -4.76
CA LEU F 47 -52.24 26.23 -4.19
C LEU F 47 -51.27 26.71 -3.11
N ILE F 48 -50.97 25.86 -2.14
CA ILE F 48 -50.11 26.21 -1.01
C ILE F 48 -49.04 25.14 -0.88
N TYR F 49 -47.85 25.55 -0.42
CA TYR F 49 -46.86 24.61 0.06
C TYR F 49 -46.29 25.14 1.37
N TYR F 50 -46.00 24.23 2.29
CA TYR F 50 -45.51 24.57 3.63
C TYR F 50 -46.51 25.46 4.36
N GLY F 51 -47.80 25.21 4.15
CA GLY F 51 -48.85 25.79 4.97
C GLY F 51 -49.31 27.19 4.62
N THR F 52 -48.41 28.05 4.16
CA THR F 52 -48.79 29.45 3.94
C THR F 52 -48.30 30.05 2.63
N ASN F 53 -47.42 29.40 1.88
CA ASN F 53 -46.77 30.03 0.74
C ASN F 53 -47.53 29.74 -0.54
N LEU F 54 -47.94 30.80 -1.23
CA LEU F 54 -48.65 30.64 -2.50
C LEU F 54 -47.73 30.07 -3.57
N VAL F 55 -48.18 29.02 -4.24
CA VAL F 55 -47.48 28.52 -5.41
C VAL F 55 -47.49 29.62 -6.50
N ASP F 56 -46.39 29.70 -7.25
CA ASP F 56 -46.25 30.69 -8.32
C ASP F 56 -47.40 30.62 -9.31
N GLY F 57 -48.27 31.62 -9.29
CA GLY F 57 -49.38 31.75 -10.22
C GLY F 57 -50.74 31.85 -9.55
N VAL F 58 -50.84 31.36 -8.32
CA VAL F 58 -52.14 31.33 -7.63
C VAL F 58 -52.59 32.76 -7.35
N PRO F 59 -53.84 33.12 -7.63
CA PRO F 59 -54.30 34.47 -7.29
C PRO F 59 -54.25 34.73 -5.79
N SER F 60 -54.04 35.99 -5.42
CA SER F 60 -53.80 36.38 -4.04
C SER F 60 -54.99 36.14 -3.11
N ARG F 61 -56.20 35.89 -3.63
CA ARG F 61 -57.34 35.67 -2.75
C ARG F 61 -57.25 34.37 -1.97
N PHE F 62 -56.34 33.47 -2.33
CA PHE F 62 -56.10 32.25 -1.57
C PHE F 62 -55.10 32.52 -0.44
N SER F 63 -55.26 31.80 0.66
CA SER F 63 -54.43 32.01 1.84
C SER F 63 -54.51 30.78 2.73
N GLY F 64 -53.35 30.32 3.23
CA GLY F 64 -53.27 29.23 4.16
C GLY F 64 -52.79 29.69 5.51
N SER F 65 -53.23 29.00 6.56
CA SER F 65 -52.88 29.37 7.93
C SER F 65 -53.04 28.16 8.83
N GLY F 66 -52.60 28.31 10.07
CA GLY F 66 -52.68 27.27 11.06
C GLY F 66 -51.31 26.86 11.59
N SER F 67 -51.35 26.03 12.64
CA SER F 67 -50.13 25.52 13.25
C SER F 67 -50.47 24.25 14.00
N GLY F 68 -49.44 23.44 14.24
CA GLY F 68 -49.60 22.18 14.92
C GLY F 68 -50.28 21.12 14.09
N ALA F 69 -51.55 20.85 14.37
CA ALA F 69 -52.31 19.83 13.65
C ALA F 69 -53.65 20.35 13.15
N ASP F 70 -53.80 21.67 13.02
CA ASP F 70 -55.03 22.27 12.53
C ASP F 70 -54.67 23.42 11.60
N TYR F 71 -55.13 23.33 10.35
CA TYR F 71 -54.73 24.28 9.31
C TYR F 71 -55.95 24.64 8.47
N SER F 72 -55.91 25.82 7.89
CA SER F 72 -57.08 26.37 7.20
C SER F 72 -56.68 26.99 5.88
N LEU F 73 -57.35 26.59 4.80
CA LEU F 73 -57.28 27.26 3.51
C LEU F 73 -58.48 28.19 3.37
N THR F 74 -58.26 29.36 2.78
CA THR F 74 -59.27 30.41 2.76
C THR F 74 -59.29 31.08 1.40
N ILE F 75 -60.49 31.27 0.85
CA ILE F 75 -60.70 31.99 -0.40
C ILE F 75 -61.55 33.21 -0.08
N SER F 76 -60.96 34.40 -0.23
CA SER F 76 -61.70 35.65 -0.04
C SER F 76 -62.32 36.08 -1.37
N SER F 77 -63.64 36.29 -1.35
CA SER F 77 -64.41 36.64 -2.53
C SER F 77 -64.29 35.57 -3.60
N LEU F 78 -65.12 34.54 -3.53
CA LEU F 78 -65.04 33.42 -4.46
C LEU F 78 -65.29 33.88 -5.88
N ASP F 79 -64.60 33.23 -6.82
CA ASP F 79 -64.77 33.44 -8.24
C ASP F 79 -65.38 32.20 -8.87
N SER F 80 -66.01 32.40 -10.03
CA SER F 80 -66.60 31.29 -10.77
C SER F 80 -65.63 30.15 -10.98
N GLU F 81 -64.33 30.44 -11.12
CA GLU F 81 -63.35 29.39 -11.31
C GLU F 81 -63.22 28.52 -10.07
N ASP F 82 -63.35 29.12 -8.89
CA ASP F 82 -63.03 28.44 -7.64
C ASP F 82 -63.96 27.28 -7.32
N PHE F 83 -65.09 27.16 -8.01
CA PHE F 83 -66.01 26.05 -7.77
C PHE F 83 -65.38 24.76 -8.27
N ALA F 84 -64.71 24.05 -7.37
CA ALA F 84 -63.96 22.86 -7.69
C ALA F 84 -63.66 22.12 -6.39
N ASP F 85 -62.99 20.98 -6.50
CA ASP F 85 -62.60 20.20 -5.33
C ASP F 85 -61.32 20.76 -4.73
N TYR F 86 -61.10 20.42 -3.46
CA TYR F 86 -59.92 20.88 -2.73
C TYR F 86 -59.49 19.81 -1.75
N TYR F 87 -58.19 19.51 -1.75
CA TYR F 87 -57.61 18.48 -0.89
C TYR F 87 -56.39 19.03 -0.18
N CYS F 88 -56.26 18.71 1.11
CA CYS F 88 -55.01 18.94 1.81
C CYS F 88 -54.13 17.69 1.70
N VAL F 89 -52.82 17.90 1.85
CA VAL F 89 -51.83 16.83 1.82
C VAL F 89 -50.73 17.17 2.81
N GLN F 90 -50.34 16.18 3.61
CA GLN F 90 -49.23 16.31 4.53
C GLN F 90 -48.01 15.59 3.97
N TYR F 91 -46.83 16.19 4.17
CA TYR F 91 -45.57 15.53 3.84
C TYR F 91 -44.61 15.55 5.03
N ALA F 92 -45.14 15.66 6.25
CA ALA F 92 -44.27 15.61 7.43
C ALA F 92 -43.67 14.23 7.61
N GLN F 93 -44.37 13.18 7.20
CA GLN F 93 -43.88 11.82 7.33
C GLN F 93 -44.18 11.04 6.04
N LEU F 94 -43.47 9.94 5.89
CA LEU F 94 -43.73 8.97 4.83
C LEU F 94 -44.54 7.81 5.41
N PRO F 95 -45.61 7.36 4.74
CA PRO F 95 -46.10 7.83 3.43
C PRO F 95 -46.86 9.15 3.51
N TYR F 96 -46.84 9.92 2.43
CA TYR F 96 -47.71 11.09 2.35
C TYR F 96 -49.16 10.66 2.42
N THR F 97 -50.00 11.48 3.02
CA THR F 97 -51.41 11.17 3.15
C THR F 97 -52.23 12.41 2.81
N PHE F 98 -53.37 12.19 2.16
CA PHE F 98 -54.25 13.25 1.70
C PHE F 98 -55.49 13.36 2.57
N GLY F 99 -56.15 14.51 2.47
CA GLY F 99 -57.43 14.72 3.10
C GLY F 99 -58.57 14.07 2.33
N GLY F 100 -59.76 14.09 2.94
CA GLY F 100 -60.94 13.51 2.33
C GLY F 100 -61.49 14.27 1.15
N GLY F 101 -61.18 15.56 1.03
CA GLY F 101 -61.67 16.37 -0.06
C GLY F 101 -62.86 17.23 0.35
N THR F 102 -62.99 18.37 -0.33
CA THR F 102 -64.09 19.29 -0.11
C THR F 102 -64.62 19.74 -1.46
N LYS F 103 -65.93 19.71 -1.64
CA LYS F 103 -66.58 20.13 -2.87
C LYS F 103 -67.34 21.42 -2.62
N LEU F 104 -67.04 22.44 -3.44
CA LEU F 104 -67.67 23.75 -3.33
C LEU F 104 -68.78 23.84 -4.37
N GLU F 105 -70.02 23.92 -3.91
CA GLU F 105 -71.19 23.92 -4.76
C GLU F 105 -71.89 25.28 -4.66
N ILE F 106 -72.67 25.58 -5.70
CA ILE F 106 -73.35 26.87 -5.80
C ILE F 106 -74.64 26.82 -5.00
N LYS F 107 -74.80 27.77 -4.08
CA LYS F 107 -76.04 27.91 -3.34
C LYS F 107 -77.13 28.48 -4.25
N ARG F 108 -78.34 27.98 -4.10
CA ARG F 108 -79.48 28.44 -4.90
C ARG F 108 -80.76 28.01 -4.22
N ALA F 109 -81.89 28.44 -4.78
CA ALA F 109 -83.19 28.13 -4.21
C ALA F 109 -83.50 26.65 -4.33
N ASP F 110 -84.12 26.10 -3.30
CA ASP F 110 -84.44 24.67 -3.27
C ASP F 110 -85.49 24.33 -4.31
N ALA F 111 -85.28 23.24 -5.04
CA ALA F 111 -86.17 22.84 -6.12
C ALA F 111 -86.52 21.37 -5.98
N ALA F 112 -87.79 21.04 -6.26
CA ALA F 112 -88.31 19.69 -6.16
C ALA F 112 -87.99 18.89 -7.43
N PRO F 113 -87.88 17.57 -7.32
CA PRO F 113 -87.47 16.76 -8.47
C PRO F 113 -88.63 16.48 -9.44
N THR F 114 -88.27 16.41 -10.72
CA THR F 114 -89.23 16.14 -11.80
C THR F 114 -89.27 14.64 -12.05
N VAL F 115 -90.09 13.95 -11.25
CA VAL F 115 -90.10 12.48 -11.25
C VAL F 115 -90.81 11.99 -12.49
N SER F 116 -90.24 10.98 -13.15
CA SER F 116 -90.79 10.46 -14.39
C SER F 116 -90.39 9.00 -14.52
N ILE F 117 -91.36 8.09 -14.37
CA ILE F 117 -91.12 6.66 -14.51
C ILE F 117 -91.41 6.25 -15.96
N PHE F 118 -90.69 5.21 -16.42
CA PHE F 118 -90.83 4.68 -17.77
C PHE F 118 -90.68 3.17 -17.77
N PRO F 119 -91.70 2.42 -18.19
CA PRO F 119 -91.61 0.95 -18.20
C PRO F 119 -90.74 0.48 -19.35
N PRO F 120 -90.37 -0.80 -19.39
CA PRO F 120 -89.46 -1.28 -20.44
C PRO F 120 -90.03 -1.09 -21.83
N SER F 121 -89.12 -0.94 -22.80
CA SER F 121 -89.52 -0.86 -24.20
C SER F 121 -89.85 -2.25 -24.74
N SER F 122 -90.41 -2.27 -25.96
CA SER F 122 -90.68 -3.53 -26.64
C SER F 122 -89.40 -4.18 -27.19
N GLU F 123 -88.46 -3.36 -27.68
CA GLU F 123 -87.16 -3.87 -28.12
C GLU F 123 -86.30 -4.37 -26.96
N GLN F 124 -86.65 -4.02 -25.72
CA GLN F 124 -86.02 -4.50 -24.50
C GLN F 124 -86.57 -5.86 -24.06
N LEU F 125 -87.90 -5.98 -23.94
CA LEU F 125 -88.54 -7.24 -23.58
C LEU F 125 -88.38 -8.33 -24.64
N THR F 126 -87.96 -7.99 -25.86
CA THR F 126 -87.71 -9.01 -26.89
C THR F 126 -86.41 -9.76 -26.66
N SER F 127 -85.38 -9.09 -26.11
CA SER F 127 -84.10 -9.73 -25.77
C SER F 127 -84.11 -10.41 -24.40
N GLY F 128 -85.28 -10.76 -23.86
CA GLY F 128 -85.33 -11.47 -22.58
C GLY F 128 -84.92 -10.67 -21.36
N GLY F 129 -85.32 -9.40 -21.29
CA GLY F 129 -84.95 -8.56 -20.18
C GLY F 129 -85.92 -7.41 -20.01
N ALA F 130 -85.59 -6.54 -19.05
CA ALA F 130 -86.45 -5.41 -18.72
C ALA F 130 -85.69 -4.47 -17.79
N SER F 131 -85.93 -3.16 -17.96
CA SER F 131 -85.36 -2.13 -17.11
C SER F 131 -86.38 -1.01 -16.98
N VAL F 132 -86.76 -0.70 -15.74
CA VAL F 132 -87.67 0.39 -15.41
C VAL F 132 -86.81 1.57 -14.97
N VAL F 133 -86.74 2.60 -15.80
CA VAL F 133 -85.98 3.80 -15.52
C VAL F 133 -86.90 4.84 -14.90
N CYS F 134 -86.33 5.64 -14.00
CA CYS F 134 -87.06 6.66 -13.24
C CYS F 134 -86.12 7.87 -13.09
N PHE F 135 -86.37 8.91 -13.89
CA PHE F 135 -85.56 10.13 -13.90
C PHE F 135 -86.03 11.12 -12.83
N LEU F 136 -85.07 11.87 -12.28
CA LEU F 136 -85.31 12.90 -11.26
C LEU F 136 -84.43 14.10 -11.64
N ASN F 137 -84.89 14.88 -12.60
CA ASN F 137 -84.12 16.00 -13.14
C ASN F 137 -84.41 17.30 -12.39
N ASN F 138 -83.38 18.15 -12.32
CA ASN F 138 -83.49 19.53 -11.88
C ASN F 138 -84.08 19.63 -10.46
N PHE F 139 -83.22 19.33 -9.47
CA PHE F 139 -83.58 19.47 -8.07
C PHE F 139 -82.41 20.02 -7.30
N TYR F 140 -82.69 20.48 -6.07
CA TYR F 140 -81.65 21.06 -5.22
C TYR F 140 -82.19 21.02 -3.80
N PRO F 141 -81.37 20.65 -2.80
CA PRO F 141 -79.97 20.24 -2.90
C PRO F 141 -79.74 18.87 -3.54
N LYS F 142 -78.46 18.51 -3.71
CA LYS F 142 -78.09 17.26 -4.36
C LYS F 142 -78.56 16.03 -3.58
N ASP F 143 -78.93 16.20 -2.32
CA ASP F 143 -79.32 15.07 -1.50
C ASP F 143 -80.70 14.57 -1.88
N ILE F 144 -80.81 13.26 -2.10
CA ILE F 144 -82.06 12.64 -2.54
C ILE F 144 -81.98 11.12 -2.36
N ASN F 145 -83.13 10.50 -2.07
CA ASN F 145 -83.19 9.05 -1.82
C ASN F 145 -84.32 8.45 -2.65
N VAL F 146 -83.96 7.68 -3.68
CA VAL F 146 -84.94 6.94 -4.44
C VAL F 146 -85.20 5.61 -3.75
N LYS F 147 -86.45 5.16 -3.78
CA LYS F 147 -86.83 3.89 -3.18
C LYS F 147 -87.78 3.17 -4.12
N TRP F 148 -87.48 1.91 -4.42
CA TRP F 148 -88.30 1.07 -5.27
C TRP F 148 -89.15 0.12 -4.43
N LYS F 149 -90.36 -0.16 -4.91
CA LYS F 149 -91.31 -1.02 -4.21
C LYS F 149 -92.12 -1.80 -5.23
N ILE F 150 -91.83 -3.09 -5.37
CA ILE F 150 -92.59 -3.97 -6.26
C ILE F 150 -93.81 -4.45 -5.47
N ASP F 151 -94.98 -3.88 -5.79
CA ASP F 151 -96.23 -4.19 -5.10
C ASP F 151 -96.11 -3.92 -3.59
N GLY F 152 -95.69 -2.70 -3.25
CA GLY F 152 -95.57 -2.30 -1.86
C GLY F 152 -94.33 -2.80 -1.16
N SER F 153 -93.85 -3.99 -1.53
CA SER F 153 -92.66 -4.56 -0.92
C SER F 153 -91.43 -3.90 -1.51
N GLU F 154 -90.49 -3.51 -0.63
CA GLU F 154 -89.33 -2.75 -1.04
C GLU F 154 -88.43 -3.55 -1.97
N ARG F 155 -87.62 -2.83 -2.74
CA ARG F 155 -86.66 -3.40 -3.67
C ARG F 155 -85.31 -2.73 -3.48
N GLN F 156 -84.27 -3.54 -3.26
CA GLN F 156 -82.91 -3.04 -3.14
C GLN F 156 -81.94 -3.75 -4.08
N ASN F 157 -82.45 -4.64 -4.94
CA ASN F 157 -81.61 -5.52 -5.74
C ASN F 157 -81.56 -5.05 -7.20
N GLY F 158 -80.38 -5.16 -7.81
CA GLY F 158 -80.24 -4.91 -9.23
C GLY F 158 -80.47 -3.49 -9.67
N VAL F 159 -80.33 -2.52 -8.78
CA VAL F 159 -80.59 -1.13 -9.08
C VAL F 159 -79.32 -0.47 -9.58
N LEU F 160 -79.47 0.49 -10.50
CA LEU F 160 -78.35 1.24 -11.07
C LEU F 160 -78.72 2.72 -11.03
N ASN F 161 -78.04 3.48 -10.18
CA ASN F 161 -78.26 4.92 -10.03
C ASN F 161 -77.09 5.71 -10.61
N SER F 162 -77.41 6.87 -11.17
CA SER F 162 -76.40 7.78 -11.69
C SER F 162 -76.83 9.21 -11.41
N TRP F 163 -75.85 10.06 -11.11
CA TRP F 163 -76.06 11.47 -10.83
C TRP F 163 -75.25 12.31 -11.81
N THR F 164 -75.88 13.35 -12.34
CA THR F 164 -75.13 14.39 -13.03
C THR F 164 -74.67 15.44 -12.03
N ASP F 165 -73.54 16.08 -12.33
CA ASP F 165 -73.05 17.15 -11.48
C ASP F 165 -74.00 18.32 -11.52
N GLN F 166 -73.70 19.33 -10.71
CA GLN F 166 -74.51 20.54 -10.69
C GLN F 166 -74.52 21.16 -12.08
N ASP F 167 -75.73 21.35 -12.63
CA ASP F 167 -75.86 21.81 -14.01
C ASP F 167 -75.27 23.20 -14.17
N SER F 168 -74.45 23.39 -15.19
CA SER F 168 -73.91 24.72 -15.48
C SER F 168 -74.99 25.68 -15.95
N LYS F 169 -76.13 25.17 -16.40
CA LYS F 169 -77.25 26.00 -16.84
C LYS F 169 -77.93 26.66 -15.64
N ASP F 170 -78.54 25.86 -14.76
CA ASP F 170 -79.38 26.37 -13.69
C ASP F 170 -78.95 25.87 -12.30
N SER F 171 -77.78 25.24 -12.18
CA SER F 171 -77.24 24.82 -10.89
C SER F 171 -78.11 23.78 -10.20
N THR F 172 -78.69 22.87 -10.99
CA THR F 172 -79.56 21.84 -10.46
C THR F 172 -78.99 20.46 -10.76
N TYR F 173 -79.05 19.58 -9.76
CA TYR F 173 -78.61 18.20 -9.93
C TYR F 173 -79.74 17.37 -10.51
N SER F 174 -79.39 16.22 -11.06
CA SER F 174 -80.36 15.29 -11.63
C SER F 174 -79.97 13.88 -11.25
N MET F 175 -80.94 12.97 -11.29
CA MET F 175 -80.73 11.60 -10.85
C MET F 175 -81.40 10.62 -11.81
N SER F 176 -80.70 9.53 -12.10
CA SER F 176 -81.23 8.40 -12.84
C SER F 176 -81.26 7.18 -11.94
N SER F 177 -82.08 6.20 -12.32
CA SER F 177 -82.29 5.01 -11.50
C SER F 177 -82.87 3.92 -12.39
N THR F 178 -82.10 2.85 -12.61
CA THR F 178 -82.46 1.78 -13.53
C THR F 178 -82.49 0.45 -12.78
N LEU F 179 -83.70 0.01 -12.43
CA LEU F 179 -83.93 -1.28 -11.80
C LEU F 179 -84.04 -2.33 -12.90
N THR F 180 -83.10 -3.28 -12.93
CA THR F 180 -82.94 -4.21 -14.02
C THR F 180 -83.20 -5.64 -13.55
N LEU F 181 -83.88 -6.42 -14.39
CA LEU F 181 -84.11 -7.83 -14.12
C LEU F 181 -84.55 -8.50 -15.42
N THR F 182 -84.87 -9.80 -15.33
CA THR F 182 -85.20 -10.64 -16.45
C THR F 182 -86.66 -10.46 -16.86
N LYS F 183 -86.94 -10.78 -18.13
CA LYS F 183 -88.30 -10.67 -18.66
C LYS F 183 -89.27 -11.57 -17.90
N ASP F 184 -88.83 -12.78 -17.54
CA ASP F 184 -89.70 -13.71 -16.82
C ASP F 184 -90.05 -13.18 -15.44
N GLU F 185 -89.08 -12.60 -14.73
CA GLU F 185 -89.34 -12.04 -13.40
C GLU F 185 -90.21 -10.80 -13.48
N TYR F 186 -90.12 -10.05 -14.58
CA TYR F 186 -90.96 -8.86 -14.75
C TYR F 186 -92.43 -9.24 -14.90
N GLU F 187 -92.72 -10.29 -15.67
CA GLU F 187 -94.10 -10.69 -15.96
C GLU F 187 -94.71 -11.48 -14.80
N ARG F 188 -94.30 -11.16 -13.58
CA ARG F 188 -94.83 -11.76 -12.36
C ARG F 188 -95.72 -10.81 -11.56
N HIS F 189 -95.53 -9.50 -11.68
CA HIS F 189 -96.25 -8.52 -10.88
C HIS F 189 -97.06 -7.59 -11.79
N ASN F 190 -97.55 -6.50 -11.22
CA ASN F 190 -98.30 -5.49 -11.98
C ASN F 190 -97.91 -4.08 -11.56
N SER F 191 -98.02 -3.79 -10.27
CA SER F 191 -97.73 -2.46 -9.73
C SER F 191 -96.24 -2.33 -9.41
N TYR F 192 -95.59 -1.33 -10.00
CA TYR F 192 -94.18 -1.03 -9.78
C TYR F 192 -94.04 0.44 -9.41
N THR F 193 -93.68 0.69 -8.15
CA THR F 193 -93.61 2.02 -7.56
C THR F 193 -92.20 2.60 -7.68
N CYS F 194 -92.11 3.94 -7.65
CA CYS F 194 -90.84 4.67 -7.72
C CYS F 194 -90.95 5.88 -6.79
N GLU F 195 -90.44 5.74 -5.56
CA GLU F 195 -90.49 6.77 -4.54
C GLU F 195 -89.27 7.70 -4.63
N ALA F 196 -89.33 8.80 -3.89
CA ALA F 196 -88.23 9.76 -3.84
C ALA F 196 -88.38 10.63 -2.60
N THR F 197 -87.30 10.76 -1.83
CA THR F 197 -87.27 11.61 -0.64
C THR F 197 -86.49 12.89 -0.96
N HIS F 198 -87.00 14.02 -0.47
CA HIS F 198 -86.34 15.30 -0.69
C HIS F 198 -86.77 16.26 0.42
N LYS F 199 -85.97 17.31 0.61
CA LYS F 199 -86.28 18.28 1.67
C LYS F 199 -87.38 19.25 1.28
N THR F 200 -87.60 19.48 -0.01
CA THR F 200 -88.67 20.37 -0.44
C THR F 200 -90.06 19.75 -0.26
N SER F 201 -90.12 18.45 0.04
CA SER F 201 -91.38 17.73 0.18
C SER F 201 -91.36 16.94 1.48
N THR F 202 -92.30 17.25 2.38
CA THR F 202 -92.48 16.48 3.59
C THR F 202 -92.97 15.06 3.30
N SER F 203 -93.48 14.81 2.09
CA SER F 203 -93.95 13.51 1.67
C SER F 203 -93.16 13.02 0.46
N PRO F 204 -93.00 11.71 0.29
CA PRO F 204 -92.29 11.19 -0.88
C PRO F 204 -93.15 11.26 -2.14
N ILE F 205 -92.54 11.73 -3.24
CA ILE F 205 -93.18 11.75 -4.55
C ILE F 205 -93.14 10.34 -5.16
N VAL F 206 -94.15 10.00 -5.94
CA VAL F 206 -94.38 8.63 -6.41
C VAL F 206 -94.77 8.66 -7.88
N LYS F 207 -94.40 7.59 -8.60
CA LYS F 207 -94.83 7.37 -9.99
C LYS F 207 -94.92 5.86 -10.21
N SER F 208 -96.15 5.33 -10.35
CA SER F 208 -96.38 3.90 -10.50
C SER F 208 -96.95 3.58 -11.89
N PHE F 209 -97.14 2.28 -12.14
CA PHE F 209 -97.75 1.80 -13.38
C PHE F 209 -98.13 0.33 -13.22
N ASN F 210 -99.10 -0.10 -14.03
CA ASN F 210 -99.52 -1.49 -14.10
C ASN F 210 -98.81 -2.19 -15.25
N ARG F 211 -98.41 -3.43 -15.03
CA ARG F 211 -97.61 -4.15 -16.01
C ARG F 211 -98.43 -4.44 -17.26
N ASN F 212 -97.98 -3.88 -18.39
CA ASN F 212 -98.64 -4.04 -19.68
C ASN F 212 -100.10 -3.62 -19.60
N GLU F 213 -100.34 -2.31 -19.62
CA GLU F 213 -101.68 -1.78 -19.39
C GLU F 213 -102.41 -1.58 -20.71
N CYS F 214 -101.82 -0.83 -21.62
CA CYS F 214 -102.45 -0.50 -22.89
C CYS F 214 -102.63 -1.75 -23.74
N GLU G 1 42.23 -14.65 -10.38
CA GLU G 1 43.21 -15.11 -9.41
C GLU G 1 43.07 -14.34 -8.10
N VAL G 2 43.44 -14.98 -6.99
CA VAL G 2 43.41 -14.36 -5.68
C VAL G 2 44.75 -13.67 -5.41
N GLN G 3 44.69 -12.43 -4.96
CA GLN G 3 45.87 -11.69 -4.54
C GLN G 3 45.49 -10.78 -3.39
N LEU G 4 46.42 -10.60 -2.45
CA LEU G 4 46.26 -9.69 -1.33
C LEU G 4 47.34 -8.62 -1.44
N GLN G 5 46.92 -7.38 -1.69
CA GLN G 5 47.83 -6.27 -1.91
C GLN G 5 47.81 -5.38 -0.67
N GLN G 6 48.90 -5.41 0.09
CA GLN G 6 48.98 -4.69 1.34
C GLN G 6 49.49 -3.26 1.12
N SER G 7 49.50 -2.49 2.20
CA SER G 7 49.96 -1.11 2.15
C SER G 7 51.48 -1.06 2.06
N GLY G 8 52.00 0.12 1.72
CA GLY G 8 53.44 0.32 1.69
C GLY G 8 54.04 0.33 3.08
N ALA G 9 55.36 0.19 3.12
CA ALA G 9 56.08 0.18 4.39
C ALA G 9 55.86 1.50 5.13
N GLU G 10 55.70 1.41 6.44
CA GLU G 10 55.43 2.56 7.29
C GLU G 10 56.63 2.88 8.16
N LEU G 11 56.82 4.17 8.44
CA LEU G 11 57.89 4.67 9.28
C LEU G 11 57.29 5.62 10.30
N VAL G 12 57.28 5.20 11.57
CA VAL G 12 56.53 5.89 12.61
C VAL G 12 57.33 5.91 13.90
N LYS G 13 56.95 6.86 14.81
CA LYS G 13 57.60 7.11 16.10
C LYS G 13 56.94 6.31 17.21
N PRO G 14 57.69 6.00 18.28
CA PRO G 14 57.08 5.37 19.44
C PRO G 14 56.02 6.26 20.05
N GLY G 15 54.95 5.63 20.56
CA GLY G 15 53.83 6.35 21.10
C GLY G 15 52.76 6.71 20.09
N ALA G 16 53.10 6.74 18.80
CA ALA G 16 52.15 7.09 17.75
C ALA G 16 51.34 5.86 17.35
N SER G 17 50.56 5.98 16.28
CA SER G 17 49.72 4.90 15.79
C SER G 17 49.88 4.75 14.28
N VAL G 18 49.53 3.57 13.77
CA VAL G 18 49.61 3.25 12.36
C VAL G 18 48.48 2.26 12.04
N LYS G 19 47.95 2.37 10.82
CA LYS G 19 46.80 1.58 10.39
C LYS G 19 47.14 0.96 9.03
N LEU G 20 47.53 -0.31 9.04
CA LEU G 20 47.89 -1.01 7.82
C LEU G 20 46.63 -1.48 7.09
N SER G 21 46.77 -1.65 5.77
CA SER G 21 45.67 -2.03 4.91
C SER G 21 46.00 -3.33 4.18
N CYS G 22 44.94 -4.03 3.77
CA CYS G 22 45.07 -5.30 3.05
C CYS G 22 43.89 -5.39 2.08
N THR G 23 44.15 -5.10 0.81
CA THR G 23 43.11 -5.01 -0.20
C THR G 23 43.02 -6.31 -0.99
N ALA G 24 41.79 -6.82 -1.13
CA ALA G 24 41.55 -8.03 -1.89
C ALA G 24 41.55 -7.74 -3.39
N SER G 25 42.17 -8.65 -4.15
CA SER G 25 42.35 -8.48 -5.58
C SER G 25 41.88 -9.75 -6.29
N GLY G 26 40.78 -9.63 -7.03
CA GLY G 26 40.23 -10.75 -7.75
C GLY G 26 39.16 -11.53 -7.04
N PHE G 27 38.66 -11.03 -5.91
CA PHE G 27 37.65 -11.75 -5.14
C PHE G 27 37.03 -10.77 -4.15
N ASN G 28 35.95 -11.21 -3.51
CA ASN G 28 35.28 -10.41 -2.49
C ASN G 28 35.92 -10.67 -1.13
N ILE G 29 36.35 -9.59 -0.47
CA ILE G 29 36.89 -9.72 0.89
C ILE G 29 35.89 -10.37 1.85
N LYS G 30 34.59 -10.31 1.55
CA LYS G 30 33.54 -10.89 2.40
C LYS G 30 33.55 -12.42 2.42
N ASP G 31 34.31 -13.07 1.53
CA ASP G 31 34.20 -14.51 1.37
C ASP G 31 34.71 -15.27 2.58
N THR G 32 35.90 -14.95 3.06
CA THR G 32 36.57 -15.77 4.07
C THR G 32 36.91 -14.93 5.30
N TYR G 33 37.52 -15.61 6.28
CA TYR G 33 38.24 -14.92 7.34
C TYR G 33 39.45 -14.21 6.77
N VAL G 34 39.90 -13.17 7.47
CA VAL G 34 41.16 -12.51 7.15
C VAL G 34 41.97 -12.43 8.44
N HIS G 35 43.18 -12.98 8.42
CA HIS G 35 44.05 -13.02 9.58
C HIS G 35 45.19 -12.02 9.43
N TRP G 36 45.82 -11.69 10.56
CA TRP G 36 47.02 -10.86 10.57
C TRP G 36 48.10 -11.58 11.35
N VAL G 37 49.30 -11.64 10.79
CA VAL G 37 50.44 -12.34 11.36
C VAL G 37 51.62 -11.39 11.41
N LYS G 38 52.37 -11.45 12.51
CA LYS G 38 53.52 -10.60 12.75
C LYS G 38 54.79 -11.44 12.72
N GLN G 39 55.78 -11.01 11.94
CA GLN G 39 57.02 -11.75 11.77
C GLN G 39 58.20 -10.92 12.23
N ARG G 40 59.02 -11.50 13.10
CA ARG G 40 60.29 -10.93 13.55
C ARG G 40 61.38 -11.97 13.41
N PRO G 41 62.62 -11.54 13.15
CA PRO G 41 63.70 -12.53 12.95
C PRO G 41 63.95 -13.42 14.15
N GLU G 42 64.08 -12.83 15.35
CA GLU G 42 64.33 -13.63 16.54
C GLU G 42 63.06 -14.38 16.96
N GLN G 43 61.98 -13.64 17.23
CA GLN G 43 60.80 -14.26 17.82
C GLN G 43 60.03 -15.10 16.81
N GLY G 44 60.07 -14.73 15.53
CA GLY G 44 59.41 -15.51 14.51
C GLY G 44 58.01 -15.06 14.18
N LEU G 45 57.16 -16.00 13.78
CA LEU G 45 55.80 -15.71 13.35
C LEU G 45 54.85 -15.76 14.55
N GLU G 46 54.00 -14.74 14.66
CA GLU G 46 53.01 -14.63 15.73
C GLU G 46 51.64 -14.33 15.12
N TRP G 47 50.61 -14.98 15.65
CA TRP G 47 49.25 -14.78 15.17
C TRP G 47 48.60 -13.63 15.94
N ILE G 48 48.25 -12.56 15.22
CA ILE G 48 47.60 -11.41 15.84
C ILE G 48 46.12 -11.68 16.07
N GLY G 49 45.39 -11.94 14.99
CA GLY G 49 43.97 -12.18 15.09
C GLY G 49 43.34 -12.30 13.72
N ARG G 50 42.01 -12.34 13.71
CA ARG G 50 41.24 -12.51 12.49
C ARG G 50 39.98 -11.65 12.55
N ILE G 51 39.40 -11.43 11.37
CA ILE G 51 38.10 -10.78 11.25
C ILE G 51 37.32 -11.49 10.15
N ASP G 52 36.01 -11.59 10.36
CA ASP G 52 35.10 -12.00 9.29
C ASP G 52 34.49 -10.74 8.70
N PRO G 53 34.95 -10.29 7.52
CA PRO G 53 34.43 -9.02 6.97
C PRO G 53 32.95 -9.08 6.62
N ALA G 54 32.32 -10.25 6.66
CA ALA G 54 30.90 -10.35 6.39
C ALA G 54 30.04 -9.78 7.52
N ASN G 55 30.60 -9.65 8.73
CA ASN G 55 29.84 -9.17 9.88
C ASN G 55 30.68 -8.30 10.79
N GLY G 56 32.01 -8.41 10.67
CA GLY G 56 32.92 -7.59 11.44
C GLY G 56 33.40 -8.19 12.73
N TYR G 57 32.99 -9.41 13.06
CA TYR G 57 33.39 -10.02 14.32
C TYR G 57 34.85 -10.44 14.28
N THR G 58 35.53 -10.29 15.41
CA THR G 58 36.98 -10.46 15.46
C THR G 58 37.38 -11.40 16.60
N LYS G 59 38.57 -11.97 16.44
CA LYS G 59 39.26 -12.72 17.48
C LYS G 59 40.69 -12.24 17.57
N TYR G 60 41.27 -12.32 18.77
CA TYR G 60 42.65 -11.86 18.97
C TYR G 60 43.39 -12.82 19.89
N ASP G 61 44.68 -12.99 19.62
CA ASP G 61 45.58 -13.53 20.61
C ASP G 61 45.62 -12.57 21.80
N PRO G 62 45.44 -13.05 23.03
CA PRO G 62 45.48 -12.13 24.17
C PRO G 62 46.74 -11.29 24.27
N LYS G 63 47.86 -11.79 23.74
CA LYS G 63 49.11 -11.04 23.77
C LYS G 63 48.97 -9.69 23.09
N PHE G 64 48.09 -9.58 22.09
CA PHE G 64 47.99 -8.37 21.28
C PHE G 64 46.77 -7.52 21.60
N GLN G 65 45.93 -7.97 22.53
CA GLN G 65 44.79 -7.16 22.96
C GLN G 65 45.28 -5.80 23.45
N GLY G 66 44.73 -4.74 22.87
CA GLY G 66 45.17 -3.41 23.20
C GLY G 66 45.86 -2.72 22.03
N LYS G 67 46.93 -3.33 21.53
CA LYS G 67 47.67 -2.75 20.41
C LYS G 67 46.94 -2.95 19.10
N ALA G 68 46.65 -4.20 18.75
CA ALA G 68 46.06 -4.52 17.46
C ALA G 68 44.55 -4.28 17.49
N THR G 69 44.03 -3.71 16.40
CA THR G 69 42.60 -3.52 16.21
C THR G 69 42.29 -3.78 14.75
N ILE G 70 41.64 -4.91 14.48
CA ILE G 70 41.39 -5.36 13.11
C ILE G 70 40.01 -4.88 12.68
N THR G 71 39.92 -4.32 11.48
CA THR G 71 38.67 -3.82 10.93
C THR G 71 38.61 -4.16 9.45
N ALA G 72 37.42 -4.04 8.87
CA ALA G 72 37.21 -4.39 7.47
C ALA G 72 36.10 -3.53 6.88
N ASP G 73 36.36 -2.98 5.70
CA ASP G 73 35.37 -2.22 4.93
C ASP G 73 35.08 -2.99 3.65
N THR G 74 33.90 -3.60 3.59
CA THR G 74 33.53 -4.40 2.41
C THR G 74 33.52 -3.54 1.15
N SER G 75 33.15 -2.27 1.28
CA SER G 75 33.08 -1.34 0.15
C SER G 75 34.37 -1.37 -0.67
N SER G 76 35.47 -0.86 -0.11
CA SER G 76 36.76 -0.86 -0.77
C SER G 76 37.44 -2.23 -0.74
N ASN G 77 36.73 -3.25 -0.26
CA ASN G 77 37.21 -4.63 -0.29
C ASN G 77 38.54 -4.75 0.45
N THR G 78 38.67 -4.05 1.57
CA THR G 78 39.93 -3.93 2.27
C THR G 78 39.75 -4.25 3.75
N ALA G 79 40.74 -4.92 4.32
CA ALA G 79 40.83 -5.15 5.75
C ALA G 79 41.98 -4.34 6.32
N TYR G 80 41.86 -3.95 7.59
CA TYR G 80 42.83 -3.07 8.24
C TYR G 80 43.31 -3.65 9.55
N LEU G 81 44.59 -3.40 9.84
CA LEU G 81 45.20 -3.70 11.13
C LEU G 81 45.75 -2.41 11.70
N GLN G 82 45.20 -1.97 12.83
CA GLN G 82 45.58 -0.73 13.48
C GLN G 82 46.42 -1.02 14.72
N LEU G 83 47.63 -0.48 14.75
CA LEU G 83 48.54 -0.61 15.87
C LEU G 83 48.63 0.71 16.61
N SER G 84 48.70 0.64 17.95
CA SER G 84 48.64 1.83 18.78
C SER G 84 49.69 1.72 19.88
N SER G 85 50.10 2.89 20.38
CA SER G 85 51.19 3.02 21.36
C SER G 85 52.39 2.17 20.93
N LEU G 86 52.86 2.45 19.72
CA LEU G 86 53.93 1.68 19.10
C LEU G 86 55.19 1.72 19.95
N THR G 87 56.02 0.71 19.77
CA THR G 87 57.23 0.51 20.55
C THR G 87 58.30 -0.10 19.64
N SER G 88 59.54 -0.09 20.12
CA SER G 88 60.61 -0.82 19.46
C SER G 88 60.19 -2.23 19.10
N GLU G 89 59.55 -2.92 20.05
CA GLU G 89 59.19 -4.32 19.83
C GLU G 89 58.09 -4.50 18.77
N ASP G 90 57.34 -3.45 18.45
CA ASP G 90 56.38 -3.51 17.34
C ASP G 90 57.05 -3.44 15.98
N THR G 91 58.37 -3.25 15.92
CA THR G 91 59.09 -3.24 14.66
C THR G 91 59.10 -4.64 14.07
N ALA G 92 58.29 -4.85 13.05
CA ALA G 92 58.12 -6.18 12.46
C ALA G 92 57.46 -6.02 11.10
N VAL G 93 57.42 -7.12 10.36
CA VAL G 93 56.70 -7.21 9.09
C VAL G 93 55.34 -7.83 9.37
N TYR G 94 54.30 -7.25 8.79
CA TYR G 94 52.92 -7.66 9.04
C TYR G 94 52.32 -8.20 7.75
N TYR G 95 51.80 -9.41 7.82
CA TYR G 95 51.11 -10.07 6.71
C TYR G 95 49.64 -10.20 7.02
N CYS G 96 48.82 -10.17 5.98
CA CYS G 96 47.43 -10.59 6.05
C CYS G 96 47.26 -11.91 5.30
N VAL G 97 46.41 -12.78 5.83
CA VAL G 97 46.27 -14.14 5.33
C VAL G 97 44.79 -14.46 5.18
N ARG G 98 44.49 -15.40 4.29
CA ARG G 98 43.15 -15.96 4.15
C ARG G 98 43.30 -17.40 3.70
N PRO G 99 42.27 -18.23 3.91
CA PRO G 99 42.35 -19.63 3.50
C PRO G 99 41.93 -19.87 2.06
N LEU G 100 42.35 -21.02 1.53
CA LEU G 100 41.94 -21.42 0.19
C LEU G 100 40.55 -22.03 0.23
N TYR G 101 40.46 -23.28 0.70
CA TYR G 101 39.18 -23.99 0.80
C TYR G 101 38.75 -24.11 2.26
N ASP G 102 39.56 -24.76 3.09
CA ASP G 102 39.26 -24.95 4.50
C ASP G 102 38.92 -23.62 5.16
N TYR G 103 37.83 -23.60 5.93
CA TYR G 103 37.42 -22.38 6.59
C TYR G 103 38.49 -21.85 7.54
N TYR G 104 39.30 -22.74 8.12
CA TYR G 104 40.16 -22.40 9.25
C TYR G 104 41.64 -22.35 8.90
N ALA G 105 42.01 -22.40 7.62
CA ALA G 105 43.40 -22.56 7.23
C ALA G 105 44.04 -21.20 6.92
N MET G 106 45.33 -21.24 6.55
CA MET G 106 46.13 -20.04 6.27
C MET G 106 46.96 -20.35 5.04
N ASP G 107 46.42 -20.02 3.86
CA ASP G 107 47.01 -20.45 2.60
C ASP G 107 47.46 -19.32 1.69
N TYR G 108 46.78 -18.18 1.69
CA TYR G 108 47.11 -17.07 0.80
C TYR G 108 47.60 -15.89 1.60
N TRP G 109 48.81 -15.42 1.32
CA TRP G 109 49.47 -14.37 2.08
C TRP G 109 49.74 -13.16 1.20
N GLY G 110 49.58 -11.97 1.78
CA GLY G 110 49.95 -10.75 1.09
C GLY G 110 51.47 -10.65 1.01
N GLN G 111 52.01 -9.61 0.37
CA GLN G 111 53.47 -9.51 0.27
C GLN G 111 54.09 -9.12 1.60
N GLY G 112 53.38 -8.42 2.46
CA GLY G 112 53.90 -8.01 3.75
C GLY G 112 54.14 -6.51 3.80
N THR G 113 53.81 -5.91 4.94
CA THR G 113 54.04 -4.50 5.18
C THR G 113 55.10 -4.33 6.26
N SER G 114 56.14 -3.55 5.96
CA SER G 114 57.26 -3.32 6.87
C SER G 114 56.97 -2.12 7.75
N VAL G 115 57.03 -2.32 9.06
CA VAL G 115 56.84 -1.26 10.04
C VAL G 115 58.12 -1.09 10.83
N THR G 116 58.57 0.14 10.96
CA THR G 116 59.76 0.48 11.75
C THR G 116 59.40 1.58 12.74
N VAL G 117 59.71 1.36 14.01
CA VAL G 117 59.47 2.33 15.07
C VAL G 117 60.81 2.86 15.53
N SER G 118 60.95 4.18 15.56
CA SER G 118 62.22 4.81 15.89
C SER G 118 61.98 6.30 16.10
N SER G 119 62.71 6.88 17.05
CA SER G 119 62.73 8.32 17.25
C SER G 119 63.80 9.02 16.44
N ALA G 120 64.52 8.29 15.59
CA ALA G 120 65.61 8.87 14.82
C ALA G 120 65.09 9.90 13.83
N LYS G 121 65.91 10.93 13.59
CA LYS G 121 65.65 11.87 12.52
C LYS G 121 66.35 11.38 11.26
N THR G 122 66.20 12.14 10.17
CA THR G 122 66.74 11.74 8.87
C THR G 122 68.22 12.08 8.81
N THR G 123 69.03 11.18 9.35
CA THR G 123 70.48 11.35 9.38
C THR G 123 71.10 10.80 8.10
N ALA G 124 72.14 11.50 7.60
CA ALA G 124 72.91 11.11 6.42
C ALA G 124 74.09 10.24 6.82
N PRO G 125 74.51 9.33 5.94
CA PRO G 125 75.54 8.36 6.31
C PRO G 125 76.94 8.98 6.41
N SER G 126 77.79 8.30 7.16
CA SER G 126 79.22 8.59 7.24
C SER G 126 79.95 7.48 6.51
N VAL G 127 80.69 7.85 5.46
CA VAL G 127 81.36 6.88 4.58
C VAL G 127 82.86 6.95 4.84
N TYR G 128 83.43 5.82 5.22
CA TYR G 128 84.83 5.72 5.59
C TYR G 128 85.56 4.72 4.70
N PRO G 129 86.71 5.09 4.14
CA PRO G 129 87.50 4.13 3.37
C PRO G 129 88.22 3.15 4.28
N LEU G 130 88.27 1.90 3.85
CA LEU G 130 88.88 0.82 4.62
C LEU G 130 90.01 0.20 3.78
N ALA G 131 91.23 0.70 3.97
CA ALA G 131 92.44 0.18 3.36
C ALA G 131 93.16 -0.76 4.33
N PRO G 132 93.83 -1.79 3.82
CA PRO G 132 94.51 -2.75 4.72
C PRO G 132 95.71 -2.14 5.44
N VAL G 133 96.44 -2.99 6.16
CA VAL G 133 97.63 -2.56 6.90
C VAL G 133 98.86 -2.88 6.03
N CYS G 134 99.95 -2.18 6.32
CA CYS G 134 101.18 -2.34 5.55
C CYS G 134 101.83 -3.71 5.83
N THR G 138 100.69 -8.34 0.72
CA THR G 138 101.79 -9.27 1.00
C THR G 138 101.58 -10.60 0.29
N GLY G 139 100.33 -10.93 0.01
CA GLY G 139 99.94 -12.16 -0.64
C GLY G 139 99.69 -11.98 -2.13
N SER G 140 98.77 -12.78 -2.65
CA SER G 140 98.37 -12.66 -4.05
C SER G 140 97.02 -11.97 -4.22
N SER G 141 96.14 -12.04 -3.22
CA SER G 141 94.84 -11.40 -3.24
C SER G 141 94.81 -10.28 -2.21
N VAL G 142 94.04 -9.22 -2.52
CA VAL G 142 93.88 -8.08 -1.64
C VAL G 142 92.39 -7.82 -1.48
N THR G 143 92.02 -7.29 -0.31
CA THR G 143 90.63 -7.02 0.01
C THR G 143 90.52 -5.63 0.63
N LEU G 144 89.63 -4.81 0.08
CA LEU G 144 89.34 -3.48 0.59
C LEU G 144 87.96 -3.50 1.25
N GLY G 145 87.55 -2.33 1.77
CA GLY G 145 86.27 -2.22 2.45
C GLY G 145 85.76 -0.80 2.50
N CYS G 146 84.52 -0.67 2.96
CA CYS G 146 83.85 0.63 3.04
C CYS G 146 82.79 0.55 4.11
N LEU G 147 82.85 1.44 5.10
CA LEU G 147 81.93 1.44 6.22
C LEU G 147 80.94 2.59 6.07
N VAL G 148 79.65 2.29 6.29
CA VAL G 148 78.58 3.27 6.23
C VAL G 148 77.95 3.29 7.61
N LYS G 149 78.18 4.36 8.37
CA LYS G 149 77.82 4.40 9.78
C LYS G 149 76.89 5.56 10.09
N GLY G 150 75.89 5.28 10.93
CA GLY G 150 75.02 6.31 11.47
C GLY G 150 74.13 7.02 10.48
N TYR G 151 73.33 6.26 9.73
CA TYR G 151 72.38 6.82 8.77
C TYR G 151 70.98 6.31 9.07
N PHE G 152 69.98 7.18 8.84
CA PHE G 152 68.59 6.83 9.05
C PHE G 152 67.73 7.66 8.11
N PRO G 153 66.71 7.06 7.49
CA PRO G 153 66.37 5.64 7.61
C PRO G 153 67.08 4.75 6.60
N GLU G 154 66.56 3.54 6.42
CA GLU G 154 66.99 2.63 5.36
C GLU G 154 66.22 2.93 4.08
N PRO G 155 66.71 2.44 2.92
CA PRO G 155 67.97 1.73 2.71
C PRO G 155 69.07 2.64 2.18
N VAL G 156 70.18 2.02 1.76
CA VAL G 156 71.25 2.71 1.04
C VAL G 156 71.67 1.82 -0.12
N THR G 157 72.32 2.44 -1.09
CA THR G 157 72.83 1.76 -2.27
C THR G 157 74.34 1.94 -2.33
N LEU G 158 75.06 0.85 -2.51
CA LEU G 158 76.52 0.86 -2.45
C LEU G 158 77.08 0.10 -3.64
N THR G 159 77.90 0.77 -4.44
CA THR G 159 78.60 0.17 -5.56
C THR G 159 80.06 0.59 -5.53
N TRP G 160 80.86 -0.06 -6.37
CA TRP G 160 82.28 0.22 -6.50
C TRP G 160 82.57 0.70 -7.91
N ASN G 161 83.27 1.84 -8.01
CA ASN G 161 83.58 2.47 -9.29
C ASN G 161 82.30 2.78 -10.07
N SER G 162 81.21 3.05 -9.33
CA SER G 162 79.91 3.38 -9.92
C SER G 162 79.39 2.23 -10.80
N GLY G 163 79.23 1.07 -10.16
CA GLY G 163 78.72 -0.11 -10.83
C GLY G 163 79.74 -0.92 -11.60
N SER G 164 80.93 -0.38 -11.86
CA SER G 164 81.95 -1.08 -12.64
C SER G 164 82.39 -2.37 -11.95
N LEU G 165 83.06 -2.26 -10.81
CA LEU G 165 83.52 -3.43 -10.06
C LEU G 165 82.33 -4.03 -9.34
N SER G 166 81.78 -5.11 -9.89
CA SER G 166 80.60 -5.78 -9.37
C SER G 166 80.88 -7.17 -8.82
N SER G 167 81.70 -7.97 -9.50
CA SER G 167 81.99 -9.33 -9.05
C SER G 167 83.03 -9.31 -7.95
N GLY G 168 82.96 -10.33 -7.08
CA GLY G 168 83.87 -10.41 -5.94
C GLY G 168 83.58 -9.44 -4.81
N VAL G 169 82.30 -9.14 -4.56
CA VAL G 169 81.90 -8.13 -3.60
C VAL G 169 80.96 -8.77 -2.57
N HIS G 170 81.07 -8.32 -1.32
CA HIS G 170 80.22 -8.77 -0.22
C HIS G 170 79.72 -7.53 0.53
N THR G 171 78.50 -7.09 0.21
CA THR G 171 77.84 -6.03 0.96
C THR G 171 76.93 -6.67 1.99
N PHE G 172 77.09 -6.28 3.23
CA PHE G 172 76.44 -6.98 4.32
C PHE G 172 75.14 -6.28 4.72
N PRO G 173 74.20 -7.04 5.30
CA PRO G 173 72.95 -6.42 5.76
C PRO G 173 73.21 -5.34 6.78
N ALA G 174 72.37 -4.32 6.77
CA ALA G 174 72.47 -3.25 7.74
C ALA G 174 72.12 -3.74 9.13
N VAL G 175 72.69 -3.08 10.14
CA VAL G 175 72.47 -3.43 11.54
C VAL G 175 72.07 -2.16 12.30
N LEU G 176 71.06 -2.28 13.15
CA LEU G 176 70.59 -1.15 13.94
C LEU G 176 71.55 -0.91 15.10
N GLN G 177 72.14 0.28 15.15
CA GLN G 177 73.10 0.66 16.19
C GLN G 177 72.61 1.95 16.83
N SER G 178 71.86 1.81 17.92
CA SER G 178 71.29 2.94 18.68
C SER G 178 70.55 3.91 17.76
N ASP G 179 69.41 3.42 17.26
CA ASP G 179 68.46 4.20 16.49
C ASP G 179 69.02 4.62 15.13
N LEU G 180 70.25 4.22 14.82
CA LEU G 180 70.86 4.52 13.54
C LEU G 180 71.42 3.23 12.95
N TYR G 181 71.55 3.21 11.63
CA TYR G 181 71.96 2.01 10.91
C TYR G 181 73.43 2.05 10.54
N THR G 182 74.03 0.87 10.46
CA THR G 182 75.42 0.72 10.06
C THR G 182 75.49 -0.38 9.01
N LEU G 183 76.22 -0.12 7.94
CA LEU G 183 76.40 -1.08 6.86
C LEU G 183 77.85 -1.05 6.41
N SER G 184 78.33 -2.20 5.95
CA SER G 184 79.71 -2.30 5.48
C SER G 184 79.77 -3.22 4.28
N SER G 185 80.75 -2.97 3.41
CA SER G 185 80.92 -3.74 2.18
C SER G 185 82.40 -3.99 1.93
N SER G 186 82.73 -5.23 1.56
CA SER G 186 84.08 -5.61 1.20
C SER G 186 84.15 -5.91 -0.30
N VAL G 187 85.38 -5.96 -0.81
CA VAL G 187 85.62 -6.25 -2.22
C VAL G 187 87.04 -6.78 -2.34
N THR G 188 87.20 -7.82 -3.17
CA THR G 188 88.45 -8.56 -3.26
C THR G 188 88.90 -8.63 -4.71
N VAL G 189 90.18 -8.28 -4.94
CA VAL G 189 90.80 -8.39 -6.26
C VAL G 189 92.21 -8.93 -6.11
N THR G 190 93.01 -8.82 -7.17
CA THR G 190 94.40 -9.25 -7.15
C THR G 190 95.31 -8.11 -6.70
N SER G 191 96.52 -8.48 -6.28
CA SER G 191 97.49 -7.49 -5.83
C SER G 191 97.93 -6.55 -6.95
N SER G 192 97.92 -7.02 -8.21
CA SER G 192 98.30 -6.18 -9.33
C SER G 192 97.25 -5.11 -9.63
N THR G 193 96.03 -5.26 -9.12
CA THR G 193 94.97 -4.31 -9.45
C THR G 193 95.01 -3.07 -8.57
N TRP G 194 95.43 -3.21 -7.31
CA TRP G 194 95.40 -2.14 -6.33
C TRP G 194 96.76 -2.03 -5.66
N PRO G 195 97.22 -0.80 -5.33
CA PRO G 195 96.60 0.51 -5.59
C PRO G 195 96.72 0.97 -7.04
N SER G 196 97.17 0.06 -7.91
CA SER G 196 97.34 0.36 -9.32
C SER G 196 96.12 1.07 -9.91
N GLN G 197 94.94 0.55 -9.66
CA GLN G 197 93.71 1.09 -10.23
C GLN G 197 92.88 1.76 -9.14
N SER G 198 92.42 2.98 -9.44
CA SER G 198 91.63 3.74 -8.49
C SER G 198 90.29 3.07 -8.21
N ILE G 199 90.05 2.73 -6.94
CA ILE G 199 88.83 2.08 -6.51
C ILE G 199 88.07 3.05 -5.61
N THR G 200 86.77 3.20 -5.87
CA THR G 200 85.92 4.15 -5.17
C THR G 200 84.69 3.44 -4.63
N CYS G 201 84.20 3.91 -3.48
CA CYS G 201 83.01 3.39 -2.81
C CYS G 201 81.90 4.40 -2.98
N ASN G 202 80.96 4.12 -3.89
CA ASN G 202 79.86 5.04 -4.20
C ASN G 202 78.64 4.69 -3.35
N VAL G 203 78.23 5.63 -2.51
CA VAL G 203 77.14 5.42 -1.55
C VAL G 203 76.08 6.48 -1.79
N ALA G 204 74.84 6.04 -1.98
CA ALA G 204 73.70 6.92 -2.17
C ALA G 204 72.67 6.65 -1.09
N HIS G 205 72.26 7.70 -0.36
CA HIS G 205 71.21 7.63 0.64
C HIS G 205 70.10 8.57 0.20
N PRO G 206 69.09 8.07 -0.53
CA PRO G 206 68.09 8.97 -1.10
C PRO G 206 67.23 9.71 -0.09
N ALA G 207 67.07 9.18 1.14
CA ALA G 207 66.15 9.80 2.09
C ALA G 207 66.57 11.23 2.42
N SER G 208 67.83 11.43 2.80
CA SER G 208 68.40 12.75 2.91
C SER G 208 68.94 13.27 1.58
N SER G 209 68.87 12.47 0.52
CA SER G 209 69.38 12.82 -0.80
C SER G 209 70.86 13.19 -0.74
N THR G 210 71.72 12.18 -0.55
CA THR G 210 73.16 12.36 -0.51
C THR G 210 73.82 11.23 -1.30
N LYS G 211 74.89 11.56 -2.02
CA LYS G 211 75.65 10.56 -2.79
C LYS G 211 77.14 10.85 -2.60
N VAL G 212 77.71 10.24 -1.57
CA VAL G 212 79.14 10.40 -1.27
C VAL G 212 79.90 9.28 -1.94
N ASP G 213 81.15 9.56 -2.32
CA ASP G 213 82.05 8.55 -2.86
C ASP G 213 83.45 8.79 -2.30
N LYS G 214 83.97 7.80 -1.59
CA LYS G 214 85.32 7.85 -1.05
C LYS G 214 86.22 6.90 -1.84
N LYS G 215 87.43 7.36 -2.14
CA LYS G 215 88.43 6.55 -2.82
C LYS G 215 89.32 5.90 -1.77
N ILE G 216 89.56 4.60 -1.92
CA ILE G 216 90.37 3.86 -0.94
C ILE G 216 91.83 4.22 -1.16
N GLU G 217 92.48 4.72 -0.12
CA GLU G 217 93.87 5.13 -0.17
C GLU G 217 94.70 4.29 0.79
N PRO G 218 95.83 3.71 0.34
CA PRO G 218 96.62 2.85 1.23
C PRO G 218 97.25 3.60 2.39
N ARG G 219 97.96 2.88 3.25
CA ARG G 219 98.58 3.47 4.43
C ARG G 219 100.10 3.45 4.33
N ASP H 1 48.43 -22.23 25.54
CA ASP H 1 48.61 -22.28 24.09
C ASP H 1 49.29 -23.59 23.67
N ILE H 2 49.09 -23.97 22.42
CA ILE H 2 49.68 -25.18 21.86
C ILE H 2 51.07 -24.83 21.33
N LEU H 3 52.06 -25.64 21.73
CA LEU H 3 53.45 -25.40 21.36
C LEU H 3 53.82 -26.23 20.14
N MET H 4 54.35 -25.57 19.11
CA MET H 4 54.76 -26.25 17.89
C MET H 4 56.28 -26.33 17.89
N THR H 5 56.81 -27.52 18.20
CA THR H 5 58.24 -27.77 18.16
C THR H 5 58.59 -28.35 16.79
N GLN H 6 59.31 -27.56 15.98
CA GLN H 6 59.62 -27.90 14.61
C GLN H 6 61.12 -28.17 14.48
N SER H 7 61.46 -29.36 14.00
CA SER H 7 62.85 -29.80 13.89
C SER H 7 63.11 -30.37 12.50
N PRO H 8 64.33 -30.23 11.97
CA PRO H 8 65.48 -29.54 12.59
C PRO H 8 65.48 -28.05 12.32
N SER H 9 66.32 -27.31 13.04
CA SER H 9 66.42 -25.86 12.82
C SER H 9 66.84 -25.56 11.40
N SER H 10 67.77 -26.35 10.85
CA SER H 10 68.20 -26.21 9.47
C SER H 10 68.81 -27.54 9.03
N MET H 11 69.07 -27.63 7.72
CA MET H 11 69.71 -28.82 7.16
C MET H 11 70.40 -28.43 5.87
N SER H 12 71.60 -28.96 5.69
CA SER H 12 72.37 -28.75 4.47
C SER H 12 72.25 -29.99 3.61
N VAL H 13 71.62 -29.85 2.44
CA VAL H 13 71.31 -30.95 1.56
C VAL H 13 71.59 -30.53 0.12
N SER H 14 71.52 -31.50 -0.78
CA SER H 14 71.83 -31.29 -2.19
C SER H 14 70.59 -31.45 -3.05
N LEU H 15 70.72 -31.10 -4.32
CA LEU H 15 69.63 -31.26 -5.27
C LEU H 15 69.30 -32.73 -5.47
N GLY H 16 68.02 -33.01 -5.69
CA GLY H 16 67.55 -34.36 -5.89
C GLY H 16 67.40 -35.20 -4.64
N ASP H 17 67.87 -34.72 -3.49
CA ASP H 17 67.71 -35.47 -2.25
C ASP H 17 66.25 -35.57 -1.85
N THR H 18 65.97 -36.52 -0.96
CA THR H 18 64.64 -36.74 -0.40
C THR H 18 64.72 -36.45 1.09
N VAL H 19 64.16 -35.31 1.51
CA VAL H 19 64.28 -34.82 2.87
C VAL H 19 62.90 -34.74 3.51
N SER H 20 62.87 -34.60 4.83
CA SER H 20 61.63 -34.65 5.58
C SER H 20 61.74 -33.76 6.82
N ILE H 21 60.89 -32.74 6.91
CA ILE H 21 60.78 -31.88 8.08
C ILE H 21 59.69 -32.44 8.98
N THR H 22 59.87 -32.31 10.29
CA THR H 22 58.91 -32.80 11.27
C THR H 22 58.44 -31.66 12.18
N CYS H 23 57.30 -31.90 12.84
CA CYS H 23 56.64 -30.90 13.68
C CYS H 23 55.87 -31.65 14.76
N HIS H 24 56.05 -31.24 16.02
CA HIS H 24 55.47 -31.93 17.16
C HIS H 24 54.74 -30.92 18.05
N ALA H 25 53.46 -31.18 18.30
CA ALA H 25 52.62 -30.29 19.08
C ALA H 25 52.54 -30.73 20.53
N SER H 26 52.25 -29.77 21.41
CA SER H 26 52.10 -30.04 22.84
C SER H 26 50.88 -30.90 23.16
N GLN H 27 50.02 -31.16 22.17
CA GLN H 27 48.85 -32.00 22.35
C GLN H 27 48.37 -32.43 20.96
N GLY H 28 47.37 -33.30 20.93
CA GLY H 28 46.80 -33.70 19.65
C GLY H 28 46.10 -32.56 18.96
N ILE H 29 46.17 -32.55 17.63
CA ILE H 29 45.55 -31.49 16.84
C ILE H 29 44.80 -32.09 15.66
N SER H 30 44.83 -33.43 15.54
CA SER H 30 44.04 -34.19 14.58
C SER H 30 44.07 -33.57 13.19
N SER H 31 45.28 -33.57 12.63
CA SER H 31 45.63 -33.18 11.26
C SER H 31 45.38 -31.70 10.95
N ASN H 32 44.87 -30.91 11.90
CA ASN H 32 44.60 -29.47 11.70
C ASN H 32 45.93 -28.70 11.73
N ILE H 33 46.71 -28.91 10.67
CA ILE H 33 48.05 -28.38 10.57
C ILE H 33 48.29 -27.90 9.14
N GLY H 34 49.01 -26.79 9.00
CA GLY H 34 49.40 -26.30 7.70
C GLY H 34 50.91 -26.21 7.53
N TRP H 35 51.37 -26.19 6.28
CA TRP H 35 52.79 -26.08 5.97
C TRP H 35 53.01 -24.91 5.02
N LEU H 36 53.90 -24.00 5.39
CA LEU H 36 54.16 -22.79 4.63
C LEU H 36 55.56 -22.81 4.03
N GLN H 37 55.79 -21.91 3.08
CA GLN H 37 57.09 -21.76 2.44
C GLN H 37 57.36 -20.27 2.25
N GLN H 38 58.57 -19.83 2.63
CA GLN H 38 58.98 -18.45 2.48
C GLN H 38 60.29 -18.42 1.71
N LYS H 39 60.20 -18.15 0.41
CA LYS H 39 61.41 -18.02 -0.40
C LYS H 39 62.17 -16.78 0.04
N PRO H 40 63.51 -16.81 -0.02
CA PRO H 40 64.32 -15.77 0.62
C PRO H 40 63.89 -14.36 0.21
N GLY H 41 63.74 -13.51 1.23
CA GLY H 41 63.35 -12.13 1.03
C GLY H 41 62.05 -11.96 0.28
N LYS H 42 61.11 -12.88 0.45
CA LYS H 42 59.83 -12.82 -0.23
C LYS H 42 58.74 -13.27 0.73
N SER H 43 57.49 -13.19 0.29
CA SER H 43 56.36 -13.49 1.16
C SER H 43 56.17 -14.99 1.30
N PHE H 44 55.01 -15.41 1.78
CA PHE H 44 54.75 -16.81 2.08
C PHE H 44 53.90 -17.47 0.99
N MET H 45 54.05 -18.79 0.90
CA MET H 45 53.26 -19.61 0.00
C MET H 45 52.75 -20.81 0.77
N GLY H 46 51.46 -21.11 0.61
CA GLY H 46 50.90 -22.29 1.26
C GLY H 46 51.25 -23.56 0.50
N LEU H 47 51.64 -24.59 1.25
CA LEU H 47 51.98 -25.89 0.69
C LEU H 47 50.94 -26.94 1.02
N ILE H 48 50.60 -27.11 2.29
CA ILE H 48 49.67 -28.13 2.75
C ILE H 48 48.59 -27.47 3.60
N TYR H 49 47.39 -28.06 3.59
CA TYR H 49 46.37 -27.74 4.57
C TYR H 49 45.69 -29.03 5.02
N TYR H 50 45.27 -29.04 6.28
CA TYR H 50 44.66 -30.22 6.92
C TYR H 50 45.52 -31.47 6.75
N GLY H 51 46.79 -31.34 7.13
CA GLY H 51 47.66 -32.49 7.22
C GLY H 51 48.31 -32.95 5.94
N THR H 52 47.51 -33.30 4.93
CA THR H 52 48.01 -33.92 3.72
C THR H 52 47.60 -33.24 2.42
N ASN H 53 46.63 -32.32 2.44
CA ASN H 53 46.07 -31.80 1.21
C ASN H 53 46.95 -30.69 0.62
N LEU H 54 47.22 -30.78 -0.68
CA LEU H 54 48.06 -29.80 -1.35
C LEU H 54 47.25 -28.55 -1.70
N VAL H 55 47.84 -27.39 -1.45
CA VAL H 55 47.27 -26.14 -1.94
C VAL H 55 47.39 -26.11 -3.45
N ASP H 56 46.38 -25.53 -4.12
CA ASP H 56 46.34 -25.54 -5.58
C ASP H 56 47.57 -24.85 -6.16
N GLY H 57 48.22 -25.52 -7.12
CA GLY H 57 49.40 -25.00 -7.78
C GLY H 57 50.72 -25.48 -7.23
N VAL H 58 50.71 -26.25 -6.14
CA VAL H 58 51.92 -26.73 -5.49
C VAL H 58 52.39 -28.02 -6.18
N PRO H 59 53.69 -28.17 -6.45
CA PRO H 59 54.15 -29.39 -7.11
C PRO H 59 53.93 -30.62 -6.25
N SER H 60 53.71 -31.76 -6.91
CA SER H 60 53.37 -33.00 -6.24
C SER H 60 54.55 -33.64 -5.51
N ARG H 61 55.77 -33.10 -5.66
CA ARG H 61 56.88 -33.62 -4.88
C ARG H 61 56.74 -33.30 -3.39
N PHE H 62 55.95 -32.29 -3.05
CA PHE H 62 55.59 -32.04 -1.66
C PHE H 62 54.50 -33.01 -1.22
N SER H 63 54.50 -33.33 0.06
CA SER H 63 53.51 -34.24 0.63
C SER H 63 53.50 -34.11 2.14
N GLY H 64 52.31 -34.10 2.72
CA GLY H 64 52.14 -34.06 4.16
C GLY H 64 51.70 -35.40 4.70
N SER H 65 52.19 -35.75 5.88
CA SER H 65 51.75 -36.96 6.56
C SER H 65 51.88 -36.73 8.06
N GLY H 66 51.34 -37.66 8.83
CA GLY H 66 51.35 -37.56 10.28
C GLY H 66 49.94 -37.58 10.86
N SER H 67 49.90 -37.69 12.17
CA SER H 67 48.64 -37.79 12.90
C SER H 67 48.86 -37.46 14.36
N GLY H 68 47.75 -37.22 15.06
CA GLY H 68 47.77 -36.91 16.47
C GLY H 68 48.54 -35.65 16.81
N ALA H 69 49.81 -35.80 17.17
CA ALA H 69 50.66 -34.66 17.51
C ALA H 69 52.03 -34.73 16.82
N ASP H 70 52.13 -35.46 15.71
CA ASP H 70 53.41 -35.64 15.03
C ASP H 70 53.16 -35.70 13.54
N TYR H 71 53.72 -34.72 12.80
CA TYR H 71 53.46 -34.57 11.38
C TYR H 71 54.77 -34.36 10.64
N SER H 72 54.74 -34.59 9.33
CA SER H 72 55.97 -34.62 8.56
C SER H 72 55.70 -34.07 7.16
N LEU H 73 56.42 -33.00 6.80
CA LEU H 73 56.47 -32.53 5.42
C LEU H 73 57.65 -33.18 4.72
N THR H 74 57.44 -33.56 3.46
CA THR H 74 58.45 -34.30 2.72
C THR H 74 58.60 -33.73 1.32
N ILE H 75 59.84 -33.61 0.86
CA ILE H 75 60.14 -33.17 -0.50
C ILE H 75 60.91 -34.28 -1.17
N SER H 76 60.31 -34.89 -2.20
CA SER H 76 60.97 -35.91 -2.99
C SER H 76 61.69 -35.23 -4.16
N SER H 77 63.02 -35.43 -4.23
CA SER H 77 63.86 -34.81 -5.25
C SER H 77 63.81 -33.29 -5.15
N LEU H 78 64.76 -32.71 -4.41
CA LEU H 78 64.80 -31.26 -4.24
C LEU H 78 65.07 -30.57 -5.56
N ASP H 79 64.36 -29.48 -5.81
CA ASP H 79 64.64 -28.58 -6.92
C ASP H 79 65.42 -27.38 -6.41
N SER H 80 65.98 -26.62 -7.36
CA SER H 80 66.74 -25.42 -6.99
C SER H 80 65.89 -24.41 -6.23
N GLU H 81 64.59 -24.36 -6.53
CA GLU H 81 63.70 -23.40 -5.87
C GLU H 81 63.31 -23.82 -4.46
N ASP H 82 63.48 -25.08 -4.10
CA ASP H 82 63.00 -25.60 -2.81
C ASP H 82 63.86 -25.16 -1.63
N PHE H 83 64.99 -24.51 -1.87
CA PHE H 83 65.86 -24.06 -0.78
C PHE H 83 65.29 -22.77 -0.20
N ALA H 84 64.56 -22.91 0.90
CA ALA H 84 63.89 -21.76 1.53
C ALA H 84 63.51 -22.16 2.96
N ASP H 85 62.72 -21.31 3.60
CA ASP H 85 62.26 -21.56 4.97
C ASP H 85 60.90 -22.23 4.95
N TYR H 86 60.68 -23.13 5.92
CA TYR H 86 59.44 -23.87 6.04
C TYR H 86 58.95 -23.83 7.48
N TYR H 87 57.67 -23.49 7.65
CA TYR H 87 57.04 -23.40 8.95
C TYR H 87 55.80 -24.28 8.98
N CYS H 88 55.54 -24.88 10.14
CA CYS H 88 54.25 -25.51 10.40
C CYS H 88 53.39 -24.59 11.26
N VAL H 89 52.08 -24.69 11.08
CA VAL H 89 51.12 -23.90 11.84
C VAL H 89 49.95 -24.80 12.20
N GLN H 90 49.54 -24.75 13.46
CA GLN H 90 48.37 -25.49 13.93
C GLN H 90 47.17 -24.56 13.97
N TYR H 91 46.01 -25.08 13.58
CA TYR H 91 44.76 -24.36 13.76
C TYR H 91 43.70 -25.26 14.41
N ALA H 92 44.14 -26.21 15.23
CA ALA H 92 43.19 -26.97 16.03
C ALA H 92 42.57 -26.12 17.13
N GLN H 93 43.28 -25.09 17.58
CA GLN H 93 42.80 -24.23 18.64
C GLN H 93 43.23 -22.80 18.40
N LEU H 94 42.41 -21.87 18.86
CA LEU H 94 42.82 -20.48 18.97
C LEU H 94 43.56 -20.27 20.29
N PRO H 95 44.65 -19.50 20.30
CA PRO H 95 45.20 -18.81 19.14
C PRO H 95 46.05 -19.72 18.26
N TYR H 96 46.08 -19.45 16.96
CA TYR H 96 46.97 -20.20 16.07
C TYR H 96 48.42 -19.97 16.48
N THR H 97 49.21 -21.03 16.43
CA THR H 97 50.62 -20.96 16.82
C THR H 97 51.49 -21.58 15.73
N PHE H 98 52.70 -21.08 15.60
CA PHE H 98 53.61 -21.46 14.53
C PHE H 98 54.80 -22.26 15.06
N GLY H 99 55.41 -23.02 14.16
CA GLY H 99 56.66 -23.67 14.48
C GLY H 99 57.83 -22.72 14.38
N GLY H 100 58.98 -23.17 14.90
CA GLY H 100 60.15 -22.32 14.91
C GLY H 100 60.65 -21.94 13.54
N GLY H 101 60.65 -22.90 12.60
CA GLY H 101 61.16 -22.65 11.28
C GLY H 101 62.24 -23.64 10.86
N THR H 102 62.41 -23.84 9.56
CA THR H 102 63.39 -24.81 9.06
C THR H 102 63.96 -24.28 7.75
N LYS H 103 65.26 -24.03 7.73
CA LYS H 103 65.92 -23.51 6.54
C LYS H 103 66.63 -24.66 5.81
N LEU H 104 66.40 -24.76 4.51
CA LEU H 104 67.10 -25.71 3.66
C LEU H 104 68.25 -24.98 2.98
N GLU H 105 69.47 -25.37 3.30
CA GLU H 105 70.66 -24.73 2.78
C GLU H 105 71.44 -25.70 1.90
N ILE H 106 72.18 -25.13 0.94
CA ILE H 106 72.87 -25.91 -0.07
C ILE H 106 74.11 -26.55 0.55
N LYS H 107 74.28 -27.84 0.29
CA LYS H 107 75.44 -28.57 0.79
C LYS H 107 76.60 -28.45 -0.19
N ARG H 108 77.81 -28.34 0.37
CA ARG H 108 79.02 -28.20 -0.42
C ARG H 108 80.22 -28.48 0.46
N ALA H 109 81.38 -28.65 -0.19
CA ALA H 109 82.60 -28.99 0.53
C ALA H 109 83.06 -27.84 1.42
N ASP H 110 83.65 -28.20 2.55
CA ASP H 110 84.05 -27.22 3.56
C ASP H 110 85.09 -26.26 2.99
N ALA H 111 85.13 -25.06 3.57
CA ALA H 111 86.04 -24.01 3.14
C ALA H 111 86.34 -23.08 4.31
N ALA H 112 87.63 -22.79 4.51
CA ALA H 112 88.07 -21.92 5.59
C ALA H 112 87.89 -20.46 5.21
N PRO H 113 87.67 -19.58 6.19
CA PRO H 113 87.40 -18.18 5.87
C PRO H 113 88.65 -17.43 5.42
N THR H 114 88.42 -16.31 4.76
CA THR H 114 89.48 -15.37 4.37
C THR H 114 89.34 -14.14 5.27
N VAL H 115 90.15 -14.08 6.32
CA VAL H 115 90.03 -13.05 7.34
C VAL H 115 90.78 -11.79 6.90
N SER H 116 90.28 -10.63 7.32
CA SER H 116 90.88 -9.36 6.92
C SER H 116 90.53 -8.31 7.96
N ILE H 117 91.53 -7.71 8.60
CA ILE H 117 91.31 -6.72 9.64
C ILE H 117 91.63 -5.34 9.09
N PHE H 118 90.89 -4.34 9.58
CA PHE H 118 90.99 -2.98 9.05
C PHE H 118 91.00 -1.96 10.20
N PRO H 119 92.06 -1.17 10.33
CA PRO H 119 92.11 -0.17 11.39
C PRO H 119 91.16 0.99 11.09
N PRO H 120 90.88 1.84 12.07
CA PRO H 120 90.00 2.99 11.80
C PRO H 120 90.56 3.86 10.69
N SER H 121 89.66 4.54 9.99
CA SER H 121 90.08 5.49 8.97
C SER H 121 90.60 6.76 9.62
N SER H 122 91.37 7.54 8.85
CA SER H 122 91.76 8.86 9.31
C SER H 122 90.54 9.74 9.52
N GLU H 123 89.57 9.66 8.61
CA GLU H 123 88.38 10.49 8.69
C GLU H 123 87.62 10.22 10.00
N GLN H 124 87.38 8.95 10.30
CA GLN H 124 86.60 8.62 11.49
C GLN H 124 87.34 9.02 12.76
N LEU H 125 88.67 8.88 12.77
CA LEU H 125 89.43 9.26 13.95
C LEU H 125 89.43 10.77 14.20
N THR H 126 89.39 11.56 13.12
CA THR H 126 89.31 13.02 13.26
C THR H 126 87.92 13.50 13.68
N SER H 127 86.94 12.60 13.77
CA SER H 127 85.60 12.95 14.25
C SER H 127 85.33 12.45 15.67
N GLY H 128 86.26 11.71 16.27
CA GLY H 128 86.12 11.25 17.63
C GLY H 128 85.68 9.82 17.81
N GLY H 129 85.56 9.03 16.74
CA GLY H 129 85.22 7.64 16.84
C GLY H 129 86.31 6.75 16.24
N ALA H 130 86.21 5.46 16.52
CA ALA H 130 87.21 4.50 16.06
C ALA H 130 86.56 3.14 15.89
N SER H 131 86.65 2.57 14.70
CA SER H 131 86.03 1.29 14.39
C SER H 131 87.05 0.39 13.69
N VAL H 132 87.39 -0.71 14.34
CA VAL H 132 88.18 -1.76 13.71
C VAL H 132 87.21 -2.76 13.07
N VAL H 133 87.35 -2.97 11.77
CA VAL H 133 86.45 -3.85 11.01
C VAL H 133 87.20 -5.13 10.67
N CYS H 134 86.52 -6.27 10.82
CA CYS H 134 87.08 -7.59 10.56
C CYS H 134 86.13 -8.34 9.64
N PHE H 135 86.56 -8.58 8.40
CA PHE H 135 85.78 -9.33 7.43
C PHE H 135 86.22 -10.80 7.44
N LEU H 136 85.26 -11.70 7.31
CA LEU H 136 85.51 -13.14 7.24
C LEU H 136 84.66 -13.69 6.10
N ASN H 137 85.28 -13.99 4.97
CA ASN H 137 84.58 -14.19 3.71
C ASN H 137 84.70 -15.62 3.19
N ASN H 138 83.59 -16.16 2.71
CA ASN H 138 83.52 -17.35 1.87
C ASN H 138 84.00 -18.59 2.64
N PHE H 139 83.12 -19.05 3.52
CA PHE H 139 83.41 -20.23 4.32
C PHE H 139 82.17 -21.12 4.36
N TYR H 140 82.42 -22.41 4.61
CA TYR H 140 81.40 -23.39 4.80
C TYR H 140 81.89 -24.41 5.83
N PRO H 141 81.04 -24.83 6.78
CA PRO H 141 79.64 -24.43 6.95
C PRO H 141 79.47 -23.06 7.61
N LYS H 142 78.21 -22.72 7.92
CA LYS H 142 77.90 -21.38 8.42
C LYS H 142 78.39 -21.14 9.83
N ASP H 143 78.65 -22.21 10.59
CA ASP H 143 78.96 -22.08 12.01
C ASP H 143 80.36 -21.50 12.18
N ILE H 144 80.44 -20.32 12.79
CA ILE H 144 81.69 -19.60 12.98
C ILE H 144 81.58 -18.76 14.23
N ASN H 145 82.73 -18.50 14.87
CA ASN H 145 82.78 -17.76 16.13
C ASN H 145 83.90 -16.73 16.04
N VAL H 146 83.54 -15.44 16.10
CA VAL H 146 84.50 -14.35 16.09
C VAL H 146 84.80 -13.93 17.52
N LYS H 147 86.05 -13.55 17.76
CA LYS H 147 86.50 -13.13 19.08
C LYS H 147 87.42 -11.93 18.89
N TRP H 148 87.18 -10.88 19.67
CA TRP H 148 87.99 -9.68 19.64
C TRP H 148 88.91 -9.64 20.85
N LYS H 149 90.16 -9.25 20.62
CA LYS H 149 91.16 -9.17 21.67
C LYS H 149 91.91 -7.85 21.57
N ILE H 150 91.88 -7.07 22.65
CA ILE H 150 92.66 -5.85 22.78
C ILE H 150 93.83 -6.15 23.70
N ASP H 151 95.05 -6.01 23.17
CA ASP H 151 96.28 -6.36 23.91
C ASP H 151 96.20 -7.80 24.43
N GLY H 152 95.72 -8.71 23.57
CA GLY H 152 95.54 -10.10 23.92
C GLY H 152 94.40 -10.41 24.87
N SER H 153 93.71 -9.39 25.38
CA SER H 153 92.63 -9.59 26.35
C SER H 153 91.29 -9.50 25.65
N GLU H 154 90.38 -10.42 25.96
CA GLU H 154 89.12 -10.53 25.24
C GLU H 154 88.26 -9.29 25.48
N ARG H 155 87.45 -8.98 24.46
CA ARG H 155 86.55 -7.83 24.49
C ARG H 155 85.19 -8.26 23.95
N GLN H 156 84.12 -7.96 24.70
CA GLN H 156 82.77 -8.30 24.28
C GLN H 156 81.85 -7.09 24.19
N ASN H 157 82.19 -5.97 24.83
CA ASN H 157 81.31 -4.81 24.89
C ASN H 157 81.54 -3.94 23.65
N GLY H 158 80.52 -3.84 22.80
CA GLY H 158 80.56 -2.95 21.66
C GLY H 158 80.87 -3.59 20.31
N VAL H 159 80.59 -4.87 20.14
CA VAL H 159 80.82 -5.56 18.87
C VAL H 159 79.50 -5.63 18.12
N LEU H 160 79.56 -5.61 16.79
CA LEU H 160 78.37 -5.48 15.96
C LEU H 160 78.55 -6.35 14.73
N ASN H 161 77.97 -7.54 14.74
CA ASN H 161 78.16 -8.52 13.68
C ASN H 161 77.03 -8.48 12.67
N SER H 162 77.30 -9.05 11.49
CA SER H 162 76.34 -9.13 10.40
C SER H 162 76.76 -10.24 9.46
N TRP H 163 75.83 -11.13 9.15
CA TRP H 163 76.08 -12.26 8.25
C TRP H 163 75.28 -12.07 6.96
N THR H 164 75.75 -12.74 5.91
CA THR H 164 75.03 -12.78 4.64
C THR H 164 74.42 -14.14 4.43
N ASP H 165 73.32 -14.17 3.68
CA ASP H 165 72.74 -15.45 3.28
C ASP H 165 73.74 -16.22 2.44
N GLN H 166 73.47 -17.51 2.27
CA GLN H 166 74.31 -18.35 1.42
C GLN H 166 74.40 -17.72 0.04
N ASP H 167 75.63 -17.60 -0.46
CA ASP H 167 75.84 -16.89 -1.71
C ASP H 167 75.29 -17.67 -2.89
N SER H 168 74.71 -16.94 -3.85
CA SER H 168 74.08 -17.56 -5.01
C SER H 168 75.08 -18.37 -5.84
N LYS H 169 76.31 -17.86 -5.97
CA LYS H 169 77.31 -18.52 -6.80
C LYS H 169 77.93 -19.74 -6.11
N ASP H 170 78.91 -19.50 -5.22
CA ASP H 170 79.68 -20.56 -4.62
C ASP H 170 78.99 -21.26 -3.45
N SER H 171 77.87 -20.73 -2.98
CA SER H 171 77.12 -21.31 -1.87
C SER H 171 77.95 -21.34 -0.58
N THR H 172 78.62 -20.22 -0.30
CA THR H 172 79.35 -20.02 0.94
C THR H 172 78.69 -18.87 1.71
N TYR H 173 79.19 -18.64 2.92
CA TYR H 173 78.69 -17.60 3.79
C TYR H 173 79.82 -16.62 4.11
N SER H 174 79.44 -15.45 4.59
CA SER H 174 80.41 -14.43 4.95
C SER H 174 79.88 -13.63 6.13
N MET H 175 80.81 -13.01 6.86
CA MET H 175 80.50 -12.34 8.11
C MET H 175 81.29 -11.06 8.22
N SER H 176 80.68 -10.06 8.85
CA SER H 176 81.33 -8.79 9.17
C SER H 176 81.25 -8.54 10.66
N SER H 177 82.40 -8.28 11.28
CA SER H 177 82.47 -7.95 12.70
C SER H 177 83.08 -6.57 12.85
N THR H 178 82.43 -5.71 13.62
CA THR H 178 82.86 -4.31 13.77
C THR H 178 82.88 -3.94 15.25
N LEU H 179 84.08 -3.77 15.79
CA LEU H 179 84.26 -3.22 17.12
C LEU H 179 84.35 -1.71 17.02
N THR H 180 83.66 -1.02 17.92
CA THR H 180 83.58 0.43 17.88
C THR H 180 83.91 0.99 19.25
N LEU H 181 84.96 1.81 19.32
CA LEU H 181 85.39 2.50 20.52
C LEU H 181 85.37 4.00 20.28
N THR H 182 85.58 4.75 21.36
CA THR H 182 85.87 6.16 21.20
C THR H 182 87.30 6.34 20.67
N LYS H 183 87.64 7.58 20.32
CA LYS H 183 89.00 7.88 19.92
C LYS H 183 89.94 7.89 21.12
N ASP H 184 89.49 8.45 22.24
CA ASP H 184 90.30 8.49 23.45
C ASP H 184 90.64 7.08 23.94
N GLU H 185 89.68 6.17 23.91
CA GLU H 185 89.92 4.80 24.37
C GLU H 185 90.67 3.96 23.34
N TYR H 186 90.55 4.30 22.06
CA TYR H 186 91.29 3.58 21.02
C TYR H 186 92.79 3.72 21.21
N GLU H 187 93.24 4.83 21.78
CA GLU H 187 94.67 5.13 21.91
C GLU H 187 95.24 4.74 23.28
N ARG H 188 94.43 4.19 24.17
CA ARG H 188 94.96 3.63 25.41
C ARG H 188 95.64 2.28 25.19
N HIS H 189 95.39 1.63 24.06
CA HIS H 189 95.92 0.32 23.78
C HIS H 189 96.65 0.34 22.43
N ASN H 190 97.45 -0.70 22.19
CA ASN H 190 98.24 -0.79 20.96
C ASN H 190 97.83 -1.93 20.05
N SER H 191 97.55 -3.11 20.61
CA SER H 191 97.28 -4.32 19.83
C SER H 191 95.78 -4.50 19.62
N TYR H 192 95.40 -4.84 18.39
CA TYR H 192 94.01 -5.12 18.04
C TYR H 192 93.95 -6.36 17.18
N THR H 193 93.08 -7.31 17.56
CA THR H 193 93.07 -8.66 17.03
C THR H 193 91.64 -9.16 16.89
N CYS H 194 91.37 -9.93 15.84
CA CYS H 194 90.15 -10.74 15.75
C CYS H 194 90.53 -12.19 15.48
N GLU H 195 89.90 -13.10 16.24
CA GLU H 195 90.18 -14.53 16.21
C GLU H 195 88.99 -15.27 15.60
N ALA H 196 89.26 -16.07 14.57
CA ALA H 196 88.23 -16.79 13.84
C ALA H 196 88.30 -18.28 14.17
N THR H 197 87.21 -18.81 14.74
CA THR H 197 87.11 -20.21 15.11
C THR H 197 86.16 -20.91 14.14
N HIS H 198 86.71 -21.78 13.30
CA HIS H 198 85.93 -22.52 12.32
C HIS H 198 86.34 -23.98 12.35
N LYS H 199 85.39 -24.86 11.99
CA LYS H 199 85.67 -26.30 12.02
C LYS H 199 86.70 -26.72 10.99
N THR H 200 87.11 -25.82 10.09
CA THR H 200 88.15 -26.11 9.11
C THR H 200 89.55 -26.09 9.71
N SER H 201 89.70 -25.65 10.97
CA SER H 201 91.02 -25.56 11.59
C SER H 201 90.89 -25.63 13.10
N THR H 202 91.67 -26.51 13.72
CA THR H 202 91.69 -26.60 15.18
C THR H 202 92.26 -25.34 15.81
N SER H 203 93.24 -24.72 15.15
CA SER H 203 93.84 -23.46 15.58
C SER H 203 93.01 -22.28 15.06
N PRO H 204 92.77 -21.28 15.89
CA PRO H 204 91.97 -20.14 15.43
C PRO H 204 92.73 -19.32 14.40
N ILE H 205 92.05 -19.00 13.29
CA ILE H 205 92.64 -18.12 12.29
C ILE H 205 92.68 -16.71 12.85
N VAL H 206 93.88 -16.13 12.92
CA VAL H 206 94.10 -14.86 13.61
C VAL H 206 94.64 -13.84 12.62
N LYS H 207 94.12 -12.62 12.70
CA LYS H 207 94.74 -11.46 12.06
C LYS H 207 94.67 -10.29 13.02
N SER H 208 95.66 -9.41 12.95
CA SER H 208 95.79 -8.35 13.94
C SER H 208 96.72 -7.27 13.41
N PHE H 209 96.69 -6.11 14.06
CA PHE H 209 97.60 -5.01 13.76
C PHE H 209 97.94 -4.30 15.06
N ASN H 210 98.83 -3.31 14.97
CA ASN H 210 99.24 -2.51 16.11
C ASN H 210 99.09 -1.03 15.78
N ARG H 211 98.55 -0.28 16.74
CA ARG H 211 98.30 1.14 16.55
C ARG H 211 99.61 1.91 16.45
N ASN H 212 99.59 2.96 15.62
CA ASN H 212 100.74 3.81 15.26
C ASN H 212 101.71 3.08 14.35
N GLU H 213 101.83 1.76 14.53
CA GLU H 213 102.78 0.97 13.76
C GLU H 213 102.16 0.51 12.44
N CYS H 214 102.94 0.55 11.36
CA CYS H 214 102.53 -0.04 10.09
C CYS H 214 103.78 -0.43 9.29
#